data_4QRO
#
_entry.id   4QRO
#
_cell.length_a   80.958
_cell.length_b   151.058
_cell.length_c   143.826
_cell.angle_alpha   90.00
_cell.angle_beta   92.15
_cell.angle_gamma   90.00
#
_symmetry.space_group_name_H-M   'P 1 21 1'
#
loop_
_entity.id
_entity.type
_entity.pdbx_description
1 polymer 'Gamma-resorcylate decarboxylase'
2 non-polymer GLYCEROL
3 non-polymer 'MANGANESE (II) ION'
4 non-polymer 'ACETATE ION'
5 non-polymer 2-nitrobenzene-1,3-diol
6 non-polymer 'BICARBONATE ION'
7 water water
#
_entity_poly.entity_id   1
_entity_poly.type   'polypeptide(L)'
_entity_poly.pdbx_seq_one_letter_code
;MNGKIALEEHFATEETLMDSAGFVPDKDWPELRSRLLDIQDRRVRLMDEHGIETMILSLNAPAVQAIADSTRANETARRA
NDFLAEQVAKQPTRFRGFAALPMQDPELAARELERCVKELGFVGALVNGFSQDNRSAVPLYYDMAQYWPFWETVQALDVP
FYLHPRNPLPSDARIYDGHAWLLGPTWAFGQETAVHALRLMGSGLFDKYPALKIILGHMGEGLPYSMWRIDHRNAWIKTT
PKYPAKRKIVDYFNENFYLTTSGNFRTQTLIDAILEIGADRILFSTDWPFENIDHAADWFENTSISEADRKKIGWGNAQN
LFKLNRAENLYFQSHHHHHHWSHPQFEK
;
_entity_poly.pdbx_strand_id   A,B,C,D,E,F,G,H
#
# COMPACT_ATOMS: atom_id res chain seq x y z
N MET A 1 -36.61 31.66 -16.53
CA MET A 1 -37.91 32.10 -15.94
C MET A 1 -38.18 33.55 -16.32
N ASN A 2 -39.12 33.76 -17.24
CA ASN A 2 -39.59 35.10 -17.57
C ASN A 2 -40.57 35.63 -16.53
N GLY A 3 -40.75 36.94 -16.51
CA GLY A 3 -41.73 37.55 -15.65
C GLY A 3 -41.24 37.91 -14.25
N LYS A 4 -39.92 37.93 -14.01
CA LYS A 4 -39.44 38.23 -12.67
C LYS A 4 -39.59 39.71 -12.34
N ILE A 5 -39.72 39.97 -11.05
CA ILE A 5 -39.81 41.30 -10.53
C ILE A 5 -38.58 41.50 -9.63
N ALA A 6 -37.92 42.63 -9.80
CA ALA A 6 -36.68 42.94 -9.08
C ALA A 6 -36.85 44.28 -8.42
N LEU A 7 -36.41 44.42 -7.17
CA LEU A 7 -36.65 45.66 -6.41
C LEU A 7 -35.51 46.27 -5.59
N GLU A 8 -34.27 45.87 -5.84
CA GLU A 8 -33.13 46.64 -5.39
C GLU A 8 -32.31 46.97 -6.63
N GLU A 9 -32.80 47.96 -7.37
CA GLU A 9 -32.37 48.25 -8.71
C GLU A 9 -32.21 49.78 -8.75
N HIS A 10 -30.96 50.20 -8.82
CA HIS A 10 -30.62 51.56 -8.52
C HIS A 10 -30.34 52.39 -9.76
N PHE A 11 -30.53 53.70 -9.62
CA PHE A 11 -30.14 54.67 -10.63
C PHE A 11 -29.62 55.91 -9.89
N ALA A 12 -29.03 56.83 -10.63
CA ALA A 12 -28.58 58.10 -10.06
C ALA A 12 -29.00 59.26 -10.95
N THR A 13 -29.16 60.43 -10.33
CA THR A 13 -29.18 61.70 -11.07
C THR A 13 -27.76 62.28 -11.06
N GLU A 14 -27.47 63.26 -11.92
CA GLU A 14 -26.15 63.91 -11.90
C GLU A 14 -25.86 64.47 -10.50
N GLU A 15 -26.92 64.97 -9.87
CA GLU A 15 -26.87 65.49 -8.51
C GLU A 15 -26.37 64.47 -7.49
N THR A 16 -26.75 63.18 -7.63
CA THR A 16 -26.41 62.17 -6.61
C THR A 16 -25.35 61.20 -7.07
N LEU A 17 -24.94 61.31 -8.33
CA LEU A 17 -24.04 60.35 -8.95
C LEU A 17 -22.75 60.09 -8.19
N MET A 18 -22.11 61.15 -7.74
CA MET A 18 -20.79 61.03 -7.13
C MET A 18 -20.83 60.29 -5.79
N ASP A 19 -22.02 60.12 -5.20
CA ASP A 19 -22.13 59.28 -4.00
C ASP A 19 -21.68 57.84 -4.20
N SER A 20 -21.80 57.35 -5.44
CA SER A 20 -21.43 55.95 -5.77
C SER A 20 -19.97 55.76 -6.19
N ALA A 21 -19.29 56.86 -6.51
N ALA A 21 -19.24 56.86 -6.37
CA ALA A 21 -17.86 56.84 -6.74
CA ALA A 21 -17.86 56.84 -6.89
C ALA A 21 -17.18 56.58 -5.43
C ALA A 21 -16.88 55.95 -6.15
N GLY A 22 -16.25 55.63 -5.45
N GLY A 22 -16.90 55.96 -4.83
CA GLY A 22 -15.67 55.12 -4.23
CA GLY A 22 -15.90 55.23 -4.04
C GLY A 22 -16.02 53.66 -4.05
C GLY A 22 -16.06 53.72 -4.06
N PHE A 23 -17.18 53.23 -4.56
CA PHE A 23 -17.58 51.81 -4.43
C PHE A 23 -17.01 50.84 -5.47
N VAL A 24 -16.27 51.35 -6.46
CA VAL A 24 -15.57 50.51 -7.43
C VAL A 24 -14.24 51.16 -7.75
N PRO A 25 -13.27 50.38 -8.29
CA PRO A 25 -12.02 51.02 -8.72
C PRO A 25 -12.21 52.14 -9.77
N ASP A 26 -11.23 53.01 -9.92
CA ASP A 26 -11.33 54.12 -10.89
C ASP A 26 -11.50 53.60 -12.34
N LYS A 27 -10.77 52.55 -12.69
CA LYS A 27 -10.86 51.98 -14.03
C LYS A 27 -12.30 51.54 -14.38
N ASP A 28 -13.09 51.19 -13.36
CA ASP A 28 -14.45 50.72 -13.56
C ASP A 28 -15.54 51.79 -13.44
N TRP A 29 -15.17 53.00 -13.04
CA TRP A 29 -16.16 54.09 -12.87
C TRP A 29 -16.92 54.41 -14.17
N PRO A 30 -16.21 54.50 -15.33
CA PRO A 30 -16.99 54.82 -16.55
C PRO A 30 -18.14 53.84 -16.77
N GLU A 31 -17.92 52.54 -16.55
CA GLU A 31 -19.02 51.57 -16.67
C GLU A 31 -20.11 51.79 -15.65
N LEU A 32 -19.72 51.87 -14.36
CA LEU A 32 -20.71 52.04 -13.30
C LEU A 32 -21.56 53.30 -13.50
N ARG A 33 -20.89 54.41 -13.79
CA ARG A 33 -21.53 55.69 -14.14
CA ARG A 33 -21.59 55.66 -14.09
C ARG A 33 -22.61 55.50 -15.21
N SER A 34 -22.21 54.85 -16.30
CA SER A 34 -23.09 54.62 -17.45
C SER A 34 -24.30 53.76 -17.07
N ARG A 35 -24.09 52.75 -16.22
CA ARG A 35 -25.21 51.92 -15.73
C ARG A 35 -26.13 52.73 -14.84
N LEU A 36 -25.54 53.56 -13.96
CA LEU A 36 -26.33 54.32 -13.00
C LEU A 36 -27.23 55.33 -13.70
N LEU A 37 -26.72 55.92 -14.80
CA LEU A 37 -27.43 56.98 -15.48
C LEU A 37 -28.44 56.46 -16.48
N ASP A 38 -28.33 55.19 -16.84
CA ASP A 38 -29.21 54.64 -17.88
C ASP A 38 -30.40 53.94 -17.26
N ILE A 39 -31.60 54.42 -17.56
CA ILE A 39 -32.82 53.72 -17.18
C ILE A 39 -33.52 53.12 -18.37
N GLN A 40 -33.61 53.87 -19.48
CA GLN A 40 -34.46 53.50 -20.62
C GLN A 40 -33.88 52.50 -21.62
N ASP A 41 -32.57 52.40 -21.73
CA ASP A 41 -31.98 51.75 -22.91
C ASP A 41 -31.36 50.40 -22.56
N ARG A 42 -30.11 50.39 -22.15
CA ARG A 42 -29.44 49.10 -21.95
C ARG A 42 -30.05 48.29 -20.82
N ARG A 43 -30.48 48.99 -19.77
CA ARG A 43 -31.15 48.38 -18.63
C ARG A 43 -32.34 47.52 -19.05
N VAL A 44 -33.18 48.03 -19.95
CA VAL A 44 -34.34 47.28 -20.38
C VAL A 44 -33.93 46.11 -21.30
N ARG A 45 -32.94 46.34 -22.16
CA ARG A 45 -32.40 45.24 -22.95
CA ARG A 45 -32.37 45.25 -22.96
C ARG A 45 -31.91 44.10 -22.06
N LEU A 46 -31.21 44.42 -20.97
CA LEU A 46 -30.71 43.34 -20.07
C LEU A 46 -31.87 42.65 -19.35
N MET A 47 -32.90 43.42 -19.02
CA MET A 47 -34.13 42.89 -18.44
C MET A 47 -34.79 41.86 -19.37
N ASP A 48 -34.88 42.22 -20.64
CA ASP A 48 -35.40 41.32 -21.66
C ASP A 48 -34.54 40.08 -21.78
N GLU A 49 -33.23 40.27 -21.79
CA GLU A 49 -32.33 39.14 -21.98
C GLU A 49 -32.21 38.18 -20.79
N HIS A 50 -32.70 38.58 -19.62
CA HIS A 50 -32.55 37.78 -18.39
C HIS A 50 -33.85 37.64 -17.60
N GLY A 51 -34.97 37.76 -18.31
CA GLY A 51 -36.28 37.36 -17.81
C GLY A 51 -36.80 38.18 -16.67
N ILE A 52 -36.47 39.48 -16.67
CA ILE A 52 -37.04 40.44 -15.71
C ILE A 52 -38.09 41.33 -16.39
N GLU A 53 -39.30 41.28 -15.85
CA GLU A 53 -40.43 42.04 -16.41
C GLU A 53 -40.49 43.44 -15.82
N THR A 54 -40.20 43.56 -14.53
CA THR A 54 -40.41 44.78 -13.76
C THR A 54 -39.23 45.04 -12.85
N MET A 55 -38.68 46.25 -12.92
CA MET A 55 -37.75 46.73 -11.91
C MET A 55 -38.43 47.84 -11.15
N ILE A 56 -38.37 47.74 -9.83
CA ILE A 56 -38.82 48.80 -8.99
C ILE A 56 -37.56 49.58 -8.69
N LEU A 57 -37.52 50.83 -9.14
CA LEU A 57 -36.28 51.59 -9.20
C LEU A 57 -36.09 52.42 -7.95
N SER A 58 -34.84 52.60 -7.55
CA SER A 58 -34.51 53.49 -6.42
C SER A 58 -33.22 54.24 -6.66
N LEU A 59 -33.17 55.43 -6.07
CA LEU A 59 -32.00 56.29 -6.09
C LEU A 59 -30.84 55.60 -5.36
N ASN A 60 -29.64 55.98 -5.72
CA ASN A 60 -28.42 55.39 -5.18
C ASN A 60 -28.13 55.88 -3.75
N ALA A 61 -27.04 55.42 -3.15
CA ALA A 61 -26.79 55.58 -1.71
C ALA A 61 -25.51 56.37 -1.47
N PRO A 62 -25.42 57.12 -0.35
CA PRO A 62 -26.48 57.41 0.63
C PRO A 62 -27.48 58.46 0.13
N ALA A 63 -27.08 59.21 -0.88
CA ALA A 63 -27.95 60.24 -1.49
C ALA A 63 -28.63 61.14 -0.45
N VAL A 64 -29.94 61.06 -0.31
CA VAL A 64 -30.68 62.01 0.53
C VAL A 64 -30.31 61.88 2.01
N GLN A 65 -29.92 60.69 2.42
CA GLN A 65 -29.57 60.45 3.83
C GLN A 65 -28.29 61.13 4.30
N ALA A 66 -27.49 61.63 3.34
CA ALA A 66 -26.24 62.30 3.64
C ALA A 66 -26.38 63.83 3.45
N ILE A 67 -27.57 64.34 3.17
CA ILE A 67 -27.76 65.77 3.00
C ILE A 67 -28.20 66.39 4.33
N ALA A 68 -27.26 67.06 4.99
CA ALA A 68 -27.43 67.42 6.40
C ALA A 68 -28.33 68.62 6.61
N ASP A 69 -28.53 69.42 5.58
CA ASP A 69 -29.50 70.50 5.68
C ASP A 69 -30.85 69.96 5.21
N SER A 70 -31.79 69.80 6.15
CA SER A 70 -33.06 69.12 5.85
C SER A 70 -33.92 69.85 4.80
N THR A 71 -33.79 71.17 4.71
CA THR A 71 -34.43 71.91 3.61
C THR A 71 -33.87 71.48 2.24
N ARG A 72 -32.55 71.34 2.15
CA ARG A 72 -31.92 70.86 0.93
C ARG A 72 -32.23 69.37 0.65
N ALA A 73 -32.29 68.55 1.69
CA ALA A 73 -32.64 67.12 1.54
C ALA A 73 -33.99 66.97 0.89
N ASN A 74 -34.94 67.77 1.36
CA ASN A 74 -36.28 67.75 0.84
C ASN A 74 -36.33 68.15 -0.65
N GLU A 75 -35.60 69.20 -1.01
CA GLU A 75 -35.48 69.64 -2.40
C GLU A 75 -34.89 68.57 -3.33
N THR A 76 -33.80 67.93 -2.91
CA THR A 76 -33.18 66.87 -3.67
C THR A 76 -34.14 65.66 -3.82
N ALA A 77 -34.78 65.26 -2.73
CA ALA A 77 -35.74 64.15 -2.78
C ALA A 77 -36.87 64.44 -3.80
N ARG A 78 -37.40 65.65 -3.76
CA ARG A 78 -38.51 66.04 -4.65
C ARG A 78 -38.10 66.00 -6.13
N ARG A 79 -36.92 66.54 -6.41
CA ARG A 79 -36.34 66.47 -7.74
C ARG A 79 -36.11 65.03 -8.21
N ALA A 80 -35.55 64.20 -7.32
CA ALA A 80 -35.26 62.80 -7.65
C ALA A 80 -36.53 62.02 -7.88
N ASN A 81 -37.55 62.28 -7.09
CA ASN A 81 -38.80 61.56 -7.21
C ASN A 81 -39.57 62.02 -8.45
N ASP A 82 -39.52 63.31 -8.77
CA ASP A 82 -40.14 63.81 -10.01
C ASP A 82 -39.44 63.23 -11.25
N PHE A 83 -38.11 63.19 -11.23
CA PHE A 83 -37.35 62.58 -12.32
C PHE A 83 -37.70 61.11 -12.48
N LEU A 84 -37.74 60.38 -11.37
CA LEU A 84 -38.10 58.97 -11.41
C LEU A 84 -39.53 58.75 -11.96
N ALA A 85 -40.51 59.55 -11.52
CA ALA A 85 -41.87 59.49 -12.08
C ALA A 85 -41.94 59.65 -13.61
N GLU A 86 -41.19 60.62 -14.14
CA GLU A 86 -41.04 60.84 -15.60
C GLU A 86 -40.46 59.63 -16.30
N GLN A 87 -39.43 59.03 -15.70
CA GLN A 87 -38.78 57.87 -16.29
C GLN A 87 -39.73 56.65 -16.29
N VAL A 88 -40.41 56.42 -15.16
CA VAL A 88 -41.39 55.35 -15.06
C VAL A 88 -42.41 55.52 -16.16
N ALA A 89 -42.89 56.76 -16.32
CA ALA A 89 -43.94 57.07 -17.30
C ALA A 89 -43.55 56.73 -18.74
N LYS A 90 -42.26 56.68 -19.05
CA LYS A 90 -41.81 56.38 -20.39
C LYS A 90 -41.91 54.90 -20.73
N GLN A 91 -41.74 54.03 -19.74
CA GLN A 91 -41.95 52.58 -19.96
C GLN A 91 -42.69 52.01 -18.75
N PRO A 92 -43.99 52.36 -18.63
CA PRO A 92 -44.77 52.02 -17.42
C PRO A 92 -45.12 50.53 -17.26
N THR A 93 -44.90 49.72 -18.29
CA THR A 93 -45.06 48.26 -18.13
C THR A 93 -43.83 47.57 -17.54
N ARG A 94 -42.70 48.27 -17.46
CA ARG A 94 -41.41 47.70 -17.05
C ARG A 94 -40.85 48.24 -15.74
N PHE A 95 -41.38 49.38 -15.29
CA PHE A 95 -40.83 50.07 -14.13
C PHE A 95 -41.92 50.51 -13.17
N ARG A 96 -41.56 50.50 -11.88
CA ARG A 96 -42.28 51.23 -10.84
C ARG A 96 -41.21 51.96 -10.03
N GLY A 97 -41.61 52.91 -9.18
CA GLY A 97 -40.65 53.65 -8.34
C GLY A 97 -40.82 53.46 -6.83
N PHE A 98 -39.69 53.47 -6.11
CA PHE A 98 -39.64 53.72 -4.67
C PHE A 98 -39.26 55.21 -4.43
N ALA A 99 -39.89 55.80 -3.42
CA ALA A 99 -39.60 57.15 -2.97
C ALA A 99 -38.26 57.28 -2.29
N ALA A 100 -37.53 58.33 -2.68
CA ALA A 100 -36.48 58.92 -1.85
C ALA A 100 -37.13 59.88 -0.83
N LEU A 101 -36.70 59.79 0.42
CA LEU A 101 -37.32 60.57 1.50
C LEU A 101 -36.32 61.36 2.36
N PRO A 102 -36.69 62.60 2.72
CA PRO A 102 -35.85 63.40 3.56
C PRO A 102 -36.13 63.08 5.01
N MET A 103 -35.57 61.96 5.48
CA MET A 103 -35.88 61.44 6.80
C MET A 103 -35.29 62.31 7.92
N GLN A 104 -34.46 63.28 7.54
CA GLN A 104 -34.03 64.34 8.44
C GLN A 104 -35.20 64.97 9.21
N ASP A 105 -36.31 65.13 8.53
CA ASP A 105 -37.47 65.77 9.11
C ASP A 105 -38.66 64.81 8.98
N PRO A 106 -39.20 64.30 10.11
CA PRO A 106 -40.30 63.34 10.03
C PRO A 106 -41.52 63.85 9.26
N GLU A 107 -41.87 65.11 9.46
CA GLU A 107 -43.02 65.73 8.79
C GLU A 107 -42.81 65.83 7.29
N LEU A 108 -41.64 66.33 6.87
CA LEU A 108 -41.30 66.41 5.44
C LEU A 108 -41.29 65.04 4.75
N ALA A 109 -40.69 64.04 5.40
CA ALA A 109 -40.63 62.66 4.88
C ALA A 109 -42.04 62.09 4.68
N ALA A 110 -42.91 62.31 5.66
CA ALA A 110 -44.28 61.81 5.61
C ALA A 110 -45.04 62.50 4.48
N ARG A 111 -44.85 63.81 4.35
CA ARG A 111 -45.52 64.55 3.26
C ARG A 111 -45.03 64.09 1.87
N GLU A 112 -43.72 63.89 1.74
CA GLU A 112 -43.19 63.46 0.46
C GLU A 112 -43.61 62.03 0.12
N LEU A 113 -43.71 61.15 1.12
CA LEU A 113 -44.18 59.81 0.86
C LEU A 113 -45.64 59.83 0.41
N GLU A 114 -46.47 60.65 1.06
CA GLU A 114 -47.85 60.82 0.61
C GLU A 114 -47.91 61.28 -0.84
N ARG A 115 -47.11 62.28 -1.21
CA ARG A 115 -47.05 62.80 -2.58
C ARG A 115 -46.59 61.73 -3.57
N CYS A 116 -45.52 61.01 -3.22
CA CYS A 116 -45.03 59.95 -4.09
C CYS A 116 -46.05 58.83 -4.35
N VAL A 117 -46.78 58.42 -3.31
CA VAL A 117 -47.76 57.32 -3.44
C VAL A 117 -49.03 57.80 -4.15
N LYS A 118 -49.58 58.93 -3.72
CA LYS A 118 -50.90 59.40 -4.16
C LYS A 118 -50.85 60.14 -5.49
N GLU A 119 -49.78 60.89 -5.72
CA GLU A 119 -49.64 61.70 -6.94
C GLU A 119 -48.72 61.07 -8.00
N LEU A 120 -47.63 60.44 -7.58
CA LEU A 120 -46.65 59.86 -8.51
C LEU A 120 -46.80 58.35 -8.77
N GLY A 121 -47.60 57.66 -7.94
CA GLY A 121 -47.90 56.25 -8.15
C GLY A 121 -46.77 55.32 -7.68
N PHE A 122 -45.89 55.81 -6.81
CA PHE A 122 -44.82 54.96 -6.26
C PHE A 122 -45.36 53.91 -5.34
N VAL A 123 -44.58 52.85 -5.14
CA VAL A 123 -45.12 51.65 -4.49
C VAL A 123 -44.50 51.38 -3.12
N GLY A 124 -43.66 52.29 -2.65
CA GLY A 124 -42.94 52.10 -1.39
C GLY A 124 -41.93 53.19 -1.30
N ALA A 125 -41.07 53.09 -0.29
CA ALA A 125 -39.95 54.01 -0.08
C ALA A 125 -38.67 53.22 0.09
N LEU A 126 -37.55 53.78 -0.33
CA LEU A 126 -36.24 53.20 -0.04
C LEU A 126 -35.37 54.25 0.61
N VAL A 127 -34.76 53.87 1.73
CA VAL A 127 -33.97 54.79 2.54
C VAL A 127 -32.67 54.11 2.95
N ASN A 128 -31.57 54.86 2.84
CA ASN A 128 -30.25 54.33 3.05
C ASN A 128 -29.80 54.49 4.48
N GLY A 129 -30.41 53.69 5.34
CA GLY A 129 -30.03 53.68 6.73
C GLY A 129 -30.26 55.03 7.40
N PHE A 130 -29.43 55.32 8.42
CA PHE A 130 -29.59 56.53 9.22
C PHE A 130 -29.42 57.80 8.42
N SER A 131 -29.97 58.89 8.95
CA SER A 131 -29.80 60.21 8.36
C SER A 131 -28.84 61.10 9.14
N GLN A 132 -28.18 61.95 8.40
CA GLN A 132 -27.37 63.03 8.94
C GLN A 132 -28.23 64.29 8.88
N ASP A 133 -28.31 65.00 10.00
CA ASP A 133 -29.03 66.29 10.07
C ASP A 133 -28.15 67.19 10.89
N ASN A 134 -27.81 68.35 10.32
CA ASN A 134 -27.00 69.36 11.03
C ASN A 134 -27.53 69.73 12.40
N ARG A 135 -28.85 69.64 12.59
CA ARG A 135 -29.47 69.96 13.88
C ARG A 135 -29.22 68.92 14.98
N SER A 136 -28.78 67.73 14.60
CA SER A 136 -28.55 66.66 15.54
C SER A 136 -27.06 66.29 15.64
N ALA A 137 -26.57 66.24 16.87
CA ALA A 137 -25.18 65.90 17.15
C ALA A 137 -24.94 64.43 16.82
N VAL A 138 -26.04 63.67 16.81
CA VAL A 138 -26.00 62.24 16.57
C VAL A 138 -26.72 61.87 15.27
N PRO A 139 -26.32 60.73 14.69
CA PRO A 139 -27.08 60.14 13.59
C PRO A 139 -28.53 59.75 13.98
N LEU A 140 -29.42 59.89 13.01
CA LEU A 140 -30.81 59.72 13.21
C LEU A 140 -31.24 58.32 12.76
N TYR A 141 -31.67 57.51 13.71
CA TYR A 141 -32.24 56.21 13.47
C TYR A 141 -33.75 56.27 13.66
N TYR A 142 -34.45 55.40 12.94
CA TYR A 142 -35.91 55.55 12.76
C TYR A 142 -36.75 54.83 13.83
N ASP A 143 -36.08 54.28 14.85
CA ASP A 143 -36.75 53.86 16.08
C ASP A 143 -37.02 55.03 17.00
N MET A 144 -36.29 56.13 16.84
CA MET A 144 -36.40 57.28 17.77
C MET A 144 -37.84 57.84 17.72
N ALA A 145 -38.31 58.35 18.85
CA ALA A 145 -39.72 58.70 19.05
C ALA A 145 -40.31 59.66 18.00
N GLN A 146 -39.49 60.59 17.52
CA GLN A 146 -39.99 61.57 16.56
C GLN A 146 -40.46 60.91 15.23
N TYR A 147 -40.00 59.68 14.93
CA TYR A 147 -40.41 58.97 13.71
C TYR A 147 -41.76 58.26 13.80
N TRP A 148 -42.32 58.15 15.00
CA TRP A 148 -43.51 57.30 15.17
C TRP A 148 -44.73 57.82 14.38
N PRO A 149 -44.92 59.16 14.31
CA PRO A 149 -45.96 59.68 13.39
C PRO A 149 -45.67 59.43 11.90
N PHE A 150 -44.40 59.43 11.50
CA PHE A 150 -44.05 59.06 10.14
C PHE A 150 -44.46 57.62 9.85
N TRP A 151 -44.15 56.70 10.78
CA TRP A 151 -44.52 55.28 10.62
C TRP A 151 -46.03 55.10 10.57
N GLU A 152 -46.76 55.92 11.31
CA GLU A 152 -48.22 55.85 11.29
C GLU A 152 -48.71 56.14 9.87
N THR A 153 -48.02 57.06 9.18
CA THR A 153 -48.31 57.43 7.80
C THR A 153 -47.96 56.27 6.84
N VAL A 154 -46.79 55.65 7.02
CA VAL A 154 -46.40 54.49 6.22
C VAL A 154 -47.47 53.40 6.31
N GLN A 155 -47.91 53.07 7.53
CA GLN A 155 -48.93 52.02 7.71
C GLN A 155 -50.29 52.42 7.10
N ALA A 156 -50.67 53.68 7.25
CA ALA A 156 -51.93 54.17 6.66
C ALA A 156 -51.93 54.08 5.13
N LEU A 157 -50.81 54.45 4.51
CA LEU A 157 -50.63 54.32 3.07
C LEU A 157 -50.53 52.85 2.65
N ASP A 158 -50.10 52.00 3.60
CA ASP A 158 -49.94 50.57 3.36
C ASP A 158 -48.98 50.27 2.20
N VAL A 159 -47.81 50.90 2.26
CA VAL A 159 -46.71 50.63 1.35
C VAL A 159 -45.46 50.24 2.16
N PRO A 160 -44.61 49.36 1.59
CA PRO A 160 -43.41 48.91 2.31
C PRO A 160 -42.28 49.93 2.36
N PHE A 161 -41.35 49.74 3.30
CA PHE A 161 -40.21 50.66 3.49
C PHE A 161 -38.97 49.78 3.38
N TYR A 162 -38.09 50.09 2.43
CA TYR A 162 -36.88 49.31 2.16
C TYR A 162 -35.77 49.97 2.92
N LEU A 163 -35.25 49.29 3.94
CA LEU A 163 -34.20 49.85 4.76
C LEU A 163 -32.91 49.31 4.14
N HIS A 164 -32.26 50.16 3.33
CA HIS A 164 -31.09 49.78 2.53
C HIS A 164 -29.85 50.20 3.30
N PRO A 165 -28.69 49.60 2.98
CA PRO A 165 -27.51 50.06 3.74
C PRO A 165 -26.96 51.44 3.41
N ARG A 166 -26.12 51.89 4.33
CA ARG A 166 -25.10 52.90 4.09
C ARG A 166 -23.96 52.52 5.03
N ASN A 167 -22.82 53.17 4.85
CA ASN A 167 -21.69 52.99 5.76
C ASN A 167 -21.85 53.75 7.07
N PRO A 168 -21.28 53.23 8.17
CA PRO A 168 -21.28 54.01 9.40
C PRO A 168 -20.44 55.28 9.24
N LEU A 169 -20.75 56.31 10.01
CA LEU A 169 -19.90 57.50 10.09
C LEU A 169 -18.51 57.05 10.61
N PRO A 170 -17.42 57.74 10.21
CA PRO A 170 -16.05 57.34 10.61
C PRO A 170 -15.83 57.20 12.12
N SER A 171 -16.42 58.08 12.93
CA SER A 171 -16.33 57.97 14.40
C SER A 171 -17.02 56.74 14.99
N ASP A 172 -17.93 56.17 14.20
CA ASP A 172 -18.58 54.90 14.50
C ASP A 172 -17.99 53.73 13.70
N ALA A 173 -16.81 53.93 13.12
CA ALA A 173 -16.18 52.93 12.22
C ALA A 173 -14.75 52.59 12.57
N ARG A 174 -14.33 52.84 13.81
CA ARG A 174 -12.89 52.68 14.19
C ARG A 174 -12.39 51.24 14.13
N ILE A 175 -13.29 50.28 14.33
CA ILE A 175 -12.94 48.86 14.21
C ILE A 175 -12.41 48.51 12.80
N TYR A 176 -12.85 49.29 11.81
CA TYR A 176 -12.40 49.15 10.43
C TYR A 176 -11.21 50.05 10.03
N ASP A 177 -10.78 50.95 10.91
CA ASP A 177 -9.62 51.84 10.60
C ASP A 177 -8.41 51.00 10.20
N GLY A 178 -7.80 51.31 9.04
CA GLY A 178 -6.71 50.47 8.51
C GLY A 178 -7.17 49.26 7.68
N HIS A 179 -8.48 49.01 7.67
CA HIS A 179 -9.09 47.82 7.04
C HIS A 179 -10.32 48.29 6.30
N ALA A 180 -10.08 49.23 5.40
CA ALA A 180 -11.15 49.89 4.61
C ALA A 180 -11.82 48.91 3.68
N TRP A 181 -11.15 47.78 3.43
CA TRP A 181 -11.68 46.72 2.62
C TRP A 181 -12.97 46.10 3.21
N LEU A 182 -13.21 46.29 4.51
CA LEU A 182 -14.38 45.72 5.18
C LEU A 182 -15.58 46.67 5.07
N LEU A 183 -15.34 47.92 4.70
CA LEU A 183 -16.47 48.87 4.56
C LEU A 183 -17.28 48.52 3.34
N GLY A 184 -18.49 49.05 3.26
CA GLY A 184 -19.31 48.84 2.09
C GLY A 184 -19.90 47.44 2.11
N PRO A 185 -20.19 46.88 0.91
CA PRO A 185 -20.91 45.60 0.87
C PRO A 185 -20.16 44.39 1.45
N THR A 186 -18.85 44.46 1.54
CA THR A 186 -18.08 43.34 2.13
C THR A 186 -18.59 42.89 3.51
N TRP A 187 -18.93 43.86 4.36
CA TRP A 187 -19.33 43.64 5.73
C TRP A 187 -20.05 44.80 6.44
N ALA A 188 -19.46 45.99 6.42
CA ALA A 188 -19.96 47.10 7.24
C ALA A 188 -21.41 47.50 6.91
N PHE A 189 -21.77 47.50 5.62
CA PHE A 189 -23.19 47.69 5.18
C PHE A 189 -24.16 46.77 5.93
N GLY A 190 -23.79 45.50 6.06
CA GLY A 190 -24.68 44.50 6.64
C GLY A 190 -24.85 44.69 8.14
N GLN A 191 -23.73 44.90 8.86
CA GLN A 191 -23.82 45.20 10.31
C GLN A 191 -24.68 46.44 10.59
N GLU A 192 -24.41 47.52 9.86
CA GLU A 192 -25.14 48.78 10.03
C GLU A 192 -26.65 48.56 9.88
N THR A 193 -27.02 47.84 8.85
CA THR A 193 -28.43 47.66 8.50
C THR A 193 -29.13 46.64 9.43
N ALA A 194 -28.44 45.54 9.74
CA ALA A 194 -28.94 44.58 10.71
C ALA A 194 -29.24 45.26 12.05
N VAL A 195 -28.33 46.11 12.53
CA VAL A 195 -28.55 46.77 13.82
C VAL A 195 -29.68 47.80 13.77
N HIS A 196 -29.76 48.55 12.67
CA HIS A 196 -30.87 49.48 12.51
C HIS A 196 -32.22 48.73 12.54
N ALA A 197 -32.28 47.60 11.82
CA ALA A 197 -33.53 46.80 11.76
C ALA A 197 -33.88 46.27 13.16
N LEU A 198 -32.87 45.80 13.89
CA LEU A 198 -33.09 45.34 15.25
C LEU A 198 -33.53 46.44 16.21
N ARG A 199 -32.97 47.64 16.05
CA ARG A 199 -33.44 48.81 16.79
C ARG A 199 -34.94 49.04 16.55
N LEU A 200 -35.39 48.94 15.30
CA LEU A 200 -36.84 49.10 15.03
C LEU A 200 -37.67 48.04 15.76
N MET A 201 -37.26 46.78 15.65
CA MET A 201 -37.98 45.64 16.27
C MET A 201 -38.02 45.73 17.81
N GLY A 202 -36.89 46.00 18.44
CA GLY A 202 -36.80 46.20 19.90
C GLY A 202 -37.59 47.40 20.46
N SER A 203 -37.80 48.42 19.63
CA SER A 203 -38.36 49.67 20.13
C SER A 203 -39.82 49.57 20.47
N GLY A 204 -40.48 48.51 20.00
CA GLY A 204 -41.93 48.38 20.16
C GLY A 204 -42.72 49.04 19.03
N LEU A 205 -42.02 49.49 18.01
CA LEU A 205 -42.70 50.10 16.84
C LEU A 205 -43.78 49.21 16.25
N PHE A 206 -43.51 47.91 16.21
CA PHE A 206 -44.42 46.98 15.54
C PHE A 206 -45.55 46.49 16.44
N ASP A 207 -45.48 46.79 17.74
CA ASP A 207 -46.63 46.63 18.66
C ASP A 207 -47.65 47.72 18.34
N LYS A 208 -47.16 48.94 18.12
CA LYS A 208 -48.04 50.09 17.82
C LYS A 208 -48.58 50.10 16.38
N TYR A 209 -47.72 49.77 15.41
CA TYR A 209 -48.11 49.75 14.00
C TYR A 209 -47.83 48.34 13.44
N PRO A 210 -48.66 47.36 13.82
CA PRO A 210 -48.36 45.97 13.47
C PRO A 210 -48.49 45.57 12.01
N ALA A 211 -49.10 46.42 11.17
CA ALA A 211 -49.21 46.13 9.72
C ALA A 211 -48.05 46.68 8.85
N LEU A 212 -47.04 47.32 9.47
CA LEU A 212 -45.87 47.79 8.72
C LEU A 212 -45.15 46.64 8.03
N LYS A 213 -44.59 46.95 6.85
CA LYS A 213 -43.78 46.02 6.09
C LYS A 213 -42.42 46.62 5.81
N ILE A 214 -41.37 45.98 6.33
CA ILE A 214 -40.00 46.44 6.13
C ILE A 214 -39.27 45.43 5.25
N ILE A 215 -38.54 45.91 4.26
CA ILE A 215 -37.77 45.06 3.36
C ILE A 215 -36.29 45.25 3.65
N LEU A 216 -35.57 44.13 3.73
CA LEU A 216 -34.10 44.14 3.82
C LEU A 216 -33.48 43.44 2.62
N GLY A 217 -32.42 44.00 2.06
CA GLY A 217 -31.71 43.32 1.00
C GLY A 217 -30.71 42.32 1.54
N HIS A 218 -29.97 41.73 0.62
CA HIS A 218 -28.76 40.97 0.96
C HIS A 218 -29.07 39.78 1.87
N MET A 219 -30.24 39.20 1.65
CA MET A 219 -30.69 38.04 2.41
C MET A 219 -30.94 38.39 3.88
N GLY A 220 -31.17 39.66 4.18
CA GLY A 220 -31.45 40.06 5.54
C GLY A 220 -30.23 40.35 6.37
N GLU A 221 -29.07 40.58 5.73
CA GLU A 221 -27.95 41.27 6.36
C GLU A 221 -27.48 40.42 7.56
N GLY A 222 -27.48 39.10 7.37
CA GLY A 222 -27.02 38.16 8.41
C GLY A 222 -28.07 37.77 9.46
N LEU A 223 -29.21 38.45 9.51
CA LEU A 223 -30.18 38.25 10.60
C LEU A 223 -30.65 36.79 10.75
N PRO A 224 -30.95 36.07 9.64
CA PRO A 224 -31.54 34.72 9.82
C PRO A 224 -30.63 33.72 10.57
N TYR A 225 -29.33 33.84 10.34
CA TYR A 225 -28.33 32.93 10.92
C TYR A 225 -28.27 33.08 12.42
N SER A 226 -28.38 34.31 12.90
CA SER A 226 -28.20 34.63 14.30
C SER A 226 -29.53 34.94 15.02
N MET A 227 -30.67 34.76 14.35
CA MET A 227 -31.94 35.17 14.92
C MET A 227 -32.30 34.36 16.19
N TRP A 228 -32.06 33.05 16.15
CA TRP A 228 -32.29 32.23 17.33
C TRP A 228 -31.55 32.80 18.52
N ARG A 229 -30.25 33.07 18.33
CA ARG A 229 -29.41 33.54 19.45
C ARG A 229 -29.83 34.93 19.99
N ILE A 230 -30.30 35.82 19.11
CA ILE A 230 -30.77 37.14 19.53
C ILE A 230 -31.74 37.01 20.73
N ASP A 231 -32.73 36.11 20.63
CA ASP A 231 -33.77 35.94 21.71
C ASP A 231 -33.37 34.89 22.75
N HIS A 232 -32.72 33.82 22.29
CA HIS A 232 -32.57 32.63 23.12
C HIS A 232 -31.25 32.50 23.87
N ARG A 233 -30.31 33.42 23.65
CA ARG A 233 -29.06 33.40 24.45
C ARG A 233 -29.36 33.43 25.95
N ASN A 234 -28.56 32.69 26.71
CA ASN A 234 -28.71 32.59 28.16
C ASN A 234 -30.15 32.19 28.53
N ALA A 235 -30.67 31.17 27.84
CA ALA A 235 -32.05 30.76 27.97
C ALA A 235 -32.44 30.29 29.36
N TRP A 236 -31.49 29.82 30.17
CA TRP A 236 -31.80 29.43 31.57
C TRP A 236 -32.32 30.59 32.46
N ILE A 237 -31.98 31.82 32.10
CA ILE A 237 -32.48 33.02 32.77
C ILE A 237 -33.93 33.22 32.36
N LYS A 238 -34.82 33.32 33.35
CA LYS A 238 -36.23 33.64 33.08
C LYS A 238 -36.46 35.09 33.43
N THR A 239 -36.57 35.94 32.41
CA THR A 239 -36.69 37.38 32.62
C THR A 239 -37.49 38.04 31.50
N THR A 240 -37.74 39.33 31.64
CA THR A 240 -38.39 40.11 30.59
C THR A 240 -37.26 40.79 29.86
N PRO A 241 -37.17 40.64 28.52
CA PRO A 241 -36.12 41.36 27.80
C PRO A 241 -36.19 42.87 28.10
N LYS A 242 -35.02 43.52 28.14
CA LYS A 242 -34.91 44.91 28.55
C LYS A 242 -35.07 45.83 27.34
N TYR A 243 -36.04 45.54 26.50
CA TYR A 243 -36.39 46.46 25.44
C TYR A 243 -37.89 46.71 25.57
N PRO A 244 -38.37 47.82 24.99
CA PRO A 244 -39.77 48.22 25.16
C PRO A 244 -40.76 47.32 24.43
N ALA A 245 -40.35 46.67 23.35
CA ALA A 245 -41.25 45.76 22.67
C ALA A 245 -41.77 44.68 23.61
N LYS A 246 -43.00 44.26 23.32
CA LYS A 246 -43.72 43.27 24.12
C LYS A 246 -43.29 41.82 23.88
N ARG A 247 -42.85 41.50 22.67
CA ARG A 247 -42.67 40.12 22.26
C ARG A 247 -41.21 39.84 21.90
N LYS A 248 -40.95 38.63 21.39
CA LYS A 248 -39.60 38.20 20.96
C LYS A 248 -39.22 38.94 19.68
N ILE A 249 -37.93 39.23 19.51
CA ILE A 249 -37.47 39.87 18.27
C ILE A 249 -37.91 39.02 17.05
N VAL A 250 -37.80 37.70 17.15
CA VAL A 250 -38.14 36.82 16.04
C VAL A 250 -39.61 36.98 15.60
N ASP A 251 -40.49 37.35 16.52
CA ASP A 251 -41.91 37.58 16.18
C ASP A 251 -42.05 38.74 15.19
N TYR A 252 -41.35 39.84 15.43
CA TYR A 252 -41.41 41.02 14.52
C TYR A 252 -40.71 40.75 13.20
N PHE A 253 -39.61 40.03 13.26
CA PHE A 253 -38.92 39.61 12.05
C PHE A 253 -39.84 38.78 11.16
N ASN A 254 -40.53 37.81 11.77
CA ASN A 254 -41.35 36.89 11.01
C ASN A 254 -42.59 37.57 10.45
N GLU A 255 -43.13 38.53 11.22
CA GLU A 255 -44.39 39.17 10.87
C GLU A 255 -44.32 40.47 10.05
N ASN A 256 -43.23 41.22 10.18
CA ASN A 256 -43.13 42.57 9.60
C ASN A 256 -42.04 42.72 8.55
N PHE A 257 -41.21 41.69 8.38
CA PHE A 257 -40.09 41.76 7.46
C PHE A 257 -40.21 40.89 6.21
N TYR A 258 -39.63 41.41 5.13
CA TYR A 258 -39.38 40.69 3.88
C TYR A 258 -37.87 40.84 3.55
N LEU A 259 -37.28 39.83 2.94
CA LEU A 259 -35.87 39.82 2.56
C LEU A 259 -35.74 39.71 1.06
N THR A 260 -34.79 40.43 0.44
CA THR A 260 -34.48 40.19 -0.97
C THR A 260 -33.17 39.47 -1.16
N THR A 261 -32.98 38.96 -2.38
CA THR A 261 -31.78 38.21 -2.72
C THR A 261 -30.65 39.10 -3.26
N SER A 262 -30.78 40.41 -3.16
CA SER A 262 -29.79 41.28 -3.75
C SER A 262 -28.38 41.00 -3.24
N GLY A 263 -27.44 40.93 -4.19
CA GLY A 263 -26.03 40.84 -3.87
C GLY A 263 -25.65 39.69 -2.98
N ASN A 264 -26.47 38.64 -2.93
CA ASN A 264 -26.16 37.49 -2.05
C ASN A 264 -26.61 36.17 -2.70
N PHE A 265 -25.95 35.89 -3.82
CA PHE A 265 -26.33 34.82 -4.74
C PHE A 265 -25.68 33.51 -4.28
N ARG A 266 -26.19 33.04 -3.13
CA ARG A 266 -25.59 31.92 -2.41
C ARG A 266 -26.72 31.01 -1.93
N THR A 267 -26.76 29.81 -2.49
CA THR A 267 -27.83 28.86 -2.24
C THR A 267 -27.90 28.47 -0.78
N GLN A 268 -26.77 28.16 -0.15
CA GLN A 268 -26.81 27.83 1.30
C GLN A 268 -27.50 28.91 2.13
N THR A 269 -27.21 30.17 1.81
CA THR A 269 -27.78 31.32 2.54
C THR A 269 -29.27 31.44 2.28
N LEU A 270 -29.67 31.33 1.02
CA LEU A 270 -31.09 31.26 0.67
C LEU A 270 -31.84 30.16 1.43
N ILE A 271 -31.26 28.95 1.47
CA ILE A 271 -31.90 27.81 2.15
C ILE A 271 -32.03 28.09 3.63
N ASP A 272 -30.99 28.66 4.25
CA ASP A 272 -31.10 29.04 5.67
C ASP A 272 -32.24 30.03 5.86
N ALA A 273 -32.32 31.04 5.00
CA ALA A 273 -33.38 32.03 5.17
C ALA A 273 -34.75 31.38 4.96
N ILE A 274 -34.89 30.49 3.98
CA ILE A 274 -36.17 29.74 3.80
C ILE A 274 -36.58 28.99 5.10
N LEU A 275 -35.62 28.40 5.78
CA LEU A 275 -35.88 27.59 6.96
C LEU A 275 -35.99 28.41 8.20
N GLU A 276 -35.83 29.74 8.07
CA GLU A 276 -35.98 30.61 9.20
C GLU A 276 -37.16 31.56 9.02
N ILE A 277 -37.28 32.22 7.88
CA ILE A 277 -38.38 33.17 7.70
C ILE A 277 -39.43 32.68 6.69
N GLY A 278 -39.04 31.73 5.81
CA GLY A 278 -39.94 31.12 4.84
C GLY A 278 -39.92 31.81 3.48
N ALA A 279 -40.15 31.02 2.43
CA ALA A 279 -40.03 31.49 1.06
C ALA A 279 -41.09 32.52 0.70
N ASP A 280 -42.17 32.57 1.44
CA ASP A 280 -43.22 33.61 1.21
C ASP A 280 -42.74 35.01 1.49
N ARG A 281 -41.64 35.16 2.23
CA ARG A 281 -41.09 36.48 2.62
CA ARG A 281 -41.12 36.49 2.60
C ARG A 281 -39.74 36.77 1.99
N ILE A 282 -39.41 36.03 0.93
CA ILE A 282 -38.17 36.21 0.19
C ILE A 282 -38.48 36.68 -1.24
N LEU A 283 -37.81 37.74 -1.67
CA LEU A 283 -38.03 38.36 -2.95
C LEU A 283 -36.75 38.37 -3.79
N PHE A 284 -36.88 38.05 -5.08
CA PHE A 284 -35.78 38.21 -6.01
C PHE A 284 -35.40 39.69 -6.12
N SER A 285 -34.10 39.96 -6.18
CA SER A 285 -33.59 41.29 -6.54
C SER A 285 -32.15 41.11 -6.93
N THR A 286 -31.57 42.11 -7.58
CA THR A 286 -30.26 41.98 -8.15
C THR A 286 -29.20 42.88 -7.51
N ASP A 287 -29.57 44.12 -7.14
CA ASP A 287 -28.60 45.18 -6.77
C ASP A 287 -27.87 45.78 -7.98
N TRP A 288 -28.43 45.60 -9.16
CA TRP A 288 -27.96 46.31 -10.33
C TRP A 288 -27.95 47.79 -9.97
N PRO A 289 -26.87 48.50 -10.33
CA PRO A 289 -25.75 48.13 -11.19
C PRO A 289 -24.47 47.73 -10.48
N PHE A 290 -24.56 47.53 -9.17
CA PHE A 290 -23.40 47.18 -8.36
C PHE A 290 -23.13 45.68 -8.46
N GLU A 291 -24.18 44.94 -8.81
CA GLU A 291 -24.09 43.56 -9.25
C GLU A 291 -24.66 43.44 -10.65
N ASN A 292 -24.16 42.46 -11.41
CA ASN A 292 -24.68 42.15 -12.74
C ASN A 292 -26.04 41.48 -12.71
N ILE A 293 -26.93 41.93 -13.59
CA ILE A 293 -28.19 41.28 -13.83
C ILE A 293 -28.00 39.82 -14.22
N ASP A 294 -27.04 39.50 -15.10
CA ASP A 294 -26.89 38.09 -15.53
C ASP A 294 -26.42 37.18 -14.38
N HIS A 295 -25.53 37.68 -13.54
CA HIS A 295 -25.11 36.98 -12.29
C HIS A 295 -26.30 36.64 -11.37
N ALA A 296 -27.12 37.64 -11.07
CA ALA A 296 -28.29 37.44 -10.21
C ALA A 296 -29.25 36.42 -10.81
N ALA A 297 -29.62 36.63 -12.06
CA ALA A 297 -30.63 35.82 -12.71
C ALA A 297 -30.21 34.38 -12.97
N ASP A 298 -28.99 34.19 -13.45
CA ASP A 298 -28.47 32.83 -13.67
C ASP A 298 -28.38 32.00 -12.37
N TRP A 299 -27.93 32.64 -11.30
CA TRP A 299 -27.93 31.98 -9.99
C TRP A 299 -29.34 31.60 -9.59
N PHE A 300 -30.29 32.55 -9.65
CA PHE A 300 -31.65 32.30 -9.17
C PHE A 300 -32.39 31.26 -10.03
N GLU A 301 -32.10 31.26 -11.33
CA GLU A 301 -32.69 30.31 -12.29
C GLU A 301 -32.53 28.87 -11.85
N ASN A 302 -31.37 28.57 -11.25
CA ASN A 302 -30.95 27.21 -10.95
C ASN A 302 -30.75 26.91 -9.47
N THR A 303 -31.01 27.87 -8.59
CA THR A 303 -30.80 27.58 -7.15
C THR A 303 -31.75 26.45 -6.68
N SER A 304 -31.30 25.72 -5.65
CA SER A 304 -31.89 24.43 -5.28
C SER A 304 -33.12 24.54 -4.40
N ILE A 305 -34.23 25.00 -5.02
CA ILE A 305 -35.49 25.14 -4.31
C ILE A 305 -36.56 24.54 -5.20
N SER A 306 -37.80 24.46 -4.70
CA SER A 306 -38.90 23.93 -5.49
C SER A 306 -39.30 24.94 -6.56
N GLU A 307 -39.85 24.43 -7.64
CA GLU A 307 -40.35 25.31 -8.71
C GLU A 307 -41.45 26.23 -8.18
N ALA A 308 -42.29 25.76 -7.25
CA ALA A 308 -43.32 26.62 -6.63
C ALA A 308 -42.70 27.85 -5.94
N ASP A 309 -41.65 27.62 -5.18
CA ASP A 309 -40.99 28.71 -4.47
C ASP A 309 -40.15 29.62 -5.42
N ARG A 310 -39.61 29.03 -6.48
CA ARG A 310 -38.92 29.80 -7.52
C ARG A 310 -39.89 30.83 -8.16
N LYS A 311 -41.12 30.42 -8.39
CA LYS A 311 -42.13 31.39 -8.89
C LYS A 311 -42.54 32.44 -7.84
N LYS A 312 -42.69 32.04 -6.58
CA LYS A 312 -43.05 32.96 -5.54
C LYS A 312 -41.95 33.99 -5.32
N ILE A 313 -40.72 33.52 -5.14
CA ILE A 313 -39.60 34.43 -4.90
C ILE A 313 -39.29 35.27 -6.15
N GLY A 314 -39.46 34.66 -7.34
CA GLY A 314 -39.17 35.32 -8.61
C GLY A 314 -40.12 36.47 -8.90
N TRP A 315 -41.40 36.27 -8.60
CA TRP A 315 -42.42 37.29 -8.90
C TRP A 315 -43.70 37.24 -8.08
N GLY A 316 -44.17 36.06 -7.70
CA GLY A 316 -45.44 35.98 -6.96
C GLY A 316 -45.49 36.80 -5.68
N ASN A 317 -44.44 36.72 -4.84
CA ASN A 317 -44.44 37.44 -3.56
C ASN A 317 -44.51 38.96 -3.78
N ALA A 318 -43.68 39.45 -4.72
CA ALA A 318 -43.59 40.86 -5.01
C ALA A 318 -44.88 41.38 -5.66
N GLN A 319 -45.45 40.61 -6.58
CA GLN A 319 -46.73 40.99 -7.23
C GLN A 319 -47.83 41.21 -6.17
N ASN A 320 -47.92 40.29 -5.21
N ASN A 320 -47.92 40.29 -5.21
CA ASN A 320 -48.84 40.41 -4.10
CA ASN A 320 -48.84 40.42 -4.10
C ASN A 320 -48.51 41.56 -3.17
C ASN A 320 -48.50 41.59 -3.20
N LEU A 321 -47.25 41.64 -2.73
CA LEU A 321 -46.83 42.66 -1.77
C LEU A 321 -47.05 44.08 -2.31
N PHE A 322 -46.74 44.31 -3.58
CA PHE A 322 -46.85 45.66 -4.17
C PHE A 322 -48.16 45.88 -4.92
N LYS A 323 -49.07 44.91 -4.82
CA LYS A 323 -50.41 44.99 -5.42
C LYS A 323 -50.35 45.31 -6.91
N LEU A 324 -49.44 44.65 -7.61
CA LEU A 324 -49.19 44.95 -9.02
C LEU A 324 -50.18 44.31 -9.98
N ASN A 325 -50.82 43.23 -9.53
CA ASN A 325 -51.87 42.59 -10.30
C ASN A 325 -53.25 43.14 -9.92
N ARG A 326 -53.29 44.30 -9.26
CA ARG A 326 -54.58 44.92 -8.86
C ARG A 326 -54.94 46.12 -9.74
N ALA A 327 -56.22 46.47 -9.71
CA ALA A 327 -56.82 47.43 -10.67
C ALA A 327 -56.15 48.80 -10.68
N GLU A 328 -55.84 49.32 -9.50
CA GLU A 328 -55.20 50.63 -9.38
C GLU A 328 -53.87 50.67 -10.15
N ASN A 329 -53.08 49.58 -10.07
CA ASN A 329 -51.80 49.51 -10.80
C ASN A 329 -51.93 49.23 -12.31
N LEU A 330 -52.88 48.38 -12.68
CA LEU A 330 -53.02 47.95 -14.07
C LEU A 330 -53.71 49.02 -14.94
N TYR A 331 -54.71 49.71 -14.38
CA TYR A 331 -55.65 50.51 -15.19
C TYR A 331 -55.69 52.01 -14.90
N PHE A 332 -55.11 52.44 -13.79
CA PHE A 332 -55.21 53.82 -13.33
C PHE A 332 -53.83 54.46 -13.15
N MET B 1 -25.40 10.44 23.75
CA MET B 1 -23.95 10.44 23.45
C MET B 1 -23.11 10.77 24.68
N ASN B 2 -22.37 9.78 25.18
CA ASN B 2 -21.28 10.01 26.14
C ASN B 2 -19.99 10.33 25.36
N GLY B 3 -18.93 10.66 26.10
CA GLY B 3 -17.64 10.92 25.50
C GLY B 3 -17.48 12.28 24.81
N LYS B 4 -18.45 13.19 24.92
CA LYS B 4 -18.31 14.51 24.23
C LYS B 4 -17.16 15.30 24.84
N ILE B 5 -16.51 16.12 24.01
CA ILE B 5 -15.56 17.14 24.47
C ILE B 5 -16.21 18.50 24.24
N ALA B 6 -16.16 19.37 25.25
CA ALA B 6 -16.67 20.72 25.15
C ALA B 6 -15.54 21.71 25.47
N LEU B 7 -15.50 22.87 24.80
CA LEU B 7 -14.34 23.76 24.91
C LEU B 7 -14.61 25.26 24.93
N GLU B 8 -15.84 25.67 25.14
CA GLU B 8 -16.10 27.03 25.58
C GLU B 8 -16.78 26.91 26.95
N GLU B 9 -15.97 26.62 27.98
CA GLU B 9 -16.49 26.17 29.27
C GLU B 9 -15.78 27.02 30.30
N HIS B 10 -16.51 27.94 30.92
CA HIS B 10 -15.87 29.04 31.65
C HIS B 10 -15.86 28.84 33.15
N PHE B 11 -14.86 29.44 33.78
CA PHE B 11 -14.79 29.57 35.25
C PHE B 11 -14.24 30.96 35.56
N ALA B 12 -14.33 31.36 36.81
CA ALA B 12 -13.75 32.61 37.26
C ALA B 12 -12.93 32.32 38.50
N THR B 13 -11.95 33.18 38.76
CA THR B 13 -11.31 33.28 40.07
C THR B 13 -11.98 34.43 40.79
N GLU B 14 -11.71 34.56 42.10
CA GLU B 14 -12.30 35.68 42.86
C GLU B 14 -11.82 37.02 42.32
N GLU B 15 -10.60 37.02 41.80
CA GLU B 15 -10.00 38.19 41.19
C GLU B 15 -10.75 38.68 39.93
N THR B 16 -11.34 37.77 39.15
CA THR B 16 -12.02 38.15 37.90
C THR B 16 -13.53 37.97 37.95
N LEU B 17 -14.07 37.54 39.10
CA LEU B 17 -15.47 37.15 39.19
C LEU B 17 -16.43 38.25 38.72
N MET B 18 -16.19 39.47 39.18
CA MET B 18 -17.17 40.56 39.00
C MET B 18 -17.31 41.05 37.56
N ASP B 19 -16.33 40.73 36.71
CA ASP B 19 -16.46 40.94 35.25
C ASP B 19 -17.75 40.33 34.68
N SER B 20 -18.23 39.26 35.29
CA SER B 20 -19.40 38.58 34.75
C SER B 20 -20.74 39.12 35.28
N ALA B 21 -20.70 40.07 36.21
CA ALA B 21 -21.91 40.44 36.96
C ALA B 21 -22.94 41.15 36.09
N GLY B 22 -22.49 41.93 35.13
CA GLY B 22 -23.42 42.70 34.27
C GLY B 22 -24.17 41.91 33.21
N PHE B 23 -23.87 40.61 33.09
CA PHE B 23 -24.41 39.78 32.00
C PHE B 23 -25.72 39.06 32.34
N VAL B 24 -26.13 39.06 33.62
CA VAL B 24 -27.42 38.46 34.03
C VAL B 24 -28.17 39.43 34.96
N PRO B 25 -29.50 39.28 35.07
CA PRO B 25 -30.23 40.11 36.05
C PRO B 25 -29.68 39.91 37.47
N ASP B 26 -29.88 40.89 38.33
CA ASP B 26 -29.41 40.81 39.72
C ASP B 26 -29.86 39.53 40.43
N LYS B 27 -31.12 39.13 40.19
CA LYS B 27 -31.69 37.96 40.87
C LYS B 27 -31.00 36.63 40.51
N ASP B 28 -30.31 36.60 39.36
CA ASP B 28 -29.68 35.38 38.87
C ASP B 28 -28.17 35.33 39.17
N TRP B 29 -27.63 36.43 39.69
CA TRP B 29 -26.20 36.52 39.94
C TRP B 29 -25.76 35.42 40.93
N PRO B 30 -26.51 35.19 42.04
CA PRO B 30 -26.05 34.16 42.98
C PRO B 30 -25.85 32.80 42.31
N GLU B 31 -26.79 32.41 41.45
CA GLU B 31 -26.68 31.15 40.68
C GLU B 31 -25.47 31.19 39.75
N LEU B 32 -25.37 32.24 38.94
CA LEU B 32 -24.21 32.42 38.05
C LEU B 32 -22.83 32.42 38.75
N ARG B 33 -22.68 33.16 39.86
CA ARG B 33 -21.35 33.24 40.51
C ARG B 33 -20.96 31.88 41.10
N SER B 34 -21.96 31.16 41.63
CA SER B 34 -21.75 29.79 42.13
C SER B 34 -21.32 28.82 41.01
N ARG B 35 -21.93 28.92 39.84
CA ARG B 35 -21.47 28.15 38.68
C ARG B 35 -20.03 28.50 38.22
N LEU B 36 -19.73 29.79 38.15
CA LEU B 36 -18.41 30.25 37.70
C LEU B 36 -17.28 29.76 38.58
N LEU B 37 -17.52 29.78 39.90
CA LEU B 37 -16.48 29.45 40.86
C LEU B 37 -16.35 27.95 41.08
N ASP B 38 -17.38 27.19 40.76
CA ASP B 38 -17.30 25.73 40.93
C ASP B 38 -16.70 25.03 39.71
N ILE B 39 -15.62 24.29 39.94
CA ILE B 39 -14.99 23.45 38.91
C ILE B 39 -15.13 21.96 39.23
N GLN B 40 -14.94 21.58 40.49
CA GLN B 40 -14.69 20.18 40.83
C GLN B 40 -15.97 19.37 41.07
N ASP B 41 -17.04 20.03 41.51
CA ASP B 41 -18.20 19.33 42.07
C ASP B 41 -19.45 19.28 41.17
N ARG B 42 -20.30 20.29 41.25
CA ARG B 42 -21.54 20.26 40.45
C ARG B 42 -21.22 20.17 38.95
N ARG B 43 -20.22 20.92 38.51
CA ARG B 43 -19.81 20.93 37.10
C ARG B 43 -19.55 19.52 36.57
N VAL B 44 -18.81 18.70 37.32
CA VAL B 44 -18.52 17.30 36.92
C VAL B 44 -19.77 16.39 36.96
N ARG B 45 -20.61 16.60 37.97
CA ARG B 45 -21.88 15.89 38.08
CA ARG B 45 -21.88 15.86 38.06
C ARG B 45 -22.76 16.21 36.86
N LEU B 46 -22.74 17.47 36.42
CA LEU B 46 -23.55 17.83 35.21
C LEU B 46 -22.94 17.25 33.94
N MET B 47 -21.61 17.18 33.87
CA MET B 47 -20.92 16.45 32.76
C MET B 47 -21.32 14.97 32.72
N ASP B 48 -21.26 14.31 33.89
CA ASP B 48 -21.69 12.92 34.01
C ASP B 48 -23.12 12.71 33.48
N GLU B 49 -24.02 13.60 33.88
CA GLU B 49 -25.42 13.47 33.60
C GLU B 49 -25.74 13.81 32.15
N HIS B 50 -24.81 14.48 31.45
CA HIS B 50 -25.10 14.94 30.09
C HIS B 50 -24.07 14.55 29.07
N GLY B 51 -23.20 13.59 29.43
CA GLY B 51 -22.34 12.89 28.48
C GLY B 51 -21.13 13.65 28.02
N ILE B 52 -20.57 14.46 28.90
CA ILE B 52 -19.36 15.21 28.57
C ILE B 52 -18.23 14.54 29.32
N GLU B 53 -17.23 14.06 28.59
CA GLU B 53 -16.06 13.41 29.17
C GLU B 53 -15.06 14.44 29.62
N THR B 54 -14.88 15.46 28.78
CA THR B 54 -13.84 16.44 28.98
C THR B 54 -14.35 17.85 28.71
N MET B 55 -14.11 18.77 29.66
CA MET B 55 -14.24 20.22 29.40
C MET B 55 -12.86 20.79 29.30
N ILE B 56 -12.61 21.54 28.22
CA ILE B 56 -11.42 22.34 28.13
C ILE B 56 -11.78 23.70 28.73
N LEU B 57 -11.15 24.05 29.86
CA LEU B 57 -11.58 25.21 30.68
C LEU B 57 -10.92 26.54 30.33
N SER B 58 -11.67 27.62 30.40
CA SER B 58 -11.11 28.95 30.18
C SER B 58 -11.66 29.98 31.16
N LEU B 59 -10.82 30.97 31.48
CA LEU B 59 -11.18 32.09 32.35
C LEU B 59 -12.32 32.93 31.72
N ASN B 60 -13.16 33.53 32.55
CA ASN B 60 -14.28 34.35 32.07
C ASN B 60 -13.83 35.64 31.38
N ALA B 61 -14.77 36.49 30.97
CA ALA B 61 -14.49 37.64 30.08
C ALA B 61 -14.99 38.97 30.66
N PRO B 62 -14.33 40.08 30.29
CA PRO B 62 -13.11 40.17 29.46
C PRO B 62 -11.80 39.81 30.18
N ALA B 63 -11.83 39.70 31.51
CA ALA B 63 -10.70 39.26 32.31
C ALA B 63 -9.43 40.02 31.96
N VAL B 64 -8.36 39.30 31.54
CA VAL B 64 -7.04 39.91 31.32
C VAL B 64 -7.06 40.97 30.23
N GLN B 65 -7.96 40.82 29.24
CA GLN B 65 -8.02 41.76 28.12
C GLN B 65 -8.54 43.13 28.49
N ALA B 66 -9.12 43.26 29.67
CA ALA B 66 -9.58 44.54 30.21
C ALA B 66 -8.64 45.17 31.28
N ILE B 67 -7.47 44.58 31.54
CA ILE B 67 -6.52 45.05 32.55
C ILE B 67 -5.44 45.90 31.87
N ALA B 68 -5.61 47.22 31.98
CA ALA B 68 -4.93 48.21 31.15
C ALA B 68 -3.44 48.33 31.44
N ASP B 69 -3.05 48.02 32.67
CA ASP B 69 -1.66 47.96 33.07
C ASP B 69 -1.10 46.59 32.71
N SER B 70 -0.14 46.53 31.76
CA SER B 70 0.30 45.26 31.20
C SER B 70 1.12 44.42 32.16
N THR B 71 1.74 45.08 33.14
CA THR B 71 2.49 44.38 34.18
C THR B 71 1.51 43.58 35.03
N ARG B 72 0.45 44.26 35.47
CA ARG B 72 -0.66 43.69 36.25
C ARG B 72 -1.41 42.61 35.43
N ALA B 73 -1.69 42.90 34.16
CA ALA B 73 -2.31 41.92 33.26
C ALA B 73 -1.51 40.61 33.24
N ASN B 74 -0.20 40.71 33.13
CA ASN B 74 0.65 39.53 33.14
C ASN B 74 0.62 38.80 34.50
N GLU B 75 0.55 39.56 35.60
CA GLU B 75 0.42 38.99 36.95
C GLU B 75 -0.90 38.24 37.16
N THR B 76 -1.98 38.81 36.64
CA THR B 76 -3.29 38.21 36.72
C THR B 76 -3.36 36.93 35.90
N ALA B 77 -2.83 37.01 34.67
CA ALA B 77 -2.83 35.85 33.79
C ALA B 77 -2.07 34.70 34.45
N ARG B 78 -0.90 35.00 35.00
CA ARG B 78 -0.07 33.95 35.58
C ARG B 78 -0.78 33.23 36.73
N ARG B 79 -1.39 34.01 37.63
CA ARG B 79 -2.15 33.47 38.75
C ARG B 79 -3.31 32.61 38.28
N ALA B 80 -4.09 33.12 37.33
CA ALA B 80 -5.23 32.36 36.81
C ALA B 80 -4.80 31.06 36.19
N ASN B 81 -3.71 31.09 35.42
CA ASN B 81 -3.17 29.89 34.83
C ASN B 81 -2.60 28.89 35.85
N ASP B 82 -1.86 29.37 36.84
CA ASP B 82 -1.39 28.48 37.92
C ASP B 82 -2.58 27.80 38.62
N PHE B 83 -3.56 28.61 39.05
CA PHE B 83 -4.83 28.10 39.59
C PHE B 83 -5.48 27.03 38.70
N LEU B 84 -5.66 27.36 37.42
CA LEU B 84 -6.27 26.44 36.47
C LEU B 84 -5.47 25.13 36.36
N ALA B 85 -4.15 25.23 36.29
CA ALA B 85 -3.35 24.00 36.24
C ALA B 85 -3.60 23.12 37.48
N GLU B 86 -3.65 23.75 38.65
CA GLU B 86 -3.94 23.07 39.93
C GLU B 86 -5.31 22.39 39.92
N GLN B 87 -6.31 23.09 39.37
CA GLN B 87 -7.68 22.53 39.30
C GLN B 87 -7.79 21.34 38.34
N VAL B 88 -7.15 21.47 37.17
CA VAL B 88 -7.06 20.38 36.20
C VAL B 88 -6.38 19.16 36.81
N ALA B 89 -5.30 19.38 37.56
CA ALA B 89 -4.55 18.27 38.16
C ALA B 89 -5.37 17.42 39.12
N LYS B 90 -6.40 18.01 39.75
CA LYS B 90 -7.29 17.25 40.62
C LYS B 90 -8.18 16.24 39.87
N GLN B 91 -8.58 16.56 38.64
CA GLN B 91 -9.37 15.60 37.87
C GLN B 91 -8.84 15.57 36.43
N PRO B 92 -7.65 14.97 36.25
CA PRO B 92 -6.93 15.07 34.98
C PRO B 92 -7.61 14.37 33.78
N THR B 93 -8.49 13.42 34.04
CA THR B 93 -9.17 12.71 32.96
C THR B 93 -10.37 13.54 32.48
N ARG B 94 -10.79 14.54 33.23
CA ARG B 94 -12.03 15.25 32.93
C ARG B 94 -11.84 16.67 32.38
N PHE B 95 -10.66 17.23 32.57
CA PHE B 95 -10.40 18.63 32.27
C PHE B 95 -9.14 18.80 31.46
N ARG B 96 -9.10 19.87 30.69
CA ARG B 96 -7.85 20.43 30.21
C ARG B 96 -8.04 21.93 30.34
N GLY B 97 -6.95 22.66 30.12
CA GLY B 97 -6.91 24.11 30.26
C GLY B 97 -6.53 24.85 28.98
N PHE B 98 -7.19 25.98 28.77
CA PHE B 98 -6.74 27.03 27.84
C PHE B 98 -6.06 28.13 28.64
N ALA B 99 -5.01 28.69 28.08
CA ALA B 99 -4.27 29.80 28.70
C ALA B 99 -5.00 31.13 28.60
N ALA B 100 -4.95 31.87 29.71
CA ALA B 100 -5.23 33.30 29.69
C ALA B 100 -3.92 34.04 29.40
N LEU B 101 -3.95 35.04 28.53
CA LEU B 101 -2.70 35.66 28.02
C LEU B 101 -2.74 37.16 28.15
N PRO B 102 -1.60 37.78 28.55
CA PRO B 102 -1.46 39.22 28.63
C PRO B 102 -1.15 39.82 27.26
N MET B 103 -2.15 39.77 26.38
CA MET B 103 -1.99 40.22 24.99
C MET B 103 -1.61 41.71 24.86
N GLN B 104 -1.68 42.45 25.95
CA GLN B 104 -1.20 43.83 25.97
C GLN B 104 0.27 43.93 25.53
N ASP B 105 1.04 42.92 25.86
CA ASP B 105 2.48 42.89 25.57
C ASP B 105 2.78 41.57 24.87
N PRO B 106 3.03 41.60 23.55
CA PRO B 106 3.26 40.45 22.70
C PRO B 106 4.35 39.48 23.20
N GLU B 107 5.45 40.02 23.71
CA GLU B 107 6.52 39.22 24.31
C GLU B 107 6.03 38.48 25.56
N LEU B 108 5.41 39.22 26.48
CA LEU B 108 4.82 38.60 27.68
C LEU B 108 3.78 37.53 27.33
N ALA B 109 2.96 37.76 26.30
CA ALA B 109 1.93 36.77 25.92
C ALA B 109 2.56 35.49 25.39
N ALA B 110 3.59 35.67 24.55
CA ALA B 110 4.28 34.53 23.95
C ALA B 110 4.97 33.73 25.04
N ARG B 111 5.54 34.44 26.02
CA ARG B 111 6.27 33.78 27.09
C ARG B 111 5.30 32.98 27.95
N GLU B 112 4.15 33.58 28.26
CA GLU B 112 3.13 32.90 29.06
C GLU B 112 2.48 31.72 28.32
N LEU B 113 2.14 31.86 27.04
CA LEU B 113 1.70 30.68 26.27
C LEU B 113 2.73 29.52 26.31
N GLU B 114 4.00 29.81 26.05
CA GLU B 114 5.05 28.78 26.16
C GLU B 114 5.04 28.08 27.53
N ARG B 115 4.96 28.88 28.58
CA ARG B 115 4.90 28.35 29.94
C ARG B 115 3.68 27.46 30.13
N CYS B 116 2.51 27.95 29.75
CA CYS B 116 1.29 27.17 29.92
C CYS B 116 1.30 25.86 29.16
N VAL B 117 1.91 25.86 27.96
CA VAL B 117 1.84 24.68 27.12
C VAL B 117 2.94 23.69 27.53
N LYS B 118 4.16 24.18 27.64
CA LYS B 118 5.31 23.28 27.91
C LYS B 118 5.33 22.81 29.36
N GLU B 119 5.09 23.75 30.30
CA GLU B 119 5.16 23.44 31.73
C GLU B 119 3.83 23.03 32.37
N LEU B 120 2.73 23.73 32.08
CA LEU B 120 1.44 23.42 32.71
C LEU B 120 0.56 22.43 31.94
N GLY B 121 0.95 22.03 30.73
CA GLY B 121 0.17 21.07 29.91
C GLY B 121 -1.09 21.60 29.20
N PHE B 122 -1.25 22.92 29.12
CA PHE B 122 -2.45 23.52 28.48
C PHE B 122 -2.44 23.26 26.97
N VAL B 123 -3.61 23.28 26.35
CA VAL B 123 -3.77 22.76 25.00
C VAL B 123 -4.10 23.86 23.97
N GLY B 124 -3.98 25.12 24.38
CA GLY B 124 -4.28 26.25 23.54
C GLY B 124 -4.42 27.51 24.36
N ALA B 125 -4.93 28.57 23.74
CA ALA B 125 -5.18 29.84 24.43
C ALA B 125 -6.58 30.33 24.08
N LEU B 126 -7.17 31.09 24.99
CA LEU B 126 -8.48 31.71 24.79
C LEU B 126 -8.37 33.15 25.19
N VAL B 127 -8.74 34.07 24.28
CA VAL B 127 -8.51 35.48 24.46
C VAL B 127 -9.81 36.19 24.09
N ASN B 128 -10.23 37.12 24.96
CA ASN B 128 -11.53 37.79 24.82
C ASN B 128 -11.41 39.01 23.96
N GLY B 129 -11.14 38.78 22.68
CA GLY B 129 -10.99 39.88 21.70
C GLY B 129 -9.87 40.88 21.97
N PHE B 130 -10.10 42.13 21.59
CA PHE B 130 -9.05 43.16 21.65
C PHE B 130 -8.57 43.42 23.09
N SER B 131 -7.35 43.93 23.22
CA SER B 131 -6.85 44.33 24.54
C SER B 131 -6.83 45.85 24.76
N GLN B 132 -7.04 46.26 26.01
CA GLN B 132 -6.82 47.65 26.45
C GLN B 132 -5.46 47.72 27.10
N ASP B 133 -4.65 48.69 26.67
CA ASP B 133 -3.34 48.97 27.28
C ASP B 133 -3.25 50.48 27.52
N ASN B 134 -2.90 50.90 28.73
N ASN B 134 -2.88 50.90 28.72
CA ASN B 134 -2.66 52.33 29.04
CA ASN B 134 -2.70 52.33 29.03
C ASN B 134 -1.69 52.97 28.04
C ASN B 134 -1.62 53.00 28.16
N ARG B 135 -0.67 52.21 27.66
CA ARG B 135 0.34 52.71 26.70
C ARG B 135 -0.14 52.94 25.25
N SER B 136 -1.31 52.40 24.87
CA SER B 136 -1.86 52.54 23.51
C SER B 136 -3.06 53.48 23.48
N ALA B 137 -3.14 54.36 22.48
CA ALA B 137 -4.32 55.23 22.32
C ALA B 137 -5.50 54.43 21.79
N VAL B 138 -5.23 53.35 21.06
CA VAL B 138 -6.28 52.52 20.45
C VAL B 138 -6.34 51.11 21.05
N PRO B 139 -7.55 50.48 21.00
CA PRO B 139 -7.63 49.08 21.38
C PRO B 139 -6.73 48.25 20.48
N LEU B 140 -6.17 47.19 21.05
CA LEU B 140 -5.21 46.34 20.36
C LEU B 140 -5.88 45.11 19.76
N TYR B 141 -5.82 45.04 18.43
CA TYR B 141 -6.25 43.90 17.63
C TYR B 141 -5.03 43.15 17.18
N TYR B 142 -5.17 41.84 17.04
CA TYR B 142 -4.02 40.96 16.88
C TYR B 142 -3.63 40.74 15.42
N ASP B 143 -4.27 41.46 14.48
CA ASP B 143 -3.71 41.57 13.13
C ASP B 143 -2.52 42.55 13.05
N MET B 144 -2.37 43.40 14.07
CA MET B 144 -1.40 44.50 14.06
C MET B 144 0.01 43.88 14.04
N ALA B 145 0.97 44.57 13.41
CA ALA B 145 2.30 43.98 13.14
C ALA B 145 3.06 43.46 14.37
N GLN B 146 2.91 44.11 15.51
CA GLN B 146 3.62 43.71 16.74
C GLN B 146 3.22 42.32 17.27
N TYR B 147 2.10 41.78 16.81
CA TYR B 147 1.69 40.42 17.21
C TYR B 147 2.20 39.29 16.35
N TRP B 148 2.83 39.57 15.21
CA TRP B 148 3.28 38.49 14.33
C TRP B 148 4.34 37.57 14.96
N PRO B 149 5.27 38.12 15.75
CA PRO B 149 6.18 37.21 16.48
C PRO B 149 5.45 36.35 17.53
N PHE B 150 4.37 36.87 18.08
CA PHE B 150 3.50 36.06 18.93
C PHE B 150 2.84 34.94 18.14
N TRP B 151 2.30 35.24 16.97
CA TRP B 151 1.69 34.18 16.13
C TRP B 151 2.71 33.15 15.67
N GLU B 152 3.95 33.57 15.49
CA GLU B 152 5.00 32.60 15.13
C GLU B 152 5.19 31.56 16.25
N THR B 153 5.07 32.02 17.48
CA THR B 153 5.16 31.17 18.65
C THR B 153 3.96 30.24 18.74
N VAL B 154 2.75 30.77 18.54
CA VAL B 154 1.53 29.92 18.52
C VAL B 154 1.68 28.77 17.52
N GLN B 155 2.12 29.10 16.29
CA GLN B 155 2.32 28.08 15.26
C GLN B 155 3.44 27.09 15.62
N ALA B 156 4.51 27.59 16.23
CA ALA B 156 5.63 26.73 16.63
C ALA B 156 5.19 25.74 17.70
N LEU B 157 4.41 26.22 18.68
CA LEU B 157 3.80 25.34 19.70
C LEU B 157 2.73 24.42 19.10
N ASP B 158 2.12 24.87 18.00
CA ASP B 158 1.09 24.12 17.30
C ASP B 158 -0.09 23.83 18.25
N VAL B 159 -0.59 24.90 18.87
CA VAL B 159 -1.81 24.83 19.67
C VAL B 159 -2.81 25.90 19.13
N PRO B 160 -4.13 25.59 19.18
CA PRO B 160 -5.12 26.59 18.70
C PRO B 160 -5.32 27.84 19.58
N PHE B 161 -5.83 28.90 18.96
CA PHE B 161 -6.12 30.14 19.65
C PHE B 161 -7.62 30.39 19.50
N TYR B 162 -8.32 30.46 20.62
CA TYR B 162 -9.75 30.68 20.66
C TYR B 162 -9.97 32.18 20.78
N LEU B 163 -10.54 32.77 19.72
CA LEU B 163 -10.88 34.15 19.73
C LEU B 163 -12.32 34.32 20.21
N HIS B 164 -12.43 34.60 21.51
CA HIS B 164 -13.69 34.67 22.25
C HIS B 164 -14.23 36.13 22.22
N PRO B 165 -15.54 36.33 22.49
CA PRO B 165 -15.99 37.72 22.44
C PRO B 165 -15.64 38.61 23.59
N ARG B 166 -15.79 39.90 23.34
CA ARG B 166 -16.00 40.88 24.38
C ARG B 166 -16.87 41.96 23.70
N ASN B 167 -17.34 42.90 24.51
CA ASN B 167 -18.09 44.03 24.00
C ASN B 167 -17.17 45.11 23.48
N PRO B 168 -17.65 45.87 22.50
CA PRO B 168 -16.90 47.05 22.08
C PRO B 168 -16.81 48.05 23.21
N LEU B 169 -15.81 48.90 23.16
CA LEU B 169 -15.70 50.05 24.06
C LEU B 169 -16.83 51.05 23.77
N PRO B 170 -17.32 51.78 24.80
CA PRO B 170 -18.46 52.67 24.57
C PRO B 170 -18.35 53.64 23.37
N SER B 171 -17.18 54.24 23.13
CA SER B 171 -17.01 55.16 21.99
C SER B 171 -17.07 54.46 20.59
N ASP B 172 -16.85 53.15 20.61
CA ASP B 172 -17.01 52.29 19.43
C ASP B 172 -18.34 51.54 19.41
N ALA B 173 -19.31 51.98 20.21
CA ALA B 173 -20.59 51.29 20.46
C ALA B 173 -21.79 52.25 20.45
N ARG B 174 -21.64 53.44 19.88
CA ARG B 174 -22.74 54.41 19.84
C ARG B 174 -23.98 53.95 19.12
N ILE B 175 -23.82 53.08 18.13
CA ILE B 175 -24.96 52.49 17.42
C ILE B 175 -25.94 51.74 18.37
N TYR B 176 -25.43 51.30 19.52
CA TYR B 176 -26.23 50.60 20.51
C TYR B 176 -26.68 51.51 21.64
N ASP B 177 -26.32 52.80 21.61
CA ASP B 177 -26.76 53.77 22.64
C ASP B 177 -28.27 53.83 22.74
N GLY B 178 -28.77 53.76 23.99
CA GLY B 178 -30.21 53.59 24.25
C GLY B 178 -30.79 52.23 23.83
N HIS B 179 -29.91 51.29 23.50
CA HIS B 179 -30.28 49.93 23.11
C HIS B 179 -29.25 48.94 23.67
N ALA B 180 -29.00 49.06 24.97
CA ALA B 180 -28.06 48.17 25.70
C ALA B 180 -28.43 46.68 25.60
N TRP B 181 -29.69 46.39 25.32
CA TRP B 181 -30.13 45.01 25.09
C TRP B 181 -29.41 44.31 23.93
N LEU B 182 -28.89 45.10 22.99
CA LEU B 182 -28.10 44.58 21.89
C LEU B 182 -26.64 44.24 22.27
N LEU B 183 -26.15 44.80 23.38
CA LEU B 183 -24.77 44.46 23.84
C LEU B 183 -24.68 43.03 24.26
N GLY B 184 -23.48 42.52 24.41
CA GLY B 184 -23.32 41.15 24.85
C GLY B 184 -23.75 40.11 23.82
N PRO B 185 -24.18 38.95 24.29
CA PRO B 185 -24.38 37.83 23.35
C PRO B 185 -25.54 38.05 22.38
N THR B 186 -26.41 38.96 22.73
CA THR B 186 -27.55 39.23 21.88
C THR B 186 -27.10 39.55 20.46
N TRP B 187 -26.06 40.36 20.35
CA TRP B 187 -25.54 40.76 19.03
C TRP B 187 -24.13 41.33 19.01
N ALA B 188 -23.86 42.29 19.89
CA ALA B 188 -22.59 43.02 19.84
C ALA B 188 -21.34 42.12 19.92
N PHE B 189 -21.37 41.15 20.81
CA PHE B 189 -20.34 40.08 20.89
C PHE B 189 -19.96 39.50 19.51
N GLY B 190 -20.97 39.08 18.74
CA GLY B 190 -20.72 38.46 17.43
C GLY B 190 -20.11 39.43 16.40
N GLN B 191 -20.62 40.65 16.32
CA GLN B 191 -20.07 41.66 15.40
C GLN B 191 -18.61 41.92 15.71
N GLU B 192 -18.33 42.14 16.99
CA GLU B 192 -16.99 42.47 17.44
C GLU B 192 -16.04 41.33 17.07
N THR B 193 -16.50 40.11 17.31
CA THR B 193 -15.65 38.92 17.10
C THR B 193 -15.53 38.53 15.63
N ALA B 194 -16.62 38.65 14.87
CA ALA B 194 -16.52 38.44 13.39
C ALA B 194 -15.53 39.36 12.70
N VAL B 195 -15.52 40.62 13.06
CA VAL B 195 -14.62 41.59 12.44
C VAL B 195 -13.19 41.39 12.90
N HIS B 196 -12.99 41.08 14.18
CA HIS B 196 -11.63 40.73 14.64
C HIS B 196 -11.05 39.58 13.82
N ALA B 197 -11.80 38.49 13.69
CA ALA B 197 -11.42 37.36 12.82
C ALA B 197 -11.09 37.79 11.40
N LEU B 198 -11.95 38.65 10.84
CA LEU B 198 -11.79 39.06 9.46
C LEU B 198 -10.54 39.93 9.29
N ARG B 199 -10.26 40.74 10.29
CA ARG B 199 -9.04 41.55 10.30
C ARG B 199 -7.85 40.63 10.24
N LEU B 200 -7.87 39.55 11.01
CA LEU B 200 -6.79 38.53 10.92
C LEU B 200 -6.63 37.93 9.53
N MET B 201 -7.74 37.50 8.95
CA MET B 201 -7.72 36.86 7.66
C MET B 201 -7.19 37.77 6.55
N GLY B 202 -7.66 39.01 6.50
CA GLY B 202 -7.26 39.92 5.44
C GLY B 202 -5.86 40.49 5.59
N SER B 203 -5.26 40.34 6.77
CA SER B 203 -3.93 40.91 7.09
C SER B 203 -2.78 40.14 6.45
N GLY B 204 -3.03 38.93 5.99
CA GLY B 204 -2.00 38.08 5.41
C GLY B 204 -1.28 37.23 6.44
N LEU B 205 -1.83 37.19 7.65
CA LEU B 205 -1.21 36.48 8.76
C LEU B 205 -1.18 35.01 8.42
N PHE B 206 -2.20 34.55 7.72
CA PHE B 206 -2.27 33.14 7.38
C PHE B 206 -1.49 32.76 6.11
N ASP B 207 -1.05 33.74 5.32
CA ASP B 207 -0.04 33.50 4.27
C ASP B 207 1.30 33.21 4.97
N LYS B 208 1.67 34.03 5.94
CA LYS B 208 2.96 33.90 6.64
C LYS B 208 3.03 32.68 7.56
N TYR B 209 1.94 32.42 8.30
CA TYR B 209 1.87 31.28 9.23
C TYR B 209 0.66 30.39 8.91
N PRO B 210 0.76 29.58 7.85
CA PRO B 210 -0.43 28.87 7.36
C PRO B 210 -0.94 27.73 8.21
N ALA B 211 -0.17 27.25 9.18
CA ALA B 211 -0.64 26.15 10.05
C ALA B 211 -1.39 26.64 11.30
N LEU B 212 -1.55 27.96 11.46
CA LEU B 212 -2.36 28.52 12.57
C LEU B 212 -3.79 27.95 12.58
N LYS B 213 -4.29 27.69 13.79
CA LYS B 213 -5.65 27.20 14.00
CA LYS B 213 -5.65 27.19 14.00
C LYS B 213 -6.38 28.17 14.92
N ILE B 214 -7.41 28.85 14.39
CA ILE B 214 -8.19 29.82 15.14
C ILE B 214 -9.59 29.23 15.40
N ILE B 215 -10.08 29.36 16.63
CA ILE B 215 -11.38 28.80 16.99
C ILE B 215 -12.34 29.96 17.26
N LEU B 216 -13.55 29.87 16.70
CA LEU B 216 -14.64 30.81 17.00
C LEU B 216 -15.83 30.11 17.63
N GLY B 217 -16.39 30.71 18.68
CA GLY B 217 -17.62 30.19 19.30
C GLY B 217 -18.86 30.59 18.53
N HIS B 218 -20.03 30.16 18.98
CA HIS B 218 -21.32 30.72 18.52
C HIS B 218 -21.56 30.54 17.04
N MET B 219 -21.19 29.34 16.59
CA MET B 219 -21.25 28.93 15.19
C MET B 219 -20.57 29.91 14.21
N GLY B 220 -19.52 30.57 14.70
CA GLY B 220 -18.70 31.43 13.88
C GLY B 220 -19.15 32.85 13.74
N GLU B 221 -20.05 33.30 14.64
CA GLU B 221 -20.37 34.71 14.83
C GLU B 221 -20.96 35.32 13.53
N GLY B 222 -21.83 34.56 12.89
CA GLY B 222 -22.52 34.98 11.66
C GLY B 222 -21.68 34.84 10.39
N LEU B 223 -20.41 34.42 10.51
CA LEU B 223 -19.52 34.40 9.34
C LEU B 223 -20.01 33.50 8.20
N PRO B 224 -20.47 32.26 8.50
CA PRO B 224 -20.80 31.38 7.37
C PRO B 224 -21.91 31.88 6.45
N TYR B 225 -22.88 32.59 7.01
CA TYR B 225 -24.01 33.07 6.25
C TYR B 225 -23.59 34.10 5.23
N SER B 226 -22.68 34.99 5.62
CA SER B 226 -22.26 36.11 4.78
C SER B 226 -20.90 35.89 4.11
N MET B 227 -20.29 34.72 4.27
CA MET B 227 -18.93 34.49 3.73
C MET B 227 -18.84 34.59 2.20
N TRP B 228 -19.83 34.06 1.47
CA TRP B 228 -19.86 34.22 0.02
C TRP B 228 -19.82 35.71 -0.34
N ARG B 229 -20.70 36.48 0.28
CA ARG B 229 -20.76 37.93 0.02
C ARG B 229 -19.44 38.68 0.31
N ILE B 230 -18.71 38.27 1.35
CA ILE B 230 -17.48 38.91 1.74
C ILE B 230 -16.50 39.00 0.55
N ASP B 231 -16.34 37.90 -0.18
CA ASP B 231 -15.45 37.85 -1.36
C ASP B 231 -16.15 38.23 -2.66
N HIS B 232 -17.42 37.85 -2.81
CA HIS B 232 -18.07 37.87 -4.13
C HIS B 232 -18.98 39.04 -4.44
N ARG B 233 -19.16 39.96 -3.47
CA ARG B 233 -19.86 41.22 -3.73
C ARG B 233 -19.22 41.94 -4.92
N ASN B 234 -20.06 42.57 -5.74
CA ASN B 234 -19.60 43.31 -6.93
C ASN B 234 -18.68 42.47 -7.84
N ALA B 235 -19.08 41.21 -8.09
CA ALA B 235 -18.23 40.21 -8.76
C ALA B 235 -17.84 40.60 -10.20
N TRP B 236 -18.63 41.44 -10.86
CA TRP B 236 -18.31 41.88 -12.21
C TRP B 236 -17.03 42.70 -12.29
N ILE B 237 -16.64 43.33 -11.18
CA ILE B 237 -15.42 44.06 -11.08
C ILE B 237 -14.26 43.04 -11.02
N LYS B 238 -13.31 43.13 -11.94
CA LYS B 238 -12.14 42.23 -11.90
C LYS B 238 -10.98 43.04 -11.35
N THR B 239 -10.53 42.68 -10.15
CA THR B 239 -9.57 43.50 -9.41
C THR B 239 -8.96 42.70 -8.27
N THR B 240 -7.81 43.13 -7.81
CA THR B 240 -7.17 42.53 -6.65
C THR B 240 -7.81 43.14 -5.41
N PRO B 241 -8.33 42.32 -4.49
CA PRO B 241 -8.84 42.94 -3.25
C PRO B 241 -7.78 43.76 -2.51
N LYS B 242 -8.24 44.80 -1.81
CA LYS B 242 -7.36 45.84 -1.27
C LYS B 242 -6.81 45.53 0.13
N TYR B 243 -6.66 44.25 0.45
CA TYR B 243 -6.12 43.83 1.72
C TYR B 243 -4.79 43.14 1.42
N PRO B 244 -3.85 43.13 2.39
CA PRO B 244 -2.53 42.50 2.13
C PRO B 244 -2.54 41.00 1.85
N ALA B 245 -3.51 40.25 2.39
CA ALA B 245 -3.58 38.81 2.11
C ALA B 245 -3.57 38.48 0.60
N LYS B 246 -3.00 37.36 0.23
CA LYS B 246 -2.88 37.00 -1.20
C LYS B 246 -4.13 36.32 -1.76
N ARG B 247 -4.95 35.71 -0.91
CA ARG B 247 -6.06 34.85 -1.39
C ARG B 247 -7.42 35.40 -0.96
N LYS B 248 -8.47 34.66 -1.28
CA LYS B 248 -9.83 35.02 -0.86
C LYS B 248 -9.95 34.82 0.65
N ILE B 249 -10.79 35.63 1.28
CA ILE B 249 -11.10 35.47 2.73
C ILE B 249 -11.60 34.07 3.03
N VAL B 250 -12.48 33.53 2.17
CA VAL B 250 -13.01 32.18 2.38
C VAL B 250 -11.92 31.09 2.44
N ASP B 251 -10.81 31.28 1.73
CA ASP B 251 -9.72 30.30 1.76
C ASP B 251 -9.12 30.21 3.17
N TYR B 252 -8.95 31.34 3.85
CA TYR B 252 -8.42 31.30 5.22
C TYR B 252 -9.47 30.77 6.22
N PHE B 253 -10.73 31.15 6.01
CA PHE B 253 -11.80 30.63 6.83
C PHE B 253 -11.85 29.11 6.77
N ASN B 254 -11.80 28.56 5.56
CA ASN B 254 -11.88 27.13 5.36
C ASN B 254 -10.66 26.37 5.87
N GLU B 255 -9.49 26.99 5.78
CA GLU B 255 -8.23 26.30 6.06
C GLU B 255 -7.70 26.49 7.49
N ASN B 256 -8.03 27.61 8.11
CA ASN B 256 -7.44 27.97 9.42
C ASN B 256 -8.42 28.10 10.57
N PHE B 257 -9.73 28.02 10.30
CA PHE B 257 -10.74 28.22 11.34
C PHE B 257 -11.53 26.96 11.68
N TYR B 258 -11.93 26.89 12.95
CA TYR B 258 -12.86 25.89 13.46
C TYR B 258 -13.92 26.64 14.21
N LEU B 259 -15.13 26.09 14.20
CA LEU B 259 -16.23 26.76 14.88
C LEU B 259 -16.76 25.87 15.97
N THR B 260 -17.22 26.44 17.07
CA THR B 260 -17.93 25.64 18.05
C THR B 260 -19.42 25.98 18.07
N THR B 261 -20.21 25.10 18.67
CA THR B 261 -21.66 25.27 18.82
C THR B 261 -22.15 26.07 20.05
N SER B 262 -21.24 26.77 20.74
CA SER B 262 -21.56 27.43 22.01
C SER B 262 -22.67 28.44 21.83
N GLY B 263 -23.63 28.43 22.73
CA GLY B 263 -24.67 29.44 22.75
C GLY B 263 -25.40 29.64 21.43
N ASN B 264 -25.43 28.64 20.59
CA ASN B 264 -26.08 28.76 19.28
C ASN B 264 -26.71 27.44 18.85
N PHE B 265 -27.70 27.04 19.64
CA PHE B 265 -28.32 25.72 19.63
C PHE B 265 -29.49 25.74 18.64
N ARG B 266 -29.14 25.88 17.37
CA ARG B 266 -30.12 26.12 16.31
C ARG B 266 -29.71 25.28 15.13
N THR B 267 -30.56 24.32 14.81
CA THR B 267 -30.27 23.35 13.77
C THR B 267 -30.07 23.97 12.39
N GLN B 268 -30.90 24.96 12.04
CA GLN B 268 -30.74 25.61 10.74
C GLN B 268 -29.37 26.25 10.57
N THR B 269 -28.90 26.87 11.64
CA THR B 269 -27.61 27.53 11.72
C THR B 269 -26.49 26.50 11.57
N LEU B 270 -26.63 25.38 12.29
CA LEU B 270 -25.65 24.28 12.16
C LEU B 270 -25.53 23.76 10.74
N ILE B 271 -26.66 23.47 10.11
CA ILE B 271 -26.65 22.95 8.74
C ILE B 271 -26.01 23.96 7.75
N ASP B 272 -26.33 25.24 7.88
CA ASP B 272 -25.72 26.28 7.04
C ASP B 272 -24.20 26.28 7.23
N ALA B 273 -23.73 26.17 8.46
CA ALA B 273 -22.29 26.00 8.74
C ALA B 273 -21.70 24.72 8.15
N ILE B 274 -22.41 23.61 8.29
CA ILE B 274 -21.99 22.34 7.68
C ILE B 274 -21.79 22.49 6.18
N LEU B 275 -22.72 23.18 5.51
CA LEU B 275 -22.70 23.33 4.08
C LEU B 275 -21.78 24.47 3.59
N GLU B 276 -21.13 25.18 4.53
CA GLU B 276 -20.15 26.21 4.21
C GLU B 276 -18.69 25.84 4.57
N ILE B 277 -18.45 25.44 5.81
CA ILE B 277 -17.11 25.09 6.31
C ILE B 277 -16.92 23.56 6.48
N GLY B 278 -18.01 22.81 6.61
CA GLY B 278 -17.93 21.35 6.72
C GLY B 278 -17.93 20.89 8.17
N ALA B 279 -18.54 19.74 8.41
CA ALA B 279 -18.64 19.16 9.74
C ALA B 279 -17.29 18.81 10.40
N ASP B 280 -16.21 18.64 9.61
CA ASP B 280 -14.87 18.35 10.21
C ASP B 280 -14.30 19.57 10.92
N ARG B 281 -14.88 20.75 10.68
CA ARG B 281 -14.38 21.95 11.34
CA ARG B 281 -14.40 21.98 11.31
C ARG B 281 -15.38 22.55 12.34
N ILE B 282 -16.34 21.74 12.76
CA ILE B 282 -17.30 22.15 13.80
C ILE B 282 -17.15 21.27 15.06
N LEU B 283 -17.24 21.92 16.21
CA LEU B 283 -16.98 21.28 17.50
C LEU B 283 -18.07 21.62 18.50
N PHE B 284 -18.53 20.58 19.21
CA PHE B 284 -19.44 20.74 20.34
C PHE B 284 -18.82 21.66 21.40
N SER B 285 -19.59 22.60 21.88
CA SER B 285 -19.25 23.39 23.03
C SER B 285 -20.53 23.90 23.66
N THR B 286 -20.52 24.33 24.92
CA THR B 286 -21.78 24.72 25.60
C THR B 286 -21.92 26.21 25.97
N ASP B 287 -20.81 26.83 26.41
CA ASP B 287 -20.82 28.19 26.99
C ASP B 287 -21.29 28.16 28.49
N TRP B 288 -21.31 26.99 29.11
CA TRP B 288 -21.40 26.91 30.55
C TRP B 288 -20.40 27.87 31.18
N PRO B 289 -20.84 28.64 32.18
CA PRO B 289 -22.15 28.63 32.84
C PRO B 289 -23.16 29.64 32.36
N PHE B 290 -22.87 30.33 31.25
CA PHE B 290 -23.79 31.35 30.72
C PHE B 290 -24.93 30.71 29.95
N GLU B 291 -24.74 29.46 29.53
CA GLU B 291 -25.79 28.62 28.97
C GLU B 291 -25.82 27.35 29.81
N ASN B 292 -26.98 26.73 29.91
CA ASN B 292 -27.07 25.41 30.56
C ASN B 292 -26.49 24.27 29.76
N ILE B 293 -25.75 23.40 30.44
CA ILE B 293 -25.27 22.17 29.88
C ILE B 293 -26.38 21.26 29.34
N ASP B 294 -27.51 21.18 30.06
CA ASP B 294 -28.60 20.32 29.60
C ASP B 294 -29.21 20.81 28.28
N HIS B 295 -29.40 22.11 28.12
CA HIS B 295 -29.92 22.70 26.88
C HIS B 295 -28.96 22.39 25.71
N ALA B 296 -27.66 22.55 25.96
CA ALA B 296 -26.63 22.36 24.92
C ALA B 296 -26.58 20.91 24.47
N ALA B 297 -26.40 20.00 25.44
CA ALA B 297 -26.37 18.56 25.16
C ALA B 297 -27.67 17.99 24.57
N ASP B 298 -28.81 18.42 25.09
CA ASP B 298 -30.11 17.90 24.62
C ASP B 298 -30.37 18.34 23.16
N TRP B 299 -30.05 19.59 22.86
CA TRP B 299 -30.17 20.05 21.47
C TRP B 299 -29.25 19.22 20.55
N PHE B 300 -28.00 19.06 20.98
CA PHE B 300 -27.01 18.48 20.11
C PHE B 300 -27.29 16.99 19.88
N GLU B 301 -27.77 16.31 20.93
CA GLU B 301 -28.18 14.90 20.84
C GLU B 301 -29.07 14.58 19.66
N ASN B 302 -29.96 15.51 19.35
CA ASN B 302 -31.08 15.28 18.47
C ASN B 302 -31.11 16.14 17.22
N THR B 303 -30.10 16.99 17.05
CA THR B 303 -30.04 17.85 15.85
C THR B 303 -29.89 16.99 14.58
N SER B 304 -30.36 17.55 13.49
CA SER B 304 -30.65 16.83 12.23
C SER B 304 -29.46 16.66 11.31
N ILE B 305 -28.53 15.80 11.76
CA ILE B 305 -27.30 15.52 11.08
C ILE B 305 -27.06 14.02 11.15
N SER B 306 -26.07 13.55 10.40
CA SER B 306 -25.71 12.11 10.36
C SER B 306 -25.08 11.71 11.68
N GLU B 307 -25.16 10.43 12.01
CA GLU B 307 -24.51 9.92 13.24
C GLU B 307 -23.00 10.03 13.14
N ALA B 308 -22.46 9.92 11.94
CA ALA B 308 -21.01 10.08 11.75
C ALA B 308 -20.60 11.50 12.14
N ASP B 309 -21.37 12.48 11.68
CA ASP B 309 -21.06 13.88 11.98
C ASP B 309 -21.34 14.25 13.45
N ARG B 310 -22.37 13.64 14.05
CA ARG B 310 -22.65 13.82 15.47
C ARG B 310 -21.45 13.34 16.32
N LYS B 311 -20.87 12.19 15.96
CA LYS B 311 -19.61 11.73 16.62
C LYS B 311 -18.43 12.65 16.39
N LYS B 312 -18.18 13.08 15.15
CA LYS B 312 -17.09 14.01 14.85
C LYS B 312 -17.27 15.35 15.58
N ILE B 313 -18.47 15.95 15.49
CA ILE B 313 -18.69 17.25 16.14
C ILE B 313 -18.67 17.09 17.66
N GLY B 314 -19.27 16.00 18.12
CA GLY B 314 -19.30 15.66 19.55
C GLY B 314 -17.95 15.46 20.22
N TRP B 315 -17.06 14.70 19.58
CA TRP B 315 -15.75 14.39 20.16
C TRP B 315 -14.61 14.12 19.19
N GLY B 316 -14.91 13.56 18.02
CA GLY B 316 -13.88 13.17 17.05
C GLY B 316 -12.97 14.29 16.60
N ASN B 317 -13.56 15.40 16.15
CA ASN B 317 -12.80 16.57 15.70
C ASN B 317 -11.94 17.20 16.79
N ALA B 318 -12.47 17.32 18.01
CA ALA B 318 -11.71 17.92 19.10
C ALA B 318 -10.56 16.97 19.54
N GLN B 319 -10.84 15.69 19.59
CA GLN B 319 -9.79 14.68 19.84
C GLN B 319 -8.62 14.78 18.87
N ASN B 320 -8.91 14.97 17.59
CA ASN B 320 -7.84 15.10 16.62
CA ASN B 320 -7.85 15.11 16.61
C ASN B 320 -7.11 16.43 16.81
N LEU B 321 -7.87 17.51 16.94
CA LEU B 321 -7.31 18.85 17.00
C LEU B 321 -6.38 19.03 18.17
N PHE B 322 -6.81 18.57 19.34
CA PHE B 322 -6.02 18.72 20.57
C PHE B 322 -5.14 17.51 20.87
N LYS B 323 -5.02 16.57 19.94
CA LYS B 323 -4.12 15.43 20.09
C LYS B 323 -4.36 14.68 21.41
N LEU B 324 -5.62 14.43 21.72
CA LEU B 324 -5.98 13.63 22.90
C LEU B 324 -6.05 12.15 22.49
N MET C 1 -48.41 24.15 19.21
CA MET C 1 -49.24 24.70 18.11
C MET C 1 -50.65 24.13 18.14
N ASN C 2 -51.61 24.97 18.51
CA ASN C 2 -53.02 24.60 18.50
C ASN C 2 -53.67 24.82 17.14
N GLY C 3 -54.70 24.04 16.86
CA GLY C 3 -55.50 24.24 15.70
C GLY C 3 -55.00 23.43 14.54
N LYS C 4 -54.22 22.36 14.76
CA LYS C 4 -53.73 21.56 13.62
C LYS C 4 -54.87 20.78 12.96
N ILE C 5 -54.70 20.51 11.67
CA ILE C 5 -55.57 19.61 10.93
C ILE C 5 -54.71 18.40 10.56
N ALA C 6 -55.25 17.23 10.85
CA ALA C 6 -54.60 15.95 10.52
C ALA C 6 -55.51 15.14 9.60
N LEU C 7 -54.99 14.44 8.59
CA LEU C 7 -55.87 13.77 7.60
C LEU C 7 -55.44 12.39 7.12
N GLU C 8 -54.53 11.72 7.84
CA GLU C 8 -54.35 10.29 7.66
C GLU C 8 -54.58 9.68 9.03
N GLU C 9 -55.87 9.57 9.33
CA GLU C 9 -56.33 9.33 10.66
C GLU C 9 -57.37 8.24 10.57
N HIS C 10 -57.01 7.04 11.01
CA HIS C 10 -57.78 5.86 10.67
C HIS C 10 -58.73 5.37 11.80
N PHE C 11 -59.80 4.69 11.37
CA PHE C 11 -60.72 3.95 12.24
C PHE C 11 -61.09 2.66 11.51
N ALA C 12 -61.68 1.74 12.26
CA ALA C 12 -62.29 0.54 11.67
C ALA C 12 -63.71 0.40 12.13
N THR C 13 -64.49 -0.34 11.36
CA THR C 13 -65.76 -0.91 11.82
C THR C 13 -65.46 -2.36 12.20
N GLU C 14 -66.37 -3.01 12.91
CA GLU C 14 -66.17 -4.44 13.22
C GLU C 14 -65.98 -5.26 11.93
N GLU C 15 -66.73 -4.88 10.90
CA GLU C 15 -66.62 -5.49 9.58
C GLU C 15 -65.20 -5.41 8.91
N THR C 16 -64.45 -4.34 9.12
CA THR C 16 -63.09 -4.19 8.50
C THR C 16 -61.94 -4.37 9.47
N LEU C 17 -62.28 -4.52 10.74
CA LEU C 17 -61.29 -4.49 11.82
C LEU C 17 -60.14 -5.48 11.61
N MET C 18 -60.45 -6.72 11.27
CA MET C 18 -59.39 -7.75 11.17
C MET C 18 -58.36 -7.48 10.06
N ASP C 19 -58.66 -6.57 9.13
CA ASP C 19 -57.67 -6.18 8.12
C ASP C 19 -56.39 -5.61 8.73
N SER C 20 -56.48 -4.97 9.90
CA SER C 20 -55.32 -4.33 10.51
C SER C 20 -54.55 -5.25 11.47
N ALA C 21 -55.07 -6.46 11.69
N ALA C 21 -55.12 -6.42 11.73
CA ALA C 21 -54.52 -7.35 12.73
CA ALA C 21 -54.45 -7.43 12.55
C ALA C 21 -53.06 -7.75 12.52
C ALA C 21 -53.33 -8.02 11.71
N GLY C 22 -52.67 -7.99 11.28
N GLY C 22 -52.17 -8.19 12.33
CA GLY C 22 -51.32 -8.49 11.01
CA GLY C 22 -51.01 -8.61 11.60
C GLY C 22 -50.21 -7.47 11.17
C GLY C 22 -50.14 -7.46 11.16
N PHE C 23 -50.59 -6.21 11.35
CA PHE C 23 -49.67 -5.04 11.22
C PHE C 23 -48.95 -4.69 12.52
N VAL C 24 -49.33 -5.34 13.63
CA VAL C 24 -48.59 -5.24 14.89
C VAL C 24 -48.50 -6.62 15.58
N PRO C 25 -47.54 -6.80 16.50
CA PRO C 25 -47.46 -8.09 17.24
C PRO C 25 -48.75 -8.42 18.01
N ASP C 26 -48.97 -9.69 18.32
CA ASP C 26 -50.22 -10.12 19.01
C ASP C 26 -50.42 -9.39 20.33
N LYS C 27 -49.34 -9.23 21.10
CA LYS C 27 -49.45 -8.59 22.42
C LYS C 27 -49.99 -7.15 22.35
N ASP C 28 -49.89 -6.54 21.17
CA ASP C 28 -50.29 -5.17 20.99
C ASP C 28 -51.63 -5.02 20.31
N TRP C 29 -52.25 -6.13 19.93
CA TRP C 29 -53.52 -6.06 19.23
C TRP C 29 -54.62 -5.41 20.08
N PRO C 30 -54.70 -5.73 21.39
CA PRO C 30 -55.80 -5.12 22.19
C PRO C 30 -55.75 -3.59 22.15
N GLU C 31 -54.55 -3.05 22.26
CA GLU C 31 -54.41 -1.58 22.16
C GLU C 31 -54.78 -1.03 20.78
N LEU C 32 -54.23 -1.61 19.71
CA LEU C 32 -54.53 -1.16 18.36
C LEU C 32 -56.04 -1.26 18.04
N ARG C 33 -56.62 -2.41 18.34
N ARG C 33 -56.64 -2.41 18.35
CA ARG C 33 -58.06 -2.64 18.27
CA ARG C 33 -58.09 -2.58 18.21
C ARG C 33 -58.85 -1.51 18.93
C ARG C 33 -58.87 -1.47 18.93
N SER C 34 -58.56 -1.23 20.20
CA SER C 34 -59.28 -0.19 20.94
C SER C 34 -59.11 1.18 20.30
N ARG C 35 -57.90 1.50 19.81
CA ARG C 35 -57.70 2.77 19.10
C ARG C 35 -58.52 2.80 17.81
N LEU C 36 -58.52 1.71 17.03
CA LEU C 36 -59.24 1.69 15.74
C LEU C 36 -60.74 1.88 15.89
N LEU C 37 -61.31 1.33 16.97
CA LEU C 37 -62.76 1.34 17.18
C LEU C 37 -63.22 2.60 17.91
N ASP C 38 -62.31 3.31 18.57
CA ASP C 38 -62.66 4.53 19.26
C ASP C 38 -62.50 5.74 18.37
N ILE C 39 -63.60 6.46 18.19
CA ILE C 39 -63.62 7.75 17.51
C ILE C 39 -63.97 8.92 18.47
N GLN C 40 -65.00 8.75 19.29
CA GLN C 40 -65.55 9.86 20.10
C GLN C 40 -64.82 10.19 21.40
N ASP C 41 -64.12 9.23 21.99
CA ASP C 41 -63.67 9.37 23.40
C ASP C 41 -62.18 9.67 23.46
N ARG C 42 -61.32 8.66 23.62
CA ARG C 42 -59.89 8.93 23.82
C ARG C 42 -59.23 9.66 22.65
N ARG C 43 -59.69 9.38 21.44
CA ARG C 43 -59.17 10.03 20.24
C ARG C 43 -59.28 11.56 20.40
N VAL C 44 -60.45 12.04 20.79
CA VAL C 44 -60.65 13.49 20.93
C VAL C 44 -59.86 14.05 22.10
N ARG C 45 -59.75 13.29 23.20
CA ARG C 45 -58.91 13.73 24.31
C ARG C 45 -57.48 13.90 23.84
N LEU C 46 -56.96 12.95 23.08
CA LEU C 46 -55.58 13.06 22.56
C LEU C 46 -55.43 14.28 21.62
N MET C 47 -56.43 14.52 20.79
CA MET C 47 -56.48 15.70 19.95
C MET C 47 -56.37 16.96 20.78
N ASP C 48 -57.14 17.03 21.85
CA ASP C 48 -57.11 18.16 22.79
C ASP C 48 -55.72 18.34 23.40
N GLU C 49 -55.11 17.24 23.86
CA GLU C 49 -53.80 17.30 24.52
C GLU C 49 -52.62 17.57 23.61
N HIS C 50 -52.81 17.43 22.30
CA HIS C 50 -51.71 17.59 21.34
C HIS C 50 -52.06 18.57 20.20
N GLY C 51 -53.01 19.47 20.45
CA GLY C 51 -53.26 20.64 19.59
C GLY C 51 -53.74 20.33 18.19
N ILE C 52 -54.59 19.31 18.07
CA ILE C 52 -55.25 18.96 16.82
C ILE C 52 -56.72 19.38 16.91
N GLU C 53 -57.12 20.32 16.07
CA GLU C 53 -58.51 20.81 16.05
C GLU C 53 -59.42 19.87 15.24
N THR C 54 -58.91 19.35 14.13
CA THR C 54 -59.72 18.54 13.20
C THR C 54 -58.96 17.33 12.71
N MET C 55 -59.61 16.16 12.75
CA MET C 55 -59.14 14.96 12.07
C MET C 55 -60.07 14.65 10.91
N ILE C 56 -59.50 14.49 9.73
CA ILE C 56 -60.25 14.01 8.60
C ILE C 56 -60.09 12.49 8.64
N LEU C 57 -61.18 11.78 8.88
CA LEU C 57 -61.11 10.37 9.24
C LEU C 57 -61.25 9.46 8.03
N SER C 58 -60.56 8.32 8.05
CA SER C 58 -60.71 7.35 6.99
C SER C 58 -60.70 5.95 7.54
N LEU C 59 -61.37 5.08 6.79
CA LEU C 59 -61.47 3.68 7.10
C LEU C 59 -60.08 3.05 6.95
N ASN C 60 -59.87 1.94 7.63
CA ASN C 60 -58.56 1.28 7.61
C ASN C 60 -58.28 0.52 6.30
N ALA C 61 -57.18 -0.24 6.24
CA ALA C 61 -56.63 -0.77 4.98
C ALA C 61 -56.41 -2.29 5.07
N PRO C 62 -56.59 -3.03 3.95
CA PRO C 62 -57.02 -2.53 2.63
C PRO C 62 -58.51 -2.25 2.54
N ALA C 63 -59.27 -2.83 3.47
CA ALA C 63 -60.73 -2.66 3.55
C ALA C 63 -61.45 -2.92 2.20
N VAL C 64 -62.14 -1.92 1.63
CA VAL C 64 -62.91 -2.13 0.41
C VAL C 64 -62.05 -2.57 -0.80
N GLN C 65 -60.77 -2.19 -0.84
CA GLN C 65 -59.92 -2.58 -1.96
C GLN C 65 -59.58 -4.08 -2.03
N ALA C 66 -59.85 -4.79 -0.93
CA ALA C 66 -59.67 -6.24 -0.88
C ALA C 66 -61.00 -7.01 -0.97
N ILE C 67 -62.11 -6.33 -1.24
CA ILE C 67 -63.38 -7.03 -1.36
C ILE C 67 -63.64 -7.33 -2.84
N ALA C 68 -63.42 -8.59 -3.24
CA ALA C 68 -63.32 -8.92 -4.66
C ALA C 68 -64.65 -9.02 -5.40
N ASP C 69 -65.76 -9.19 -4.68
CA ASP C 69 -67.09 -9.12 -5.28
C ASP C 69 -67.53 -7.66 -5.24
N SER C 70 -67.65 -7.04 -6.40
CA SER C 70 -67.83 -5.59 -6.49
C SER C 70 -69.17 -5.16 -5.90
N THR C 71 -70.16 -6.05 -5.95
CA THR C 71 -71.45 -5.80 -5.33
C THR C 71 -71.33 -5.71 -3.79
N ARG C 72 -70.59 -6.64 -3.18
CA ARG C 72 -70.25 -6.59 -1.74
C ARG C 72 -69.39 -5.38 -1.36
N ALA C 73 -68.37 -5.08 -2.18
CA ALA C 73 -67.49 -3.92 -1.91
C ALA C 73 -68.32 -2.66 -1.82
N ASN C 74 -69.25 -2.49 -2.77
CA ASN C 74 -70.13 -1.33 -2.75
C ASN C 74 -70.98 -1.29 -1.49
N GLU C 75 -71.52 -2.44 -1.08
CA GLU C 75 -72.34 -2.50 0.13
C GLU C 75 -71.53 -2.16 1.37
N THR C 76 -70.32 -2.73 1.47
CA THR C 76 -69.45 -2.46 2.56
C THR C 76 -69.07 -0.98 2.60
N ALA C 77 -68.70 -0.41 1.46
CA ALA C 77 -68.35 1.02 1.40
C ALA C 77 -69.51 1.88 1.89
N ARG C 78 -70.71 1.64 1.38
CA ARG C 78 -71.88 2.41 1.78
C ARG C 78 -72.16 2.34 3.30
N ARG C 79 -71.95 1.17 3.89
CA ARG C 79 -72.17 0.98 5.35
C ARG C 79 -71.14 1.80 6.16
N ALA C 80 -69.89 1.69 5.74
CA ALA C 80 -68.78 2.37 6.39
C ALA C 80 -68.92 3.86 6.24
N ASN C 81 -69.35 4.31 5.07
CA ASN C 81 -69.53 5.72 4.86
C ASN C 81 -70.69 6.29 5.69
N ASP C 82 -71.79 5.55 5.76
CA ASP C 82 -72.96 5.97 6.59
C ASP C 82 -72.56 6.04 8.05
N PHE C 83 -71.81 5.04 8.51
CA PHE C 83 -71.31 5.00 9.90
C PHE C 83 -70.42 6.20 10.20
N LEU C 84 -69.51 6.47 9.27
CA LEU C 84 -68.59 7.58 9.43
C LEU C 84 -69.39 8.87 9.46
N ALA C 85 -70.39 9.03 8.59
CA ALA C 85 -71.19 10.27 8.60
C ALA C 85 -71.92 10.48 9.93
N GLU C 86 -72.46 9.42 10.49
CA GLU C 86 -73.07 9.48 11.85
C GLU C 86 -72.07 9.90 12.95
N GLN C 87 -70.84 9.42 12.88
CA GLN C 87 -69.83 9.70 13.89
C GLN C 87 -69.37 11.15 13.79
N VAL C 88 -69.09 11.61 12.57
CA VAL C 88 -68.73 13.01 12.33
C VAL C 88 -69.81 13.93 12.91
N ALA C 89 -71.06 13.56 12.72
CA ALA C 89 -72.18 14.44 13.16
C ALA C 89 -72.31 14.56 14.68
N LYS C 90 -71.71 13.64 15.44
CA LYS C 90 -71.68 13.75 16.91
C LYS C 90 -70.71 14.83 17.41
N GLN C 91 -69.65 15.12 16.66
CA GLN C 91 -68.68 16.17 17.04
C GLN C 91 -68.25 16.88 15.78
N PRO C 92 -69.19 17.62 15.16
CA PRO C 92 -68.93 18.12 13.82
C PRO C 92 -67.85 19.20 13.74
N THR C 93 -67.44 19.80 14.87
CA THR C 93 -66.34 20.78 14.80
C THR C 93 -64.97 20.09 14.78
N ARG C 94 -64.93 18.79 15.07
CA ARG C 94 -63.64 18.11 15.29
C ARG C 94 -63.30 17.09 14.22
N PHE C 95 -64.27 16.73 13.38
CA PHE C 95 -64.09 15.68 12.41
C PHE C 95 -64.64 16.07 11.03
N ARG C 96 -63.99 15.56 9.98
CA ARG C 96 -64.61 15.38 8.68
C ARG C 96 -64.33 13.95 8.22
N GLY C 97 -64.98 13.54 7.14
CA GLY C 97 -64.77 12.20 6.57
C GLY C 97 -64.21 12.20 5.15
N PHE C 98 -63.34 11.20 4.90
CA PHE C 98 -62.99 10.75 3.55
C PHE C 98 -63.86 9.54 3.19
N ALA C 99 -64.34 9.55 1.95
CA ALA C 99 -65.12 8.44 1.41
C ALA C 99 -64.27 7.17 1.28
N ALA C 100 -64.84 6.05 1.70
CA ALA C 100 -64.41 4.74 1.18
C ALA C 100 -65.17 4.44 -0.13
N LEU C 101 -64.45 3.94 -1.14
CA LEU C 101 -65.04 3.73 -2.47
C LEU C 101 -64.79 2.34 -3.02
N PRO C 102 -65.82 1.79 -3.69
CA PRO C 102 -65.70 0.52 -4.39
C PRO C 102 -65.08 0.69 -5.78
N MET C 103 -63.76 0.85 -5.79
CA MET C 103 -63.02 1.13 -7.02
C MET C 103 -62.99 -0.07 -7.98
N GLN C 104 -63.48 -1.21 -7.52
CA GLN C 104 -63.71 -2.36 -8.41
C GLN C 104 -64.56 -1.98 -9.63
N ASP C 105 -65.52 -1.10 -9.43
CA ASP C 105 -66.44 -0.68 -10.46
C ASP C 105 -66.44 0.84 -10.57
N PRO C 106 -65.90 1.38 -11.67
CA PRO C 106 -65.77 2.84 -11.78
C PRO C 106 -67.10 3.60 -11.60
N GLU C 107 -68.20 3.03 -12.09
CA GLU C 107 -69.48 3.71 -11.99
C GLU C 107 -69.99 3.66 -10.57
N LEU C 108 -69.87 2.52 -9.91
CA LEU C 108 -70.20 2.44 -8.47
C LEU C 108 -69.35 3.40 -7.62
N ALA C 109 -68.06 3.49 -7.91
CA ALA C 109 -67.14 4.37 -7.17
C ALA C 109 -67.54 5.85 -7.36
N ALA C 110 -67.80 6.25 -8.60
CA ALA C 110 -68.19 7.65 -8.87
C ALA C 110 -69.53 8.04 -8.23
N ARG C 111 -70.51 7.14 -8.28
CA ARG C 111 -71.82 7.41 -7.65
C ARG C 111 -71.71 7.49 -6.12
N GLU C 112 -70.87 6.63 -5.52
CA GLU C 112 -70.71 6.68 -4.07
C GLU C 112 -69.94 7.93 -3.64
N LEU C 113 -69.01 8.39 -4.45
CA LEU C 113 -68.30 9.62 -4.13
C LEU C 113 -69.26 10.83 -4.20
N GLU C 114 -70.08 10.89 -5.23
CA GLU C 114 -71.10 11.98 -5.31
C GLU C 114 -71.99 11.97 -4.07
N ARG C 115 -72.44 10.79 -3.65
CA ARG C 115 -73.34 10.67 -2.50
C ARG C 115 -72.62 11.09 -1.23
N CYS C 116 -71.37 10.66 -1.04
CA CYS C 116 -70.63 11.10 0.14
C CYS C 116 -70.39 12.61 0.19
N VAL C 117 -70.06 13.20 -0.95
CA VAL C 117 -69.74 14.63 -1.01
C VAL C 117 -71.02 15.47 -0.93
N LYS C 118 -72.03 15.15 -1.74
CA LYS C 118 -73.25 15.97 -1.80
C LYS C 118 -74.25 15.69 -0.67
N GLU C 119 -74.31 14.46 -0.16
CA GLU C 119 -75.31 14.09 0.86
C GLU C 119 -74.72 13.93 2.25
N LEU C 120 -73.53 13.31 2.34
CA LEU C 120 -72.90 13.14 3.64
C LEU C 120 -71.91 14.26 4.03
N GLY C 121 -71.58 15.17 3.10
CA GLY C 121 -70.65 16.28 3.37
C GLY C 121 -69.17 15.89 3.53
N PHE C 122 -68.77 14.74 2.97
CA PHE C 122 -67.36 14.32 3.01
C PHE C 122 -66.51 15.24 2.13
N VAL C 123 -65.21 15.25 2.37
CA VAL C 123 -64.34 16.28 1.79
C VAL C 123 -63.30 15.71 0.82
N GLY C 124 -63.40 14.42 0.51
CA GLY C 124 -62.45 13.74 -0.37
C GLY C 124 -62.68 12.26 -0.31
N ALA C 125 -61.76 11.50 -0.91
CA ALA C 125 -61.82 10.03 -0.86
C ALA C 125 -60.46 9.51 -0.46
N LEU C 126 -60.47 8.36 0.21
CA LEU C 126 -59.21 7.70 0.55
C LEU C 126 -59.34 6.26 0.12
N VAL C 127 -58.38 5.82 -0.68
CA VAL C 127 -58.41 4.51 -1.29
C VAL C 127 -57.03 3.87 -1.06
N ASN C 128 -57.02 2.57 -0.74
CA ASN C 128 -55.80 1.89 -0.39
C ASN C 128 -55.19 1.19 -1.56
N GLY C 129 -54.61 1.97 -2.48
CA GLY C 129 -53.97 1.39 -3.63
C GLY C 129 -54.88 0.61 -4.56
N PHE C 130 -54.29 -0.36 -5.26
CA PHE C 130 -55.02 -1.15 -6.25
C PHE C 130 -56.21 -1.91 -5.64
N SER C 131 -57.21 -2.18 -6.47
CA SER C 131 -58.37 -3.00 -6.09
C SER C 131 -58.27 -4.45 -6.63
N GLN C 132 -58.77 -5.37 -5.82
CA GLN C 132 -59.02 -6.74 -6.25
C GLN C 132 -60.47 -6.84 -6.72
N ASP C 133 -60.67 -7.38 -7.93
CA ASP C 133 -62.02 -7.64 -8.47
C ASP C 133 -61.98 -9.03 -9.09
N ASN C 134 -62.88 -9.91 -8.64
CA ASN C 134 -63.00 -11.29 -9.16
C ASN C 134 -63.11 -11.37 -10.68
N ARG C 135 -63.69 -10.34 -11.32
CA ARG C 135 -63.85 -10.29 -12.77
C ARG C 135 -62.54 -10.07 -13.54
N SER C 136 -61.53 -9.55 -12.86
CA SER C 136 -60.27 -9.22 -13.48
C SER C 136 -59.20 -10.19 -13.01
N ALA C 137 -58.50 -10.81 -13.95
CA ALA C 137 -57.35 -11.64 -13.63
C ALA C 137 -56.21 -10.83 -13.00
N VAL C 138 -56.19 -9.52 -13.24
CA VAL C 138 -55.07 -8.67 -12.80
C VAL C 138 -55.54 -7.67 -11.73
N PRO C 139 -54.61 -7.22 -10.88
CA PRO C 139 -55.02 -6.14 -9.98
C PRO C 139 -55.35 -4.84 -10.74
N LEU C 140 -56.25 -4.05 -10.18
CA LEU C 140 -56.80 -2.86 -10.84
C LEU C 140 -56.10 -1.57 -10.33
N TYR C 141 -55.41 -0.90 -11.24
CA TYR C 141 -54.76 0.40 -11.00
C TYR C 141 -55.53 1.50 -11.74
N TYR C 142 -55.49 2.72 -11.21
CA TYR C 142 -56.48 3.76 -11.57
C TYR C 142 -56.01 4.67 -12.71
N ASP C 143 -54.88 4.30 -13.32
CA ASP C 143 -54.45 4.86 -14.59
C ASP C 143 -55.17 4.19 -15.75
N MET C 144 -55.77 3.02 -15.51
CA MET C 144 -56.40 2.23 -16.60
C MET C 144 -57.60 3.00 -17.16
N ALA C 145 -57.90 2.81 -18.45
CA ALA C 145 -58.85 3.66 -19.16
C ALA C 145 -60.27 3.71 -18.55
N GLN C 146 -60.73 2.60 -17.97
CA GLN C 146 -62.09 2.56 -17.41
C GLN C 146 -62.25 3.52 -16.22
N TYR C 147 -61.14 3.97 -15.63
CA TYR C 147 -61.22 4.94 -14.53
C TYR C 147 -61.33 6.38 -14.97
N TRP C 148 -61.09 6.66 -16.25
CA TRP C 148 -61.04 8.08 -16.66
C TRP C 148 -62.38 8.80 -16.47
N PRO C 149 -63.52 8.09 -16.65
CA PRO C 149 -64.76 8.78 -16.31
C PRO C 149 -64.96 8.99 -14.81
N PHE C 150 -64.41 8.11 -13.98
CA PHE C 150 -64.40 8.32 -12.53
C PHE C 150 -63.60 9.59 -12.16
N TRP C 151 -62.42 9.75 -12.76
CA TRP C 151 -61.56 10.91 -12.50
C TRP C 151 -62.24 12.20 -12.95
N GLU C 152 -63.02 12.12 -14.03
CA GLU C 152 -63.80 13.27 -14.48
C GLU C 152 -64.80 13.69 -13.40
N THR C 153 -65.38 12.71 -12.69
CA THR C 153 -66.31 12.99 -11.55
C THR C 153 -65.55 13.61 -10.36
N VAL C 154 -64.39 13.07 -10.05
CA VAL C 154 -63.58 13.61 -8.97
C VAL C 154 -63.24 15.07 -9.25
N GLN C 155 -62.82 15.39 -10.48
CA GLN C 155 -62.51 16.79 -10.84
C GLN C 155 -63.75 17.68 -10.76
N ALA C 156 -64.89 17.16 -11.20
CA ALA C 156 -66.16 17.89 -11.19
C ALA C 156 -66.57 18.24 -9.77
N LEU C 157 -66.41 17.27 -8.86
CA LEU C 157 -66.73 17.45 -7.45
C LEU C 157 -65.71 18.38 -6.78
N ASP C 158 -64.54 18.50 -7.40
CA ASP C 158 -63.41 19.30 -6.87
C ASP C 158 -63.00 18.93 -5.44
N VAL C 159 -62.82 17.64 -5.20
CA VAL C 159 -62.33 17.13 -3.92
C VAL C 159 -61.10 16.27 -4.18
N PRO C 160 -60.18 16.20 -3.21
CA PRO C 160 -58.96 15.42 -3.40
C PRO C 160 -59.13 13.93 -3.20
N PHE C 161 -58.11 13.18 -3.65
CA PHE C 161 -58.14 11.73 -3.61
C PHE C 161 -56.83 11.35 -2.95
N TYR C 162 -56.92 10.66 -1.83
CA TYR C 162 -55.78 10.25 -1.01
C TYR C 162 -55.45 8.85 -1.44
N LEU C 163 -54.32 8.69 -2.11
CA LEU C 163 -53.86 7.41 -2.58
C LEU C 163 -52.99 6.81 -1.47
N HIS C 164 -53.62 5.96 -0.66
CA HIS C 164 -52.99 5.41 0.55
C HIS C 164 -52.34 4.05 0.20
N PRO C 165 -51.42 3.56 1.02
CA PRO C 165 -50.84 2.24 0.68
C PRO C 165 -51.69 1.00 0.91
N ARG C 166 -51.30 -0.06 0.22
CA ARG C 166 -51.58 -1.43 0.63
C ARG C 166 -50.35 -2.25 0.25
N ASN C 167 -50.32 -3.51 0.69
CA ASN C 167 -49.26 -4.42 0.24
C ASN C 167 -49.54 -4.99 -1.15
N PRO C 168 -48.45 -5.27 -1.91
CA PRO C 168 -48.61 -5.99 -3.15
C PRO C 168 -49.17 -7.38 -2.87
N LEU C 169 -49.85 -7.93 -3.86
CA LEU C 169 -50.28 -9.33 -3.82
C LEU C 169 -49.01 -10.22 -3.74
N PRO C 170 -49.13 -11.40 -3.11
CA PRO C 170 -47.93 -12.23 -2.91
C PRO C 170 -47.17 -12.57 -4.20
N SER C 171 -47.86 -12.86 -5.29
CA SER C 171 -47.20 -13.15 -6.59
C SER C 171 -46.48 -11.93 -7.18
N ASP C 172 -46.81 -10.73 -6.72
CA ASP C 172 -46.06 -9.52 -7.07
C ASP C 172 -45.09 -9.07 -5.96
N ALA C 173 -44.77 -9.98 -5.04
CA ALA C 173 -44.02 -9.66 -3.83
C ALA C 173 -42.92 -10.68 -3.56
N ARG C 174 -42.44 -11.36 -4.60
CA ARG C 174 -41.45 -12.43 -4.38
C ARG C 174 -40.08 -11.93 -3.93
N ILE C 175 -39.74 -10.67 -4.23
CA ILE C 175 -38.50 -10.03 -3.78
C ILE C 175 -38.43 -9.99 -2.25
N TYR C 176 -39.60 -10.02 -1.63
CA TYR C 176 -39.70 -9.99 -0.17
C TYR C 176 -39.86 -11.37 0.46
N ASP C 177 -39.96 -12.42 -0.37
CA ASP C 177 -40.10 -13.80 0.17
C ASP C 177 -38.94 -14.10 1.11
N GLY C 178 -39.25 -14.59 2.30
CA GLY C 178 -38.23 -14.82 3.31
C GLY C 178 -37.87 -13.56 4.09
N HIS C 179 -38.47 -12.41 3.73
CA HIS C 179 -38.13 -11.11 4.33
C HIS C 179 -39.40 -10.31 4.57
N ALA C 180 -40.35 -10.95 5.22
CA ALA C 180 -41.67 -10.36 5.51
C ALA C 180 -41.56 -9.07 6.34
N TRP C 181 -40.42 -8.88 7.00
CA TRP C 181 -40.17 -7.65 7.74
C TRP C 181 -40.19 -6.40 6.83
N LEU C 182 -39.94 -6.59 5.52
CA LEU C 182 -39.94 -5.48 4.55
C LEU C 182 -41.34 -5.13 4.04
N LEU C 183 -42.32 -5.99 4.30
CA LEU C 183 -43.70 -5.71 3.94
C LEU C 183 -44.26 -4.62 4.85
N GLY C 184 -45.31 -3.97 4.39
CA GLY C 184 -46.02 -3.00 5.20
C GLY C 184 -45.27 -1.70 5.21
N PRO C 185 -45.40 -0.93 6.30
CA PRO C 185 -44.78 0.42 6.33
C PRO C 185 -43.26 0.46 6.26
N THR C 186 -42.57 -0.60 6.70
CA THR C 186 -41.11 -0.64 6.54
C THR C 186 -40.59 -0.21 5.16
N TRP C 187 -41.24 -0.71 4.11
CA TRP C 187 -40.81 -0.48 2.73
C TRP C 187 -41.87 -0.76 1.64
N ALA C 188 -42.45 -1.96 1.65
CA ALA C 188 -43.27 -2.38 0.53
C ALA C 188 -44.48 -1.43 0.24
N PHE C 189 -45.12 -0.91 1.28
CA PHE C 189 -46.18 0.12 1.16
C PHE C 189 -45.71 1.31 0.29
N GLY C 190 -44.50 1.79 0.55
CA GLY C 190 -43.95 2.97 -0.13
C GLY C 190 -43.72 2.70 -1.61
N GLN C 191 -43.05 1.60 -1.93
CA GLN C 191 -42.85 1.21 -3.32
C GLN C 191 -44.17 1.07 -4.12
N GLU C 192 -45.12 0.34 -3.55
CA GLU C 192 -46.43 0.10 -4.18
C GLU C 192 -47.14 1.42 -4.50
N THR C 193 -47.13 2.32 -3.53
CA THR C 193 -47.83 3.60 -3.66
C THR C 193 -47.09 4.59 -4.59
N ALA C 194 -45.76 4.65 -4.46
CA ALA C 194 -44.92 5.47 -5.36
C ALA C 194 -45.13 5.05 -6.80
N VAL C 195 -45.15 3.74 -7.07
CA VAL C 195 -45.34 3.28 -8.45
C VAL C 195 -46.77 3.55 -8.96
N HIS C 196 -47.76 3.35 -8.10
CA HIS C 196 -49.15 3.65 -8.44
C HIS C 196 -49.30 5.13 -8.80
N ALA C 197 -48.71 6.01 -8.00
CA ALA C 197 -48.80 7.47 -8.27
C ALA C 197 -48.13 7.81 -9.61
N LEU C 198 -46.99 7.20 -9.86
CA LEU C 198 -46.27 7.45 -11.10
C LEU C 198 -46.99 6.93 -12.32
N ARG C 199 -47.69 5.82 -12.18
CA ARG C 199 -48.58 5.33 -13.25
C ARG C 199 -49.65 6.37 -13.61
N LEU C 200 -50.32 6.92 -12.60
CA LEU C 200 -51.27 8.03 -12.84
C LEU C 200 -50.60 9.21 -13.61
N MET C 201 -49.41 9.62 -13.17
CA MET C 201 -48.73 10.78 -13.78
C MET C 201 -48.33 10.50 -15.23
N GLY C 202 -47.75 9.33 -15.50
CA GLY C 202 -47.31 8.99 -16.85
C GLY C 202 -48.45 8.74 -17.83
N SER C 203 -49.62 8.40 -17.30
CA SER C 203 -50.75 8.01 -18.14
C SER C 203 -51.33 9.15 -18.98
N GLY C 204 -51.00 10.40 -18.65
CA GLY C 204 -51.66 11.55 -19.26
C GLY C 204 -52.96 11.95 -18.58
N LEU C 205 -53.27 11.34 -17.45
CA LEU C 205 -54.49 11.66 -16.70
C LEU C 205 -54.60 13.14 -16.38
N PHE C 206 -53.47 13.74 -16.00
CA PHE C 206 -53.48 15.12 -15.54
C PHE C 206 -53.40 16.11 -16.67
N ASP C 207 -53.17 15.63 -17.90
CA ASP C 207 -53.34 16.46 -19.11
C ASP C 207 -54.81 16.63 -19.42
N LYS C 208 -55.56 15.55 -19.27
CA LYS C 208 -57.01 15.53 -19.51
C LYS C 208 -57.80 16.22 -18.37
N TYR C 209 -57.40 15.96 -17.12
CA TYR C 209 -58.05 16.49 -15.91
C TYR C 209 -57.07 17.27 -15.04
N PRO C 210 -56.63 18.45 -15.51
CA PRO C 210 -55.53 19.16 -14.84
C PRO C 210 -55.78 19.68 -13.42
N ALA C 211 -57.04 19.74 -12.97
CA ALA C 211 -57.37 20.30 -11.66
C ALA C 211 -57.45 19.24 -10.57
N LEU C 212 -57.24 17.97 -10.92
CA LEU C 212 -57.23 16.89 -9.93
C LEU C 212 -56.17 17.15 -8.86
N LYS C 213 -56.51 16.76 -7.64
CA LYS C 213 -55.61 16.86 -6.51
C LYS C 213 -55.46 15.48 -5.86
N ILE C 214 -54.23 14.94 -5.89
CA ILE C 214 -53.93 13.64 -5.30
C ILE C 214 -53.04 13.84 -4.07
N ILE C 215 -53.33 13.14 -2.99
CA ILE C 215 -52.57 13.28 -1.75
C ILE C 215 -51.85 11.97 -1.50
N LEU C 216 -50.58 12.09 -1.12
CA LEU C 216 -49.79 10.92 -0.73
C LEU C 216 -49.34 11.11 0.73
N GLY C 217 -49.37 10.04 1.50
CA GLY C 217 -48.88 10.11 2.85
C GLY C 217 -47.39 9.83 2.88
N HIS C 218 -46.84 9.79 4.09
CA HIS C 218 -45.46 9.29 4.30
C HIS C 218 -44.42 10.09 3.53
N MET C 219 -44.64 11.40 3.54
CA MET C 219 -43.81 12.39 2.84
C MET C 219 -43.58 12.01 1.38
N GLY C 220 -44.57 11.38 0.78
CA GLY C 220 -44.57 11.11 -0.64
C GLY C 220 -43.89 9.83 -1.03
N GLU C 221 -43.65 8.92 -0.09
CA GLU C 221 -43.28 7.56 -0.42
C GLU C 221 -41.99 7.52 -1.23
N GLY C 222 -41.01 8.33 -0.81
CA GLY C 222 -39.72 8.36 -1.48
C GLY C 222 -39.64 9.24 -2.73
N LEU C 223 -40.78 9.72 -3.24
CA LEU C 223 -40.75 10.37 -4.55
C LEU C 223 -39.86 11.61 -4.62
N PRO C 224 -39.89 12.51 -3.62
CA PRO C 224 -39.04 13.73 -3.76
C PRO C 224 -37.52 13.47 -3.95
N TYR C 225 -37.02 12.45 -3.30
CA TYR C 225 -35.58 12.17 -3.30
C TYR C 225 -35.10 11.80 -4.71
N SER C 226 -35.95 11.06 -5.44
CA SER C 226 -35.58 10.48 -6.71
C SER C 226 -36.32 11.16 -7.87
N MET C 227 -37.02 12.24 -7.60
CA MET C 227 -37.88 12.85 -8.63
C MET C 227 -37.06 13.41 -9.80
N TRP C 228 -35.92 14.01 -9.49
CA TRP C 228 -35.03 14.52 -10.54
C TRP C 228 -34.60 13.39 -11.46
N ARG C 229 -34.14 12.28 -10.89
CA ARG C 229 -33.68 11.12 -11.69
C ARG C 229 -34.76 10.50 -12.57
N ILE C 230 -36.00 10.51 -12.09
CA ILE C 230 -37.13 9.96 -12.87
C ILE C 230 -37.18 10.60 -14.27
N ASP C 231 -37.06 11.93 -14.33
CA ASP C 231 -37.13 12.64 -15.63
C ASP C 231 -35.77 12.77 -16.31
N HIS C 232 -34.72 12.96 -15.52
CA HIS C 232 -33.47 13.44 -16.03
C HIS C 232 -32.38 12.38 -16.18
N ARG C 233 -32.65 11.11 -15.82
CA ARG C 233 -31.67 10.04 -16.12
C ARG C 233 -31.30 10.05 -17.59
N ASN C 234 -30.03 9.77 -17.90
CA ASN C 234 -29.59 9.66 -19.28
C ASN C 234 -29.96 10.93 -20.04
N ALA C 235 -29.69 12.09 -19.43
CA ALA C 235 -30.05 13.42 -20.00
C ALA C 235 -29.46 13.72 -21.37
N TRP C 236 -28.30 13.14 -21.70
CA TRP C 236 -27.69 13.38 -23.00
C TRP C 236 -28.54 12.89 -24.19
N ILE C 237 -29.40 11.90 -23.95
CA ILE C 237 -30.37 11.43 -24.95
C ILE C 237 -31.42 12.52 -25.13
N LYS C 238 -31.61 12.98 -26.38
CA LYS C 238 -32.68 13.97 -26.69
C LYS C 238 -33.82 13.20 -27.36
N THR C 239 -34.88 12.94 -26.59
CA THR C 239 -35.99 12.10 -27.06
C THR C 239 -37.31 12.47 -26.34
N THR C 240 -38.40 11.91 -26.82
CA THR C 240 -39.69 12.08 -26.18
C THR C 240 -39.87 10.88 -25.25
N PRO C 241 -40.14 11.13 -23.95
CA PRO C 241 -40.40 10.00 -23.04
C PRO C 241 -41.52 9.09 -23.57
N LYS C 242 -41.39 7.78 -23.33
CA LYS C 242 -42.30 6.79 -23.86
C LYS C 242 -43.46 6.50 -22.91
N TYR C 243 -44.10 7.56 -22.46
CA TYR C 243 -45.39 7.44 -21.77
C TYR C 243 -46.31 8.40 -22.49
N PRO C 244 -47.64 8.21 -22.37
CA PRO C 244 -48.56 9.09 -23.13
C PRO C 244 -48.73 10.51 -22.60
N ALA C 245 -48.40 10.77 -21.34
CA ALA C 245 -48.42 12.15 -20.84
C ALA C 245 -47.52 13.07 -21.66
N LYS C 246 -47.95 14.33 -21.79
CA LYS C 246 -47.23 15.30 -22.63
C LYS C 246 -46.01 15.97 -21.99
N ARG C 247 -45.96 16.02 -20.68
CA ARG C 247 -44.95 16.78 -19.99
C ARG C 247 -44.07 15.84 -19.13
N LYS C 248 -43.11 16.46 -18.44
CA LYS C 248 -42.25 15.77 -17.48
C LYS C 248 -43.07 15.29 -16.27
N ILE C 249 -42.70 14.17 -15.69
CA ILE C 249 -43.34 13.68 -14.46
C ILE C 249 -43.33 14.72 -13.35
N VAL C 250 -42.19 15.39 -13.14
CA VAL C 250 -42.11 16.41 -12.09
C VAL C 250 -43.20 17.49 -12.25
N ASP C 251 -43.62 17.78 -13.47
CA ASP C 251 -44.66 18.83 -13.69
C ASP C 251 -45.97 18.43 -13.02
N TYR C 252 -46.38 17.17 -13.20
CA TYR C 252 -47.60 16.67 -12.58
C TYR C 252 -47.46 16.52 -11.06
N PHE C 253 -46.32 16.04 -10.61
CA PHE C 253 -46.05 15.98 -9.17
C PHE C 253 -46.19 17.35 -8.52
N ASN C 254 -45.62 18.37 -9.17
CA ASN C 254 -45.62 19.71 -8.57
C ASN C 254 -46.98 20.37 -8.60
N GLU C 255 -47.74 20.07 -9.65
CA GLU C 255 -49.06 20.73 -9.89
C GLU C 255 -50.30 19.98 -9.38
N ASN C 256 -50.22 18.66 -9.23
CA ASN C 256 -51.40 17.84 -8.88
C ASN C 256 -51.31 17.06 -7.57
N PHE C 257 -50.15 17.10 -6.91
CA PHE C 257 -49.90 16.34 -5.68
C PHE C 257 -49.71 17.20 -4.44
N TYR C 258 -50.21 16.67 -3.32
CA TYR C 258 -49.91 17.13 -1.98
C TYR C 258 -49.30 15.94 -1.20
N LEU C 259 -48.43 16.22 -0.23
CA LEU C 259 -47.82 15.16 0.61
C LEU C 259 -48.15 15.41 2.05
N THR C 260 -48.43 14.36 2.83
CA THR C 260 -48.61 14.52 4.26
C THR C 260 -47.40 13.95 4.98
N THR C 261 -47.31 14.33 6.26
CA THR C 261 -46.20 13.93 7.13
C THR C 261 -46.46 12.63 7.89
N SER C 262 -47.53 11.90 7.53
CA SER C 262 -47.90 10.70 8.26
C SER C 262 -46.75 9.68 8.35
N GLY C 263 -46.54 9.16 9.56
CA GLY C 263 -45.51 8.15 9.82
C GLY C 263 -44.12 8.39 9.26
N ASN C 264 -43.71 9.65 9.15
CA ASN C 264 -42.41 9.96 8.61
C ASN C 264 -41.87 11.23 9.26
N PHE C 265 -41.58 11.09 10.56
CA PHE C 265 -41.33 12.21 11.47
C PHE C 265 -39.84 12.45 11.47
N ARG C 266 -39.36 12.97 10.33
CA ARG C 266 -37.95 13.03 10.06
C ARG C 266 -37.66 14.38 9.42
N THR C 267 -36.93 15.22 10.14
CA THR C 267 -36.66 16.57 9.68
C THR C 267 -35.92 16.62 8.33
N GLN C 268 -34.92 15.76 8.15
CA GLN C 268 -34.16 15.76 6.91
C GLN C 268 -35.04 15.48 5.70
N THR C 269 -35.98 14.56 5.90
CA THR C 269 -36.90 14.16 4.86
C THR C 269 -37.87 15.29 4.55
N LEU C 270 -38.42 15.91 5.59
CA LEU C 270 -39.28 17.10 5.41
C LEU C 270 -38.58 18.23 4.66
N ILE C 271 -37.34 18.52 5.03
CA ILE C 271 -36.56 19.59 4.39
C ILE C 271 -36.35 19.25 2.91
N ASP C 272 -35.95 18.01 2.61
CA ASP C 272 -35.82 17.59 1.21
C ASP C 272 -37.13 17.82 0.47
N ALA C 273 -38.25 17.43 1.09
CA ALA C 273 -39.55 17.60 0.40
C ALA C 273 -39.86 19.08 0.19
N ILE C 274 -39.59 19.91 1.20
CA ILE C 274 -39.77 21.38 1.08
C ILE C 274 -38.96 21.94 -0.12
N LEU C 275 -37.74 21.45 -0.31
CA LEU C 275 -36.90 21.93 -1.37
C LEU C 275 -37.19 21.29 -2.71
N GLU C 276 -38.14 20.35 -2.75
CA GLU C 276 -38.56 19.76 -4.01
C GLU C 276 -39.97 20.16 -4.47
N ILE C 277 -40.96 20.01 -3.59
CA ILE C 277 -42.34 20.33 -3.94
C ILE C 277 -42.81 21.64 -3.28
N GLY C 278 -42.13 22.09 -2.22
CA GLY C 278 -42.47 23.34 -1.50
C GLY C 278 -43.43 23.11 -0.34
N ALA C 279 -43.27 23.90 0.71
CA ALA C 279 -44.08 23.78 1.91
C ALA C 279 -45.56 24.00 1.69
N ASP C 280 -45.94 24.75 0.64
CA ASP C 280 -47.36 24.92 0.30
C ASP C 280 -48.11 23.61 -0.05
N ARG C 281 -47.38 22.57 -0.41
CA ARG C 281 -47.98 21.27 -0.77
C ARG C 281 -47.74 20.16 0.24
N ILE C 282 -47.37 20.54 1.45
CA ILE C 282 -47.12 19.57 2.52
C ILE C 282 -48.08 19.83 3.66
N LEU C 283 -48.64 18.72 4.19
CA LEU C 283 -49.71 18.78 5.16
C LEU C 283 -49.32 17.94 6.35
N PHE C 284 -49.60 18.43 7.55
CA PHE C 284 -49.47 17.63 8.75
C PHE C 284 -50.47 16.45 8.74
N SER C 285 -50.04 15.30 9.28
CA SER C 285 -50.91 14.16 9.53
C SER C 285 -50.09 13.21 10.40
N THR C 286 -50.75 12.26 11.06
CA THR C 286 -50.13 11.41 12.09
C THR C 286 -50.04 9.94 11.70
N ASP C 287 -51.07 9.42 11.00
CA ASP C 287 -51.25 7.97 10.79
C ASP C 287 -51.74 7.27 12.07
N TRP C 288 -52.28 8.03 13.01
CA TRP C 288 -53.01 7.41 14.09
C TRP C 288 -53.97 6.41 13.47
N PRO C 289 -54.09 5.22 14.06
CA PRO C 289 -53.52 4.74 15.31
C PRO C 289 -52.27 3.91 15.17
N PHE C 290 -51.80 3.79 13.93
CA PHE C 290 -50.59 3.01 13.66
C PHE C 290 -49.35 3.79 14.12
N GLU C 291 -49.51 5.12 14.23
CA GLU C 291 -48.53 5.97 14.89
C GLU C 291 -49.19 6.72 16.03
N ASN C 292 -48.42 7.04 17.06
CA ASN C 292 -48.90 7.86 18.16
C ASN C 292 -49.13 9.31 17.73
N ILE C 293 -50.26 9.87 18.13
CA ILE C 293 -50.50 11.30 18.00
C ILE C 293 -49.42 12.12 18.74
N ASP C 294 -48.97 11.68 19.90
CA ASP C 294 -47.96 12.47 20.60
C ASP C 294 -46.58 12.47 19.88
N HIS C 295 -46.18 11.34 19.30
CA HIS C 295 -44.94 11.29 18.49
C HIS C 295 -45.02 12.27 17.29
N ALA C 296 -46.14 12.25 16.58
CA ALA C 296 -46.34 13.09 15.40
C ALA C 296 -46.32 14.55 15.79
N ALA C 297 -47.09 14.92 16.81
CA ALA C 297 -47.28 16.32 17.16
C ALA C 297 -46.02 16.91 17.77
N ASP C 298 -45.33 16.16 18.63
CA ASP C 298 -44.08 16.63 19.28
C ASP C 298 -42.91 16.81 18.26
N TRP C 299 -42.77 15.90 17.31
CA TRP C 299 -41.81 16.07 16.23
C TRP C 299 -42.14 17.33 15.41
N PHE C 300 -43.39 17.44 15.01
CA PHE C 300 -43.81 18.58 14.18
C PHE C 300 -43.70 19.93 14.88
N GLU C 301 -44.03 19.99 16.16
CA GLU C 301 -43.93 21.27 16.91
C GLU C 301 -42.52 21.84 16.84
N ASN C 302 -41.49 20.99 16.75
CA ASN C 302 -40.13 21.42 16.88
C ASN C 302 -39.25 21.23 15.63
N THR C 303 -39.80 20.71 14.54
CA THR C 303 -39.00 20.47 13.34
C THR C 303 -38.46 21.81 12.78
N SER C 304 -37.35 21.72 12.07
CA SER C 304 -36.51 22.89 11.82
C SER C 304 -36.93 23.66 10.58
N ILE C 305 -38.07 24.32 10.67
CA ILE C 305 -38.62 25.08 9.56
C ILE C 305 -39.07 26.42 10.11
N SER C 306 -39.48 27.33 9.22
CA SER C 306 -39.93 28.64 9.65
C SER C 306 -41.29 28.52 10.33
N GLU C 307 -41.56 29.46 11.20
CA GLU C 307 -42.87 29.55 11.85
C GLU C 307 -43.99 29.74 10.82
N ALA C 308 -43.72 30.42 9.70
CA ALA C 308 -44.75 30.62 8.65
C ALA C 308 -45.11 29.27 8.04
N ASP C 309 -44.11 28.47 7.74
CA ASP C 309 -44.36 27.14 7.18
C ASP C 309 -44.95 26.14 8.20
N ARG C 310 -44.58 26.30 9.46
CA ARG C 310 -45.14 25.44 10.50
C ARG C 310 -46.67 25.67 10.62
N LYS C 311 -47.12 26.92 10.47
CA LYS C 311 -48.58 27.23 10.40
C LYS C 311 -49.25 26.71 9.11
N LYS C 312 -48.56 26.80 7.97
CA LYS C 312 -49.12 26.32 6.72
C LYS C 312 -49.26 24.79 6.72
N ILE C 313 -48.19 24.09 7.07
CA ILE C 313 -48.21 22.63 7.07
C ILE C 313 -49.15 22.15 8.20
N GLY C 314 -49.11 22.85 9.34
CA GLY C 314 -49.97 22.54 10.50
C GLY C 314 -51.46 22.58 10.21
N TRP C 315 -51.89 23.60 9.49
CA TRP C 315 -53.34 23.76 9.21
C TRP C 315 -53.68 24.67 8.04
N GLY C 316 -52.89 25.71 7.78
CA GLY C 316 -53.22 26.64 6.69
C GLY C 316 -53.44 25.96 5.33
N ASN C 317 -52.56 25.04 4.97
CA ASN C 317 -52.64 24.40 3.64
C ASN C 317 -53.90 23.55 3.58
N ALA C 318 -54.16 22.78 4.65
CA ALA C 318 -55.39 21.94 4.70
C ALA C 318 -56.68 22.79 4.73
N GLN C 319 -56.71 23.89 5.48
CA GLN C 319 -57.91 24.76 5.46
C GLN C 319 -58.25 25.24 4.05
N ASN C 320 -57.22 25.67 3.32
CA ASN C 320 -57.35 26.05 1.91
C ASN C 320 -57.79 24.91 1.00
N LEU C 321 -57.06 23.81 1.04
CA LEU C 321 -57.34 22.66 0.21
C LEU C 321 -58.75 22.10 0.40
N PHE C 322 -59.21 21.98 1.64
CA PHE C 322 -60.53 21.39 1.96
C PHE C 322 -61.61 22.42 2.18
N LYS C 323 -61.34 23.69 1.88
CA LYS C 323 -62.32 24.78 1.98
C LYS C 323 -63.02 24.82 3.34
N LEU C 324 -62.25 24.65 4.41
CA LEU C 324 -62.81 24.47 5.75
C LEU C 324 -63.20 25.77 6.46
N ASN C 325 -62.49 26.86 6.17
CA ASN C 325 -62.73 28.15 6.82
C ASN C 325 -63.78 29.01 6.12
N ASN D 2 -9.64 19.31 -10.80
CA ASN D 2 -8.58 18.29 -11.06
C ASN D 2 -8.53 17.22 -9.96
N GLY D 3 -8.14 16.01 -10.36
CA GLY D 3 -7.83 14.96 -9.40
C GLY D 3 -8.98 14.06 -8.96
N LYS D 4 -10.19 14.19 -9.55
CA LYS D 4 -11.33 13.37 -9.09
C LYS D 4 -11.13 11.88 -9.39
N ILE D 5 -11.70 11.05 -8.53
CA ILE D 5 -11.84 9.61 -8.74
C ILE D 5 -13.31 9.31 -9.01
N ALA D 6 -13.62 8.61 -10.10
CA ALA D 6 -14.99 8.20 -10.42
C ALA D 6 -15.06 6.69 -10.49
N LEU D 7 -16.16 6.09 -10.01
CA LEU D 7 -16.22 4.61 -9.86
C LEU D 7 -17.53 3.91 -10.18
N GLU D 8 -18.42 4.56 -10.91
CA GLU D 8 -19.44 3.82 -11.64
C GLU D 8 -19.24 4.23 -13.10
N GLU D 9 -18.26 3.59 -13.72
CA GLU D 9 -17.72 4.02 -15.03
C GLU D 9 -17.63 2.79 -15.93
N HIS D 10 -18.57 2.67 -16.86
CA HIS D 10 -18.83 1.39 -17.46
C HIS D 10 -18.15 1.19 -18.80
N PHE D 11 -17.83 -0.07 -19.09
CA PHE D 11 -17.42 -0.48 -20.45
C PHE D 11 -18.12 -1.79 -20.80
N ALA D 12 -17.97 -2.19 -22.06
CA ALA D 12 -18.46 -3.47 -22.52
C ALA D 12 -17.42 -4.15 -23.35
N THR D 13 -17.56 -5.48 -23.45
CA THR D 13 -16.87 -6.27 -24.45
C THR D 13 -17.90 -6.60 -25.51
N GLU D 14 -17.41 -7.07 -26.67
CA GLU D 14 -18.28 -7.49 -27.78
C GLU D 14 -19.20 -8.60 -27.34
N GLU D 15 -18.69 -9.39 -26.38
CA GLU D 15 -19.43 -10.48 -25.73
C GLU D 15 -20.65 -9.98 -24.95
N THR D 16 -20.50 -8.87 -24.22
CA THR D 16 -21.59 -8.34 -23.40
C THR D 16 -22.29 -7.10 -23.97
N LEU D 17 -21.87 -6.63 -25.15
CA LEU D 17 -22.33 -5.33 -25.68
C LEU D 17 -23.86 -5.17 -25.79
N MET D 18 -24.52 -6.20 -26.30
CA MET D 18 -25.94 -6.08 -26.66
C MET D 18 -26.86 -6.00 -25.45
N ASP D 19 -26.37 -6.42 -24.28
CA ASP D 19 -27.07 -6.15 -23.01
C ASP D 19 -27.48 -4.68 -22.82
N SER D 20 -26.70 -3.74 -23.37
CA SER D 20 -26.99 -2.32 -23.15
C SER D 20 -27.96 -1.69 -24.19
N ALA D 21 -28.36 -2.45 -25.20
CA ALA D 21 -29.09 -1.94 -26.38
C ALA D 21 -30.50 -1.43 -26.07
N GLY D 22 -31.20 -2.13 -25.19
CA GLY D 22 -32.56 -1.71 -24.85
C GLY D 22 -32.71 -0.44 -24.00
N PHE D 23 -31.58 0.13 -23.54
CA PHE D 23 -31.59 1.22 -22.56
C PHE D 23 -31.57 2.62 -23.16
N VAL D 24 -31.37 2.73 -24.47
CA VAL D 24 -31.49 4.03 -25.17
C VAL D 24 -32.28 3.80 -26.45
N PRO D 25 -32.90 4.88 -27.01
CA PRO D 25 -33.56 4.72 -28.32
C PRO D 25 -32.60 4.24 -29.42
N ASP D 26 -33.12 3.58 -30.45
CA ASP D 26 -32.27 3.04 -31.55
C ASP D 26 -31.33 4.08 -32.18
N LYS D 27 -31.79 5.32 -32.33
CA LYS D 27 -30.99 6.35 -32.99
C LYS D 27 -29.76 6.76 -32.20
N ASP D 28 -29.77 6.53 -30.88
CA ASP D 28 -28.63 6.87 -30.03
C ASP D 28 -27.72 5.67 -29.74
N TRP D 29 -28.11 4.49 -30.22
CA TRP D 29 -27.34 3.27 -29.96
C TRP D 29 -25.93 3.38 -30.53
N PRO D 30 -25.76 3.93 -31.76
CA PRO D 30 -24.37 4.01 -32.26
C PRO D 30 -23.44 4.79 -31.36
N GLU D 31 -23.92 5.92 -30.85
CA GLU D 31 -23.13 6.71 -29.94
C GLU D 31 -22.86 5.90 -28.69
N LEU D 32 -23.90 5.30 -28.09
CA LEU D 32 -23.75 4.54 -26.85
C LEU D 32 -22.77 3.35 -27.00
N ARG D 33 -22.87 2.57 -28.06
CA ARG D 33 -21.93 1.44 -28.21
C ARG D 33 -20.50 1.89 -28.41
N SER D 34 -20.28 2.96 -29.20
CA SER D 34 -18.96 3.55 -29.36
C SER D 34 -18.34 3.95 -28.00
N ARG D 35 -19.14 4.59 -27.16
CA ARG D 35 -18.74 4.94 -25.80
C ARG D 35 -18.38 3.71 -24.96
N LEU D 36 -19.25 2.70 -24.99
CA LEU D 36 -19.03 1.47 -24.21
C LEU D 36 -17.74 0.74 -24.57
N LEU D 37 -17.43 0.68 -25.86
CA LEU D 37 -16.22 -0.03 -26.28
C LEU D 37 -14.94 0.78 -26.17
N ASP D 38 -15.06 2.11 -26.09
CA ASP D 38 -13.88 2.96 -25.98
C ASP D 38 -13.40 3.09 -24.52
N ILE D 39 -12.15 2.69 -24.27
CA ILE D 39 -11.49 2.89 -22.98
C ILE D 39 -10.26 3.80 -23.06
N GLN D 40 -9.45 3.62 -24.10
CA GLN D 40 -8.12 4.25 -24.12
C GLN D 40 -8.12 5.67 -24.65
N ASP D 41 -9.11 6.03 -25.47
CA ASP D 41 -8.99 7.22 -26.32
C ASP D 41 -9.90 8.36 -25.87
N ARG D 42 -11.12 8.40 -26.37
CA ARG D 42 -12.02 9.51 -26.05
C ARG D 42 -12.35 9.54 -24.56
N ARG D 43 -12.49 8.37 -23.95
CA ARG D 43 -12.76 8.30 -22.53
C ARG D 43 -11.77 9.15 -21.73
N VAL D 44 -10.48 8.95 -22.04
CA VAL D 44 -9.37 9.62 -21.32
C VAL D 44 -9.30 11.13 -21.64
N ARG D 45 -9.49 11.41 -22.91
CA ARG D 45 -9.69 12.93 -23.26
CA ARG D 45 -9.81 12.79 -23.26
C ARG D 45 -10.84 13.71 -22.41
N LEU D 46 -11.93 12.92 -22.25
CA LEU D 46 -13.04 13.49 -21.46
C LEU D 46 -12.69 13.58 -19.98
N MET D 47 -11.98 12.58 -19.46
CA MET D 47 -11.37 12.67 -18.12
C MET D 47 -10.42 13.88 -17.97
N ASP D 48 -9.51 14.06 -18.92
CA ASP D 48 -8.62 15.23 -18.92
C ASP D 48 -9.42 16.54 -18.99
N GLU D 49 -10.47 16.55 -19.81
CA GLU D 49 -11.24 17.79 -20.01
C GLU D 49 -12.13 18.16 -18.81
N HIS D 50 -12.43 17.20 -17.95
CA HIS D 50 -13.38 17.42 -16.87
C HIS D 50 -12.87 17.06 -15.49
N GLY D 51 -11.53 17.03 -15.35
CA GLY D 51 -10.87 16.87 -14.06
C GLY D 51 -11.04 15.54 -13.35
N ILE D 52 -11.05 14.43 -14.10
CA ILE D 52 -11.05 13.10 -13.47
C ILE D 52 -9.67 12.49 -13.64
N GLU D 53 -9.01 12.19 -12.53
CA GLU D 53 -7.68 11.54 -12.61
C GLU D 53 -7.79 10.05 -12.88
N THR D 54 -8.77 9.43 -12.24
CA THR D 54 -8.91 7.98 -12.20
C THR D 54 -10.34 7.52 -12.36
N MET D 55 -10.58 6.60 -13.28
CA MET D 55 -11.86 5.92 -13.39
C MET D 55 -11.60 4.53 -12.91
N ILE D 56 -12.50 4.03 -12.05
CA ILE D 56 -12.47 2.63 -11.67
C ILE D 56 -13.53 2.00 -12.54
N LEU D 57 -13.08 1.17 -13.49
CA LEU D 57 -13.92 0.62 -14.54
C LEU D 57 -14.68 -0.66 -14.20
N SER D 58 -15.90 -0.77 -14.70
CA SER D 58 -16.68 -2.00 -14.55
C SER D 58 -17.45 -2.39 -15.81
N LEU D 59 -17.62 -3.70 -15.98
CA LEU D 59 -18.39 -4.26 -17.07
C LEU D 59 -19.84 -3.77 -16.98
N ASN D 60 -20.52 -3.75 -18.11
CA ASN D 60 -21.87 -3.22 -18.18
C ASN D 60 -22.86 -4.22 -17.54
N ALA D 61 -24.16 -4.03 -17.78
CA ALA D 61 -25.24 -4.74 -17.05
C ALA D 61 -26.37 -5.29 -17.96
N PRO D 62 -26.97 -6.43 -17.58
CA PRO D 62 -26.69 -7.25 -16.39
C PRO D 62 -25.45 -8.14 -16.52
N ALA D 63 -24.99 -8.34 -17.77
CA ALA D 63 -23.76 -9.08 -18.06
C ALA D 63 -23.73 -10.48 -17.40
N VAL D 64 -22.73 -10.74 -16.55
CA VAL D 64 -22.54 -12.09 -16.00
C VAL D 64 -23.74 -12.54 -15.16
N GLN D 65 -24.50 -11.59 -14.60
CA GLN D 65 -25.65 -11.89 -13.75
C GLN D 65 -26.88 -12.43 -14.48
N ALA D 66 -26.89 -12.29 -15.81
CA ALA D 66 -27.96 -12.80 -16.66
C ALA D 66 -27.57 -14.10 -17.39
N ILE D 67 -26.40 -14.66 -17.10
CA ILE D 67 -25.94 -15.88 -17.77
C ILE D 67 -26.23 -17.06 -16.89
N ALA D 68 -27.29 -17.78 -17.25
CA ALA D 68 -27.91 -18.82 -16.42
C ALA D 68 -27.05 -20.07 -16.26
N ASP D 69 -26.20 -20.36 -17.24
CA ASP D 69 -25.27 -21.49 -17.15
C ASP D 69 -24.04 -21.02 -16.36
N SER D 70 -23.87 -21.56 -15.14
CA SER D 70 -22.85 -21.08 -14.24
C SER D 70 -21.43 -21.32 -14.76
N THR D 71 -21.25 -22.35 -15.58
CA THR D 71 -19.94 -22.61 -16.19
C THR D 71 -19.62 -21.51 -17.19
N ARG D 72 -20.60 -21.18 -18.04
CA ARG D 72 -20.45 -20.12 -19.04
C ARG D 72 -20.24 -18.74 -18.34
N ALA D 73 -21.00 -18.49 -17.27
CA ALA D 73 -20.83 -17.29 -16.43
C ALA D 73 -19.40 -17.11 -15.94
N ASN D 74 -18.84 -18.18 -15.37
CA ASN D 74 -17.46 -18.15 -14.96
C ASN D 74 -16.47 -17.87 -16.11
N GLU D 75 -16.72 -18.47 -17.27
CA GLU D 75 -15.91 -18.24 -18.47
C GLU D 75 -16.00 -16.80 -18.95
N THR D 76 -17.23 -16.25 -18.99
CA THR D 76 -17.44 -14.89 -19.45
C THR D 76 -16.79 -13.88 -18.52
N ALA D 77 -16.89 -14.15 -17.21
CA ALA D 77 -16.33 -13.28 -16.17
C ALA D 77 -14.83 -13.25 -16.25
N ARG D 78 -14.22 -14.43 -16.39
CA ARG D 78 -12.76 -14.52 -16.53
C ARG D 78 -12.26 -13.76 -17.76
N ARG D 79 -12.98 -13.90 -18.88
CA ARG D 79 -12.61 -13.21 -20.13
C ARG D 79 -12.69 -11.70 -19.94
N ALA D 80 -13.79 -11.23 -19.37
CA ALA D 80 -13.99 -9.80 -19.15
C ALA D 80 -12.92 -9.22 -18.21
N ASN D 81 -12.60 -9.96 -17.15
CA ASN D 81 -11.57 -9.52 -16.21
C ASN D 81 -10.16 -9.52 -16.80
N ASP D 82 -9.84 -10.53 -17.61
CA ASP D 82 -8.54 -10.56 -18.31
C ASP D 82 -8.42 -9.38 -19.29
N PHE D 83 -9.46 -9.13 -20.09
CA PHE D 83 -9.50 -7.95 -20.95
C PHE D 83 -9.33 -6.64 -20.12
N LEU D 84 -10.14 -6.47 -19.08
CA LEU D 84 -10.02 -5.27 -18.25
C LEU D 84 -8.61 -5.04 -17.65
N ALA D 85 -7.99 -6.07 -17.12
CA ALA D 85 -6.62 -5.94 -16.63
C ALA D 85 -5.64 -5.45 -17.74
N GLU D 86 -5.79 -5.99 -18.95
CA GLU D 86 -4.93 -5.58 -20.08
C GLU D 86 -5.10 -4.11 -20.42
N GLN D 87 -6.37 -3.66 -20.41
CA GLN D 87 -6.68 -2.24 -20.67
C GLN D 87 -6.19 -1.32 -19.59
N VAL D 88 -6.36 -1.72 -18.32
CA VAL D 88 -5.82 -0.95 -17.21
C VAL D 88 -4.30 -0.83 -17.33
N ALA D 89 -3.67 -1.92 -17.72
CA ALA D 89 -2.21 -1.93 -17.84
C ALA D 89 -1.71 -0.87 -18.84
N LYS D 90 -2.47 -0.60 -19.89
CA LYS D 90 -2.10 0.42 -20.87
C LYS D 90 -2.00 1.85 -20.30
N GLN D 91 -2.86 2.20 -19.34
CA GLN D 91 -2.80 3.53 -18.73
C GLN D 91 -2.98 3.40 -17.21
N PRO D 92 -1.96 2.84 -16.52
CA PRO D 92 -2.13 2.43 -15.12
C PRO D 92 -2.36 3.58 -14.14
N THR D 93 -1.88 4.79 -14.43
CA THR D 93 -2.17 5.93 -13.56
C THR D 93 -3.60 6.45 -13.73
N ARG D 94 -4.28 6.03 -14.80
CA ARG D 94 -5.61 6.58 -15.12
C ARG D 94 -6.79 5.67 -14.79
N PHE D 95 -6.54 4.38 -14.61
CA PHE D 95 -7.58 3.37 -14.41
C PHE D 95 -7.29 2.40 -13.28
N ARG D 96 -8.39 1.88 -12.73
CA ARG D 96 -8.42 0.64 -11.95
C ARG D 96 -9.60 -0.17 -12.41
N GLY D 97 -9.61 -1.42 -11.97
CA GLY D 97 -10.65 -2.35 -12.29
C GLY D 97 -11.43 -2.81 -11.07
N PHE D 98 -12.75 -2.96 -11.27
CA PHE D 98 -13.61 -3.80 -10.44
C PHE D 98 -13.85 -5.14 -11.14
N ALA D 99 -13.88 -6.21 -10.37
CA ALA D 99 -14.16 -7.53 -10.88
C ALA D 99 -15.60 -7.78 -11.34
N ALA D 100 -15.75 -8.49 -12.45
CA ALA D 100 -17.02 -9.15 -12.78
C ALA D 100 -17.01 -10.54 -12.15
N LEU D 101 -18.11 -10.95 -11.54
CA LEU D 101 -18.16 -12.19 -10.75
C LEU D 101 -19.30 -13.11 -11.13
N PRO D 102 -19.02 -14.44 -11.22
CA PRO D 102 -20.03 -15.44 -11.50
C PRO D 102 -20.73 -15.84 -10.20
N MET D 103 -21.62 -14.98 -9.74
CA MET D 103 -22.27 -15.11 -8.45
C MET D 103 -23.26 -16.25 -8.43
N GLN D 104 -23.48 -16.86 -9.59
CA GLN D 104 -24.32 -18.03 -9.69
C GLN D 104 -23.75 -19.14 -8.81
N ASP D 105 -22.43 -19.15 -8.67
CA ASP D 105 -21.70 -20.15 -7.91
C ASP D 105 -20.80 -19.43 -6.89
N PRO D 106 -21.22 -19.44 -5.62
CA PRO D 106 -20.49 -18.76 -4.57
C PRO D 106 -18.99 -19.10 -4.53
N GLU D 107 -18.63 -20.35 -4.78
CA GLU D 107 -17.21 -20.70 -4.79
C GLU D 107 -16.45 -20.19 -6.00
N LEU D 108 -17.04 -20.30 -7.18
CA LEU D 108 -16.41 -19.73 -8.37
C LEU D 108 -16.23 -18.21 -8.22
N ALA D 109 -17.21 -17.55 -7.61
CA ALA D 109 -17.15 -16.09 -7.44
C ALA D 109 -16.02 -15.71 -6.51
N ALA D 110 -15.88 -16.47 -5.42
CA ALA D 110 -14.87 -16.20 -4.43
C ALA D 110 -13.47 -16.38 -4.99
N ARG D 111 -13.31 -17.42 -5.80
CA ARG D 111 -12.01 -17.71 -6.45
C ARG D 111 -11.68 -16.64 -7.48
N GLU D 112 -12.68 -16.23 -8.26
CA GLU D 112 -12.46 -15.19 -9.25
C GLU D 112 -12.13 -13.86 -8.59
N LEU D 113 -12.83 -13.49 -7.52
CA LEU D 113 -12.44 -12.30 -6.75
C LEU D 113 -10.99 -12.36 -6.22
N GLU D 114 -10.60 -13.48 -5.60
CA GLU D 114 -9.21 -13.68 -5.16
C GLU D 114 -8.22 -13.48 -6.32
N ARG D 115 -8.52 -14.11 -7.45
CA ARG D 115 -7.67 -13.95 -8.62
C ARG D 115 -7.65 -12.48 -9.04
N CYS D 116 -8.81 -11.84 -9.15
CA CYS D 116 -8.81 -10.42 -9.55
C CYS D 116 -8.01 -9.50 -8.67
N VAL D 117 -8.09 -9.71 -7.36
CA VAL D 117 -7.45 -8.80 -6.41
C VAL D 117 -5.95 -9.11 -6.35
N LYS D 118 -5.60 -10.39 -6.15
CA LYS D 118 -4.20 -10.79 -5.95
C LYS D 118 -3.37 -10.85 -7.24
N GLU D 119 -3.96 -11.35 -8.32
CA GLU D 119 -3.23 -11.50 -9.59
C GLU D 119 -3.43 -10.29 -10.54
N LEU D 120 -4.64 -9.76 -10.66
CA LEU D 120 -4.87 -8.64 -11.60
C LEU D 120 -4.83 -7.23 -10.98
N GLY D 121 -4.81 -7.13 -9.65
CA GLY D 121 -4.71 -5.82 -8.96
C GLY D 121 -6.02 -5.04 -8.93
N PHE D 122 -7.15 -5.71 -9.04
CA PHE D 122 -8.46 -5.03 -9.03
C PHE D 122 -8.73 -4.59 -7.59
N VAL D 123 -9.59 -3.58 -7.45
CA VAL D 123 -9.77 -2.92 -6.16
C VAL D 123 -11.12 -3.21 -5.51
N GLY D 124 -11.86 -4.14 -6.09
CA GLY D 124 -13.23 -4.48 -5.64
C GLY D 124 -13.99 -5.29 -6.69
N ALA D 125 -15.29 -5.49 -6.43
CA ALA D 125 -16.20 -6.17 -7.36
C ALA D 125 -17.41 -5.27 -7.61
N LEU D 126 -18.01 -5.43 -8.77
CA LEU D 126 -19.29 -4.82 -9.10
C LEU D 126 -20.21 -5.86 -9.72
N VAL D 127 -21.36 -6.03 -9.10
CA VAL D 127 -22.32 -7.08 -9.45
C VAL D 127 -23.64 -6.39 -9.63
N ASN D 128 -24.30 -6.71 -10.73
CA ASN D 128 -25.55 -6.10 -11.12
C ASN D 128 -26.72 -6.88 -10.53
N GLY D 129 -26.86 -6.78 -9.21
CA GLY D 129 -28.02 -7.36 -8.55
C GLY D 129 -28.02 -8.89 -8.53
N PHE D 130 -29.21 -9.43 -8.41
CA PHE D 130 -29.43 -10.88 -8.30
C PHE D 130 -28.91 -11.63 -9.54
N SER D 131 -28.71 -12.93 -9.39
CA SER D 131 -28.24 -13.76 -10.50
C SER D 131 -29.31 -14.74 -10.92
N GLN D 132 -29.30 -15.04 -12.23
CA GLN D 132 -30.09 -16.10 -12.81
C GLN D 132 -29.19 -17.30 -12.91
N ASP D 133 -29.72 -18.46 -12.50
CA ASP D 133 -28.99 -19.73 -12.56
C ASP D 133 -30.00 -20.85 -12.91
N ASN D 134 -29.71 -21.64 -13.94
CA ASN D 134 -30.59 -22.73 -14.38
C ASN D 134 -30.89 -23.75 -13.28
N ARG D 135 -29.93 -23.95 -12.39
CA ARG D 135 -30.09 -24.89 -11.27
C ARG D 135 -31.06 -24.39 -10.17
N SER D 136 -31.48 -23.14 -10.23
CA SER D 136 -32.31 -22.49 -9.20
C SER D 136 -33.64 -22.03 -9.76
N ALA D 137 -34.72 -22.37 -9.04
CA ALA D 137 -36.07 -21.95 -9.43
C ALA D 137 -36.31 -20.47 -9.15
N VAL D 138 -35.47 -19.90 -8.29
CA VAL D 138 -35.60 -18.51 -7.87
C VAL D 138 -34.31 -17.72 -8.21
N PRO D 139 -34.45 -16.39 -8.45
CA PRO D 139 -33.28 -15.52 -8.56
C PRO D 139 -32.46 -15.56 -7.29
N LEU D 140 -31.16 -15.44 -7.43
CA LEU D 140 -30.25 -15.52 -6.29
C LEU D 140 -29.88 -14.13 -5.75
N TYR D 141 -30.22 -13.91 -4.50
CA TYR D 141 -29.86 -12.71 -3.76
C TYR D 141 -28.76 -13.10 -2.77
N TYR D 142 -27.87 -12.16 -2.45
CA TYR D 142 -26.63 -12.48 -1.76
C TYR D 142 -26.71 -12.42 -0.24
N ASP D 143 -27.93 -12.21 0.27
CA ASP D 143 -28.20 -12.48 1.68
C ASP D 143 -28.36 -13.99 1.97
N MET D 144 -28.60 -14.81 0.94
CA MET D 144 -28.93 -16.22 1.14
C MET D 144 -27.70 -16.93 1.74
N ALA D 145 -27.93 -17.90 2.63
CA ALA D 145 -26.85 -18.55 3.43
C ALA D 145 -25.64 -19.04 2.61
N GLN D 146 -25.89 -19.54 1.40
CA GLN D 146 -24.78 -20.08 0.58
C GLN D 146 -23.73 -19.04 0.17
N TYR D 147 -24.08 -17.74 0.24
CA TYR D 147 -23.08 -16.67 0.00
C TYR D 147 -22.23 -16.27 1.18
N TRP D 148 -22.54 -16.73 2.41
CA TRP D 148 -21.79 -16.22 3.56
C TRP D 148 -20.27 -16.51 3.51
N PRO D 149 -19.88 -17.70 3.03
CA PRO D 149 -18.45 -17.97 2.80
C PRO D 149 -17.83 -17.07 1.70
N PHE D 150 -18.63 -16.71 0.69
CA PHE D 150 -18.20 -15.69 -0.28
C PHE D 150 -17.95 -14.34 0.42
N TRP D 151 -18.89 -13.91 1.26
CA TRP D 151 -18.70 -12.65 2.01
C TRP D 151 -17.52 -12.72 2.97
N GLU D 152 -17.25 -13.89 3.55
CA GLU D 152 -16.08 -14.00 4.43
C GLU D 152 -14.82 -13.72 3.63
N THR D 153 -14.79 -14.20 2.38
CA THR D 153 -13.66 -13.96 1.50
C THR D 153 -13.57 -12.47 1.15
N VAL D 154 -14.69 -11.83 0.84
CA VAL D 154 -14.67 -10.39 0.55
C VAL D 154 -14.07 -9.61 1.70
N GLN D 155 -14.54 -9.87 2.91
CA GLN D 155 -14.00 -9.19 4.10
C GLN D 155 -12.51 -9.47 4.29
N ALA D 156 -12.07 -10.72 4.10
CA ALA D 156 -10.64 -11.05 4.22
C ALA D 156 -9.77 -10.33 3.16
N LEU D 157 -10.29 -10.18 1.95
CA LEU D 157 -9.59 -9.40 0.91
C LEU D 157 -9.57 -7.92 1.29
N ASP D 158 -10.59 -7.51 2.05
CA ASP D 158 -10.78 -6.12 2.47
C ASP D 158 -10.92 -5.21 1.24
N VAL D 159 -11.77 -5.64 0.30
CA VAL D 159 -12.10 -4.79 -0.85
C VAL D 159 -13.62 -4.58 -0.90
N PRO D 160 -14.08 -3.39 -1.32
CA PRO D 160 -15.55 -3.17 -1.39
C PRO D 160 -16.30 -3.95 -2.50
N PHE D 161 -17.59 -4.17 -2.27
CA PHE D 161 -18.48 -4.80 -3.23
C PHE D 161 -19.52 -3.73 -3.67
N TYR D 162 -19.55 -3.43 -4.95
CA TYR D 162 -20.52 -2.47 -5.56
C TYR D 162 -21.79 -3.20 -5.98
N LEU D 163 -22.89 -2.96 -5.26
CA LEU D 163 -24.16 -3.58 -5.62
C LEU D 163 -24.86 -2.62 -6.61
N HIS D 164 -24.73 -2.97 -7.89
CA HIS D 164 -25.21 -2.16 -9.02
C HIS D 164 -26.63 -2.66 -9.38
N PRO D 165 -27.42 -1.81 -10.06
CA PRO D 165 -28.74 -2.33 -10.44
C PRO D 165 -28.84 -3.33 -11.62
N ARG D 166 -29.97 -4.00 -11.67
CA ARG D 166 -30.54 -4.59 -12.89
C ARG D 166 -32.06 -4.47 -12.74
N ASN D 167 -32.77 -4.81 -13.81
CA ASN D 167 -34.21 -4.87 -13.79
C ASN D 167 -34.71 -6.17 -13.17
N PRO D 168 -35.86 -6.12 -12.51
CA PRO D 168 -36.48 -7.36 -12.07
C PRO D 168 -36.84 -8.24 -13.25
N LEU D 169 -36.89 -9.54 -13.02
CA LEU D 169 -37.45 -10.45 -13.99
C LEU D 169 -38.92 -10.10 -14.27
N PRO D 170 -39.42 -10.34 -15.50
CA PRO D 170 -40.83 -10.01 -15.84
C PRO D 170 -41.96 -10.48 -14.88
N SER D 171 -41.85 -11.69 -14.35
CA SER D 171 -42.88 -12.18 -13.44
C SER D 171 -42.84 -11.45 -12.07
N ASP D 172 -41.72 -10.79 -11.78
CA ASP D 172 -41.57 -9.95 -10.60
C ASP D 172 -41.73 -8.44 -10.92
N ALA D 173 -42.31 -8.13 -12.08
CA ALA D 173 -42.36 -6.74 -12.59
C ALA D 173 -43.73 -6.42 -13.14
N ARG D 174 -44.76 -7.14 -12.71
CA ARG D 174 -46.08 -6.94 -13.28
C ARG D 174 -46.66 -5.57 -12.94
N ILE D 175 -46.22 -4.98 -11.83
CA ILE D 175 -46.63 -3.62 -11.49
C ILE D 175 -46.27 -2.57 -12.58
N TYR D 176 -45.29 -2.89 -13.43
CA TYR D 176 -44.85 -1.97 -14.47
C TYR D 176 -45.36 -2.42 -15.84
N ASP D 177 -46.22 -3.43 -15.88
CA ASP D 177 -46.77 -3.94 -17.14
C ASP D 177 -47.58 -2.82 -17.76
N GLY D 178 -47.35 -2.58 -19.05
CA GLY D 178 -47.99 -1.46 -19.75
C GLY D 178 -47.38 -0.11 -19.40
N HIS D 179 -46.28 -0.14 -18.66
CA HIS D 179 -45.58 1.06 -18.17
C HIS D 179 -44.08 0.81 -18.14
N ALA D 180 -43.57 0.31 -19.26
CA ALA D 180 -42.15 -0.03 -19.42
C ALA D 180 -41.27 1.17 -19.23
N TRP D 181 -41.82 2.38 -19.37
CA TRP D 181 -41.03 3.61 -19.11
C TRP D 181 -40.47 3.71 -17.68
N LEU D 182 -41.11 3.00 -16.75
CA LEU D 182 -40.66 2.92 -15.37
C LEU D 182 -39.52 1.92 -15.14
N LEU D 183 -39.30 1.02 -16.08
CA LEU D 183 -38.18 0.09 -15.99
C LEU D 183 -36.86 0.83 -16.15
N GLY D 184 -35.79 0.24 -15.65
CA GLY D 184 -34.47 0.83 -15.86
C GLY D 184 -34.22 1.97 -14.89
N PRO D 185 -33.31 2.90 -15.26
CA PRO D 185 -32.91 3.96 -14.31
C PRO D 185 -34.07 4.89 -13.84
N THR D 186 -35.15 4.95 -14.60
CA THR D 186 -36.26 5.79 -14.23
C THR D 186 -36.81 5.47 -12.83
N TRP D 187 -36.88 4.18 -12.50
CA TRP D 187 -37.40 3.77 -11.21
C TRP D 187 -37.08 2.33 -10.82
N ALA D 188 -37.40 1.38 -11.70
CA ALA D 188 -37.25 -0.03 -11.32
C ALA D 188 -35.83 -0.46 -10.88
N PHE D 189 -34.79 0.09 -11.48
CA PHE D 189 -33.39 -0.11 -11.00
C PHE D 189 -33.24 0.17 -9.52
N GLY D 190 -33.69 1.36 -9.10
CA GLY D 190 -33.59 1.80 -7.71
C GLY D 190 -34.35 0.90 -6.72
N GLN D 191 -35.61 0.57 -7.02
CA GLN D 191 -36.39 -0.30 -6.14
C GLN D 191 -35.68 -1.65 -5.95
N GLU D 192 -35.20 -2.24 -7.05
CA GLU D 192 -34.58 -3.58 -7.05
C GLU D 192 -33.33 -3.59 -6.18
N THR D 193 -32.51 -2.56 -6.34
CA THR D 193 -31.27 -2.42 -5.61
C THR D 193 -31.46 -2.02 -4.15
N ALA D 194 -32.40 -1.10 -3.88
CA ALA D 194 -32.71 -0.75 -2.46
C ALA D 194 -33.08 -1.98 -1.65
N VAL D 195 -34.02 -2.76 -2.19
CA VAL D 195 -34.48 -3.96 -1.52
C VAL D 195 -33.38 -5.03 -1.43
N HIS D 196 -32.60 -5.22 -2.50
CA HIS D 196 -31.44 -6.13 -2.37
C HIS D 196 -30.51 -5.71 -1.20
N ALA D 197 -30.17 -4.43 -1.12
CA ALA D 197 -29.33 -3.92 -0.04
C ALA D 197 -29.95 -4.10 1.34
N LEU D 198 -31.26 -3.87 1.43
CA LEU D 198 -31.99 -4.04 2.70
C LEU D 198 -32.01 -5.51 3.13
N ARG D 199 -32.15 -6.42 2.17
CA ARG D 199 -32.10 -7.84 2.43
C ARG D 199 -30.74 -8.21 3.04
N LEU D 200 -29.65 -7.67 2.47
CA LEU D 200 -28.31 -7.86 3.07
C LEU D 200 -28.23 -7.38 4.51
N MET D 201 -28.68 -6.16 4.76
CA MET D 201 -28.67 -5.55 6.10
C MET D 201 -29.48 -6.33 7.15
N GLY D 202 -30.69 -6.76 6.80
CA GLY D 202 -31.58 -7.42 7.77
C GLY D 202 -31.20 -8.87 8.04
N SER D 203 -30.42 -9.46 7.12
CA SER D 203 -30.00 -10.86 7.20
C SER D 203 -29.04 -11.15 8.35
N GLY D 204 -28.38 -10.11 8.86
CA GLY D 204 -27.39 -10.26 9.90
C GLY D 204 -26.00 -10.45 9.36
N LEU D 205 -25.83 -10.32 8.04
CA LEU D 205 -24.53 -10.49 7.41
C LEU D 205 -23.47 -9.60 8.02
N PHE D 206 -23.87 -8.38 8.36
CA PHE D 206 -22.92 -7.41 8.89
C PHE D 206 -22.71 -7.57 10.42
N ASP D 207 -23.51 -8.40 11.07
CA ASP D 207 -23.17 -8.85 12.43
C ASP D 207 -22.00 -9.82 12.34
N LYS D 208 -22.09 -10.76 11.40
CA LYS D 208 -21.04 -11.77 11.21
C LYS D 208 -19.75 -11.19 10.63
N TYR D 209 -19.87 -10.34 9.60
CA TYR D 209 -18.71 -9.80 8.90
C TYR D 209 -18.78 -8.27 8.94
N PRO D 210 -18.43 -7.67 10.09
CA PRO D 210 -18.68 -6.24 10.28
C PRO D 210 -17.82 -5.27 9.50
N ALA D 211 -16.72 -5.73 8.91
CA ALA D 211 -15.83 -4.81 8.20
C ALA D 211 -16.13 -4.77 6.70
N LEU D 212 -17.15 -5.51 6.26
CA LEU D 212 -17.63 -5.42 4.87
C LEU D 212 -17.98 -3.99 4.47
N LYS D 213 -17.69 -3.63 3.22
CA LYS D 213 -18.04 -2.32 2.67
C LYS D 213 -18.84 -2.52 1.39
N ILE D 214 -20.09 -2.04 1.40
CA ILE D 214 -20.98 -2.22 0.26
C ILE D 214 -21.16 -0.82 -0.35
N ILE D 215 -21.09 -0.72 -1.67
CA ILE D 215 -21.24 0.59 -2.35
C ILE D 215 -22.52 0.55 -3.17
N LEU D 216 -23.32 1.63 -3.08
CA LEU D 216 -24.51 1.81 -3.91
C LEU D 216 -24.40 3.10 -4.74
N GLY D 217 -24.80 3.03 -5.99
CA GLY D 217 -24.78 4.19 -6.84
C GLY D 217 -26.05 5.00 -6.68
N HIS D 218 -26.23 6.06 -7.47
CA HIS D 218 -27.52 6.76 -7.58
C HIS D 218 -28.01 7.33 -6.24
N MET D 219 -27.04 7.87 -5.51
CA MET D 219 -27.26 8.42 -4.17
C MET D 219 -27.99 7.45 -3.21
N GLY D 220 -27.73 6.18 -3.44
CA GLY D 220 -28.20 5.15 -2.53
C GLY D 220 -29.61 4.70 -2.81
N GLU D 221 -30.12 4.91 -4.04
CA GLU D 221 -31.34 4.25 -4.51
C GLU D 221 -32.56 4.55 -3.61
N GLY D 222 -32.65 5.80 -3.19
CA GLY D 222 -33.77 6.22 -2.33
C GLY D 222 -33.64 5.96 -0.85
N LEU D 223 -32.63 5.18 -0.43
CA LEU D 223 -32.59 4.73 0.97
C LEU D 223 -32.54 5.84 2.00
N PRO D 224 -31.71 6.90 1.79
CA PRO D 224 -31.57 7.92 2.83
C PRO D 224 -32.86 8.67 3.18
N TYR D 225 -33.74 8.89 2.21
CA TYR D 225 -34.98 9.62 2.42
C TYR D 225 -35.94 8.85 3.32
N SER D 226 -35.96 7.52 3.13
CA SER D 226 -36.88 6.65 3.82
C SER D 226 -36.25 5.86 4.98
N MET D 227 -34.99 6.16 5.34
CA MET D 227 -34.23 5.29 6.31
C MET D 227 -34.77 5.38 7.72
N TRP D 228 -35.16 6.57 8.15
CA TRP D 228 -35.80 6.75 9.43
C TRP D 228 -37.06 5.85 9.49
N ARG D 229 -37.94 5.94 8.51
CA ARG D 229 -39.15 5.16 8.47
C ARG D 229 -38.92 3.63 8.53
N ILE D 230 -37.87 3.16 7.88
CA ILE D 230 -37.57 1.73 7.87
C ILE D 230 -37.51 1.12 9.29
N ASP D 231 -36.81 1.80 10.19
CA ASP D 231 -36.69 1.35 11.59
C ASP D 231 -37.77 1.91 12.52
N HIS D 232 -38.21 3.15 12.30
CA HIS D 232 -39.02 3.87 13.27
C HIS D 232 -40.54 3.89 13.05
N ARG D 233 -41.00 3.31 11.94
CA ARG D 233 -42.44 3.16 11.69
C ARG D 233 -43.08 2.43 12.87
N ASN D 234 -44.32 2.80 13.22
CA ASN D 234 -45.05 2.18 14.35
C ASN D 234 -44.22 2.14 15.64
N ALA D 235 -43.55 3.26 15.93
CA ALA D 235 -42.59 3.35 17.06
C ALA D 235 -43.17 3.09 18.46
N TRP D 236 -44.46 3.37 18.63
CA TRP D 236 -45.14 3.07 19.92
C TRP D 236 -45.10 1.57 20.30
N ILE D 237 -44.96 0.71 19.30
CA ILE D 237 -44.78 -0.71 19.52
C ILE D 237 -43.38 -0.95 20.09
N LYS D 238 -43.30 -1.64 21.24
CA LYS D 238 -42.02 -2.04 21.84
C LYS D 238 -41.80 -3.52 21.54
N THR D 239 -40.86 -3.81 20.64
CA THR D 239 -40.71 -5.17 20.14
C THR D 239 -39.37 -5.35 19.47
N THR D 240 -39.00 -6.60 19.23
CA THR D 240 -37.76 -6.87 18.54
C THR D 240 -38.13 -7.02 17.08
N PRO D 241 -37.46 -6.26 16.18
CA PRO D 241 -37.73 -6.50 14.74
C PRO D 241 -37.59 -7.98 14.31
N LYS D 242 -38.36 -8.36 13.30
CA LYS D 242 -38.48 -9.76 12.86
C LYS D 242 -37.56 -10.05 11.67
N TYR D 243 -36.32 -9.57 11.79
CA TYR D 243 -35.26 -10.00 10.89
C TYR D 243 -34.15 -10.56 11.76
N PRO D 244 -33.27 -11.41 11.20
CA PRO D 244 -32.20 -12.01 11.99
C PRO D 244 -31.12 -11.06 12.50
N ALA D 245 -30.93 -9.91 11.85
CA ALA D 245 -29.89 -8.99 12.32
C ALA D 245 -30.21 -8.49 13.72
N LYS D 246 -29.14 -8.17 14.46
CA LYS D 246 -29.27 -7.84 15.88
C LYS D 246 -29.57 -6.37 16.13
N ARG D 247 -29.22 -5.50 15.19
CA ARG D 247 -29.30 -4.06 15.42
C ARG D 247 -30.31 -3.42 14.44
N LYS D 248 -30.46 -2.10 14.51
CA LYS D 248 -31.29 -1.37 13.56
C LYS D 248 -30.67 -1.35 12.17
N ILE D 249 -31.53 -1.33 11.14
CA ILE D 249 -31.10 -1.25 9.73
C ILE D 249 -30.20 -0.03 9.53
N VAL D 250 -30.58 1.11 10.09
CA VAL D 250 -29.75 2.33 9.97
C VAL D 250 -28.32 2.14 10.47
N ASP D 251 -28.14 1.30 11.47
CA ASP D 251 -26.76 1.03 11.95
C ASP D 251 -25.82 0.44 10.90
N TYR D 252 -26.31 -0.57 10.17
CA TYR D 252 -25.59 -1.20 9.06
C TYR D 252 -25.44 -0.26 7.86
N PHE D 253 -26.48 0.52 7.59
CA PHE D 253 -26.38 1.53 6.54
C PHE D 253 -25.28 2.52 6.88
N ASN D 254 -25.28 3.05 8.12
CA ASN D 254 -24.26 4.04 8.48
C ASN D 254 -22.86 3.45 8.56
N GLU D 255 -22.72 2.18 8.93
CA GLU D 255 -21.38 1.61 9.19
C GLU D 255 -20.76 0.79 8.03
N ASN D 256 -21.61 0.23 7.17
CA ASN D 256 -21.13 -0.66 6.11
C ASN D 256 -21.35 -0.19 4.69
N PHE D 257 -22.02 0.95 4.51
CA PHE D 257 -22.36 1.41 3.16
C PHE D 257 -21.69 2.75 2.80
N TYR D 258 -21.42 2.87 1.49
CA TYR D 258 -20.96 4.08 0.86
C TYR D 258 -21.89 4.32 -0.31
N LEU D 259 -22.12 5.58 -0.64
CA LEU D 259 -23.03 5.92 -1.75
C LEU D 259 -22.26 6.71 -2.82
N THR D 260 -22.59 6.53 -4.08
CA THR D 260 -21.98 7.38 -5.09
C THR D 260 -23.05 8.33 -5.69
N THR D 261 -22.58 9.34 -6.40
CA THR D 261 -23.43 10.37 -7.05
C THR D 261 -23.86 10.00 -8.48
N SER D 262 -23.69 8.74 -8.89
CA SER D 262 -23.86 8.37 -10.29
C SER D 262 -25.30 8.62 -10.71
N GLY D 263 -25.50 9.18 -11.89
CA GLY D 263 -26.83 9.42 -12.41
C GLY D 263 -27.85 10.05 -11.47
N ASN D 264 -27.39 10.87 -10.54
CA ASN D 264 -28.29 11.51 -9.61
C ASN D 264 -27.77 12.87 -9.23
N PHE D 265 -27.72 13.72 -10.25
CA PHE D 265 -27.04 15.01 -10.17
C PHE D 265 -27.98 16.08 -9.63
N ARG D 266 -28.35 15.92 -8.36
CA ARG D 266 -29.41 16.72 -7.76
C ARG D 266 -28.92 17.15 -6.38
N THR D 267 -28.71 18.46 -6.24
CA THR D 267 -28.19 19.03 -5.02
C THR D 267 -29.06 18.76 -3.78
N GLN D 268 -30.37 18.80 -3.94
CA GLN D 268 -31.25 18.52 -2.78
C GLN D 268 -31.04 17.09 -2.24
N THR D 269 -30.94 16.17 -3.18
CA THR D 269 -30.78 14.75 -2.89
C THR D 269 -29.42 14.55 -2.19
N LEU D 270 -28.39 15.22 -2.72
CA LEU D 270 -27.05 15.16 -2.10
C LEU D 270 -27.02 15.68 -0.67
N ILE D 271 -27.61 16.84 -0.43
CA ILE D 271 -27.70 17.38 0.92
C ILE D 271 -28.47 16.44 1.87
N ASP D 272 -29.59 15.86 1.43
CA ASP D 272 -30.36 14.92 2.24
C ASP D 272 -29.44 13.73 2.63
N ALA D 273 -28.69 13.22 1.67
CA ALA D 273 -27.71 12.14 1.94
C ALA D 273 -26.64 12.59 2.91
N ILE D 274 -26.15 13.81 2.75
CA ILE D 274 -25.10 14.33 3.64
C ILE D 274 -25.59 14.38 5.08
N LEU D 275 -26.84 14.80 5.26
CA LEU D 275 -27.46 14.91 6.59
C LEU D 275 -28.03 13.61 7.13
N GLU D 276 -27.90 12.52 6.37
CA GLU D 276 -28.29 11.17 6.83
C GLU D 276 -27.11 10.22 7.03
N ILE D 277 -26.23 10.10 6.03
CA ILE D 277 -25.09 9.15 6.12
C ILE D 277 -23.75 9.87 6.29
N GLY D 278 -23.69 11.17 5.97
CA GLY D 278 -22.47 11.96 6.12
C GLY D 278 -21.66 12.02 4.83
N ALA D 279 -20.98 13.13 4.63
CA ALA D 279 -20.17 13.34 3.43
C ALA D 279 -18.96 12.42 3.37
N ASP D 280 -18.46 11.92 4.49
CA ASP D 280 -17.36 10.93 4.47
C ASP D 280 -17.72 9.60 3.75
N ARG D 281 -19.02 9.32 3.57
CA ARG D 281 -19.49 8.09 2.91
C ARG D 281 -20.13 8.30 1.55
N ILE D 282 -19.93 9.49 0.97
CA ILE D 282 -20.41 9.78 -0.37
C ILE D 282 -19.24 9.98 -1.35
N LEU D 283 -19.36 9.39 -2.54
CA LEU D 283 -18.28 9.38 -3.50
C LEU D 283 -18.81 9.93 -4.84
N PHE D 284 -18.02 10.80 -5.48
CA PHE D 284 -18.21 11.19 -6.89
C PHE D 284 -18.18 9.97 -7.79
N SER D 285 -19.15 9.89 -8.70
CA SER D 285 -19.17 8.99 -9.81
C SER D 285 -20.09 9.54 -10.88
N THR D 286 -19.96 9.05 -12.09
CA THR D 286 -20.71 9.64 -13.22
C THR D 286 -21.78 8.74 -13.84
N ASP D 287 -21.54 7.42 -13.90
CA ASP D 287 -22.36 6.49 -14.73
C ASP D 287 -22.04 6.60 -16.26
N TRP D 288 -20.99 7.31 -16.65
CA TRP D 288 -20.58 7.24 -18.01
C TRP D 288 -20.48 5.74 -18.44
N PRO D 289 -20.96 5.40 -19.65
CA PRO D 289 -21.40 6.28 -20.69
C PRO D 289 -22.89 6.49 -20.76
N PHE D 290 -23.63 5.99 -19.75
CA PHE D 290 -25.06 6.16 -19.71
C PHE D 290 -25.45 7.59 -19.29
N GLU D 291 -24.55 8.29 -18.63
CA GLU D 291 -24.66 9.71 -18.33
C GLU D 291 -23.42 10.34 -18.89
N ASN D 292 -23.53 11.59 -19.32
CA ASN D 292 -22.36 12.40 -19.72
C ASN D 292 -21.45 12.76 -18.57
N ILE D 293 -20.15 12.66 -18.85
CA ILE D 293 -19.10 13.10 -17.94
C ILE D 293 -19.17 14.60 -17.70
N ASP D 294 -19.49 15.37 -18.74
CA ASP D 294 -19.58 16.79 -18.55
C ASP D 294 -20.73 17.20 -17.56
N HIS D 295 -21.89 16.57 -17.72
CA HIS D 295 -23.03 16.78 -16.86
C HIS D 295 -22.67 16.47 -15.41
N ALA D 296 -21.97 15.34 -15.21
CA ALA D 296 -21.63 14.89 -13.87
C ALA D 296 -20.65 15.87 -13.20
N ALA D 297 -19.56 16.16 -13.89
CA ALA D 297 -18.52 17.06 -13.38
C ALA D 297 -19.01 18.47 -13.17
N ASP D 298 -19.78 18.99 -14.13
CA ASP D 298 -20.29 20.37 -14.01
C ASP D 298 -21.25 20.56 -12.83
N TRP D 299 -22.13 19.59 -12.63
CA TRP D 299 -23.03 19.64 -11.46
C TRP D 299 -22.20 19.59 -10.17
N PHE D 300 -21.24 18.67 -10.13
CA PHE D 300 -20.54 18.39 -8.88
C PHE D 300 -19.64 19.57 -8.49
N GLU D 301 -18.98 20.15 -9.49
CA GLU D 301 -18.14 21.35 -9.32
C GLU D 301 -18.83 22.47 -8.54
N ASN D 302 -20.11 22.64 -8.79
CA ASN D 302 -20.87 23.79 -8.29
C ASN D 302 -21.97 23.47 -7.28
N THR D 303 -22.13 22.20 -6.90
CA THR D 303 -23.16 21.84 -5.94
C THR D 303 -22.88 22.53 -4.57
N SER D 304 -23.93 22.69 -3.78
CA SER D 304 -23.96 23.60 -2.62
C SER D 304 -23.47 22.98 -1.31
N ILE D 305 -22.17 22.64 -1.30
CA ILE D 305 -21.53 21.98 -0.18
C ILE D 305 -20.22 22.72 0.13
N SER D 306 -19.58 22.39 1.26
CA SER D 306 -18.33 23.04 1.66
C SER D 306 -17.22 22.59 0.73
N GLU D 307 -16.18 23.40 0.61
CA GLU D 307 -15.08 23.02 -0.26
C GLU D 307 -14.38 21.79 0.33
N ALA D 308 -14.32 21.69 1.65
CA ALA D 308 -13.72 20.51 2.30
C ALA D 308 -14.47 19.25 1.87
N ASP D 309 -15.80 19.30 1.87
CA ASP D 309 -16.57 18.11 1.47
C ASP D 309 -16.53 17.85 -0.03
N ARG D 310 -16.44 18.92 -0.83
CA ARG D 310 -16.26 18.74 -2.27
C ARG D 310 -14.94 17.96 -2.55
N LYS D 311 -13.88 18.23 -1.80
CA LYS D 311 -12.65 17.44 -1.95
C LYS D 311 -12.78 15.99 -1.45
N LYS D 312 -13.42 15.79 -0.31
CA LYS D 312 -13.65 14.43 0.19
C LYS D 312 -14.49 13.63 -0.81
N ILE D 313 -15.60 14.23 -1.28
CA ILE D 313 -16.48 13.48 -2.14
C ILE D 313 -15.85 13.29 -3.53
N GLY D 314 -15.12 14.28 -3.97
CA GLY D 314 -14.51 14.25 -5.30
C GLY D 314 -13.38 13.24 -5.43
N TRP D 315 -12.59 13.08 -4.36
CA TRP D 315 -11.41 12.17 -4.37
C TRP D 315 -10.89 11.68 -3.02
N GLY D 316 -11.01 12.49 -1.96
CA GLY D 316 -10.50 12.11 -0.65
C GLY D 316 -11.07 10.81 -0.11
N ASN D 317 -12.38 10.66 -0.15
CA ASN D 317 -13.03 9.42 0.38
C ASN D 317 -12.64 8.15 -0.40
N ALA D 318 -12.58 8.28 -1.72
CA ALA D 318 -12.17 7.17 -2.57
C ALA D 318 -10.69 6.81 -2.41
N GLN D 319 -9.81 7.80 -2.27
CA GLN D 319 -8.38 7.52 -2.06
C GLN D 319 -8.18 6.66 -0.80
N ASN D 320 -8.87 7.02 0.28
N ASN D 320 -8.89 7.02 0.27
CA ASN D 320 -8.84 6.26 1.52
CA ASN D 320 -8.87 6.30 1.53
C ASN D 320 -9.44 4.88 1.36
C ASN D 320 -9.48 4.91 1.45
N LEU D 321 -10.64 4.81 0.81
CA LEU D 321 -11.36 3.55 0.70
C LEU D 321 -10.58 2.50 -0.10
N PHE D 322 -10.03 2.91 -1.24
CA PHE D 322 -9.34 2.00 -2.12
C PHE D 322 -7.82 1.96 -1.93
N LYS D 323 -7.32 2.68 -0.92
CA LYS D 323 -5.91 2.65 -0.54
C LYS D 323 -4.95 3.11 -1.66
N LEU D 324 -5.33 4.15 -2.41
CA LEU D 324 -4.58 4.56 -3.61
C LEU D 324 -3.37 5.48 -3.32
N ASN E 2 22.37 -10.42 -25.25
CA ASN E 2 21.91 -9.04 -25.54
C ASN E 2 21.05 -8.42 -24.44
N GLY E 3 20.97 -7.11 -24.46
CA GLY E 3 20.03 -6.44 -23.65
C GLY E 3 20.50 -6.13 -22.24
N LYS E 4 21.80 -6.13 -21.95
CA LYS E 4 22.22 -5.80 -20.57
C LYS E 4 21.95 -4.33 -20.22
N ILE E 5 21.72 -4.08 -18.93
CA ILE E 5 21.71 -2.71 -18.39
C ILE E 5 22.99 -2.55 -17.57
N ALA E 6 23.74 -1.46 -17.78
CA ALA E 6 24.98 -1.17 -17.04
C ALA E 6 24.79 0.20 -16.36
N LEU E 7 25.23 0.37 -15.12
CA LEU E 7 24.95 1.64 -14.36
C LEU E 7 26.10 2.26 -13.54
N GLU E 8 27.34 1.87 -13.80
CA GLU E 8 28.52 2.61 -13.33
C GLU E 8 29.36 2.91 -14.59
N GLU E 9 28.85 3.90 -15.32
CA GLU E 9 29.23 4.18 -16.66
C GLU E 9 29.46 5.70 -16.74
N HIS E 10 30.71 6.13 -16.82
CA HIS E 10 31.05 7.51 -16.47
C HIS E 10 31.32 8.36 -17.73
N PHE E 11 31.07 9.66 -17.62
CA PHE E 11 31.44 10.65 -18.62
C PHE E 11 32.03 11.88 -17.85
N ALA E 12 32.72 12.76 -18.56
CA ALA E 12 33.16 14.05 -18.00
C ALA E 12 32.64 15.17 -18.90
N THR E 13 32.43 16.35 -18.34
CA THR E 13 32.41 17.58 -19.15
C THR E 13 33.80 18.17 -19.12
N GLU E 14 34.07 19.17 -19.97
CA GLU E 14 35.37 19.83 -19.89
C GLU E 14 35.61 20.44 -18.48
N GLU E 15 34.54 20.88 -17.85
CA GLU E 15 34.59 21.41 -16.49
C GLU E 15 35.13 20.41 -15.43
N THR E 16 34.81 19.12 -15.55
CA THR E 16 35.22 18.13 -14.56
C THR E 16 36.29 17.18 -15.02
N LEU E 17 36.67 17.26 -16.30
CA LEU E 17 37.54 16.29 -16.90
C LEU E 17 38.82 16.05 -16.18
N MET E 18 39.50 17.12 -15.73
CA MET E 18 40.82 16.94 -15.16
C MET E 18 40.79 16.23 -13.81
N ASP E 19 39.63 16.13 -13.18
CA ASP E 19 39.49 15.26 -11.99
C ASP E 19 39.98 13.81 -12.24
N SER E 20 39.92 13.32 -13.49
CA SER E 20 40.24 11.93 -13.80
C SER E 20 41.70 11.69 -14.20
N ALA E 21 42.46 12.76 -14.41
N ALA E 21 42.41 12.79 -14.43
CA ALA E 21 43.75 12.61 -15.05
CA ALA E 21 43.81 12.74 -14.75
C ALA E 21 44.75 11.79 -14.24
C ALA E 21 44.54 12.27 -13.51
N GLY E 22 44.71 11.90 -12.91
N GLY E 22 45.55 11.42 -13.72
CA GLY E 22 45.70 11.23 -12.07
CA GLY E 22 46.27 10.89 -12.60
C GLY E 22 45.58 9.71 -12.02
C GLY E 22 45.65 9.63 -12.05
N PHE E 23 44.53 9.18 -12.62
CA PHE E 23 44.06 7.81 -12.40
C PHE E 23 44.63 6.88 -13.43
N VAL E 24 45.30 7.38 -14.47
CA VAL E 24 46.03 6.49 -15.41
C VAL E 24 47.39 7.14 -15.75
N PRO E 25 48.36 6.35 -16.25
CA PRO E 25 49.64 6.88 -16.73
C PRO E 25 49.47 7.99 -17.77
N ASP E 26 50.40 8.95 -17.79
CA ASP E 26 50.30 10.07 -18.75
C ASP E 26 50.08 9.55 -20.16
N LYS E 27 50.76 8.48 -20.51
CA LYS E 27 50.70 7.97 -21.89
C LYS E 27 49.31 7.47 -22.35
N ASP E 28 48.47 7.08 -21.38
CA ASP E 28 47.13 6.62 -21.62
C ASP E 28 46.08 7.70 -21.45
N TRP E 29 46.49 8.93 -21.10
CA TRP E 29 45.54 10.00 -20.90
C TRP E 29 44.74 10.37 -22.16
N PRO E 30 45.39 10.41 -23.34
CA PRO E 30 44.57 10.74 -24.56
C PRO E 30 43.40 9.76 -24.76
N GLU E 31 43.64 8.48 -24.51
CA GLU E 31 42.58 7.46 -24.64
C GLU E 31 41.48 7.63 -23.59
N LEU E 32 41.89 7.80 -22.34
CA LEU E 32 40.89 7.98 -21.24
C LEU E 32 40.08 9.22 -21.45
N ARG E 33 40.74 10.34 -21.76
CA ARG E 33 40.04 11.58 -22.04
CA ARG E 33 40.08 11.60 -22.07
C ARG E 33 39.05 11.40 -23.19
N SER E 34 39.48 10.78 -24.27
CA SER E 34 38.56 10.56 -25.40
CA SER E 34 38.58 10.53 -25.41
C SER E 34 37.37 9.72 -24.97
N ARG E 35 37.60 8.70 -24.16
CA ARG E 35 36.46 7.86 -23.65
C ARG E 35 35.51 8.64 -22.76
N LEU E 36 36.05 9.50 -21.85
CA LEU E 36 35.18 10.22 -20.92
C LEU E 36 34.32 11.24 -21.64
N LEU E 37 34.86 11.85 -22.68
CA LEU E 37 34.12 12.94 -23.36
C LEU E 37 33.11 12.43 -24.40
N ASP E 38 33.33 11.21 -24.88
CA ASP E 38 32.43 10.55 -25.86
C ASP E 38 31.24 9.84 -25.23
N ILE E 39 30.04 10.30 -25.54
CA ILE E 39 28.80 9.64 -25.17
C ILE E 39 28.10 9.01 -26.40
N GLN E 40 27.99 9.78 -27.49
CA GLN E 40 27.08 9.40 -28.57
C GLN E 40 27.59 8.37 -29.60
N ASP E 41 28.91 8.26 -29.74
CA ASP E 41 29.55 7.62 -30.91
CA ASP E 41 29.48 7.59 -30.91
C ASP E 41 30.17 6.27 -30.54
N ARG E 42 31.47 6.25 -30.23
CA ARG E 42 32.13 4.99 -29.92
C ARG E 42 31.53 4.22 -28.72
N ARG E 43 31.11 4.96 -27.70
CA ARG E 43 30.45 4.34 -26.55
C ARG E 43 29.25 3.44 -26.95
N VAL E 44 28.37 3.99 -27.79
CA VAL E 44 27.25 3.21 -28.31
C VAL E 44 27.63 2.03 -29.21
N ARG E 45 28.65 2.20 -30.06
CA ARG E 45 29.17 1.13 -30.90
C ARG E 45 29.67 -0.02 -30.02
N LEU E 46 30.39 0.33 -28.96
CA LEU E 46 30.88 -0.71 -28.01
C LEU E 46 29.70 -1.36 -27.27
N MET E 47 28.67 -0.59 -26.94
CA MET E 47 27.45 -1.16 -26.34
C MET E 47 26.80 -2.17 -27.31
N ASP E 48 26.69 -1.81 -28.57
CA ASP E 48 26.17 -2.70 -29.63
C ASP E 48 27.02 -3.97 -29.75
N GLU E 49 28.32 -3.82 -29.70
CA GLU E 49 29.22 -4.96 -29.90
C GLU E 49 29.31 -5.91 -28.72
N HIS E 50 28.89 -5.44 -27.54
CA HIS E 50 29.01 -6.23 -26.33
C HIS E 50 27.72 -6.44 -25.58
N GLY E 51 26.61 -6.29 -26.31
CA GLY E 51 25.29 -6.63 -25.81
C GLY E 51 24.81 -5.81 -24.63
N ILE E 52 25.10 -4.50 -24.63
CA ILE E 52 24.55 -3.61 -23.63
C ILE E 52 23.48 -2.77 -24.31
N GLU E 53 22.26 -2.89 -23.83
CA GLU E 53 21.13 -2.08 -24.38
C GLU E 53 21.09 -0.67 -23.80
N THR E 54 21.31 -0.55 -22.48
CA THR E 54 21.18 0.73 -21.77
C THR E 54 22.35 0.98 -20.83
N MET E 55 22.92 2.17 -20.89
CA MET E 55 23.84 2.69 -19.89
C MET E 55 23.18 3.78 -19.11
N ILE E 56 23.21 3.65 -17.80
CA ILE E 56 22.75 4.72 -16.91
C ILE E 56 24.01 5.51 -16.58
N LEU E 57 24.05 6.73 -17.08
CA LEU E 57 25.30 7.55 -17.09
C LEU E 57 25.48 8.40 -15.85
N SER E 58 26.75 8.58 -15.44
CA SER E 58 27.09 9.43 -14.30
C SER E 58 28.34 10.21 -14.55
N LEU E 59 28.37 11.39 -13.94
CA LEU E 59 29.53 12.27 -14.00
C LEU E 59 30.70 11.53 -13.32
N ASN E 60 31.89 11.92 -13.70
CA ASN E 60 33.16 11.36 -13.18
C ASN E 60 33.44 11.89 -11.74
N ALA E 61 34.57 11.50 -11.15
CA ALA E 61 34.80 11.66 -9.70
C ALA E 61 36.12 12.37 -9.44
N PRO E 62 36.21 13.14 -8.32
CA PRO E 62 35.14 13.40 -7.33
C PRO E 62 34.14 14.43 -7.82
N ALA E 63 34.49 15.18 -8.86
CA ALA E 63 33.56 16.17 -9.44
C ALA E 63 32.89 17.05 -8.37
N VAL E 64 31.55 17.02 -8.25
CA VAL E 64 30.85 17.99 -7.39
C VAL E 64 31.25 17.86 -5.91
N GLN E 65 31.65 16.67 -5.49
CA GLN E 65 32.02 16.46 -4.10
C GLN E 65 33.30 17.15 -3.66
N ALA E 66 34.11 17.58 -4.63
CA ALA E 66 35.33 18.34 -4.34
C ALA E 66 35.18 19.81 -4.57
N ILE E 67 33.99 20.30 -4.84
CA ILE E 67 33.85 21.75 -5.10
C ILE E 67 33.40 22.37 -3.76
N ALA E 68 34.34 23.03 -3.07
CA ALA E 68 34.16 23.38 -1.64
C ALA E 68 33.28 24.58 -1.37
N ASP E 69 33.04 25.41 -2.38
CA ASP E 69 32.05 26.50 -2.30
C ASP E 69 30.71 25.95 -2.76
N SER E 70 29.76 25.79 -1.83
CA SER E 70 28.46 25.13 -2.10
C SER E 70 27.65 25.81 -3.19
N THR E 71 27.78 27.14 -3.32
CA THR E 71 27.15 27.86 -4.43
C THR E 71 27.72 27.44 -5.78
N ARG E 72 29.04 27.29 -5.86
CA ARG E 72 29.67 26.84 -7.10
C ARG E 72 29.35 25.35 -7.36
N ALA E 73 29.28 24.53 -6.30
CA ALA E 73 28.96 23.10 -6.43
C ALA E 73 27.59 22.95 -7.06
N ASN E 74 26.63 23.71 -6.57
CA ASN E 74 25.30 23.72 -7.10
C ASN E 74 25.27 24.12 -8.57
N GLU E 75 25.98 25.18 -8.94
CA GLU E 75 26.04 25.63 -10.33
C GLU E 75 26.65 24.59 -11.25
N THR E 76 27.72 23.95 -10.79
CA THR E 76 28.35 22.94 -11.57
C THR E 76 27.45 21.70 -11.75
N ALA E 77 26.79 21.29 -10.68
CA ALA E 77 25.89 20.14 -10.72
C ALA E 77 24.75 20.45 -11.70
N ARG E 78 24.17 21.63 -11.60
CA ARG E 78 23.11 22.00 -12.54
C ARG E 78 23.56 21.93 -14.02
N ARG E 79 24.75 22.46 -14.33
CA ARG E 79 25.27 22.46 -15.72
C ARG E 79 25.49 21.04 -16.21
N ALA E 80 26.08 20.22 -15.35
CA ALA E 80 26.38 18.83 -15.68
C ALA E 80 25.10 17.99 -15.89
N ASN E 81 24.09 18.24 -15.04
CA ASN E 81 22.81 17.59 -15.17
C ASN E 81 22.03 18.03 -16.41
N ASP E 82 22.04 19.33 -16.70
CA ASP E 82 21.46 19.78 -17.96
C ASP E 82 22.15 19.18 -19.18
N PHE E 83 23.47 19.15 -19.18
CA PHE E 83 24.22 18.53 -20.29
C PHE E 83 23.81 17.06 -20.44
N LEU E 84 23.83 16.33 -19.33
CA LEU E 84 23.46 14.92 -19.35
C LEU E 84 22.06 14.71 -19.92
N ALA E 85 21.08 15.51 -19.49
CA ALA E 85 19.72 15.41 -20.00
C ALA E 85 19.67 15.59 -21.52
N GLU E 86 20.42 16.57 -22.01
CA GLU E 86 20.57 16.79 -23.46
C GLU E 86 21.14 15.60 -24.21
N GLN E 87 22.18 14.99 -23.63
CA GLN E 87 22.82 13.84 -24.23
C GLN E 87 21.91 12.60 -24.23
N VAL E 88 21.19 12.39 -23.13
CA VAL E 88 20.27 11.24 -23.04
C VAL E 88 19.17 11.41 -24.11
N ALA E 89 18.68 12.64 -24.27
CA ALA E 89 17.60 12.89 -25.26
C ALA E 89 18.01 12.62 -26.72
N LYS E 90 19.30 12.60 -27.02
CA LYS E 90 19.73 12.25 -28.36
C LYS E 90 19.58 10.74 -28.72
N GLN E 91 19.68 9.84 -27.73
CA GLN E 91 19.50 8.40 -27.90
C GLN E 91 18.77 7.87 -26.67
N PRO E 92 17.49 8.21 -26.56
CA PRO E 92 16.76 7.97 -25.32
C PRO E 92 16.46 6.50 -25.08
N THR E 93 16.61 5.63 -26.08
CA THR E 93 16.43 4.21 -25.84
C THR E 93 17.69 3.57 -25.29
N ARG E 94 18.81 4.26 -25.37
CA ARG E 94 20.11 3.64 -25.02
C ARG E 94 20.69 4.18 -23.68
N PHE E 95 20.16 5.29 -23.20
CA PHE E 95 20.71 5.98 -22.01
C PHE E 95 19.64 6.39 -21.04
N ARG E 96 20.03 6.39 -19.76
CA ARG E 96 19.38 7.19 -18.75
C ARG E 96 20.46 7.93 -17.96
N GLY E 97 20.02 8.84 -17.13
CA GLY E 97 20.96 9.62 -16.28
C GLY E 97 20.77 9.42 -14.77
N PHE E 98 21.91 9.42 -14.08
CA PHE E 98 21.98 9.68 -12.65
C PHE E 98 22.33 11.13 -12.35
N ALA E 99 21.68 11.74 -11.35
CA ALA E 99 21.94 13.13 -10.90
C ALA E 99 23.32 13.25 -10.28
N ALA E 100 24.03 14.31 -10.66
CA ALA E 100 25.12 14.87 -9.85
C ALA E 100 24.51 15.87 -8.84
N LEU E 101 24.96 15.80 -7.60
CA LEU E 101 24.30 16.54 -6.50
C LEU E 101 25.27 17.33 -5.66
N PRO E 102 24.90 18.58 -5.35
CA PRO E 102 25.68 19.44 -4.43
C PRO E 102 25.42 19.08 -2.97
N MET E 103 26.01 17.95 -2.54
CA MET E 103 25.73 17.41 -1.23
C MET E 103 26.33 18.27 -0.12
N GLN E 104 27.11 19.27 -0.48
CA GLN E 104 27.58 20.27 0.50
C GLN E 104 26.41 20.88 1.29
N ASP E 105 25.29 21.07 0.61
CA ASP E 105 24.13 21.73 1.17
C ASP E 105 22.92 20.81 1.00
N PRO E 106 22.43 20.23 2.09
CA PRO E 106 21.34 19.25 2.02
C PRO E 106 20.10 19.77 1.26
N GLU E 107 19.79 21.04 1.46
CA GLU E 107 18.61 21.61 0.76
C GLU E 107 18.83 21.75 -0.75
N LEU E 108 19.97 22.31 -1.15
CA LEU E 108 20.31 22.44 -2.56
C LEU E 108 20.36 21.06 -3.24
N ALA E 109 20.93 20.07 -2.54
CA ALA E 109 20.97 18.69 -3.02
C ALA E 109 19.57 18.10 -3.21
N ALA E 110 18.68 18.29 -2.24
CA ALA E 110 17.31 17.75 -2.36
C ALA E 110 16.56 18.42 -3.50
N ARG E 111 16.75 19.73 -3.64
CA ARG E 111 16.03 20.47 -4.69
C ARG E 111 16.54 20.07 -6.06
N GLU E 112 17.86 19.85 -6.18
CA GLU E 112 18.42 19.42 -7.46
C GLU E 112 18.04 17.98 -7.81
N LEU E 113 17.96 17.08 -6.83
CA LEU E 113 17.47 15.75 -7.09
C LEU E 113 16.02 15.79 -7.59
N GLU E 114 15.18 16.58 -6.94
CA GLU E 114 13.79 16.74 -7.39
C GLU E 114 13.71 17.21 -8.83
N ARG E 115 14.50 18.24 -9.16
CA ARG E 115 14.53 18.75 -10.52
C ARG E 115 14.97 17.68 -11.50
N CYS E 116 16.03 16.92 -11.15
CA CYS E 116 16.52 15.92 -12.04
C CYS E 116 15.51 14.79 -12.27
N VAL E 117 14.81 14.36 -11.21
CA VAL E 117 13.84 13.26 -11.32
C VAL E 117 12.58 13.76 -12.05
N LYS E 118 12.02 14.87 -11.58
CA LYS E 118 10.69 15.30 -12.07
C LYS E 118 10.73 16.04 -13.39
N GLU E 119 11.80 16.80 -13.63
CA GLU E 119 11.90 17.61 -14.85
C GLU E 119 12.79 16.97 -15.89
N LEU E 120 13.91 16.36 -15.49
CA LEU E 120 14.85 15.78 -16.45
C LEU E 120 14.73 14.27 -16.71
N GLY E 121 13.90 13.56 -15.94
CA GLY E 121 13.66 12.13 -16.10
C GLY E 121 14.83 11.24 -15.62
N PHE E 122 15.70 11.76 -14.76
CA PHE E 122 16.81 10.95 -14.19
C PHE E 122 16.24 9.90 -13.24
N VAL E 123 17.00 8.83 -13.01
CA VAL E 123 16.46 7.61 -12.41
C VAL E 123 17.14 7.31 -11.09
N GLY E 124 17.97 8.25 -10.62
CA GLY E 124 18.65 8.10 -9.31
C GLY E 124 19.71 9.18 -9.20
N ALA E 125 20.58 9.04 -8.20
CA ALA E 125 21.69 9.97 -7.97
C ALA E 125 22.96 9.18 -7.84
N LEU E 126 24.09 9.76 -8.27
CA LEU E 126 25.40 9.14 -8.00
C LEU E 126 26.26 10.22 -7.34
N VAL E 127 26.87 9.87 -6.21
CA VAL E 127 27.67 10.79 -5.40
C VAL E 127 29.00 10.09 -5.06
N ASN E 128 30.11 10.79 -5.23
CA ASN E 128 31.44 10.23 -4.96
C ASN E 128 31.85 10.42 -3.51
N GLY E 129 31.21 9.68 -2.62
CA GLY E 129 31.58 9.70 -1.25
C GLY E 129 31.36 11.04 -0.58
N PHE E 130 32.17 11.30 0.43
CA PHE E 130 32.06 12.51 1.27
C PHE E 130 32.24 13.80 0.47
N SER E 131 31.66 14.87 1.00
CA SER E 131 31.84 16.19 0.45
C SER E 131 32.83 17.06 1.19
N GLN E 132 33.51 17.90 0.41
CA GLN E 132 34.27 19.04 0.95
C GLN E 132 33.39 20.28 0.88
N ASP E 133 33.27 20.98 2.01
CA ASP E 133 32.55 22.25 2.10
C ASP E 133 33.44 23.22 2.91
N ASN E 134 33.72 24.39 2.36
CA ASN E 134 34.57 25.38 3.06
C ASN E 134 34.02 25.73 4.45
N ARG E 135 32.69 25.65 4.63
CA ARG E 135 32.09 25.99 5.93
C ARG E 135 32.40 25.00 7.04
N SER E 136 32.85 23.80 6.67
CA SER E 136 32.98 22.71 7.61
C SER E 136 34.44 22.36 7.69
N ALA E 137 34.93 22.28 8.91
CA ALA E 137 36.33 21.91 9.13
C ALA E 137 36.58 20.44 8.84
N VAL E 138 35.51 19.66 8.79
CA VAL E 138 35.62 18.23 8.58
C VAL E 138 34.88 17.85 7.27
N PRO E 139 35.33 16.76 6.65
CA PRO E 139 34.57 16.14 5.53
C PRO E 139 33.14 15.74 5.95
N LEU E 140 32.20 15.89 5.02
CA LEU E 140 30.82 15.67 5.26
C LEU E 140 30.40 14.28 4.78
N TYR E 141 29.93 13.49 5.73
CA TYR E 141 29.38 12.12 5.47
C TYR E 141 27.89 12.15 5.66
N TYR E 142 27.17 11.27 4.96
CA TYR E 142 25.72 11.48 4.80
C TYR E 142 24.88 10.82 5.88
N ASP E 143 25.54 10.20 6.87
CA ASP E 143 24.87 9.82 8.10
C ASP E 143 24.59 11.02 9.03
N MET E 144 25.25 12.14 8.81
CA MET E 144 25.18 13.28 9.74
C MET E 144 23.74 13.81 9.71
N ALA E 145 23.26 14.33 10.86
CA ALA E 145 21.85 14.65 11.04
C ALA E 145 21.26 15.63 10.01
N GLN E 146 22.07 16.56 9.53
CA GLN E 146 21.58 17.54 8.58
C GLN E 146 21.16 16.90 7.24
N TYR E 147 21.61 15.66 6.98
CA TYR E 147 21.21 14.96 5.73
C TYR E 147 19.88 14.24 5.83
N TRP E 148 19.28 14.14 7.03
CA TRP E 148 18.09 13.28 7.16
C TRP E 148 16.89 13.83 6.37
N PRO E 149 16.70 15.16 6.32
CA PRO E 149 15.67 15.71 5.42
C PRO E 149 15.97 15.46 3.94
N PHE E 150 17.24 15.36 3.57
CA PHE E 150 17.59 15.00 2.21
C PHE E 150 17.17 13.54 1.93
N TRP E 151 17.53 12.63 2.83
CA TRP E 151 17.11 11.22 2.69
C TRP E 151 15.59 11.05 2.64
N GLU E 152 14.86 11.84 3.44
CA GLU E 152 13.40 11.84 3.36
C GLU E 152 12.93 12.11 1.91
N THR E 153 13.58 13.06 1.24
CA THR E 153 13.28 13.40 -0.16
C THR E 153 13.65 12.27 -1.11
N VAL E 154 14.81 11.65 -0.90
CA VAL E 154 15.18 10.51 -1.73
C VAL E 154 14.09 9.42 -1.65
N GLN E 155 13.61 9.11 -0.44
CA GLN E 155 12.63 8.03 -0.23
C GLN E 155 11.30 8.43 -0.86
N ALA E 156 10.96 9.71 -0.76
CA ALA E 156 9.67 10.22 -1.31
C ALA E 156 9.66 10.09 -2.82
N LEU E 157 10.78 10.47 -3.46
CA LEU E 157 10.98 10.30 -4.90
C LEU E 157 11.10 8.85 -5.32
N ASP E 158 11.55 8.01 -4.40
CA ASP E 158 11.69 6.59 -4.60
C ASP E 158 12.66 6.26 -5.74
N VAL E 159 13.86 6.86 -5.67
CA VAL E 159 14.91 6.55 -6.63
C VAL E 159 16.14 6.17 -5.79
N PRO E 160 16.99 5.31 -6.37
CA PRO E 160 18.17 4.90 -5.64
C PRO E 160 19.30 5.94 -5.59
N PHE E 161 20.25 5.74 -4.65
CA PHE E 161 21.40 6.61 -4.47
C PHE E 161 22.63 5.69 -4.57
N TYR E 162 23.46 5.96 -5.56
CA TYR E 162 24.70 5.24 -5.80
C TYR E 162 25.79 5.93 -5.04
N LEU E 163 26.33 5.24 -4.04
CA LEU E 163 27.42 5.77 -3.23
C LEU E 163 28.72 5.27 -3.83
N HIS E 164 29.30 6.12 -4.66
CA HIS E 164 30.49 5.80 -5.44
C HIS E 164 31.76 6.18 -4.65
N PRO E 165 32.90 5.61 -5.02
CA PRO E 165 34.10 6.04 -4.28
C PRO E 165 34.69 7.42 -4.56
N ARG E 166 35.53 7.85 -3.62
CA ARG E 166 36.55 8.88 -3.84
C ARG E 166 37.72 8.52 -2.92
N ASN E 167 38.84 9.18 -3.10
CA ASN E 167 40.00 8.90 -2.21
C ASN E 167 39.82 9.67 -0.88
N PRO E 168 40.40 9.15 0.20
CA PRO E 168 40.38 9.91 1.45
C PRO E 168 41.21 11.19 1.27
N LEU E 169 40.97 12.21 2.07
CA LEU E 169 41.82 13.43 2.07
C LEU E 169 43.18 13.01 2.64
N PRO E 170 44.27 13.72 2.27
CA PRO E 170 45.64 13.33 2.68
C PRO E 170 45.85 13.13 4.18
N SER E 171 45.28 14.00 4.98
CA SER E 171 45.42 13.90 6.45
C SER E 171 44.68 12.70 7.03
N ASP E 172 43.70 12.17 6.28
CA ASP E 172 43.05 10.90 6.61
C ASP E 172 43.62 9.69 5.82
N ALA E 173 44.85 9.82 5.27
CA ALA E 173 45.41 8.86 4.34
C ALA E 173 46.81 8.53 4.66
N ARG E 174 47.25 8.85 5.87
CA ARG E 174 48.67 8.63 6.21
C ARG E 174 49.15 7.21 6.21
N ILE E 175 48.25 6.25 6.37
CA ILE E 175 48.62 4.84 6.26
C ILE E 175 49.18 4.50 4.85
N TYR E 176 48.81 5.32 3.88
CA TYR E 176 49.21 5.10 2.50
C TYR E 176 50.41 5.96 2.10
N ASP E 177 50.92 6.75 3.04
CA ASP E 177 52.02 7.66 2.71
C ASP E 177 53.22 6.82 2.29
N GLY E 178 53.84 7.17 1.18
CA GLY E 178 54.95 6.36 0.63
C GLY E 178 54.46 5.13 -0.15
N HIS E 179 53.14 4.95 -0.23
CA HIS E 179 52.48 3.79 -0.87
C HIS E 179 51.26 4.26 -1.66
N ALA E 180 51.47 5.25 -2.50
CA ALA E 180 50.37 5.84 -3.30
C ALA E 180 49.70 4.84 -4.26
N TRP E 181 50.40 3.75 -4.55
CA TRP E 181 49.88 2.67 -5.38
C TRP E 181 48.61 2.04 -4.75
N LEU E 182 48.39 2.27 -3.44
CA LEU E 182 47.22 1.76 -2.71
C LEU E 182 46.04 2.71 -2.81
N LEU E 183 46.28 3.94 -3.20
CA LEU E 183 45.19 4.91 -3.43
C LEU E 183 44.34 4.48 -4.62
N GLY E 184 43.13 5.03 -4.72
CA GLY E 184 42.36 4.75 -5.87
C GLY E 184 41.76 3.35 -5.82
N PRO E 185 41.48 2.79 -7.00
CA PRO E 185 40.76 1.54 -7.07
C PRO E 185 41.49 0.32 -6.53
N THR E 186 42.80 0.41 -6.40
CA THR E 186 43.55 -0.70 -5.80
C THR E 186 43.02 -1.12 -4.42
N TRP E 187 42.70 -0.13 -3.60
CA TRP E 187 42.32 -0.38 -2.19
C TRP E 187 41.61 0.76 -1.52
N ALA E 188 42.20 1.96 -1.58
CA ALA E 188 41.70 3.08 -0.74
C ALA E 188 40.24 3.44 -1.05
N PHE E 189 39.85 3.38 -2.33
CA PHE E 189 38.44 3.66 -2.74
C PHE E 189 37.45 2.73 -2.00
N GLY E 190 37.84 1.47 -1.88
CA GLY E 190 36.98 0.41 -1.30
C GLY E 190 36.83 0.64 0.20
N GLN E 191 37.93 0.86 0.91
CA GLN E 191 37.85 1.19 2.33
C GLN E 191 36.97 2.41 2.58
N GLU E 192 37.23 3.51 1.85
CA GLU E 192 36.50 4.76 2.05
C GLU E 192 34.99 4.53 1.92
N THR E 193 34.63 3.76 0.89
CA THR E 193 33.21 3.60 0.52
C THR E 193 32.49 2.59 1.46
N ALA E 194 33.18 1.51 1.82
CA ALA E 194 32.66 0.52 2.76
C ALA E 194 32.38 1.18 4.09
N VAL E 195 33.28 2.02 4.57
CA VAL E 195 33.06 2.70 5.84
C VAL E 195 31.93 3.72 5.74
N HIS E 196 31.89 4.50 4.68
CA HIS E 196 30.77 5.44 4.53
C HIS E 196 29.43 4.69 4.57
N ALA E 197 29.34 3.60 3.82
CA ALA E 197 28.14 2.79 3.80
C ALA E 197 27.76 2.30 5.21
N LEU E 198 28.74 1.78 5.94
CA LEU E 198 28.51 1.32 7.29
C LEU E 198 28.09 2.40 8.26
N ARG E 199 28.60 3.61 8.08
CA ARG E 199 28.18 4.75 8.87
C ARG E 199 26.70 5.01 8.62
N LEU E 200 26.29 4.91 7.36
CA LEU E 200 24.85 5.08 7.04
C LEU E 200 23.99 3.98 7.76
N MET E 201 24.47 2.74 7.70
CA MET E 201 23.72 1.61 8.30
C MET E 201 23.62 1.74 9.82
N GLY E 202 24.74 2.02 10.47
CA GLY E 202 24.76 2.16 11.94
C GLY E 202 24.04 3.36 12.50
N SER E 203 23.78 4.37 11.67
CA SER E 203 23.20 5.62 12.13
C SER E 203 21.73 5.50 12.47
N GLY E 204 21.07 4.44 12.00
CA GLY E 204 19.63 4.29 12.12
C GLY E 204 18.87 4.99 11.03
N LEU E 205 19.56 5.49 10.02
CA LEU E 205 18.90 6.10 8.85
C LEU E 205 17.83 5.19 8.24
N PHE E 206 18.13 3.90 8.18
CA PHE E 206 17.21 2.96 7.53
C PHE E 206 16.09 2.49 8.47
N ASP E 207 16.20 2.78 9.77
CA ASP E 207 15.04 2.61 10.69
C ASP E 207 14.03 3.70 10.37
N LYS E 208 14.52 4.91 10.13
CA LYS E 208 13.61 6.05 9.90
C LYS E 208 13.05 6.03 8.48
N TYR E 209 13.89 5.63 7.49
CA TYR E 209 13.51 5.66 6.06
C TYR E 209 13.75 4.27 5.46
N PRO E 210 12.92 3.29 5.84
CA PRO E 210 13.24 1.90 5.49
C PRO E 210 13.15 1.53 4.03
N ALA E 211 12.54 2.37 3.18
CA ALA E 211 12.45 2.11 1.74
C ALA E 211 13.62 2.63 0.91
N LEU E 212 14.60 3.29 1.54
CA LEU E 212 15.77 3.77 0.78
C LEU E 212 16.48 2.62 0.08
N LYS E 213 17.03 2.91 -1.10
CA LYS E 213 17.85 1.95 -1.83
C LYS E 213 19.20 2.58 -2.12
N ILE E 214 20.28 1.99 -1.59
CA ILE E 214 21.62 2.47 -1.81
C ILE E 214 22.38 1.42 -2.69
N ILE E 215 23.12 1.90 -3.66
CA ILE E 215 23.88 1.07 -4.56
C ILE E 215 25.36 1.27 -4.32
N LEU E 216 26.06 0.15 -4.19
CA LEU E 216 27.53 0.14 -4.13
C LEU E 216 28.12 -0.58 -5.37
N GLY E 217 29.19 -0.04 -5.90
CA GLY E 217 29.93 -0.65 -6.97
C GLY E 217 30.92 -1.66 -6.44
N HIS E 218 31.67 -2.25 -7.37
CA HIS E 218 32.88 -3.08 -7.03
C HIS E 218 32.52 -4.23 -6.08
N MET E 219 31.38 -4.86 -6.38
CA MET E 219 30.81 -6.04 -5.65
C MET E 219 30.70 -5.70 -4.14
N GLY E 220 30.36 -4.44 -3.83
CA GLY E 220 30.16 -4.02 -2.45
C GLY E 220 31.38 -3.70 -1.60
N GLU E 221 32.52 -3.43 -2.26
CA GLU E 221 33.68 -2.78 -1.62
C GLU E 221 34.17 -3.61 -0.42
N GLY E 222 34.17 -4.92 -0.58
CA GLY E 222 34.63 -5.88 0.44
C GLY E 222 33.60 -6.27 1.50
N LEU E 223 32.43 -5.61 1.50
CA LEU E 223 31.48 -5.83 2.59
C LEU E 223 30.95 -7.26 2.76
N PRO E 224 30.63 -7.99 1.64
CA PRO E 224 30.05 -9.33 1.83
C PRO E 224 30.98 -10.31 2.55
N TYR E 225 32.27 -10.18 2.35
CA TYR E 225 33.27 -11.11 2.92
C TYR E 225 33.32 -11.00 4.44
N SER E 226 33.18 -9.78 4.92
CA SER E 226 33.40 -9.45 6.33
C SER E 226 32.08 -9.15 7.06
N MET E 227 30.96 -9.30 6.37
CA MET E 227 29.67 -8.88 6.94
C MET E 227 29.31 -9.69 8.21
N TRP E 228 29.51 -11.01 8.19
CA TRP E 228 29.27 -11.82 9.40
C TRP E 228 30.06 -11.25 10.61
N ARG E 229 31.34 -11.00 10.38
CA ARG E 229 32.23 -10.49 11.44
C ARG E 229 31.76 -9.14 11.98
N ILE E 230 31.22 -8.28 11.11
CA ILE E 230 30.79 -6.98 11.54
C ILE E 230 29.82 -7.09 12.73
N ASP E 231 28.85 -7.98 12.62
CA ASP E 231 27.82 -8.12 13.67
C ASP E 231 28.23 -9.14 14.75
N HIS E 232 28.98 -10.18 14.38
CA HIS E 232 29.11 -11.40 15.21
C HIS E 232 30.42 -11.57 15.90
N ARG E 233 31.35 -10.64 15.68
CA ARG E 233 32.60 -10.64 16.44
C ARG E 233 32.26 -10.66 17.95
N ASN E 234 33.05 -11.38 18.72
CA ASN E 234 32.85 -11.47 20.17
C ASN E 234 31.44 -11.88 20.56
N ALA E 235 30.92 -12.94 19.91
CA ALA E 235 29.50 -13.30 20.01
C ALA E 235 29.11 -13.69 21.43
N TRP E 236 30.07 -14.19 22.20
CA TRP E 236 29.77 -14.59 23.59
C TRP E 236 29.29 -13.44 24.47
N ILE E 237 29.64 -12.21 24.12
CA ILE E 237 29.13 -11.01 24.78
C ILE E 237 27.67 -10.82 24.39
N LYS E 238 26.78 -10.69 25.36
CA LYS E 238 25.35 -10.41 25.07
C LYS E 238 25.05 -8.99 25.47
N THR E 239 24.86 -8.15 24.46
CA THR E 239 24.81 -6.69 24.67
C THR E 239 24.12 -6.05 23.47
N THR E 240 23.65 -4.82 23.64
CA THR E 240 23.14 -4.03 22.52
C THR E 240 24.34 -3.36 21.84
N PRO E 241 24.44 -3.47 20.50
CA PRO E 241 25.51 -2.74 19.81
C PRO E 241 25.47 -1.23 20.09
N LYS E 242 26.63 -0.58 20.11
CA LYS E 242 26.74 0.79 20.55
C LYS E 242 26.57 1.75 19.36
N TYR E 243 25.59 1.48 18.51
CA TYR E 243 25.26 2.41 17.46
C TYR E 243 23.80 2.68 17.65
N PRO E 244 23.32 3.79 17.08
CA PRO E 244 21.89 4.15 17.23
C PRO E 244 20.88 3.27 16.49
N ALA E 245 21.28 2.64 15.40
CA ALA E 245 20.36 1.77 14.73
C ALA E 245 19.86 0.63 15.64
N LYS E 246 18.62 0.22 15.36
CA LYS E 246 17.94 -0.78 16.18
C LYS E 246 18.32 -2.25 15.91
N ARG E 247 18.75 -2.55 14.70
CA ARG E 247 18.95 -3.93 14.25
C ARG E 247 20.42 -4.21 13.92
N LYS E 248 20.69 -5.41 13.45
CA LYS E 248 22.03 -5.83 13.04
C LYS E 248 22.36 -5.10 11.76
N ILE E 249 23.64 -4.77 11.60
CA ILE E 249 24.11 -4.17 10.31
C ILE E 249 23.67 -5.03 9.10
N VAL E 250 23.80 -6.33 9.17
CA VAL E 250 23.44 -7.21 8.04
C VAL E 250 21.98 -7.03 7.62
N ASP E 251 21.10 -6.68 8.54
CA ASP E 251 19.68 -6.50 8.18
C ASP E 251 19.52 -5.33 7.23
N TYR E 252 20.22 -4.21 7.49
CA TYR E 252 20.19 -3.07 6.56
C TYR E 252 20.94 -3.38 5.24
N PHE E 253 22.04 -4.11 5.30
CA PHE E 253 22.71 -4.48 4.07
C PHE E 253 21.78 -5.30 3.17
N ASN E 254 21.08 -6.26 3.77
CA ASN E 254 20.26 -7.20 3.02
C ASN E 254 19.01 -6.52 2.47
N GLU E 255 18.51 -5.55 3.20
CA GLU E 255 17.25 -4.88 2.85
C GLU E 255 17.33 -3.60 2.05
N ASN E 256 18.42 -2.85 2.21
CA ASN E 256 18.50 -1.50 1.67
C ASN E 256 19.58 -1.34 0.60
N PHE E 257 20.45 -2.32 0.42
CA PHE E 257 21.57 -2.28 -0.54
C PHE E 257 21.46 -3.18 -1.79
N TYR E 258 22.06 -2.67 -2.86
CA TYR E 258 22.28 -3.35 -4.13
C TYR E 258 23.78 -3.21 -4.43
N LEU E 259 24.36 -4.21 -5.05
CA LEU E 259 25.75 -4.21 -5.44
C LEU E 259 25.87 -4.34 -6.93
N THR E 260 26.81 -3.63 -7.54
CA THR E 260 27.11 -3.85 -8.95
C THR E 260 28.44 -4.58 -9.13
N THR E 261 28.61 -5.14 -10.34
CA THR E 261 29.85 -5.84 -10.66
C THR E 261 30.97 -4.95 -11.22
N SER E 262 30.80 -3.63 -11.15
CA SER E 262 31.79 -2.72 -11.73
C SER E 262 33.22 -3.03 -11.23
N GLY E 263 34.15 -3.11 -12.17
CA GLY E 263 35.55 -3.26 -11.87
C GLY E 263 35.94 -4.37 -10.91
N ASN E 264 35.12 -5.42 -10.86
CA ASN E 264 35.45 -6.54 -9.98
C ASN E 264 35.02 -7.86 -10.63
N PHE E 265 35.66 -8.15 -11.77
CA PHE E 265 35.25 -9.22 -12.69
C PHE E 265 35.89 -10.52 -12.21
N ARG E 266 35.39 -11.01 -11.07
CA ARG E 266 36.01 -12.12 -10.36
C ARG E 266 34.92 -13.07 -9.92
N THR E 267 34.89 -14.27 -10.53
CA THR E 267 33.85 -15.21 -10.24
C THR E 267 33.74 -15.57 -8.75
N GLN E 268 34.87 -15.86 -8.08
CA GLN E 268 34.84 -16.23 -6.68
C GLN E 268 34.15 -15.13 -5.84
N THR E 269 34.46 -13.89 -6.15
CA THR E 269 33.89 -12.72 -5.47
C THR E 269 32.41 -12.63 -5.70
N LEU E 270 31.99 -12.80 -6.95
CA LEU E 270 30.56 -12.83 -7.30
C LEU E 270 29.79 -13.92 -6.56
N ILE E 271 30.37 -15.12 -6.49
CA ILE E 271 29.70 -16.22 -5.83
C ILE E 271 29.57 -15.93 -4.32
N ASP E 272 30.65 -15.43 -3.68
CA ASP E 272 30.56 -15.01 -2.25
C ASP E 272 29.42 -14.00 -2.06
N ALA E 273 29.39 -12.97 -2.92
CA ALA E 273 28.26 -12.02 -2.91
C ALA E 273 26.90 -12.68 -3.04
N ILE E 274 26.76 -13.58 -4.00
CA ILE E 274 25.47 -14.30 -4.19
C ILE E 274 25.05 -15.04 -2.91
N LEU E 275 25.98 -15.71 -2.24
CA LEU E 275 25.67 -16.47 -1.06
C LEU E 275 25.57 -15.63 0.21
N GLU E 276 25.81 -14.30 0.11
CA GLU E 276 25.65 -13.38 1.23
C GLU E 276 24.43 -12.48 1.07
N ILE E 277 24.35 -11.80 -0.04
CA ILE E 277 23.22 -10.89 -0.28
C ILE E 277 22.17 -11.40 -1.26
N GLY E 278 22.54 -12.35 -2.14
CA GLY E 278 21.63 -12.91 -3.11
C GLY E 278 21.65 -12.21 -4.46
N ALA E 279 21.43 -13.02 -5.49
CA ALA E 279 21.60 -12.56 -6.87
C ALA E 279 20.53 -11.53 -7.20
N ASP E 280 19.43 -11.50 -6.45
CA ASP E 280 18.37 -10.49 -6.74
C ASP E 280 18.86 -9.03 -6.44
N ARG E 281 19.96 -8.90 -5.68
CA ARG E 281 20.55 -7.59 -5.29
C ARG E 281 21.90 -7.31 -5.93
N ILE E 282 22.21 -8.01 -7.01
CA ILE E 282 23.45 -7.81 -7.77
C ILE E 282 23.12 -7.39 -9.18
N LEU E 283 23.81 -6.34 -9.63
CA LEU E 283 23.55 -5.75 -10.95
C LEU E 283 24.82 -5.71 -11.77
N PHE E 284 24.71 -6.06 -13.04
CA PHE E 284 25.80 -5.87 -13.98
C PHE E 284 26.17 -4.38 -14.07
N SER E 285 27.46 -4.10 -14.10
CA SER E 285 27.99 -2.75 -14.45
C SER E 285 29.44 -2.88 -14.84
N THR E 286 30.01 -1.86 -15.49
CA THR E 286 31.35 -2.03 -16.09
C THR E 286 32.42 -1.15 -15.48
N ASP E 287 32.07 0.07 -15.08
CA ASP E 287 33.03 1.10 -14.73
C ASP E 287 33.77 1.67 -15.97
N TRP E 288 33.21 1.47 -17.14
CA TRP E 288 33.64 2.28 -18.32
C TRP E 288 33.66 3.77 -17.90
N PRO E 289 34.71 4.51 -18.29
CA PRO E 289 35.81 4.13 -19.15
C PRO E 289 37.03 3.66 -18.44
N PHE E 290 36.95 3.55 -17.10
CA PHE E 290 38.15 3.12 -16.31
C PHE E 290 38.41 1.65 -16.42
N GLU E 291 37.36 0.91 -16.81
CA GLU E 291 37.45 -0.50 -17.24
C GLU E 291 36.94 -0.64 -18.64
N ASN E 292 37.49 -1.58 -19.36
CA ASN E 292 36.92 -1.93 -20.68
C ASN E 292 35.55 -2.60 -20.63
N ILE E 293 34.68 -2.16 -21.51
CA ILE E 293 33.40 -2.81 -21.75
C ILE E 293 33.57 -4.26 -22.18
N ASP E 294 34.52 -4.56 -23.06
CA ASP E 294 34.69 -5.94 -23.48
C ASP E 294 35.16 -6.86 -22.33
N HIS E 295 36.05 -6.36 -21.49
CA HIS E 295 36.49 -7.11 -20.27
C HIS E 295 35.29 -7.45 -19.37
N ALA E 296 34.43 -6.47 -19.12
CA ALA E 296 33.30 -6.64 -18.19
C ALA E 296 32.28 -7.62 -18.78
N ALA E 297 31.91 -7.41 -20.06
CA ALA E 297 30.91 -8.22 -20.76
C ALA E 297 31.35 -9.66 -21.00
N ASP E 298 32.61 -9.86 -21.37
CA ASP E 298 33.15 -11.18 -21.63
C ASP E 298 33.24 -12.02 -20.35
N TRP E 299 33.72 -11.40 -19.26
CA TRP E 299 33.68 -12.04 -17.95
C TRP E 299 32.26 -12.45 -17.56
N PHE E 300 31.33 -11.50 -17.69
CA PHE E 300 30.01 -11.72 -17.16
C PHE E 300 29.27 -12.75 -17.99
N GLU E 301 29.53 -12.79 -19.31
CA GLU E 301 28.87 -13.77 -20.20
C GLU E 301 29.12 -15.21 -19.77
N ASN E 302 30.29 -15.48 -19.21
CA ASN E 302 30.69 -16.83 -18.93
C ASN E 302 30.88 -17.16 -17.44
N THR E 303 30.60 -16.20 -16.54
CA THR E 303 30.78 -16.46 -15.12
C THR E 303 29.86 -17.61 -14.65
N SER E 304 30.32 -18.32 -13.62
CA SER E 304 29.75 -19.63 -13.23
C SER E 304 28.51 -19.56 -12.34
N ILE E 305 27.42 -19.07 -12.92
CA ILE E 305 26.17 -18.90 -12.28
C ILE E 305 25.08 -19.50 -13.18
N SER E 306 23.87 -19.59 -12.66
CA SER E 306 22.74 -20.13 -13.42
C SER E 306 22.34 -19.12 -14.50
N GLU E 307 21.74 -19.63 -15.57
CA GLU E 307 21.22 -18.78 -16.63
C GLU E 307 20.17 -17.86 -16.08
N ALA E 308 19.35 -18.33 -15.13
CA ALA E 308 18.32 -17.48 -14.54
C ALA E 308 18.94 -16.24 -13.86
N ASP E 309 19.98 -16.46 -13.10
CA ASP E 309 20.70 -15.36 -12.43
C ASP E 309 21.51 -14.49 -13.39
N ARG E 310 22.01 -15.06 -14.48
CA ARG E 310 22.70 -14.27 -15.49
C ARG E 310 21.74 -13.23 -16.11
N LYS E 311 20.51 -13.66 -16.34
CA LYS E 311 19.45 -12.72 -16.81
C LYS E 311 19.08 -11.63 -15.78
N LYS E 312 18.92 -12.01 -14.50
CA LYS E 312 18.57 -11.08 -13.46
C LYS E 312 19.68 -10.09 -13.26
N ILE E 313 20.90 -10.58 -13.08
CA ILE E 313 22.01 -9.66 -12.88
C ILE E 313 22.29 -8.81 -14.15
N GLY E 314 22.17 -9.41 -15.35
CA GLY E 314 22.43 -8.70 -16.59
C GLY E 314 21.46 -7.58 -16.88
N TRP E 315 20.20 -7.77 -16.53
CA TRP E 315 19.15 -6.75 -16.82
C TRP E 315 17.87 -6.82 -15.99
N GLY E 316 17.40 -8.00 -15.59
CA GLY E 316 16.15 -8.10 -14.87
C GLY E 316 16.05 -7.28 -13.59
N ASN E 317 17.10 -7.36 -12.77
CA ASN E 317 17.15 -6.65 -11.51
C ASN E 317 17.10 -5.13 -11.71
N ALA E 318 17.88 -4.61 -12.66
CA ALA E 318 17.93 -3.17 -12.89
C ALA E 318 16.63 -2.74 -13.55
N GLN E 319 16.07 -3.54 -14.44
CA GLN E 319 14.79 -3.13 -15.06
C GLN E 319 13.69 -2.91 -14.02
N ASN E 320 13.64 -3.79 -13.04
CA ASN E 320 12.72 -3.69 -11.91
C ASN E 320 13.03 -2.53 -11.00
N LEU E 321 14.29 -2.43 -10.56
CA LEU E 321 14.74 -1.35 -9.67
C LEU E 321 14.45 0.03 -10.21
N PHE E 322 14.82 0.29 -11.46
CA PHE E 322 14.67 1.61 -12.07
C PHE E 322 13.35 1.77 -12.83
N LYS E 323 12.46 0.78 -12.71
CA LYS E 323 11.12 0.80 -13.35
C LYS E 323 11.18 1.10 -14.87
N LEU E 324 12.12 0.46 -15.54
CA LEU E 324 12.38 0.74 -16.96
C LEU E 324 11.38 0.05 -17.87
N ASN E 325 10.84 -1.04 -17.38
CA ASN E 325 9.66 -1.70 -17.95
C ASN E 325 8.38 -0.92 -17.61
N MET F 1 36.15 -33.43 15.93
CA MET F 1 37.55 -33.62 15.46
C MET F 1 38.53 -33.33 16.59
N ASN F 2 39.14 -34.38 17.12
CA ASN F 2 40.25 -34.23 18.05
C ASN F 2 41.57 -33.89 17.36
N GLY F 3 42.49 -33.32 18.10
CA GLY F 3 43.82 -33.09 17.63
C GLY F 3 44.01 -31.74 16.94
N LYS F 4 43.05 -30.81 17.01
CA LYS F 4 43.28 -29.51 16.36
C LYS F 4 44.46 -28.72 16.97
N ILE F 5 45.15 -27.97 16.11
CA ILE F 5 46.08 -26.94 16.50
C ILE F 5 45.42 -25.58 16.29
N ALA F 6 45.48 -24.72 17.31
CA ALA F 6 44.90 -23.37 17.24
C ALA F 6 45.99 -22.35 17.51
N LEU F 7 46.02 -21.25 16.78
CA LEU F 7 47.16 -20.33 16.94
C LEU F 7 46.93 -18.81 16.95
N GLU F 8 45.70 -18.37 17.24
CA GLU F 8 45.48 -16.99 17.66
C GLU F 8 44.72 -17.11 19.01
N GLU F 9 45.50 -17.42 20.03
CA GLU F 9 45.03 -17.91 21.32
C GLU F 9 45.82 -17.06 22.34
N HIS F 10 45.11 -16.15 23.00
CA HIS F 10 45.75 -15.01 23.64
C HIS F 10 45.78 -15.18 25.18
N PHE F 11 46.76 -14.56 25.81
CA PHE F 11 46.82 -14.44 27.30
C PHE F 11 47.36 -13.04 27.60
N ALA F 12 47.19 -12.62 28.85
CA ALA F 12 47.81 -11.40 29.30
C ALA F 12 48.66 -11.68 30.53
N THR F 13 49.61 -10.78 30.74
CA THR F 13 50.23 -10.64 32.06
C THR F 13 49.54 -9.52 32.80
N GLU F 14 49.78 -9.43 34.11
CA GLU F 14 49.21 -8.30 34.88
C GLU F 14 49.65 -6.99 34.26
N GLU F 15 50.89 -6.98 33.78
CA GLU F 15 51.50 -5.83 33.13
C GLU F 15 50.75 -5.38 31.86
N THR F 16 50.19 -6.32 31.10
CA THR F 16 49.52 -5.98 29.84
C THR F 16 48.02 -6.10 29.90
N LEU F 17 47.46 -6.60 31.00
CA LEU F 17 46.02 -6.90 31.07
C LEU F 17 45.09 -5.75 30.68
N MET F 18 45.37 -4.51 31.13
CA MET F 18 44.37 -3.46 30.96
C MET F 18 44.28 -2.96 29.51
N ASP F 19 45.25 -3.29 28.67
CA ASP F 19 45.13 -3.08 27.19
C ASP F 19 43.86 -3.70 26.61
N SER F 20 43.33 -4.77 27.24
CA SER F 20 42.16 -5.48 26.71
C SER F 20 40.81 -4.94 27.18
N ALA F 21 40.81 -4.03 28.17
CA ALA F 21 39.60 -3.66 28.88
C ALA F 21 38.60 -2.92 28.01
N GLY F 22 39.10 -2.10 27.11
CA GLY F 22 38.19 -1.34 26.26
C GLY F 22 37.43 -2.19 25.23
N PHE F 23 37.77 -3.47 25.11
CA PHE F 23 37.21 -4.30 24.02
C PHE F 23 35.90 -5.03 24.35
N VAL F 24 35.46 -5.00 25.60
CA VAL F 24 34.16 -5.60 25.96
C VAL F 24 33.43 -4.64 26.91
N PRO F 25 32.09 -4.74 27.00
CA PRO F 25 31.38 -3.94 28.04
C PRO F 25 31.91 -4.16 29.46
N ASP F 26 31.80 -3.15 30.30
CA ASP F 26 32.25 -3.26 31.69
C ASP F 26 31.74 -4.53 32.42
N LYS F 27 30.47 -4.90 32.21
CA LYS F 27 29.89 -6.10 32.88
C LYS F 27 30.58 -7.42 32.54
N ASP F 28 31.18 -7.48 31.33
CA ASP F 28 31.84 -8.67 30.85
C ASP F 28 33.33 -8.69 31.15
N TRP F 29 33.85 -7.60 31.73
CA TRP F 29 35.28 -7.51 32.03
C TRP F 29 35.78 -8.56 33.01
N PRO F 30 35.06 -8.82 34.13
CA PRO F 30 35.55 -9.86 35.04
C PRO F 30 35.72 -11.21 34.35
N GLU F 31 34.77 -11.58 33.51
CA GLU F 31 34.89 -12.84 32.74
C GLU F 31 36.11 -12.79 31.81
N LEU F 32 36.23 -11.73 31.00
CA LEU F 32 37.37 -11.61 30.06
C LEU F 32 38.72 -11.63 30.73
N ARG F 33 38.91 -10.86 31.81
CA ARG F 33 40.22 -10.87 32.44
C ARG F 33 40.58 -12.19 33.03
N SER F 34 39.59 -12.87 33.62
CA SER F 34 39.86 -14.19 34.19
C SER F 34 40.33 -15.15 33.08
N ARG F 35 39.68 -15.08 31.92
CA ARG F 35 40.13 -15.90 30.75
C ARG F 35 41.53 -15.52 30.28
N LEU F 36 41.80 -14.21 30.21
CA LEU F 36 43.14 -13.73 29.79
C LEU F 36 44.26 -14.23 30.67
N LEU F 37 44.01 -14.31 31.97
CA LEU F 37 45.10 -14.68 32.86
C LEU F 37 45.25 -16.15 33.05
N ASP F 38 44.18 -16.91 32.75
CA ASP F 38 44.21 -18.36 32.89
C ASP F 38 44.84 -19.05 31.68
N ILE F 39 45.92 -19.76 31.92
CA ILE F 39 46.57 -20.63 30.90
C ILE F 39 46.43 -22.12 31.25
N GLN F 40 46.68 -22.49 32.51
CA GLN F 40 46.84 -23.90 32.88
C GLN F 40 45.56 -24.70 33.16
N ASP F 41 44.46 -24.00 33.47
CA ASP F 41 43.33 -24.65 34.13
C ASP F 41 42.11 -24.75 33.23
N ARG F 42 41.28 -23.72 33.25
CA ARG F 42 40.05 -23.77 32.47
C ARG F 42 40.34 -23.84 30.96
N ARG F 43 41.38 -23.14 30.50
CA ARG F 43 41.74 -23.12 29.08
C ARG F 43 41.99 -24.55 28.57
N VAL F 44 42.77 -25.34 29.32
CA VAL F 44 43.02 -26.74 28.98
C VAL F 44 41.77 -27.60 29.05
N ARG F 45 40.89 -27.41 30.05
CA ARG F 45 39.59 -28.11 30.13
CA ARG F 45 39.69 -28.21 30.08
C ARG F 45 38.81 -27.90 28.83
N LEU F 46 38.75 -26.64 28.42
CA LEU F 46 38.02 -26.29 27.19
C LEU F 46 38.67 -26.87 25.92
N MET F 47 39.99 -26.90 25.87
CA MET F 47 40.73 -27.57 24.79
C MET F 47 40.37 -29.06 24.76
N ASP F 48 40.34 -29.72 25.93
CA ASP F 48 39.88 -31.11 26.03
C ASP F 48 38.47 -31.29 25.55
N GLU F 49 37.58 -30.40 25.96
CA GLU F 49 36.18 -30.54 25.64
C GLU F 49 35.85 -30.29 24.14
N HIS F 50 36.73 -29.56 23.44
CA HIS F 50 36.42 -29.12 22.07
C HIS F 50 37.47 -29.58 21.05
N GLY F 51 38.24 -30.61 21.39
CA GLY F 51 39.17 -31.22 20.48
C GLY F 51 40.33 -30.39 19.99
N ILE F 52 40.94 -29.59 20.88
CA ILE F 52 42.16 -28.88 20.53
C ILE F 52 43.30 -29.53 21.31
N GLU F 53 44.26 -30.06 20.57
CA GLU F 53 45.45 -30.68 21.17
C GLU F 53 46.46 -29.65 21.62
N THR F 54 46.66 -28.61 20.81
CA THR F 54 47.72 -27.63 21.04
C THR F 54 47.25 -26.22 20.80
N MET F 55 47.55 -25.32 21.73
CA MET F 55 47.40 -23.89 21.46
C MET F 55 48.75 -23.27 21.37
N ILE F 56 48.94 -22.46 20.33
CA ILE F 56 50.12 -21.65 20.23
C ILE F 56 49.71 -20.30 20.80
N LEU F 57 50.34 -19.97 21.92
CA LEU F 57 49.93 -18.83 22.70
C LEU F 57 50.63 -17.53 22.33
N SER F 58 49.88 -16.43 22.40
CA SER F 58 50.42 -15.09 22.23
C SER F 58 49.85 -14.06 23.22
N LEU F 59 50.67 -13.06 23.56
CA LEU F 59 50.29 -11.95 24.40
C LEU F 59 49.20 -11.14 23.71
N ASN F 60 48.40 -10.50 24.54
CA ASN F 60 47.26 -9.65 24.10
C ASN F 60 47.72 -8.37 23.41
N ALA F 61 46.76 -7.55 22.97
CA ALA F 61 47.02 -6.43 22.06
C ALA F 61 46.53 -5.12 22.67
N PRO F 62 47.23 -3.99 22.36
CA PRO F 62 48.44 -3.91 21.51
C PRO F 62 49.69 -4.28 22.23
N ALA F 63 49.65 -4.34 23.58
CA ALA F 63 50.83 -4.72 24.36
C ALA F 63 52.14 -3.99 23.95
N VAL F 64 53.19 -4.73 23.56
CA VAL F 64 54.49 -4.14 23.32
C VAL F 64 54.47 -3.08 22.23
N GLN F 65 53.58 -3.20 21.26
CA GLN F 65 53.48 -2.23 20.18
C GLN F 65 53.01 -0.84 20.57
N ALA F 66 52.39 -0.69 21.74
CA ALA F 66 52.00 0.59 22.26
C ALA F 66 52.97 1.14 23.33
N ILE F 67 54.09 0.47 23.61
CA ILE F 67 55.05 1.00 24.57
C ILE F 67 56.06 1.87 23.82
N ALA F 68 55.89 3.20 23.88
CA ALA F 68 56.63 4.13 23.03
C ALA F 68 58.11 4.29 23.42
N ASP F 69 58.48 3.91 24.65
CA ASP F 69 59.90 3.88 25.02
C ASP F 69 60.52 2.53 24.72
N SER F 70 61.50 2.50 23.80
CA SER F 70 62.00 1.26 23.26
C SER F 70 62.71 0.40 24.31
N THR F 71 63.39 1.02 25.27
CA THR F 71 64.05 0.28 26.34
C THR F 71 63.02 -0.46 27.19
N ARG F 72 61.93 0.23 27.52
CA ARG F 72 60.85 -0.36 28.29
C ARG F 72 60.05 -1.42 27.45
N ALA F 73 59.95 -1.21 26.14
CA ALA F 73 59.30 -2.17 25.24
C ALA F 73 60.05 -3.49 25.27
N ASN F 74 61.36 -3.41 25.14
CA ASN F 74 62.20 -4.56 25.22
C ASN F 74 62.11 -5.26 26.58
N GLU F 75 62.10 -4.48 27.67
CA GLU F 75 61.99 -5.06 29.01
C GLU F 75 60.68 -5.82 29.18
N THR F 76 59.58 -5.21 28.73
CA THR F 76 58.26 -5.82 28.84
C THR F 76 58.19 -7.09 27.96
N ALA F 77 58.75 -7.05 26.74
CA ALA F 77 58.69 -8.21 25.88
C ALA F 77 59.47 -9.35 26.51
N ARG F 78 60.64 -9.06 27.07
CA ARG F 78 61.45 -10.15 27.67
C ARG F 78 60.74 -10.80 28.87
N ARG F 79 60.11 -9.99 29.69
CA ARG F 79 59.35 -10.53 30.84
C ARG F 79 58.18 -11.38 30.36
N ALA F 80 57.45 -10.91 29.34
CA ALA F 80 56.28 -11.67 28.85
C ALA F 80 56.71 -12.99 28.21
N ASN F 81 57.83 -12.96 27.49
CA ASN F 81 58.40 -14.13 26.88
C ASN F 81 58.94 -15.15 27.90
N ASP F 82 59.66 -14.68 28.90
CA ASP F 82 60.12 -15.57 29.99
C ASP F 82 58.90 -16.20 30.72
N PHE F 83 57.88 -15.40 30.99
CA PHE F 83 56.66 -15.90 31.59
C PHE F 83 56.01 -16.97 30.70
N LEU F 84 55.84 -16.66 29.42
CA LEU F 84 55.24 -17.61 28.51
C LEU F 84 56.03 -18.94 28.44
N ALA F 85 57.34 -18.86 28.35
CA ALA F 85 58.16 -20.07 28.34
C ALA F 85 57.92 -20.93 29.58
N GLU F 86 57.78 -20.29 30.76
CA GLU F 86 57.49 -21.01 32.02
C GLU F 86 56.13 -21.72 31.99
N GLN F 87 55.15 -21.04 31.42
CA GLN F 87 53.83 -21.60 31.28
C GLN F 87 53.75 -22.77 30.31
N VAL F 88 54.41 -22.64 29.15
CA VAL F 88 54.45 -23.69 28.18
C VAL F 88 55.13 -24.94 28.80
N ALA F 89 56.18 -24.73 29.57
CA ALA F 89 56.94 -25.86 30.17
C ALA F 89 56.14 -26.68 31.20
N LYS F 90 55.07 -26.10 31.74
CA LYS F 90 54.16 -26.83 32.63
C LYS F 90 53.27 -27.85 31.91
N GLN F 91 52.90 -27.58 30.66
CA GLN F 91 52.05 -28.53 29.88
C GLN F 91 52.52 -28.54 28.42
N PRO F 92 53.71 -29.11 28.21
CA PRO F 92 54.43 -28.83 26.97
C PRO F 92 53.93 -29.62 25.76
N THR F 93 53.05 -30.59 25.98
CA THR F 93 52.39 -31.27 24.86
C THR F 93 51.14 -30.49 24.41
N ARG F 94 50.71 -29.53 25.21
CA ARG F 94 49.48 -28.76 24.95
C ARG F 94 49.70 -27.32 24.47
N PHE F 95 50.91 -26.80 24.64
CA PHE F 95 51.22 -25.41 24.31
C PHE F 95 52.51 -25.27 23.55
N ARG F 96 52.55 -24.23 22.74
CA ARG F 96 53.74 -23.58 22.27
C ARG F 96 53.59 -22.08 22.41
N GLY F 97 54.70 -21.37 22.25
CA GLY F 97 54.74 -19.93 22.28
C GLY F 97 55.09 -19.21 20.99
N PHE F 98 54.40 -18.10 20.76
CA PHE F 98 54.84 -17.05 19.86
C PHE F 98 55.52 -15.95 20.66
N ALA F 99 56.63 -15.46 20.14
CA ALA F 99 57.31 -14.30 20.71
C ALA F 99 56.55 -12.95 20.66
N ALA F 100 56.58 -12.22 21.78
CA ALA F 100 56.34 -10.79 21.76
C ALA F 100 57.63 -10.07 21.42
N LEU F 101 57.55 -9.03 20.59
CA LEU F 101 58.78 -8.34 20.13
C LEU F 101 58.72 -6.84 20.24
N PRO F 102 59.85 -6.23 20.69
CA PRO F 102 59.99 -4.80 20.70
C PRO F 102 60.40 -4.30 19.30
N MET F 103 59.43 -4.27 18.40
CA MET F 103 59.64 -3.85 17.03
C MET F 103 59.95 -2.36 16.89
N GLN F 104 59.86 -1.60 17.99
CA GLN F 104 60.39 -0.24 18.04
C GLN F 104 61.82 -0.19 17.53
N ASP F 105 62.60 -1.22 17.87
CA ASP F 105 64.01 -1.27 17.57
C ASP F 105 64.31 -2.56 16.82
N PRO F 106 64.58 -2.47 15.50
CA PRO F 106 64.78 -3.67 14.72
C PRO F 106 65.84 -4.63 15.24
N GLU F 107 66.96 -4.09 15.72
CA GLU F 107 67.99 -4.97 16.29
C GLU F 107 67.56 -5.65 17.61
N LEU F 108 66.91 -4.90 18.50
CA LEU F 108 66.41 -5.50 19.74
C LEU F 108 65.37 -6.58 19.41
N ALA F 109 64.53 -6.31 18.41
CA ALA F 109 63.51 -7.29 18.01
C ALA F 109 64.10 -8.57 17.44
N ALA F 110 65.14 -8.45 16.59
CA ALA F 110 65.78 -9.61 16.00
C ALA F 110 66.48 -10.44 17.09
N ARG F 111 67.17 -9.76 18.01
CA ARG F 111 67.85 -10.49 19.11
C ARG F 111 66.84 -11.22 19.99
N GLU F 112 65.73 -10.54 20.30
CA GLU F 112 64.70 -11.15 21.16
C GLU F 112 64.00 -12.31 20.46
N LEU F 113 63.74 -12.19 19.14
CA LEU F 113 63.22 -13.34 18.39
C LEU F 113 64.22 -14.54 18.42
N GLU F 114 65.49 -14.27 18.18
CA GLU F 114 66.48 -15.31 18.21
C GLU F 114 66.51 -16.01 19.57
N ARG F 115 66.52 -15.23 20.64
CA ARG F 115 66.49 -15.81 21.99
C ARG F 115 65.25 -16.67 22.18
N CYS F 116 64.07 -16.17 21.77
CA CYS F 116 62.86 -16.91 21.90
C CYS F 116 62.83 -18.22 21.15
N VAL F 117 63.33 -18.22 19.90
CA VAL F 117 63.35 -19.42 19.10
C VAL F 117 64.45 -20.38 19.65
N LYS F 118 65.67 -19.88 19.81
CA LYS F 118 66.84 -20.76 20.10
C LYS F 118 66.93 -21.20 21.55
N GLU F 119 66.56 -20.33 22.47
CA GLU F 119 66.65 -20.65 23.89
C GLU F 119 65.32 -21.06 24.53
N LEU F 120 64.21 -20.44 24.11
CA LEU F 120 62.91 -20.71 24.71
C LEU F 120 62.04 -21.70 23.90
N GLY F 121 62.43 -22.02 22.68
CA GLY F 121 61.71 -23.01 21.89
C GLY F 121 60.43 -22.44 21.26
N PHE F 122 60.34 -21.13 21.12
CA PHE F 122 59.13 -20.51 20.53
C PHE F 122 59.13 -20.81 19.03
N VAL F 123 57.96 -20.73 18.41
CA VAL F 123 57.77 -21.28 17.06
C VAL F 123 57.42 -20.18 16.04
N GLY F 124 57.53 -18.95 16.47
CA GLY F 124 57.19 -17.76 15.64
C GLY F 124 57.07 -16.50 16.48
N ALA F 125 56.56 -15.43 15.86
CA ALA F 125 56.36 -14.18 16.52
C ALA F 125 54.95 -13.73 16.21
N LEU F 126 54.36 -13.01 17.14
CA LEU F 126 53.06 -12.34 16.92
C LEU F 126 53.20 -10.89 17.32
N VAL F 127 52.83 -9.98 16.41
CA VAL F 127 53.04 -8.56 16.56
C VAL F 127 51.75 -7.89 16.16
N ASN F 128 51.31 -6.98 17.02
CA ASN F 128 50.03 -6.27 16.82
C ASN F 128 50.17 -5.03 15.99
N GLY F 129 50.46 -5.22 14.70
CA GLY F 129 50.53 -4.13 13.79
C GLY F 129 51.69 -3.20 14.07
N PHE F 130 51.50 -1.97 13.67
CA PHE F 130 52.53 -0.92 13.74
C PHE F 130 52.93 -0.62 15.17
N SER F 131 54.13 -0.06 15.31
CA SER F 131 54.69 0.29 16.61
C SER F 131 54.72 1.79 16.82
N GLN F 132 54.50 2.16 18.09
CA GLN F 132 54.69 3.54 18.54
C GLN F 132 56.08 3.61 19.15
N ASP F 133 56.83 4.65 18.78
CA ASP F 133 58.18 4.88 19.33
C ASP F 133 58.36 6.41 19.49
N ASN F 134 58.75 6.82 20.71
N ASN F 134 58.74 6.85 20.69
CA ASN F 134 58.96 8.23 21.04
CA ASN F 134 58.84 8.29 20.94
C ASN F 134 59.97 8.93 20.14
C ASN F 134 60.00 8.95 20.16
N ARG F 135 60.90 8.15 19.59
CA ARG F 135 61.94 8.66 18.70
C ARG F 135 61.44 8.90 17.28
N SER F 136 60.25 8.39 16.96
CA SER F 136 59.68 8.56 15.62
C SER F 136 58.43 9.40 15.62
N ALA F 137 58.40 10.41 14.74
CA ALA F 137 57.19 11.23 14.57
C ALA F 137 56.03 10.46 13.93
N VAL F 138 56.31 9.31 13.32
CA VAL F 138 55.28 8.53 12.61
C VAL F 138 55.21 7.13 13.17
N PRO F 139 54.03 6.48 13.04
CA PRO F 139 53.96 5.06 13.38
C PRO F 139 54.92 4.20 12.54
N LEU F 140 55.47 3.15 13.14
CA LEU F 140 56.42 2.30 12.46
C LEU F 140 55.76 1.05 11.82
N TYR F 141 55.82 0.99 10.50
CA TYR F 141 55.32 -0.13 9.70
C TYR F 141 56.51 -0.94 9.20
N TYR F 142 56.33 -2.24 9.01
CA TYR F 142 57.49 -3.17 8.85
C TYR F 142 58.00 -3.36 7.43
N ASP F 143 57.43 -2.60 6.50
CA ASP F 143 57.98 -2.50 5.15
C ASP F 143 59.15 -1.49 5.11
N MET F 144 59.27 -0.66 6.14
CA MET F 144 60.27 0.42 6.18
C MET F 144 61.66 -0.23 6.18
N ALA F 145 62.62 0.42 5.50
CA ALA F 145 63.95 -0.16 5.20
C ALA F 145 64.73 -0.67 6.42
N GLN F 146 64.55 -0.01 7.55
CA GLN F 146 65.29 -0.41 8.75
C GLN F 146 64.91 -1.81 9.26
N TYR F 147 63.74 -2.31 8.85
CA TYR F 147 63.34 -3.68 9.22
C TYR F 147 63.91 -4.77 8.34
N TRP F 148 64.59 -4.44 7.25
CA TRP F 148 65.04 -5.52 6.38
C TRP F 148 66.03 -6.51 7.04
N PRO F 149 66.94 -5.99 7.89
CA PRO F 149 67.81 -6.92 8.65
C PRO F 149 67.05 -7.74 9.69
N PHE F 150 65.94 -7.20 10.23
CA PHE F 150 65.05 -8.01 11.06
C PHE F 150 64.42 -9.16 10.23
N TRP F 151 63.86 -8.83 9.06
CA TRP F 151 63.29 -9.85 8.19
C TRP F 151 64.32 -10.91 7.75
N GLU F 152 65.55 -10.48 7.53
CA GLU F 152 66.62 -11.42 7.21
C GLU F 152 66.80 -12.46 8.33
N THR F 153 66.71 -11.96 9.57
CA THR F 153 66.79 -12.81 10.77
C THR F 153 65.60 -13.78 10.83
N VAL F 154 64.41 -13.26 10.56
CA VAL F 154 63.23 -14.10 10.53
C VAL F 154 63.34 -15.25 9.54
N GLN F 155 63.78 -14.92 8.33
CA GLN F 155 63.90 -15.90 7.28
C GLN F 155 65.00 -16.94 7.68
N ALA F 156 66.10 -16.47 8.27
CA ALA F 156 67.20 -17.39 8.69
C ALA F 156 66.74 -18.35 9.79
N LEU F 157 65.97 -17.86 10.75
CA LEU F 157 65.38 -18.72 11.78
C LEU F 157 64.32 -19.64 11.19
N ASP F 158 63.70 -19.20 10.10
CA ASP F 158 62.70 -19.98 9.39
C ASP F 158 61.49 -20.23 10.29
N VAL F 159 60.97 -19.13 10.86
CA VAL F 159 59.74 -19.23 11.65
C VAL F 159 58.78 -18.15 11.12
N PRO F 160 57.48 -18.42 11.20
CA PRO F 160 56.49 -17.43 10.75
C PRO F 160 56.29 -16.22 11.65
N PHE F 161 55.77 -15.15 11.05
CA PHE F 161 55.47 -13.93 11.71
C PHE F 161 53.97 -13.69 11.56
N TYR F 162 53.27 -13.62 12.69
CA TYR F 162 51.81 -13.39 12.72
C TYR F 162 51.59 -11.90 12.87
N LEU F 163 50.99 -11.31 11.83
CA LEU F 163 50.68 -9.91 11.80
C LEU F 163 49.27 -9.74 12.27
N HIS F 164 49.13 -9.43 13.54
CA HIS F 164 47.87 -9.33 14.25
C HIS F 164 47.37 -7.87 14.20
N PRO F 165 46.04 -7.66 14.38
CA PRO F 165 45.63 -6.30 14.36
C PRO F 165 45.96 -5.41 15.61
N ARG F 166 45.89 -4.11 15.41
CA ARG F 166 45.63 -3.13 16.46
C ARG F 166 44.75 -2.06 15.84
N ASN F 167 44.28 -1.12 16.66
CA ASN F 167 43.51 0.00 16.11
C ASN F 167 44.46 1.06 15.49
N PRO F 168 44.01 1.82 14.47
CA PRO F 168 44.78 3.00 14.05
C PRO F 168 44.86 4.04 15.20
N LEU F 169 45.86 4.90 15.15
CA LEU F 169 45.94 6.00 16.10
C LEU F 169 44.78 6.96 15.79
N PRO F 170 44.33 7.72 16.80
CA PRO F 170 43.17 8.63 16.58
C PRO F 170 43.28 9.61 15.42
N SER F 171 44.47 10.16 15.17
CA SER F 171 44.64 11.11 14.08
C SER F 171 44.56 10.43 12.69
N ASP F 172 44.81 9.12 12.67
CA ASP F 172 44.58 8.23 11.50
C ASP F 172 43.21 7.51 11.47
N ALA F 173 42.25 7.95 12.30
CA ALA F 173 40.98 7.27 12.50
C ALA F 173 39.82 8.22 12.45
N ARG F 174 40.01 9.40 11.86
CA ARG F 174 38.91 10.40 11.82
CA ARG F 174 38.91 10.38 11.88
C ARG F 174 37.67 9.88 11.09
N ILE F 175 37.85 8.97 10.12
CA ILE F 175 36.67 8.41 9.43
C ILE F 175 35.70 7.73 10.42
N TYR F 176 36.23 7.20 11.51
CA TYR F 176 35.39 6.54 12.54
C TYR F 176 34.85 7.48 13.64
N ASP F 177 35.13 8.79 13.53
CA ASP F 177 34.85 9.72 14.62
C ASP F 177 33.33 9.77 14.71
N GLY F 178 32.82 9.64 15.93
CA GLY F 178 31.36 9.56 16.12
C GLY F 178 30.81 8.17 15.84
N HIS F 179 31.68 7.20 15.54
CA HIS F 179 31.26 5.87 15.11
C HIS F 179 32.29 4.89 15.68
N ALA F 180 32.57 5.00 16.97
CA ALA F 180 33.54 4.11 17.64
C ALA F 180 33.20 2.65 17.60
N TRP F 181 31.93 2.34 17.37
CA TRP F 181 31.47 0.95 17.15
C TRP F 181 32.20 0.25 15.97
N LEU F 182 32.79 1.05 15.07
CA LEU F 182 33.56 0.51 13.90
C LEU F 182 35.00 0.20 14.25
N LEU F 183 35.46 0.71 15.39
CA LEU F 183 36.83 0.39 15.87
C LEU F 183 36.91 -1.03 16.31
N GLY F 184 38.13 -1.57 16.40
CA GLY F 184 38.29 -2.91 16.88
C GLY F 184 37.90 -3.97 15.82
N PRO F 185 37.50 -5.17 16.28
CA PRO F 185 37.22 -6.30 15.37
C PRO F 185 36.06 -6.09 14.42
N THR F 186 35.16 -5.18 14.76
CA THR F 186 34.07 -4.87 13.88
C THR F 186 34.55 -4.53 12.44
N TRP F 187 35.56 -3.65 12.31
CA TRP F 187 36.04 -3.21 11.00
C TRP F 187 37.46 -2.68 11.00
N ALA F 188 37.78 -1.77 11.92
CA ALA F 188 39.03 -1.03 11.85
C ALA F 188 40.25 -1.92 11.96
N PHE F 189 40.15 -2.98 12.76
CA PHE F 189 41.28 -3.95 12.90
C PHE F 189 41.67 -4.50 11.51
N GLY F 190 40.62 -4.90 10.77
CA GLY F 190 40.80 -5.50 9.45
C GLY F 190 41.46 -4.59 8.45
N GLN F 191 40.94 -3.37 8.29
CA GLN F 191 41.54 -2.39 7.41
C GLN F 191 43.00 -2.14 7.74
N GLU F 192 43.29 -1.92 9.01
CA GLU F 192 44.63 -1.59 9.48
C GLU F 192 45.58 -2.71 9.09
N THR F 193 45.11 -3.94 9.24
CA THR F 193 45.99 -5.11 9.11
C THR F 193 46.14 -5.48 7.61
N ALA F 194 45.05 -5.39 6.86
CA ALA F 194 45.10 -5.67 5.39
C ALA F 194 46.09 -4.69 4.73
N VAL F 195 46.00 -3.41 5.07
CA VAL F 195 46.90 -2.39 4.50
C VAL F 195 48.34 -2.63 4.93
N HIS F 196 48.58 -2.93 6.21
CA HIS F 196 49.94 -3.29 6.64
C HIS F 196 50.50 -4.43 5.83
N ALA F 197 49.71 -5.50 5.66
CA ALA F 197 50.10 -6.62 4.88
C ALA F 197 50.41 -6.26 3.42
N LEU F 198 49.57 -5.42 2.81
CA LEU F 198 49.79 -5.01 1.46
C LEU F 198 51.09 -4.16 1.32
N ARG F 199 51.39 -3.36 2.31
CA ARG F 199 52.60 -2.55 2.32
C ARG F 199 53.80 -3.47 2.31
N LEU F 200 53.78 -4.53 3.12
CA LEU F 200 54.83 -5.57 3.09
C LEU F 200 54.95 -6.15 1.65
N MET F 201 53.81 -6.50 1.03
CA MET F 201 53.86 -7.15 -0.27
C MET F 201 54.41 -6.24 -1.39
N GLY F 202 53.93 -5.00 -1.45
CA GLY F 202 54.35 -4.05 -2.47
C GLY F 202 55.79 -3.56 -2.34
N SER F 203 56.36 -3.67 -1.13
CA SER F 203 57.67 -3.10 -0.81
C SER F 203 58.81 -3.87 -1.49
N GLY F 204 58.57 -5.10 -1.92
CA GLY F 204 59.61 -5.94 -2.51
C GLY F 204 60.31 -6.79 -1.49
N LEU F 205 59.86 -6.73 -0.24
CA LEU F 205 60.40 -7.59 0.82
C LEU F 205 60.46 -9.06 0.46
N PHE F 206 59.43 -9.57 -0.21
CA PHE F 206 59.36 -10.99 -0.54
C PHE F 206 60.14 -11.34 -1.82
N ASP F 207 60.61 -10.33 -2.54
CA ASP F 207 61.61 -10.57 -3.63
C ASP F 207 62.96 -10.82 -2.95
N LYS F 208 63.25 -10.02 -1.93
CA LYS F 208 64.54 -10.11 -1.22
C LYS F 208 64.61 -11.36 -0.33
N TYR F 209 63.52 -11.64 0.39
CA TYR F 209 63.46 -12.76 1.33
C TYR F 209 62.27 -13.64 0.98
N PRO F 210 62.39 -14.44 -0.09
CA PRO F 210 61.25 -15.19 -0.61
C PRO F 210 60.71 -16.29 0.25
N ALA F 211 61.46 -16.73 1.27
CA ALA F 211 61.05 -17.83 2.11
C ALA F 211 60.24 -17.37 3.37
N LEU F 212 60.08 -16.07 3.54
CA LEU F 212 59.29 -15.53 4.67
C LEU F 212 57.88 -16.11 4.66
N LYS F 213 57.32 -16.31 5.85
CA LYS F 213 55.94 -16.79 6.04
C LYS F 213 55.23 -15.83 6.97
N ILE F 214 54.21 -15.13 6.44
CA ILE F 214 53.43 -14.21 7.22
C ILE F 214 52.02 -14.81 7.46
N ILE F 215 51.51 -14.71 8.69
CA ILE F 215 50.19 -15.27 9.03
C ILE F 215 49.27 -14.10 9.33
N LEU F 216 48.06 -14.17 8.78
CA LEU F 216 46.98 -13.22 9.07
C LEU F 216 45.79 -13.96 9.65
N GLY F 217 45.16 -13.39 10.68
CA GLY F 217 43.99 -13.97 11.24
C GLY F 217 42.72 -13.48 10.53
N HIS F 218 41.57 -13.87 11.06
CA HIS F 218 40.27 -13.29 10.60
C HIS F 218 40.06 -13.53 9.09
N MET F 219 40.51 -14.68 8.61
CA MET F 219 40.33 -15.08 7.22
C MET F 219 41.08 -14.16 6.26
N GLY F 220 42.12 -13.50 6.75
CA GLY F 220 42.92 -12.62 5.89
C GLY F 220 42.43 -11.20 5.78
N GLU F 221 41.54 -10.78 6.69
CA GLU F 221 41.21 -9.38 6.87
C GLU F 221 40.64 -8.75 5.57
N GLY F 222 39.83 -9.53 4.88
CA GLY F 222 39.18 -9.04 3.66
C GLY F 222 39.96 -9.24 2.38
N LEU F 223 41.24 -9.63 2.50
CA LEU F 223 42.09 -9.64 1.32
C LEU F 223 41.61 -10.57 0.17
N PRO F 224 41.18 -11.82 0.48
CA PRO F 224 40.84 -12.73 -0.63
C PRO F 224 39.73 -12.21 -1.53
N TYR F 225 38.79 -11.50 -0.96
CA TYR F 225 37.64 -10.99 -1.72
C TYR F 225 38.01 -9.96 -2.75
N SER F 226 38.95 -9.09 -2.38
CA SER F 226 39.39 -7.96 -3.21
C SER F 226 40.72 -8.17 -3.92
N MET F 227 41.33 -9.34 -3.77
CA MET F 227 42.68 -9.57 -4.24
C MET F 227 42.78 -9.45 -5.78
N TRP F 228 41.80 -10.00 -6.50
CA TRP F 228 41.73 -9.82 -7.96
C TRP F 228 41.79 -8.34 -8.33
N ARG F 229 40.93 -7.54 -7.72
CA ARG F 229 40.85 -6.10 -7.98
C ARG F 229 42.18 -5.34 -7.66
N ILE F 230 42.89 -5.77 -6.61
CA ILE F 230 44.12 -5.08 -6.21
C ILE F 230 45.12 -4.99 -7.41
N ASP F 231 45.27 -6.10 -8.11
CA ASP F 231 46.17 -6.19 -9.29
C ASP F 231 45.49 -5.84 -10.62
N HIS F 232 44.22 -6.22 -10.82
CA HIS F 232 43.60 -6.20 -12.14
C HIS F 232 42.69 -5.02 -12.39
N ARG F 233 42.52 -4.12 -11.42
CA ARG F 233 41.76 -2.90 -11.68
C ARG F 233 42.40 -2.18 -12.89
N ASN F 234 41.55 -1.55 -13.70
CA ASN F 234 41.94 -0.82 -14.87
C ASN F 234 42.83 -1.63 -15.80
N ALA F 235 42.46 -2.89 -16.06
CA ALA F 235 43.35 -3.87 -16.73
C ALA F 235 43.74 -3.45 -18.15
N TRP F 236 42.94 -2.58 -18.78
CA TRP F 236 43.26 -2.11 -20.12
C TRP F 236 44.54 -1.30 -20.22
N ILE F 237 44.96 -0.73 -19.09
CA ILE F 237 46.19 0.01 -19.02
C ILE F 237 47.32 -1.02 -18.96
N LYS F 238 48.29 -0.88 -19.86
CA LYS F 238 49.45 -1.82 -19.85
C LYS F 238 50.60 -1.01 -19.27
N THR F 239 51.00 -1.33 -18.06
CA THR F 239 52.00 -0.51 -17.38
C THR F 239 52.62 -1.35 -16.29
N THR F 240 53.70 -0.86 -15.70
CA THR F 240 54.31 -1.54 -14.57
C THR F 240 53.71 -0.92 -13.34
N PRO F 241 53.26 -1.75 -12.37
CA PRO F 241 52.78 -1.17 -11.10
C PRO F 241 53.83 -0.29 -10.40
N LYS F 242 53.34 0.74 -9.72
CA LYS F 242 54.17 1.78 -9.13
C LYS F 242 54.57 1.46 -7.71
N TYR F 243 55.02 0.23 -7.50
CA TYR F 243 55.53 -0.14 -6.21
C TYR F 243 56.85 -0.84 -6.52
N PRO F 244 57.71 -0.96 -5.51
CA PRO F 244 59.04 -1.55 -5.78
C PRO F 244 59.08 -3.03 -6.04
N ALA F 245 58.11 -3.81 -5.58
CA ALA F 245 58.11 -5.24 -5.80
C ALA F 245 58.03 -5.57 -7.31
N LYS F 246 58.60 -6.69 -7.68
CA LYS F 246 58.73 -7.05 -9.12
C LYS F 246 57.51 -7.70 -9.73
N ARG F 247 56.68 -8.34 -8.89
CA ARG F 247 55.61 -9.20 -9.35
C ARG F 247 54.23 -8.64 -8.92
N LYS F 248 53.18 -9.37 -9.23
CA LYS F 248 51.82 -9.01 -8.82
C LYS F 248 51.65 -9.22 -7.31
N ILE F 249 50.79 -8.43 -6.69
CA ILE F 249 50.49 -8.61 -5.25
C ILE F 249 50.03 -10.02 -4.94
N VAL F 250 49.13 -10.55 -5.77
CA VAL F 250 48.62 -11.90 -5.57
C VAL F 250 49.72 -12.95 -5.54
N ASP F 251 50.83 -12.74 -6.26
CA ASP F 251 51.92 -13.72 -6.22
C ASP F 251 52.50 -13.85 -4.81
N TYR F 252 52.70 -12.73 -4.14
CA TYR F 252 53.20 -12.75 -2.78
C TYR F 252 52.17 -13.26 -1.82
N PHE F 253 50.91 -12.87 -2.03
CA PHE F 253 49.86 -13.38 -1.16
C PHE F 253 49.83 -14.92 -1.22
N ASN F 254 49.88 -15.49 -2.44
CA ASN F 254 49.75 -16.91 -2.60
C ASN F 254 50.98 -17.65 -2.11
N GLU F 255 52.13 -17.01 -2.19
CA GLU F 255 53.40 -17.72 -1.87
C GLU F 255 53.93 -17.47 -0.46
N ASN F 256 53.59 -16.34 0.14
CA ASN F 256 54.18 -15.97 1.43
C ASN F 256 53.20 -15.88 2.60
N PHE F 257 51.90 -16.04 2.35
CA PHE F 257 50.89 -15.85 3.40
C PHE F 257 50.15 -17.13 3.73
N TYR F 258 49.70 -17.17 5.01
CA TYR F 258 48.78 -18.12 5.53
C TYR F 258 47.69 -17.33 6.23
N LEU F 259 46.46 -17.86 6.20
CA LEU F 259 45.34 -17.24 6.88
C LEU F 259 44.80 -18.13 7.99
N THR F 260 44.32 -17.56 9.09
CA THR F 260 43.65 -18.40 10.07
C THR F 260 42.16 -18.05 10.10
N THR F 261 41.39 -18.96 10.74
CA THR F 261 39.93 -18.78 10.88
C THR F 261 39.48 -17.99 12.14
N SER F 262 40.40 -17.31 12.82
CA SER F 262 40.12 -16.60 14.08
C SER F 262 38.98 -15.63 13.88
N GLY F 263 38.02 -15.68 14.80
CA GLY F 263 36.96 -14.68 14.77
C GLY F 263 36.21 -14.46 13.48
N ASN F 264 36.16 -15.47 12.59
CA ASN F 264 35.48 -15.29 11.33
C ASN F 264 34.86 -16.63 10.89
N PHE F 265 33.90 -17.04 11.71
CA PHE F 265 33.27 -18.34 11.66
C PHE F 265 32.15 -18.35 10.64
N ARG F 266 32.54 -18.16 9.37
CA ARG F 266 31.58 -17.92 8.33
C ARG F 266 31.93 -18.81 7.13
N THR F 267 31.07 -19.77 6.85
CA THR F 267 31.35 -20.72 5.75
C THR F 267 31.56 -20.08 4.40
N GLN F 268 30.74 -19.10 4.02
CA GLN F 268 30.91 -18.46 2.74
C GLN F 268 32.30 -17.83 2.60
N THR F 269 32.75 -17.19 3.67
CA THR F 269 34.03 -16.54 3.77
C THR F 269 35.16 -17.55 3.63
N LEU F 270 35.03 -18.66 4.34
CA LEU F 270 36.02 -19.76 4.23
C LEU F 270 36.10 -20.31 2.79
N ILE F 271 34.95 -20.56 2.17
CA ILE F 271 34.93 -21.08 0.77
C ILE F 271 35.59 -20.08 -0.18
N ASP F 272 35.25 -18.79 -0.08
CA ASP F 272 35.92 -17.73 -0.87
C ASP F 272 37.43 -17.82 -0.72
N ALA F 273 37.90 -17.92 0.52
CA ALA F 273 39.34 -18.07 0.79
C ALA F 273 39.91 -19.33 0.19
N ILE F 274 39.20 -20.45 0.32
CA ILE F 274 39.67 -21.71 -0.29
C ILE F 274 39.87 -21.57 -1.81
N LEU F 275 38.94 -20.90 -2.48
CA LEU F 275 38.96 -20.75 -3.94
C LEU F 275 39.88 -19.60 -4.42
N GLU F 276 40.51 -18.87 -3.48
CA GLU F 276 41.45 -17.82 -3.80
C GLU F 276 42.89 -18.20 -3.41
N ILE F 277 43.10 -18.65 -2.18
CA ILE F 277 44.46 -18.99 -1.70
C ILE F 277 44.68 -20.49 -1.50
N GLY F 278 43.61 -21.28 -1.41
CA GLY F 278 43.72 -22.73 -1.25
C GLY F 278 43.70 -23.19 0.21
N ALA F 279 43.12 -24.36 0.44
CA ALA F 279 42.94 -24.88 1.80
C ALA F 279 44.27 -25.22 2.45
N ASP F 280 45.30 -25.45 1.65
CA ASP F 280 46.65 -25.71 2.21
C ASP F 280 47.24 -24.50 2.97
N ARG F 281 46.68 -23.30 2.76
CA ARG F 281 47.22 -22.10 3.43
CA ARG F 281 47.20 -22.05 3.34
C ARG F 281 46.25 -21.48 4.42
N ILE F 282 45.24 -22.27 4.83
CA ILE F 282 44.28 -21.83 5.83
C ILE F 282 44.42 -22.72 7.07
N LEU F 283 44.43 -22.06 8.24
CA LEU F 283 44.68 -22.71 9.51
C LEU F 283 43.54 -22.46 10.51
N PHE F 284 43.15 -23.48 11.25
CA PHE F 284 42.17 -23.30 12.34
C PHE F 284 42.76 -22.38 13.41
N SER F 285 41.95 -21.47 13.93
CA SER F 285 42.24 -20.67 15.14
C SER F 285 40.98 -20.12 15.70
N THR F 286 41.01 -19.71 16.97
CA THR F 286 39.77 -19.32 17.67
C THR F 286 39.65 -17.86 18.03
N ASP F 287 40.77 -17.21 18.38
CA ASP F 287 40.81 -15.89 19.01
C ASP F 287 40.29 -15.92 20.48
N TRP F 288 40.26 -17.09 21.09
CA TRP F 288 40.11 -17.14 22.56
C TRP F 288 41.10 -16.17 23.18
N PRO F 289 40.66 -15.37 24.20
CA PRO F 289 39.37 -15.45 24.85
C PRO F 289 38.37 -14.42 24.37
N PHE F 290 38.69 -13.73 23.26
CA PHE F 290 37.78 -12.70 22.71
C PHE F 290 36.62 -13.37 21.96
N GLU F 291 36.82 -14.62 21.56
CA GLU F 291 35.78 -15.46 21.00
C GLU F 291 35.77 -16.73 21.83
N ASN F 292 34.61 -17.31 22.00
CA ASN F 292 34.50 -18.66 22.62
C ASN F 292 35.15 -19.80 21.80
N ILE F 293 35.86 -20.67 22.50
CA ILE F 293 36.36 -21.93 21.94
C ILE F 293 35.23 -22.80 21.39
N ASP F 294 34.10 -22.91 22.10
CA ASP F 294 33.00 -23.72 21.64
C ASP F 294 32.41 -23.21 20.32
N HIS F 295 32.25 -21.90 20.23
CA HIS F 295 31.78 -21.25 18.96
C HIS F 295 32.71 -21.60 17.77
N ALA F 296 34.01 -21.42 17.98
CA ALA F 296 35.01 -21.66 16.92
C ALA F 296 34.98 -23.15 16.49
N ALA F 297 35.11 -24.06 17.49
CA ALA F 297 35.18 -25.47 17.23
C ALA F 297 33.93 -26.07 16.62
N ASP F 298 32.76 -25.66 17.08
CA ASP F 298 31.49 -26.19 16.56
C ASP F 298 31.24 -25.74 15.11
N TRP F 299 31.59 -24.49 14.81
CA TRP F 299 31.44 -24.00 13.46
C TRP F 299 32.38 -24.82 12.55
N PHE F 300 33.63 -24.96 12.98
CA PHE F 300 34.61 -25.58 12.14
C PHE F 300 34.28 -27.06 11.89
N GLU F 301 33.80 -27.75 12.91
CA GLU F 301 33.46 -29.19 12.84
C GLU F 301 32.49 -29.48 11.71
N ASN F 302 31.58 -28.54 11.45
CA ASN F 302 30.50 -28.71 10.55
C ASN F 302 30.53 -27.88 9.25
N THR F 303 31.58 -27.10 9.06
CA THR F 303 31.64 -26.25 7.88
C THR F 303 31.73 -27.12 6.60
N SER F 304 31.26 -26.55 5.50
CA SER F 304 30.95 -27.28 4.24
C SER F 304 32.13 -27.44 3.31
N ILE F 305 33.10 -28.22 3.80
CA ILE F 305 34.33 -28.52 3.11
C ILE F 305 34.53 -30.07 3.13
N SER F 306 35.53 -30.54 2.40
CA SER F 306 35.88 -31.94 2.38
C SER F 306 36.54 -32.36 3.69
N GLU F 307 36.42 -33.63 4.02
CA GLU F 307 37.02 -34.16 5.23
C GLU F 307 38.53 -34.04 5.15
N ALA F 308 39.09 -34.22 3.94
CA ALA F 308 40.52 -34.06 3.78
C ALA F 308 40.94 -32.64 4.13
N ASP F 309 40.20 -31.65 3.67
CA ASP F 309 40.54 -30.29 3.99
C ASP F 309 40.22 -29.91 5.45
N ARG F 310 39.22 -30.54 6.06
CA ARG F 310 38.94 -30.31 7.48
C ARG F 310 40.15 -30.78 8.31
N LYS F 311 40.75 -31.90 7.95
CA LYS F 311 41.99 -32.34 8.62
C LYS F 311 43.19 -31.43 8.40
N LYS F 312 43.36 -30.95 7.17
CA LYS F 312 44.47 -30.06 6.88
C LYS F 312 44.32 -28.72 7.64
N ILE F 313 43.16 -28.09 7.52
CA ILE F 313 42.94 -26.86 8.17
C ILE F 313 42.91 -26.98 9.72
N GLY F 314 42.36 -28.07 10.23
CA GLY F 314 42.26 -28.29 11.68
C GLY F 314 43.62 -28.56 12.33
N TRP F 315 44.51 -29.22 11.62
CA TRP F 315 45.85 -29.58 12.17
C TRP F 315 46.97 -29.87 11.21
N GLY F 316 46.68 -30.48 10.08
CA GLY F 316 47.77 -30.86 9.16
C GLY F 316 48.65 -29.75 8.66
N ASN F 317 48.03 -28.64 8.24
CA ASN F 317 48.78 -27.50 7.76
C ASN F 317 49.70 -26.90 8.84
N ALA F 318 49.18 -26.75 10.06
CA ALA F 318 49.97 -26.18 11.14
C ALA F 318 51.09 -27.16 11.58
N GLN F 319 50.81 -28.45 11.56
CA GLN F 319 51.87 -29.43 11.93
C GLN F 319 53.03 -29.32 10.98
N ASN F 320 52.73 -29.13 9.69
N ASN F 320 52.74 -29.17 9.68
CA ASN F 320 53.77 -28.96 8.67
CA ASN F 320 53.78 -28.94 8.66
C ASN F 320 54.46 -27.60 8.72
C ASN F 320 54.48 -27.61 8.87
N LEU F 321 53.70 -26.53 8.97
CA LEU F 321 54.24 -25.20 9.06
C LEU F 321 55.18 -24.96 10.24
N PHE F 322 54.82 -25.48 11.41
CA PHE F 322 55.61 -25.27 12.63
C PHE F 322 56.51 -26.44 12.95
N LYS F 323 56.56 -27.43 12.05
CA LYS F 323 57.46 -28.60 12.17
C LYS F 323 57.24 -29.40 13.45
N LEU F 324 55.98 -29.59 13.80
CA LEU F 324 55.59 -30.35 14.97
C LEU F 324 55.62 -31.84 14.58
N MET G 1 13.15 -19.93 11.21
CA MET G 1 12.31 -19.36 10.13
C MET G 1 10.92 -19.98 10.23
N ASN G 2 9.96 -19.17 10.68
CA ASN G 2 8.56 -19.53 10.60
C ASN G 2 8.02 -19.39 9.19
N GLY G 3 6.88 -20.03 8.98
CA GLY G 3 6.17 -19.89 7.76
C GLY G 3 6.69 -20.71 6.59
N LYS G 4 7.49 -21.76 6.80
CA LYS G 4 7.95 -22.55 5.65
C LYS G 4 6.79 -23.34 5.00
N ILE G 5 6.92 -23.56 3.69
CA ILE G 5 6.04 -24.46 2.95
C ILE G 5 6.90 -25.69 2.60
N ALA G 6 6.36 -26.89 2.82
CA ALA G 6 7.06 -28.15 2.53
C ALA G 6 6.13 -28.98 1.63
N LEU G 7 6.69 -29.64 0.61
CA LEU G 7 5.85 -30.32 -0.39
C LEU G 7 6.31 -31.70 -0.87
N GLU G 8 7.20 -32.36 -0.15
CA GLU G 8 7.39 -33.80 -0.29
C GLU G 8 7.16 -34.43 1.10
N GLU G 9 5.91 -34.51 1.41
CA GLU G 9 5.42 -34.78 2.77
C GLU G 9 4.31 -35.86 2.65
N HIS G 10 4.60 -37.06 3.07
CA HIS G 10 3.84 -38.23 2.64
C HIS G 10 2.90 -38.73 3.74
N PHE G 11 1.82 -39.38 3.30
CA PHE G 11 0.93 -40.11 4.17
C PHE G 11 0.53 -41.42 3.47
N ALA G 12 -0.09 -42.31 4.22
CA ALA G 12 -0.63 -43.55 3.63
C ALA G 12 -2.05 -43.77 4.13
N THR G 13 -2.85 -44.42 3.31
CA THR G 13 -4.07 -45.03 3.79
C THR G 13 -3.77 -46.47 4.16
N GLU G 14 -4.69 -47.11 4.90
CA GLU G 14 -4.53 -48.54 5.17
C GLU G 14 -4.39 -49.36 3.87
N GLU G 15 -5.10 -48.93 2.85
CA GLU G 15 -4.98 -49.55 1.52
C GLU G 15 -3.53 -49.53 0.94
N THR G 16 -2.76 -48.45 1.16
CA THR G 16 -1.45 -48.29 0.52
C THR G 16 -0.28 -48.44 1.49
N LEU G 17 -0.57 -48.57 2.78
CA LEU G 17 0.44 -48.54 3.79
C LEU G 17 1.56 -49.52 3.60
N MET G 18 1.24 -50.74 3.20
CA MET G 18 2.28 -51.79 3.24
C MET G 18 3.26 -51.56 2.09
N ASP G 19 2.92 -50.69 1.14
CA ASP G 19 3.94 -50.26 0.14
C ASP G 19 5.23 -49.71 0.77
N SER G 20 5.15 -49.13 1.98
CA SER G 20 6.32 -48.49 2.60
C SER G 20 7.14 -49.41 3.51
N ALA G 21 6.64 -50.60 3.76
CA ALA G 21 7.21 -51.47 4.80
C ALA G 21 8.65 -51.91 4.52
N GLY G 22 9.00 -52.21 3.28
CA GLY G 22 10.39 -52.63 3.01
C GLY G 22 11.44 -51.53 3.16
N PHE G 23 11.01 -50.29 3.39
CA PHE G 23 11.94 -49.16 3.36
C PHE G 23 12.66 -48.85 4.67
N VAL G 24 12.30 -49.52 5.78
CA VAL G 24 13.02 -49.33 7.05
C VAL G 24 13.18 -50.71 7.71
N PRO G 25 14.10 -50.85 8.67
CA PRO G 25 14.18 -52.12 9.38
C PRO G 25 12.87 -52.48 10.12
N ASP G 26 12.65 -53.77 10.35
CA ASP G 26 11.40 -54.20 10.98
C ASP G 26 11.22 -53.49 12.34
N LYS G 27 12.30 -53.30 13.10
CA LYS G 27 12.22 -52.68 14.42
C LYS G 27 11.69 -51.23 14.39
N ASP G 28 11.84 -50.55 13.24
CA ASP G 28 11.37 -49.17 13.07
C ASP G 28 10.05 -49.06 12.39
N TRP G 29 9.45 -50.19 12.00
CA TRP G 29 8.17 -50.14 11.30
C TRP G 29 7.03 -49.52 12.13
N PRO G 30 6.95 -49.86 13.45
CA PRO G 30 5.86 -49.24 14.23
C PRO G 30 5.90 -47.68 14.19
N GLU G 31 7.10 -47.10 14.28
CA GLU G 31 7.27 -45.65 14.16
C GLU G 31 6.88 -45.11 12.79
N LEU G 32 7.41 -45.75 11.74
CA LEU G 32 7.12 -45.31 10.36
C LEU G 32 5.66 -45.38 10.06
N ARG G 33 5.04 -46.50 10.47
N ARG G 33 5.03 -46.53 10.33
CA ARG G 33 3.59 -46.68 10.45
CA ARG G 33 3.60 -46.70 10.02
C ARG G 33 2.81 -45.61 11.21
C ARG G 33 2.78 -45.65 10.73
N SER G 34 3.20 -45.27 12.45
N SER G 34 3.12 -45.42 12.00
CA SER G 34 2.45 -44.22 13.15
CA SER G 34 2.47 -44.41 12.85
C SER G 34 2.57 -42.90 12.39
C SER G 34 2.55 -43.02 12.21
N ARG G 35 3.76 -42.62 11.82
CA ARG G 35 4.00 -41.33 11.11
C ARG G 35 3.21 -41.24 9.82
N LEU G 36 3.19 -42.34 9.07
CA LEU G 36 2.45 -42.37 7.79
C LEU G 36 0.96 -42.18 7.94
N LEU G 37 0.38 -42.79 8.97
CA LEU G 37 -1.07 -42.73 9.16
C LEU G 37 -1.55 -41.45 9.86
N ASP G 38 -0.65 -40.77 10.55
CA ASP G 38 -0.97 -39.52 11.28
C ASP G 38 -0.84 -38.27 10.40
N ILE G 39 -1.95 -37.57 10.18
CA ILE G 39 -1.97 -36.26 9.52
C ILE G 39 -2.28 -35.15 10.52
N GLN G 40 -3.27 -35.36 11.39
CA GLN G 40 -3.91 -34.27 12.16
C GLN G 40 -3.20 -33.84 13.44
N ASP G 41 -2.40 -34.73 14.05
CA ASP G 41 -1.99 -34.63 15.44
C ASP G 41 -0.49 -34.37 15.56
N ARG G 42 0.30 -35.44 15.68
CA ARG G 42 1.72 -35.25 15.89
C ARG G 42 2.42 -34.50 14.71
N ARG G 43 1.97 -34.77 13.48
CA ARG G 43 2.49 -34.07 12.30
C ARG G 43 2.42 -32.54 12.42
N VAL G 44 1.26 -32.06 12.87
CA VAL G 44 1.06 -30.63 13.01
C VAL G 44 1.85 -30.06 14.20
N ARG G 45 1.94 -30.81 15.30
CA ARG G 45 2.80 -30.40 16.41
C ARG G 45 4.25 -30.21 15.94
N LEU G 46 4.75 -31.15 15.14
CA LEU G 46 6.14 -31.07 14.65
C LEU G 46 6.28 -29.88 13.69
N MET G 47 5.22 -29.61 12.91
CA MET G 47 5.20 -28.46 12.02
C MET G 47 5.31 -27.16 12.86
N ASP G 48 4.49 -27.05 13.90
CA ASP G 48 4.60 -25.96 14.87
C ASP G 48 5.97 -25.82 15.51
N GLU G 49 6.56 -26.93 15.90
CA GLU G 49 7.86 -26.87 16.57
C GLU G 49 9.03 -26.51 15.63
N HIS G 50 8.85 -26.68 14.33
CA HIS G 50 9.99 -26.53 13.39
C HIS G 50 9.72 -25.56 12.27
N GLY G 51 8.76 -24.68 12.53
CA GLY G 51 8.44 -23.55 11.66
C GLY G 51 7.91 -23.85 10.27
N ILE G 52 7.11 -24.90 10.14
CA ILE G 52 6.47 -25.18 8.87
C ILE G 52 5.02 -24.75 9.02
N GLU G 53 4.60 -23.81 8.19
CA GLU G 53 3.20 -23.34 8.17
C GLU G 53 2.32 -24.33 7.39
N THR G 54 2.79 -24.79 6.22
CA THR G 54 1.96 -25.58 5.32
C THR G 54 2.72 -26.78 4.80
N MET G 55 2.10 -27.94 4.87
CA MET G 55 2.56 -29.14 4.15
C MET G 55 1.63 -29.41 3.01
N ILE G 56 2.18 -29.57 1.82
CA ILE G 56 1.41 -30.05 0.69
C ILE G 56 1.58 -31.57 0.69
N LEU G 57 0.50 -32.28 0.96
CA LEU G 57 0.55 -33.74 1.23
C LEU G 57 0.42 -34.62 0.00
N SER G 58 1.09 -35.78 0.02
CA SER G 58 0.96 -36.77 -1.05
C SER G 58 0.97 -38.17 -0.52
N LEU G 59 0.27 -39.04 -1.24
CA LEU G 59 0.27 -40.47 -0.93
C LEU G 59 1.68 -41.03 -1.04
N ASN G 60 1.91 -42.11 -0.31
CA ASN G 60 3.18 -42.82 -0.30
C ASN G 60 3.41 -43.56 -1.64
N ALA G 61 4.48 -44.32 -1.72
CA ALA G 61 4.98 -44.86 -3.00
C ALA G 61 5.24 -46.35 -2.92
N PRO G 62 5.11 -47.10 -4.06
CA PRO G 62 4.69 -46.60 -5.37
C PRO G 62 3.21 -46.38 -5.48
N ALA G 63 2.43 -46.96 -4.54
CA ALA G 63 0.97 -46.76 -4.44
C ALA G 63 0.31 -46.96 -5.80
N VAL G 64 -0.38 -45.94 -6.35
CA VAL G 64 -1.16 -46.15 -7.52
C VAL G 64 -0.35 -46.63 -8.74
N GLN G 65 0.93 -46.25 -8.81
CA GLN G 65 1.76 -46.62 -9.95
C GLN G 65 2.06 -48.11 -10.02
N ALA G 66 1.80 -48.82 -8.94
CA ALA G 66 2.02 -50.26 -8.89
C ALA G 66 0.73 -51.07 -9.00
N ILE G 67 -0.40 -50.42 -9.23
CA ILE G 67 -1.68 -51.14 -9.32
C ILE G 67 -1.94 -51.38 -10.82
N ALA G 68 -1.68 -52.62 -11.23
CA ALA G 68 -1.57 -52.94 -12.69
C ALA G 68 -2.89 -53.06 -13.43
N ASP G 69 -3.99 -53.20 -12.69
CA ASP G 69 -5.33 -53.16 -13.27
C ASP G 69 -5.80 -51.72 -13.23
N SER G 70 -5.87 -51.08 -14.39
CA SER G 70 -6.13 -49.62 -14.47
C SER G 70 -7.49 -49.24 -13.87
N THR G 71 -8.47 -50.14 -13.91
CA THR G 71 -9.74 -49.89 -13.28
C THR G 71 -9.60 -49.80 -11.77
N ARG G 72 -8.80 -50.70 -11.18
CA ARG G 72 -8.55 -50.69 -9.77
C ARG G 72 -7.64 -49.51 -9.37
N ALA G 73 -6.71 -49.15 -10.24
CA ALA G 73 -5.82 -47.98 -10.00
C ALA G 73 -6.65 -46.74 -9.86
N ASN G 74 -7.58 -46.54 -10.78
CA ASN G 74 -8.48 -45.40 -10.75
C ASN G 74 -9.30 -45.38 -9.46
N GLU G 75 -9.89 -46.52 -9.07
CA GLU G 75 -10.66 -46.60 -7.83
C GLU G 75 -9.83 -46.25 -6.58
N THR G 76 -8.62 -46.80 -6.52
CA THR G 76 -7.76 -46.53 -5.41
C THR G 76 -7.36 -45.04 -5.37
N ALA G 77 -7.03 -44.49 -6.53
CA ALA G 77 -6.66 -43.07 -6.60
C ALA G 77 -7.83 -42.23 -6.13
N ARG G 78 -9.03 -42.57 -6.59
CA ARG G 78 -10.18 -41.76 -6.21
C ARG G 78 -10.45 -41.81 -4.69
N ARG G 79 -10.35 -42.99 -4.07
CA ARG G 79 -10.49 -43.14 -2.62
C ARG G 79 -9.43 -42.34 -1.86
N ALA G 80 -8.18 -42.42 -2.31
CA ALA G 80 -7.07 -41.70 -1.68
C ALA G 80 -7.19 -40.19 -1.78
N ASN G 81 -7.71 -39.73 -2.89
CA ASN G 81 -7.90 -38.31 -3.11
C ASN G 81 -9.06 -37.77 -2.32
N ASP G 82 -10.15 -38.55 -2.27
CA ASP G 82 -11.27 -38.21 -1.39
C ASP G 82 -10.85 -38.14 0.07
N PHE G 83 -10.09 -39.12 0.54
CA PHE G 83 -9.57 -39.11 1.90
C PHE G 83 -8.68 -37.89 2.18
N LEU G 84 -7.76 -37.61 1.27
CA LEU G 84 -6.87 -36.46 1.45
C LEU G 84 -7.70 -35.15 1.51
N ALA G 85 -8.67 -34.99 0.63
CA ALA G 85 -9.49 -33.79 0.67
C ALA G 85 -10.20 -33.58 2.02
N GLU G 86 -10.73 -34.66 2.59
CA GLU G 86 -11.34 -34.64 3.91
C GLU G 86 -10.33 -34.23 4.97
N GLN G 87 -9.12 -34.76 4.89
CA GLN G 87 -8.09 -34.45 5.85
C GLN G 87 -7.61 -33.00 5.76
N VAL G 88 -7.42 -32.49 4.53
CA VAL G 88 -7.08 -31.06 4.33
C VAL G 88 -8.18 -30.16 4.91
N ALA G 89 -9.42 -30.55 4.69
CA ALA G 89 -10.60 -29.77 5.21
C ALA G 89 -10.62 -29.61 6.75
N LYS G 90 -9.96 -30.50 7.48
CA LYS G 90 -9.96 -30.40 8.92
C LYS G 90 -9.02 -29.27 9.43
N GLN G 91 -7.93 -28.98 8.70
CA GLN G 91 -6.95 -27.93 9.09
C GLN G 91 -6.50 -27.29 7.82
N PRO G 92 -7.42 -26.53 7.19
CA PRO G 92 -7.17 -26.01 5.86
C PRO G 92 -6.11 -24.91 5.77
N THR G 93 -5.71 -24.34 6.92
CA THR G 93 -4.63 -23.37 6.90
C THR G 93 -3.26 -24.05 6.88
N ARG G 94 -3.22 -25.32 7.24
CA ARG G 94 -1.92 -26.01 7.47
C ARG G 94 -1.60 -27.02 6.34
N PHE G 95 -2.59 -27.36 5.52
CA PHE G 95 -2.43 -28.40 4.45
C PHE G 95 -3.01 -28.00 3.13
N ARG G 96 -2.39 -28.54 2.07
CA ARG G 96 -2.99 -28.66 0.78
C ARG G 96 -2.71 -30.09 0.29
N GLY G 97 -3.38 -30.47 -0.79
CA GLY G 97 -3.19 -31.82 -1.40
C GLY G 97 -2.58 -31.80 -2.80
N PHE G 98 -1.71 -32.77 -3.04
CA PHE G 98 -1.37 -33.25 -4.37
C PHE G 98 -2.22 -34.47 -4.73
N ALA G 99 -2.64 -34.55 -6.00
CA ALA G 99 -3.43 -35.69 -6.52
C ALA G 99 -2.58 -36.91 -6.67
N ALA G 100 -3.17 -38.06 -6.31
CA ALA G 100 -2.75 -39.36 -6.79
C ALA G 100 -3.48 -39.66 -8.11
N LEU G 101 -2.77 -40.16 -9.09
CA LEU G 101 -3.32 -40.31 -10.45
C LEU G 101 -3.12 -41.70 -11.02
N PRO G 102 -4.19 -42.26 -11.62
CA PRO G 102 -4.07 -43.54 -12.33
C PRO G 102 -3.42 -43.36 -13.72
N MET G 103 -2.09 -43.16 -13.71
CA MET G 103 -1.36 -42.85 -14.96
C MET G 103 -1.31 -44.04 -15.93
N GLN G 104 -1.78 -45.21 -15.47
CA GLN G 104 -1.99 -46.36 -16.37
C GLN G 104 -2.82 -45.97 -17.61
N ASP G 105 -3.77 -45.07 -17.42
CA ASP G 105 -4.70 -44.71 -18.45
C ASP G 105 -4.72 -43.21 -18.56
N PRO G 106 -4.18 -42.66 -19.64
CA PRO G 106 -4.09 -41.21 -19.81
C PRO G 106 -5.41 -40.46 -19.61
N GLU G 107 -6.50 -41.00 -20.15
CA GLU G 107 -7.82 -40.38 -19.99
C GLU G 107 -8.30 -40.33 -18.52
N LEU G 108 -8.26 -41.47 -17.82
CA LEU G 108 -8.66 -41.57 -16.42
C LEU G 108 -7.79 -40.64 -15.54
N ALA G 109 -6.49 -40.58 -15.83
CA ALA G 109 -5.53 -39.69 -15.11
C ALA G 109 -5.92 -38.23 -15.32
N ALA G 110 -6.22 -37.85 -16.56
CA ALA G 110 -6.59 -36.47 -16.88
C ALA G 110 -7.89 -36.08 -16.20
N ARG G 111 -8.85 -37.00 -16.22
CA ARG G 111 -10.16 -36.76 -15.62
C ARG G 111 -10.05 -36.63 -14.11
N GLU G 112 -9.24 -37.48 -13.48
CA GLU G 112 -9.04 -37.42 -12.08
C GLU G 112 -8.24 -36.15 -11.63
N LEU G 113 -7.26 -35.71 -12.41
CA LEU G 113 -6.55 -34.48 -12.11
C LEU G 113 -7.55 -33.30 -12.20
N GLU G 114 -8.41 -33.30 -13.20
CA GLU G 114 -9.41 -32.24 -13.31
C GLU G 114 -10.33 -32.22 -12.08
N ARG G 115 -10.84 -33.38 -11.69
CA ARG G 115 -11.69 -33.46 -10.50
C ARG G 115 -10.95 -32.97 -9.24
N CYS G 116 -9.71 -33.42 -9.05
CA CYS G 116 -8.94 -33.02 -7.91
C CYS G 116 -8.70 -31.50 -7.85
N VAL G 117 -8.34 -30.89 -8.98
CA VAL G 117 -8.02 -29.47 -8.98
C VAL G 117 -9.34 -28.68 -8.87
N LYS G 118 -10.31 -29.02 -9.70
CA LYS G 118 -11.52 -28.19 -9.78
C LYS G 118 -12.52 -28.45 -8.68
N GLU G 119 -12.67 -29.69 -8.23
CA GLU G 119 -13.63 -30.04 -7.18
C GLU G 119 -13.01 -30.14 -5.78
N LEU G 120 -11.81 -30.70 -5.67
CA LEU G 120 -11.19 -30.91 -4.37
C LEU G 120 -10.20 -29.80 -3.92
N GLY G 121 -9.86 -28.86 -4.80
CA GLY G 121 -8.90 -27.77 -4.48
C GLY G 121 -7.44 -28.20 -4.35
N PHE G 122 -7.08 -29.31 -4.97
CA PHE G 122 -5.69 -29.77 -4.97
C PHE G 122 -4.84 -28.87 -5.85
N VAL G 123 -3.54 -28.86 -5.60
CA VAL G 123 -2.69 -27.79 -6.16
C VAL G 123 -1.62 -28.36 -7.11
N GLY G 124 -1.75 -29.64 -7.46
CA GLY G 124 -0.83 -30.31 -8.40
C GLY G 124 -1.03 -31.80 -8.28
N ALA G 125 -0.13 -32.56 -8.87
CA ALA G 125 -0.17 -34.04 -8.82
C ALA G 125 1.16 -34.54 -8.39
N LEU G 126 1.18 -35.69 -7.74
CA LEU G 126 2.44 -36.38 -7.42
C LEU G 126 2.34 -37.82 -7.87
N VAL G 127 3.34 -38.27 -8.63
CA VAL G 127 3.34 -39.57 -9.30
C VAL G 127 4.70 -40.20 -9.08
N ASN G 128 4.67 -41.45 -8.63
CA ASN G 128 5.90 -42.19 -8.31
C ASN G 128 6.47 -42.89 -9.54
N GLY G 129 7.02 -42.09 -10.44
CA GLY G 129 7.67 -42.61 -11.60
C GLY G 129 6.77 -43.43 -12.52
N PHE G 130 7.36 -44.37 -13.23
CA PHE G 130 6.66 -45.16 -14.27
C PHE G 130 5.49 -45.97 -13.68
N SER G 131 4.52 -46.26 -14.52
CA SER G 131 3.39 -47.10 -14.14
C SER G 131 3.50 -48.50 -14.65
N GLN G 132 2.96 -49.40 -13.84
CA GLN G 132 2.70 -50.77 -14.25
C GLN G 132 1.24 -50.86 -14.72
N ASP G 133 1.05 -51.48 -15.89
CA ASP G 133 -0.29 -51.71 -16.47
C ASP G 133 -0.26 -53.11 -17.08
N ASN G 134 -1.20 -53.95 -16.65
CA ASN G 134 -1.29 -55.32 -17.21
C ASN G 134 -1.37 -55.38 -18.73
N ARG G 135 -2.02 -54.38 -19.35
CA ARG G 135 -2.12 -54.31 -20.79
C ARG G 135 -0.80 -54.08 -21.53
N SER G 136 0.23 -53.59 -20.83
CA SER G 136 1.49 -53.24 -21.48
C SER G 136 2.59 -54.17 -20.98
N ALA G 137 3.34 -54.74 -21.92
CA ALA G 137 4.47 -55.62 -21.59
C ALA G 137 5.59 -54.82 -20.99
N VAL G 138 5.57 -53.51 -21.21
CA VAL G 138 6.64 -52.66 -20.73
C VAL G 138 6.11 -51.65 -19.71
N PRO G 139 7.01 -51.21 -18.82
CA PRO G 139 6.70 -50.07 -17.92
C PRO G 139 6.34 -48.82 -18.70
N LEU G 140 5.40 -48.05 -18.20
CA LEU G 140 4.91 -46.87 -18.88
C LEU G 140 5.59 -45.60 -18.35
N TYR G 141 6.26 -44.90 -19.26
CA TYR G 141 6.98 -43.63 -18.98
C TYR G 141 6.18 -42.50 -19.65
N TYR G 142 6.24 -41.28 -19.10
CA TYR G 142 5.25 -40.25 -19.50
C TYR G 142 5.69 -39.40 -20.67
N ASP G 143 6.84 -39.71 -21.26
CA ASP G 143 7.20 -39.18 -22.57
C ASP G 143 6.45 -39.86 -23.72
N MET G 144 5.89 -41.04 -23.47
CA MET G 144 5.28 -41.85 -24.53
C MET G 144 4.09 -41.07 -25.11
N ALA G 145 3.80 -41.29 -26.41
CA ALA G 145 2.87 -40.42 -27.14
C ALA G 145 1.50 -40.32 -26.53
N GLN G 146 1.02 -41.43 -25.97
CA GLN G 146 -0.34 -41.49 -25.45
C GLN G 146 -0.55 -40.53 -24.25
N TYR G 147 0.53 -40.06 -23.63
CA TYR G 147 0.46 -39.12 -22.51
C TYR G 147 0.35 -37.66 -22.93
N TRP G 148 0.55 -37.34 -24.20
CA TRP G 148 0.59 -35.92 -24.61
C TRP G 148 -0.74 -35.22 -24.39
N PRO G 149 -1.88 -35.91 -24.62
CA PRO G 149 -3.15 -35.24 -24.23
C PRO G 149 -3.35 -35.06 -22.72
N PHE G 150 -2.75 -35.92 -21.91
CA PHE G 150 -2.74 -35.75 -20.48
C PHE G 150 -1.94 -34.47 -20.14
N TRP G 151 -0.77 -34.32 -20.76
CA TRP G 151 0.08 -33.14 -20.49
C TRP G 151 -0.64 -31.84 -20.95
N GLU G 152 -1.40 -31.92 -22.04
N GLU G 152 -1.40 -31.92 -22.05
CA GLU G 152 -2.20 -30.76 -22.46
CA GLU G 152 -2.21 -30.77 -22.48
C GLU G 152 -3.12 -30.32 -21.33
C GLU G 152 -3.13 -30.32 -21.35
N THR G 153 -3.72 -31.30 -20.64
CA THR G 153 -4.61 -31.00 -19.54
C THR G 153 -3.86 -30.43 -18.33
N VAL G 154 -2.69 -30.98 -18.02
CA VAL G 154 -1.90 -30.42 -16.94
C VAL G 154 -1.60 -28.94 -17.21
N GLN G 155 -1.21 -28.62 -18.43
CA GLN G 155 -0.83 -27.25 -18.79
C GLN G 155 -2.08 -26.35 -18.73
N ALA G 156 -3.23 -26.88 -19.14
CA ALA G 156 -4.49 -26.08 -19.17
C ALA G 156 -4.96 -25.77 -17.75
N LEU G 157 -4.81 -26.72 -16.84
CA LEU G 157 -5.11 -26.53 -15.42
C LEU G 157 -4.06 -25.64 -14.75
N ASP G 158 -2.86 -25.63 -15.32
CA ASP G 158 -1.76 -24.81 -14.85
C ASP G 158 -1.39 -25.18 -13.42
N VAL G 159 -1.19 -26.48 -13.18
CA VAL G 159 -0.69 -26.95 -11.89
C VAL G 159 0.55 -27.78 -12.14
N PRO G 160 1.47 -27.82 -11.16
CA PRO G 160 2.66 -28.65 -11.37
C PRO G 160 2.48 -30.16 -11.18
N PHE G 161 3.45 -30.90 -11.73
CA PHE G 161 3.49 -32.34 -11.64
C PHE G 161 4.80 -32.71 -10.94
N TYR G 162 4.67 -33.37 -9.81
CA TYR G 162 5.84 -33.83 -9.02
C TYR G 162 6.18 -35.21 -9.45
N LEU G 163 7.36 -35.38 -10.07
CA LEU G 163 7.82 -36.68 -10.54
C LEU G 163 8.70 -37.28 -9.46
N HIS G 164 8.07 -38.11 -8.64
CA HIS G 164 8.68 -38.69 -7.45
C HIS G 164 9.34 -40.02 -7.79
N PRO G 165 10.30 -40.48 -6.97
CA PRO G 165 10.85 -41.77 -7.32
C PRO G 165 9.97 -43.01 -7.12
N ARG G 166 10.37 -44.08 -7.82
CA ARG G 166 10.10 -45.47 -7.39
C ARG G 166 11.32 -46.31 -7.74
N ASN G 167 11.35 -47.56 -7.29
CA ASN G 167 12.45 -48.45 -7.71
C ASN G 167 12.25 -49.03 -9.13
N PRO G 168 13.34 -49.33 -9.84
CA PRO G 168 13.19 -50.05 -11.11
C PRO G 168 12.57 -51.45 -10.88
N LEU G 169 11.89 -51.98 -11.88
CA LEU G 169 11.40 -53.39 -11.81
C LEU G 169 12.62 -54.29 -11.75
N PRO G 170 12.51 -55.49 -11.17
CA PRO G 170 13.72 -56.30 -10.99
C PRO G 170 14.51 -56.65 -12.28
N SER G 171 13.79 -56.91 -13.36
CA SER G 171 14.41 -57.17 -14.68
C SER G 171 15.21 -55.99 -15.23
N ASP G 172 14.85 -54.77 -14.79
CA ASP G 172 15.59 -53.53 -15.08
C ASP G 172 16.55 -53.09 -13.93
N ALA G 173 16.91 -54.04 -13.05
CA ALA G 173 17.63 -53.75 -11.82
C ALA G 173 18.74 -54.73 -11.57
N ARG G 174 19.15 -55.48 -12.61
CA ARG G 174 20.23 -56.48 -12.39
C ARG G 174 21.59 -55.95 -11.97
N ILE G 175 21.86 -54.69 -12.29
CA ILE G 175 23.12 -54.08 -11.81
C ILE G 175 23.20 -54.05 -10.26
N TYR G 176 22.04 -54.07 -9.62
CA TYR G 176 21.95 -54.04 -8.17
C TYR G 176 21.80 -55.44 -7.53
N ASP G 177 21.83 -56.50 -8.34
CA ASP G 177 21.60 -57.85 -7.81
C ASP G 177 22.73 -58.18 -6.90
N GLY G 178 22.44 -58.69 -5.70
CA GLY G 178 23.47 -58.92 -4.71
C GLY G 178 23.79 -57.66 -3.92
N HIS G 179 23.17 -56.53 -4.26
CA HIS G 179 23.56 -55.19 -3.74
C HIS G 179 22.30 -54.39 -3.49
N ALA G 180 21.38 -55.02 -2.79
CA ALA G 180 20.04 -54.43 -2.54
C ALA G 180 20.13 -53.12 -1.71
N TRP G 181 21.23 -52.93 -1.02
CA TRP G 181 21.51 -51.71 -0.29
C TRP G 181 21.49 -50.46 -1.21
N LEU G 182 21.65 -50.63 -2.53
CA LEU G 182 21.66 -49.51 -3.47
C LEU G 182 20.28 -49.16 -3.94
N LEU G 183 19.31 -50.05 -3.73
CA LEU G 183 17.90 -49.78 -4.10
C LEU G 183 17.33 -48.69 -3.22
N GLY G 184 16.25 -48.04 -3.66
CA GLY G 184 15.64 -47.06 -2.84
C GLY G 184 16.42 -45.75 -2.80
N PRO G 185 16.30 -45.01 -1.70
CA PRO G 185 16.90 -43.65 -1.69
C PRO G 185 18.39 -43.61 -1.76
N THR G 186 19.07 -44.69 -1.41
CA THR G 186 20.51 -44.69 -1.50
C THR G 186 21.05 -44.27 -2.87
N TRP G 187 20.41 -44.77 -3.91
CA TRP G 187 20.89 -44.55 -5.29
C TRP G 187 19.85 -44.81 -6.35
N ALA G 188 19.21 -46.00 -6.31
CA ALA G 188 18.40 -46.44 -7.47
C ALA G 188 17.20 -45.49 -7.72
N PHE G 189 16.63 -44.93 -6.66
CA PHE G 189 15.51 -43.95 -6.82
C PHE G 189 15.94 -42.75 -7.71
N GLY G 190 17.15 -42.28 -7.45
CA GLY G 190 17.71 -41.08 -8.09
C GLY G 190 17.95 -41.34 -9.58
N GLN G 191 18.61 -42.46 -9.88
CA GLN G 191 18.81 -42.88 -11.29
C GLN G 191 17.51 -43.00 -12.07
N GLU G 192 16.52 -43.67 -11.48
CA GLU G 192 15.26 -43.94 -12.13
C GLU G 192 14.54 -42.63 -12.47
N THR G 193 14.59 -41.70 -11.53
CA THR G 193 13.86 -40.45 -11.64
C THR G 193 14.56 -39.45 -12.57
N ALA G 194 15.89 -39.35 -12.47
CA ALA G 194 16.72 -38.51 -13.36
C ALA G 194 16.49 -38.95 -14.81
N VAL G 195 16.52 -40.24 -15.07
CA VAL G 195 16.34 -40.71 -16.47
C VAL G 195 14.92 -40.45 -16.95
N HIS G 196 13.95 -40.72 -16.10
CA HIS G 196 12.57 -40.39 -16.46
C HIS G 196 12.39 -38.92 -16.82
N ALA G 197 12.94 -38.04 -15.99
CA ALA G 197 12.89 -36.61 -16.26
C ALA G 197 13.56 -36.27 -17.60
N LEU G 198 14.71 -36.88 -17.84
CA LEU G 198 15.46 -36.67 -19.08
C LEU G 198 14.70 -37.14 -20.31
N ARG G 199 13.97 -38.25 -20.18
CA ARG G 199 13.11 -38.75 -21.25
C ARG G 199 12.06 -37.70 -21.58
N LEU G 200 11.49 -37.09 -20.54
CA LEU G 200 10.47 -36.02 -20.79
C LEU G 200 11.11 -34.86 -21.56
N MET G 201 12.29 -34.44 -21.12
CA MET G 201 12.97 -33.30 -21.74
C MET G 201 13.33 -33.53 -23.23
N GLY G 202 13.98 -34.66 -23.50
CA GLY G 202 14.39 -35.06 -24.86
C GLY G 202 13.25 -35.32 -25.83
N SER G 203 12.07 -35.65 -25.30
CA SER G 203 10.94 -36.07 -26.12
C SER G 203 10.33 -34.93 -26.92
N GLY G 204 10.65 -33.70 -26.55
CA GLY G 204 10.01 -32.52 -27.12
C GLY G 204 8.72 -32.10 -26.49
N LEU G 205 8.35 -32.74 -25.38
CA LEU G 205 7.11 -32.38 -24.67
C LEU G 205 7.01 -30.92 -24.32
N PHE G 206 8.12 -30.34 -23.89
CA PHE G 206 8.17 -28.94 -23.48
C PHE G 206 8.25 -27.98 -24.67
N ASP G 207 8.54 -28.47 -25.90
CA ASP G 207 8.36 -27.65 -27.08
C ASP G 207 6.88 -27.45 -27.32
N LYS G 208 6.13 -28.54 -27.17
CA LYS G 208 4.68 -28.53 -27.44
C LYS G 208 3.88 -27.85 -26.31
N TYR G 209 4.28 -28.09 -25.05
CA TYR G 209 3.59 -27.56 -23.87
C TYR G 209 4.63 -26.80 -23.01
N PRO G 210 5.05 -25.61 -23.48
CA PRO G 210 6.17 -24.93 -22.80
C PRO G 210 5.89 -24.37 -21.41
N ALA G 211 4.62 -24.28 -20.99
CA ALA G 211 4.27 -23.78 -19.66
C ALA G 211 4.20 -24.85 -18.56
N LEU G 212 4.41 -26.12 -18.92
CA LEU G 212 4.50 -27.21 -17.91
C LEU G 212 5.55 -26.91 -16.83
N LYS G 213 5.24 -27.32 -15.60
CA LYS G 213 6.13 -27.19 -14.46
C LYS G 213 6.28 -28.55 -13.84
N ILE G 214 7.49 -29.09 -13.87
CA ILE G 214 7.73 -30.41 -13.29
C ILE G 214 8.63 -30.21 -12.05
N ILE G 215 8.31 -30.92 -10.96
CA ILE G 215 9.07 -30.83 -9.73
C ILE G 215 9.78 -32.16 -9.49
N LEU G 216 11.04 -32.03 -9.14
CA LEU G 216 11.87 -33.15 -8.69
C LEU G 216 12.32 -32.93 -7.23
N GLY G 217 12.24 -33.99 -6.44
CA GLY G 217 12.83 -33.98 -5.14
C GLY G 217 14.32 -34.23 -5.14
N HIS G 218 14.85 -34.28 -3.93
CA HIS G 218 16.20 -34.76 -3.65
C HIS G 218 17.27 -33.94 -4.40
N MET G 219 17.02 -32.65 -4.48
CA MET G 219 17.93 -31.73 -5.15
C MET G 219 18.06 -32.05 -6.63
N GLY G 220 17.01 -32.60 -7.21
CA GLY G 220 17.06 -32.95 -8.64
C GLY G 220 17.80 -34.21 -9.04
N GLU G 221 18.00 -35.13 -8.07
CA GLU G 221 18.35 -36.52 -8.39
C GLU G 221 19.63 -36.59 -9.23
N GLY G 222 20.61 -35.76 -8.87
CA GLY G 222 21.91 -35.73 -9.49
C GLY G 222 22.01 -34.84 -10.71
N LEU G 223 20.89 -34.35 -11.22
CA LEU G 223 20.94 -33.71 -12.51
C LEU G 223 21.83 -32.46 -12.59
N PRO G 224 21.82 -31.56 -11.56
CA PRO G 224 22.59 -30.31 -11.72
C PRO G 224 24.07 -30.55 -11.90
N TYR G 225 24.61 -31.59 -11.28
CA TYR G 225 26.03 -31.87 -11.33
C TYR G 225 26.50 -32.26 -12.73
N SER G 226 25.65 -33.00 -13.39
CA SER G 226 25.97 -33.60 -14.68
C SER G 226 25.30 -32.87 -15.87
N MET G 227 24.55 -31.81 -15.59
CA MET G 227 23.77 -31.18 -16.64
C MET G 227 24.65 -30.62 -17.78
N TRP G 228 25.80 -30.01 -17.47
CA TRP G 228 26.69 -29.52 -18.52
C TRP G 228 27.08 -30.68 -19.46
N ARG G 229 27.52 -31.80 -18.88
CA ARG G 229 27.97 -32.94 -19.65
C ARG G 229 26.85 -33.53 -20.53
N ILE G 230 25.61 -33.52 -20.07
CA ILE G 230 24.49 -34.06 -20.82
C ILE G 230 24.48 -33.44 -22.23
N ASP G 231 24.66 -32.13 -22.32
CA ASP G 231 24.59 -31.44 -23.65
C ASP G 231 25.94 -31.31 -24.31
N HIS G 232 27.01 -31.11 -23.52
CA HIS G 232 28.26 -30.60 -24.05
C HIS G 232 29.34 -31.65 -24.19
N ARG G 233 29.06 -32.89 -23.80
CA ARG G 233 29.99 -33.99 -24.08
C ARG G 233 30.33 -34.02 -25.59
N ASN G 234 31.56 -34.38 -25.88
CA ASN G 234 32.08 -34.42 -27.26
C ASN G 234 31.78 -33.11 -28.04
N ALA G 235 32.05 -31.95 -27.44
CA ALA G 235 31.57 -30.67 -28.00
C ALA G 235 32.20 -30.37 -29.34
N TRP G 236 33.37 -30.95 -29.62
CA TRP G 236 33.96 -30.70 -30.97
C TRP G 236 33.13 -31.16 -32.15
N ILE G 237 32.23 -32.12 -31.91
CA ILE G 237 31.31 -32.61 -32.90
C ILE G 237 30.22 -31.56 -33.08
N LYS G 238 30.02 -31.13 -34.31
CA LYS G 238 28.93 -30.15 -34.57
C LYS G 238 27.80 -30.91 -35.24
N THR G 239 26.69 -31.07 -34.53
CA THR G 239 25.63 -31.94 -35.00
C THR G 239 24.34 -31.54 -34.31
N THR G 240 23.23 -32.09 -34.77
CA THR G 240 21.97 -31.90 -34.09
C THR G 240 21.81 -33.10 -33.19
N PRO G 241 21.50 -32.87 -31.90
CA PRO G 241 21.25 -34.00 -31.00
C PRO G 241 20.17 -34.95 -31.56
N LYS G 242 20.35 -36.25 -31.34
CA LYS G 242 19.44 -37.26 -31.89
C LYS G 242 18.24 -37.51 -30.96
N TYR G 243 17.59 -36.45 -30.51
CA TYR G 243 16.37 -36.57 -29.79
C TYR G 243 15.44 -35.65 -30.50
N PRO G 244 14.13 -35.85 -30.33
CA PRO G 244 13.11 -35.04 -30.98
C PRO G 244 13.01 -33.57 -30.54
N ALA G 245 13.40 -33.26 -29.31
CA ALA G 245 13.30 -31.90 -28.82
C ALA G 245 14.20 -30.99 -29.65
N LYS G 246 13.76 -29.74 -29.78
CA LYS G 246 14.45 -28.77 -30.61
C LYS G 246 15.65 -28.11 -29.97
N ARG G 247 15.69 -28.05 -28.63
CA ARG G 247 16.71 -27.27 -27.94
C ARG G 247 17.59 -28.17 -27.08
N LYS G 248 18.49 -27.56 -26.34
CA LYS G 248 19.39 -28.26 -25.44
C LYS G 248 18.58 -28.73 -24.24
N ILE G 249 18.99 -29.87 -23.67
CA ILE G 249 18.34 -30.38 -22.47
C ILE G 249 18.34 -29.32 -21.35
N VAL G 250 19.44 -28.57 -21.19
CA VAL G 250 19.54 -27.61 -20.10
C VAL G 250 18.46 -26.54 -20.26
N ASP G 251 18.07 -26.24 -21.48
CA ASP G 251 17.01 -25.19 -21.68
C ASP G 251 15.72 -25.61 -21.04
N TYR G 252 15.33 -26.88 -21.23
CA TYR G 252 14.14 -27.39 -20.57
C TYR G 252 14.32 -27.54 -19.06
N PHE G 253 15.49 -27.97 -18.60
CA PHE G 253 15.71 -28.06 -17.19
C PHE G 253 15.54 -26.68 -16.51
N ASN G 254 16.11 -25.66 -17.14
CA ASN G 254 16.10 -24.31 -16.55
C ASN G 254 14.72 -23.69 -16.60
N GLU G 255 13.95 -24.04 -17.62
CA GLU G 255 12.67 -23.37 -17.86
C GLU G 255 11.44 -24.08 -17.33
N ASN G 256 11.48 -25.40 -17.23
CA ASN G 256 10.29 -26.19 -16.89
C ASN G 256 10.38 -26.96 -15.55
N PHE G 257 11.55 -26.96 -14.91
CA PHE G 257 11.78 -27.71 -13.66
C PHE G 257 11.95 -26.84 -12.40
N TYR G 258 11.53 -27.44 -11.30
CA TYR G 258 11.74 -26.94 -9.94
C TYR G 258 12.32 -28.13 -9.13
N LEU G 259 13.25 -27.87 -8.24
CA LEU G 259 13.84 -28.90 -7.42
C LEU G 259 13.47 -28.66 -5.97
N THR G 260 13.26 -29.72 -5.17
CA THR G 260 13.05 -29.51 -3.73
C THR G 260 14.26 -30.07 -2.95
N THR G 261 14.39 -29.66 -1.68
CA THR G 261 15.47 -30.12 -0.82
C THR G 261 15.19 -31.43 -0.10
N SER G 262 14.12 -32.13 -0.45
CA SER G 262 13.77 -33.36 0.24
C SER G 262 14.94 -34.37 0.33
N GLY G 263 15.15 -34.88 1.52
CA GLY G 263 16.14 -35.92 1.74
C GLY G 263 17.54 -35.66 1.24
N ASN G 264 17.94 -34.41 1.10
CA ASN G 264 19.25 -34.13 0.56
C ASN G 264 19.81 -32.87 1.22
N PHE G 265 19.99 -33.00 2.54
CA PHE G 265 20.30 -31.87 3.44
C PHE G 265 21.81 -31.62 3.46
N ARG G 266 22.31 -31.15 2.32
CA ARG G 266 23.76 -31.07 2.08
C ARG G 266 24.04 -29.73 1.44
N THR G 267 24.73 -28.86 2.19
CA THR G 267 24.98 -27.54 1.74
C THR G 267 25.72 -27.49 0.38
N GLN G 268 26.78 -28.29 0.23
CA GLN G 268 27.54 -28.30 -1.04
C GLN G 268 26.63 -28.57 -2.25
N THR G 269 25.73 -29.54 -2.07
CA THR G 269 24.76 -29.94 -3.08
C THR G 269 23.78 -28.80 -3.38
N LEU G 270 23.27 -28.16 -2.34
CA LEU G 270 22.41 -26.99 -2.53
C LEU G 270 23.11 -25.86 -3.30
N ILE G 271 24.36 -25.59 -2.95
CA ILE G 271 25.09 -24.50 -3.61
C ILE G 271 25.27 -24.82 -5.10
N ASP G 272 25.67 -26.07 -5.40
CA ASP G 272 25.83 -26.50 -6.80
C ASP G 272 24.52 -26.26 -7.56
N ALA G 273 23.40 -26.69 -6.97
CA ALA G 273 22.08 -26.45 -7.55
C ALA G 273 21.80 -24.97 -7.74
N ILE G 274 22.11 -24.15 -6.76
CA ILE G 274 21.87 -22.67 -6.92
C ILE G 274 22.67 -22.12 -8.11
N LEU G 275 23.89 -22.60 -8.27
CA LEU G 275 24.75 -22.09 -9.35
C LEU G 275 24.48 -22.75 -10.69
N GLU G 276 23.53 -23.69 -10.75
CA GLU G 276 23.13 -24.32 -12.01
C GLU G 276 21.73 -23.94 -12.44
N ILE G 277 20.78 -24.10 -11.54
CA ILE G 277 19.40 -23.73 -11.84
C ILE G 277 18.89 -22.44 -11.20
N GLY G 278 19.54 -21.97 -10.13
CA GLY G 278 19.13 -20.74 -9.47
C GLY G 278 18.15 -20.97 -8.32
N ALA G 279 18.26 -20.12 -7.32
CA ALA G 279 17.50 -20.28 -6.07
C ALA G 279 16.02 -20.06 -6.30
N ASP G 280 15.63 -19.35 -7.35
CA ASP G 280 14.20 -19.15 -7.64
C ASP G 280 13.47 -20.47 -7.98
N ARG G 281 14.23 -21.53 -8.31
CA ARG G 281 13.62 -22.82 -8.70
CA ARG G 281 13.71 -22.84 -8.76
C ARG G 281 13.94 -23.92 -7.72
N ILE G 282 14.33 -23.54 -6.49
CA ILE G 282 14.59 -24.50 -5.41
C ILE G 282 13.59 -24.25 -4.28
N LEU G 283 12.98 -25.34 -3.82
CA LEU G 283 11.95 -25.30 -2.79
C LEU G 283 12.31 -26.19 -1.60
N PHE G 284 12.13 -25.64 -0.39
CA PHE G 284 12.22 -26.44 0.82
C PHE G 284 11.23 -27.63 0.76
N SER G 285 11.68 -28.80 1.20
CA SER G 285 10.82 -29.95 1.47
C SER G 285 11.59 -30.91 2.35
N THR G 286 10.87 -31.85 2.99
CA THR G 286 11.49 -32.69 4.04
C THR G 286 11.63 -34.16 3.67
N ASP G 287 10.62 -34.70 3.01
CA ASP G 287 10.46 -36.15 2.82
C ASP G 287 9.97 -36.85 4.09
N TRP G 288 9.36 -36.10 5.00
CA TRP G 288 8.63 -36.69 6.14
C TRP G 288 7.62 -37.70 5.55
N PRO G 289 7.54 -38.91 6.12
CA PRO G 289 8.13 -39.37 7.37
C PRO G 289 9.39 -40.19 7.20
N PHE G 290 9.91 -40.28 5.96
CA PHE G 290 11.11 -41.05 5.67
C PHE G 290 12.35 -40.32 6.15
N GLU G 291 12.21 -39.01 6.23
CA GLU G 291 13.15 -38.12 6.92
C GLU G 291 12.48 -37.39 8.06
N ASN G 292 13.26 -37.08 9.09
CA ASN G 292 12.76 -36.22 10.19
C ASN G 292 12.59 -34.76 9.81
N ILE G 293 11.48 -34.19 10.26
CA ILE G 293 11.23 -32.77 10.10
C ILE G 293 12.31 -31.94 10.80
N ASP G 294 12.73 -32.34 12.01
CA ASP G 294 13.76 -31.56 12.69
C ASP G 294 15.11 -31.54 11.94
N HIS G 295 15.52 -32.68 11.39
CA HIS G 295 16.74 -32.78 10.54
C HIS G 295 16.67 -31.81 9.36
N ALA G 296 15.57 -31.87 8.64
CA ALA G 296 15.38 -31.02 7.46
C ALA G 296 15.40 -29.52 7.83
N ALA G 297 14.57 -29.15 8.80
CA ALA G 297 14.41 -27.76 9.24
C ALA G 297 15.68 -27.15 9.82
N ASP G 298 16.38 -27.93 10.66
CA ASP G 298 17.61 -27.45 11.30
C ASP G 298 18.75 -27.22 10.29
N TRP G 299 18.88 -28.15 9.35
CA TRP G 299 19.83 -27.99 8.25
C TRP G 299 19.50 -26.76 7.49
N PHE G 300 18.24 -26.64 7.09
CA PHE G 300 17.88 -25.55 6.22
C PHE G 300 17.98 -24.18 6.90
N GLU G 301 17.67 -24.13 8.20
CA GLU G 301 17.77 -22.91 8.98
C GLU G 301 19.14 -22.28 8.93
N ASN G 302 20.19 -23.11 8.86
CA ASN G 302 21.55 -22.62 8.97
C ASN G 302 22.43 -22.82 7.70
N THR G 303 21.86 -23.33 6.62
CA THR G 303 22.66 -23.57 5.41
C THR G 303 23.22 -22.23 4.86
N SER G 304 24.33 -22.32 4.15
CA SER G 304 25.16 -21.13 3.87
C SER G 304 24.74 -20.40 2.62
N ILE G 305 23.60 -19.73 2.72
CA ILE G 305 23.06 -18.97 1.63
C ILE G 305 22.61 -17.61 2.16
N SER G 306 22.16 -16.73 1.25
CA SER G 306 21.66 -15.44 1.66
C SER G 306 20.32 -15.54 2.36
N GLU G 307 20.18 -14.60 3.28
CA GLU G 307 18.77 -14.49 3.90
CA GLU G 307 18.83 -14.53 3.78
C GLU G 307 17.52 -14.30 2.84
N ALA G 308 17.91 -13.58 1.78
CA ALA G 308 16.89 -13.41 0.73
C ALA G 308 16.54 -14.78 0.11
N ASP G 309 17.56 -15.57 -0.17
CA ASP G 309 17.32 -16.88 -0.75
C ASP G 309 16.73 -17.90 0.23
N ARG G 310 17.09 -17.79 1.53
CA ARG G 310 16.47 -18.62 2.56
C ARG G 310 14.95 -18.39 2.64
N LYS G 311 14.55 -17.15 2.52
CA LYS G 311 13.10 -16.83 2.44
C LYS G 311 12.43 -17.41 1.17
N LYS G 312 13.07 -17.25 0.02
CA LYS G 312 12.53 -17.75 -1.24
CA LYS G 312 12.50 -17.74 -1.22
C LYS G 312 12.42 -19.26 -1.22
N ILE G 313 13.51 -19.93 -0.88
CA ILE G 313 13.45 -21.38 -0.84
C ILE G 313 12.51 -21.89 0.28
N GLY G 314 12.51 -21.24 1.43
CA GLY G 314 11.67 -21.68 2.55
C GLY G 314 10.19 -21.59 2.27
N TRP G 315 9.77 -20.54 1.59
CA TRP G 315 8.33 -20.32 1.33
C TRP G 315 7.97 -19.41 0.16
N GLY G 316 8.75 -18.37 -0.15
CA GLY G 316 8.41 -17.47 -1.27
C GLY G 316 8.17 -18.13 -2.64
N ASN G 317 9.05 -19.04 -3.02
CA ASN G 317 8.98 -19.72 -4.33
C ASN G 317 7.71 -20.58 -4.43
N ALA G 318 7.46 -21.35 -3.36
CA ALA G 318 6.28 -22.24 -3.31
C ALA G 318 5.03 -21.40 -3.24
N GLN G 319 5.05 -20.31 -2.50
CA GLN G 319 3.85 -19.46 -2.44
C GLN G 319 3.46 -18.90 -3.80
N ASN G 320 4.45 -18.48 -4.58
CA ASN G 320 4.24 -17.99 -5.94
CA ASN G 320 4.24 -18.00 -5.93
C ASN G 320 3.80 -19.13 -6.87
N LEU G 321 4.51 -20.25 -6.81
CA LEU G 321 4.24 -21.41 -7.67
C LEU G 321 2.81 -21.95 -7.54
N PHE G 322 2.37 -22.16 -6.30
CA PHE G 322 1.07 -22.75 -6.00
C PHE G 322 -0.01 -21.68 -5.76
N LYS G 323 0.32 -20.40 -6.00
CA LYS G 323 -0.64 -19.28 -5.85
C LYS G 323 -1.42 -19.36 -4.52
N LEU G 324 -0.73 -19.60 -3.41
CA LEU G 324 -1.40 -19.90 -2.13
C LEU G 324 -2.03 -18.67 -1.44
N LEU G 330 -9.98 -22.21 1.86
CA LEU G 330 -10.16 -22.25 3.32
C LEU G 330 -11.61 -22.06 3.77
N TYR G 331 -12.32 -21.13 3.12
CA TYR G 331 -13.70 -20.82 3.50
C TYR G 331 -14.72 -21.77 2.83
N PHE G 332 -14.29 -22.47 1.79
CA PHE G 332 -15.14 -23.45 1.09
C PHE G 332 -14.58 -24.86 1.23
N MET H 1 49.29 -22.76 -18.53
CA MET H 1 50.03 -23.63 -17.57
C MET H 1 50.73 -24.76 -18.31
N ASN H 2 52.06 -24.68 -18.41
CA ASN H 2 52.89 -25.79 -18.87
C ASN H 2 53.08 -26.87 -17.80
N GLY H 3 53.45 -28.05 -18.26
CA GLY H 3 53.79 -29.13 -17.41
C GLY H 3 52.61 -29.98 -16.94
N LYS H 4 51.41 -29.82 -17.49
CA LYS H 4 50.30 -30.67 -17.02
C LYS H 4 50.50 -32.15 -17.35
N ILE H 5 49.92 -32.99 -16.50
CA ILE H 5 49.76 -34.41 -16.72
C ILE H 5 48.30 -34.70 -16.97
N ALA H 6 48.02 -35.54 -17.98
CA ALA H 6 46.67 -35.87 -18.37
C ALA H 6 46.60 -37.37 -18.46
N LEU H 7 45.53 -37.99 -17.98
CA LEU H 7 45.51 -39.44 -17.86
C LEU H 7 44.21 -40.14 -18.21
N GLU H 8 43.32 -39.48 -18.97
CA GLU H 8 42.24 -40.21 -19.68
C GLU H 8 42.37 -39.84 -21.16
N GLU H 9 43.35 -40.49 -21.78
CA GLU H 9 43.95 -40.02 -23.04
C GLU H 9 44.06 -41.31 -23.86
N HIS H 10 43.21 -41.41 -24.86
CA HIS H 10 42.91 -42.72 -25.45
C HIS H 10 43.60 -42.90 -26.85
N PHE H 11 43.89 -44.16 -27.19
CA PHE H 11 44.35 -44.57 -28.54
C PHE H 11 43.63 -45.87 -28.88
N ALA H 12 43.63 -46.22 -30.17
CA ALA H 12 43.14 -47.51 -30.60
C ALA H 12 44.27 -48.20 -31.37
N THR H 13 44.17 -49.52 -31.42
CA THR H 13 44.89 -50.30 -32.42
C THR H 13 43.92 -50.63 -33.53
N GLU H 14 44.42 -51.12 -34.69
CA GLU H 14 43.50 -51.48 -35.78
C GLU H 14 42.50 -52.53 -35.27
N GLU H 15 42.98 -53.42 -34.41
CA GLU H 15 42.14 -54.47 -33.84
C GLU H 15 40.97 -53.94 -32.97
N THR H 16 41.17 -52.82 -32.27
CA THR H 16 40.13 -52.29 -31.38
C THR H 16 39.42 -51.09 -31.95
N LEU H 17 39.85 -50.60 -33.10
CA LEU H 17 39.40 -49.30 -33.61
C LEU H 17 37.91 -49.15 -33.75
N MET H 18 37.26 -50.18 -34.28
CA MET H 18 35.88 -50.06 -34.65
C MET H 18 34.92 -50.03 -33.43
N ASP H 19 35.39 -50.44 -32.25
CA ASP H 19 34.61 -50.22 -30.97
C ASP H 19 34.20 -48.77 -30.78
N SER H 20 34.97 -47.81 -31.34
CA SER H 20 34.68 -46.39 -31.14
C SER H 20 33.74 -45.76 -32.16
N ALA H 21 33.38 -46.50 -33.21
N ALA H 21 33.48 -46.48 -33.25
CA ALA H 21 32.72 -45.90 -34.37
CA ALA H 21 32.54 -46.03 -34.25
C ALA H 21 31.36 -45.36 -34.02
C ALA H 21 31.17 -46.18 -33.64
N GLY H 22 30.67 -46.03 -33.09
N GLY H 22 30.31 -45.21 -33.89
CA GLY H 22 29.28 -45.72 -32.80
CA GLY H 22 29.01 -45.20 -33.25
C GLY H 22 29.07 -44.40 -32.07
C GLY H 22 29.00 -44.30 -32.03
N PHE H 23 30.17 -43.88 -31.54
CA PHE H 23 30.17 -42.78 -30.55
C PHE H 23 30.16 -41.40 -31.20
N VAL H 24 30.35 -41.31 -32.52
CA VAL H 24 30.23 -40.00 -33.20
C VAL H 24 29.44 -40.19 -34.50
N PRO H 25 28.85 -39.10 -35.04
CA PRO H 25 28.18 -39.21 -36.33
C PRO H 25 29.11 -39.74 -37.44
N ASP H 26 28.54 -40.40 -38.44
CA ASP H 26 29.36 -40.95 -39.54
C ASP H 26 30.33 -39.92 -40.17
N LYS H 27 29.89 -38.67 -40.35
CA LYS H 27 30.71 -37.61 -40.96
C LYS H 27 31.97 -37.26 -40.16
N ASP H 28 31.98 -37.57 -38.85
CA ASP H 28 33.06 -37.20 -37.98
C ASP H 28 34.00 -38.38 -37.76
N TRP H 29 33.62 -39.54 -38.29
CA TRP H 29 34.40 -40.76 -38.04
C TRP H 29 35.81 -40.69 -38.63
N PRO H 30 35.99 -40.17 -39.85
CA PRO H 30 37.38 -40.06 -40.36
C PRO H 30 38.28 -39.24 -39.43
N GLU H 31 37.79 -38.12 -38.94
CA GLU H 31 38.56 -37.30 -37.97
C GLU H 31 38.87 -38.10 -36.68
N LEU H 32 37.84 -38.73 -36.10
CA LEU H 32 38.01 -39.47 -34.85
C LEU H 32 38.97 -40.64 -35.01
N ARG H 33 38.81 -41.47 -36.06
CA ARG H 33 39.73 -42.59 -36.20
CA ARG H 33 39.73 -42.60 -36.26
C ARG H 33 41.16 -42.12 -36.44
N SER H 34 41.36 -41.03 -37.19
CA SER H 34 42.76 -40.52 -37.34
C SER H 34 43.35 -40.10 -35.99
N ARG H 35 42.53 -39.49 -35.14
CA ARG H 35 43.01 -39.12 -33.77
C ARG H 35 43.35 -40.35 -32.89
N LEU H 36 42.46 -41.37 -32.92
CA LEU H 36 42.68 -42.57 -32.15
C LEU H 36 43.96 -43.30 -32.50
N LEU H 37 44.30 -43.32 -33.79
CA LEU H 37 45.47 -44.09 -34.23
C LEU H 37 46.75 -43.30 -34.14
N ASP H 38 46.66 -41.97 -34.11
CA ASP H 38 47.86 -41.13 -33.97
C ASP H 38 48.32 -40.98 -32.51
N ILE H 39 49.54 -41.41 -32.25
CA ILE H 39 50.18 -41.23 -30.92
C ILE H 39 51.37 -40.28 -30.99
N GLN H 40 52.24 -40.43 -32.00
CA GLN H 40 53.54 -39.72 -32.02
C GLN H 40 53.57 -38.32 -32.59
N ASP H 41 52.57 -37.96 -33.41
CA ASP H 41 52.70 -36.81 -34.27
C ASP H 41 51.78 -35.67 -33.86
N ARG H 42 50.57 -35.68 -34.35
CA ARG H 42 49.66 -34.57 -34.07
C ARG H 42 49.37 -34.45 -32.54
N ARG H 43 49.20 -35.60 -31.91
CA ARG H 43 48.91 -35.65 -30.45
C ARG H 43 49.96 -34.85 -29.66
N VAL H 44 51.23 -35.10 -29.95
CA VAL H 44 52.31 -34.37 -29.28
C VAL H 44 52.37 -32.88 -29.62
N ARG H 45 52.05 -32.51 -30.86
CA ARG H 45 52.00 -31.11 -31.25
CA ARG H 45 51.98 -31.10 -31.25
C ARG H 45 50.91 -30.41 -30.42
N LEU H 46 49.76 -31.05 -30.29
CA LEU H 46 48.66 -30.52 -29.48
C LEU H 46 49.06 -30.44 -28.00
N MET H 47 49.79 -31.43 -27.49
CA MET H 47 50.29 -31.36 -26.14
C MET H 47 51.23 -30.15 -25.93
N ASP H 48 52.16 -29.93 -26.87
CA ASP H 48 53.02 -28.75 -26.87
C ASP H 48 52.24 -27.46 -26.91
N GLU H 49 51.20 -27.42 -27.72
CA GLU H 49 50.43 -26.20 -27.94
C GLU H 49 49.55 -25.83 -26.71
N HIS H 50 49.22 -26.82 -25.90
CA HIS H 50 48.23 -26.64 -24.82
C HIS H 50 48.76 -26.98 -23.45
N GLY H 51 50.09 -27.02 -23.34
CA GLY H 51 50.75 -27.13 -22.05
C GLY H 51 50.64 -28.47 -21.34
N ILE H 52 50.65 -29.58 -22.10
CA ILE H 52 50.62 -30.91 -21.51
C ILE H 52 52.00 -31.52 -21.69
N GLU H 53 52.63 -31.86 -20.57
CA GLU H 53 53.94 -32.48 -20.60
C GLU H 53 53.84 -33.97 -20.82
N THR H 54 52.90 -34.62 -20.14
CA THR H 54 52.77 -36.05 -20.16
C THR H 54 51.35 -36.51 -20.31
N MET H 55 51.11 -37.42 -21.23
CA MET H 55 49.84 -38.16 -21.33
C MET H 55 50.08 -39.57 -20.88
N ILE H 56 49.22 -40.04 -19.98
CA ILE H 56 49.20 -41.43 -19.61
C ILE H 56 48.17 -42.05 -20.51
N LEU H 57 48.65 -42.91 -21.40
CA LEU H 57 47.83 -43.44 -22.47
C LEU H 57 47.07 -44.71 -22.10
N SER H 58 45.85 -44.81 -22.60
CA SER H 58 45.04 -46.04 -22.50
C SER H 58 44.30 -46.40 -23.77
N LEU H 59 44.03 -47.70 -23.93
CA LEU H 59 43.25 -48.24 -25.04
C LEU H 59 41.80 -47.74 -24.96
N ASN H 60 41.17 -47.73 -26.11
CA ASN H 60 39.78 -47.28 -26.28
C ASN H 60 38.77 -48.31 -25.71
N ALA H 61 37.49 -47.98 -25.77
CA ALA H 61 36.43 -48.74 -25.05
C ALA H 61 35.36 -49.27 -26.01
N PRO H 62 34.77 -50.43 -25.69
CA PRO H 62 35.03 -51.25 -24.48
C PRO H 62 36.26 -52.15 -24.61
N ALA H 63 36.77 -52.33 -25.84
CA ALA H 63 37.98 -53.12 -26.09
C ALA H 63 37.98 -54.46 -25.37
N VAL H 64 38.97 -54.73 -24.53
CA VAL H 64 39.13 -56.07 -23.96
C VAL H 64 37.94 -56.53 -23.12
N GLN H 65 37.21 -55.59 -22.50
CA GLN H 65 36.05 -55.95 -21.70
C GLN H 65 34.87 -56.53 -22.49
N ALA H 66 34.88 -56.34 -23.81
CA ALA H 66 33.83 -56.86 -24.68
C ALA H 66 34.28 -58.11 -25.47
N ILE H 67 35.47 -58.64 -25.20
CA ILE H 67 35.91 -59.89 -25.86
C ILE H 67 35.57 -61.09 -24.94
N ALA H 68 34.47 -61.77 -25.28
CA ALA H 68 33.83 -62.75 -24.38
C ALA H 68 34.58 -64.05 -24.22
N ASP H 69 35.52 -64.33 -25.13
CA ASP H 69 36.43 -65.49 -25.02
C ASP H 69 37.71 -65.06 -24.30
N SER H 70 37.92 -65.58 -23.08
CA SER H 70 38.98 -65.11 -22.21
C SER H 70 40.36 -65.33 -22.80
N THR H 71 40.52 -66.44 -23.55
CA THR H 71 41.81 -66.70 -24.21
C THR H 71 42.14 -65.61 -25.23
N ARG H 72 41.16 -65.25 -26.05
CA ARG H 72 41.31 -64.16 -27.03
C ARG H 72 41.42 -62.76 -26.36
N ALA H 73 40.73 -62.57 -25.24
CA ALA H 73 40.80 -61.32 -24.47
C ALA H 73 42.21 -61.11 -24.01
N ASN H 74 42.79 -62.17 -23.45
CA ASN H 74 44.17 -62.13 -23.05
C ASN H 74 45.15 -61.86 -24.21
N GLU H 75 44.93 -62.52 -25.35
CA GLU H 75 45.80 -62.28 -26.52
C GLU H 75 45.76 -60.83 -27.00
N THR H 76 44.55 -60.26 -27.11
CA THR H 76 44.39 -58.89 -27.51
C THR H 76 45.02 -57.92 -26.50
N ALA H 77 44.81 -58.19 -25.21
CA ALA H 77 45.39 -57.35 -24.18
C ALA H 77 46.89 -57.29 -24.31
N ARG H 78 47.54 -58.46 -24.46
CA ARG H 78 48.98 -58.51 -24.54
C ARG H 78 49.53 -57.78 -25.77
N ARG H 79 48.84 -57.91 -26.89
CA ARG H 79 49.21 -57.23 -28.12
C ARG H 79 49.09 -55.72 -27.95
N ALA H 80 47.98 -55.27 -27.38
CA ALA H 80 47.77 -53.83 -27.19
C ALA H 80 48.77 -53.26 -26.20
N ASN H 81 49.06 -54.01 -25.14
CA ASN H 81 50.13 -53.64 -24.22
C ASN H 81 51.55 -53.59 -24.82
N ASP H 82 51.95 -54.62 -25.56
CA ASP H 82 53.26 -54.58 -26.23
C ASP H 82 53.34 -53.40 -27.18
N PHE H 83 52.26 -53.18 -27.94
CA PHE H 83 52.19 -52.03 -28.83
C PHE H 83 52.39 -50.73 -28.03
N LEU H 84 51.64 -50.57 -26.95
CA LEU H 84 51.70 -49.34 -26.19
C LEU H 84 53.09 -49.08 -25.65
N ALA H 85 53.72 -50.12 -25.11
CA ALA H 85 55.07 -49.99 -24.61
C ALA H 85 56.06 -49.52 -25.68
N GLU H 86 55.92 -50.03 -26.89
CA GLU H 86 56.78 -49.62 -28.02
C GLU H 86 56.55 -48.13 -28.33
N GLN H 87 55.29 -47.69 -28.24
CA GLN H 87 54.99 -46.29 -28.55
C GLN H 87 55.50 -45.30 -27.50
N VAL H 88 55.30 -45.65 -26.24
CA VAL H 88 55.84 -44.90 -25.13
C VAL H 88 57.37 -44.76 -25.25
N ALA H 89 58.05 -45.85 -25.61
CA ALA H 89 59.53 -45.83 -25.71
C ALA H 89 60.10 -44.90 -26.78
N LYS H 90 59.30 -44.55 -27.79
CA LYS H 90 59.69 -43.57 -28.79
C LYS H 90 59.77 -42.17 -28.25
N GLN H 91 58.89 -41.81 -27.32
CA GLN H 91 58.90 -40.47 -26.69
C GLN H 91 58.68 -40.60 -25.20
N PRO H 92 59.67 -41.20 -24.49
CA PRO H 92 59.46 -41.60 -23.12
C PRO H 92 59.35 -40.48 -22.08
N THR H 93 59.71 -39.25 -22.44
CA THR H 93 59.48 -38.13 -21.52
C THR H 93 58.06 -37.58 -21.67
N ARG H 94 57.31 -38.00 -22.70
CA ARG H 94 55.96 -37.43 -22.97
C ARG H 94 54.82 -38.38 -22.68
N PHE H 95 55.12 -39.67 -22.50
CA PHE H 95 54.07 -40.65 -22.38
C PHE H 95 54.36 -41.62 -21.27
N ARG H 96 53.29 -42.15 -20.70
CA ARG H 96 53.32 -43.37 -19.95
C ARG H 96 52.13 -44.21 -20.40
N GLY H 97 52.14 -45.46 -19.99
CA GLY H 97 51.03 -46.36 -20.25
C GLY H 97 50.23 -46.87 -19.05
N PHE H 98 48.94 -47.01 -19.28
CA PHE H 98 48.06 -47.84 -18.47
C PHE H 98 47.88 -49.20 -19.15
N ALA H 99 47.90 -50.28 -18.37
CA ALA H 99 47.51 -51.62 -18.87
C ALA H 99 46.06 -51.85 -19.29
N ALA H 100 45.90 -52.52 -20.43
CA ALA H 100 44.68 -53.21 -20.79
C ALA H 100 44.70 -54.59 -20.14
N LEU H 101 43.57 -55.01 -19.57
CA LEU H 101 43.55 -56.28 -18.81
C LEU H 101 42.42 -57.19 -19.18
N PRO H 102 42.73 -58.51 -19.29
CA PRO H 102 41.69 -59.50 -19.52
C PRO H 102 40.99 -59.86 -18.21
N MET H 103 40.11 -58.97 -17.74
CA MET H 103 39.45 -59.12 -16.43
C MET H 103 38.45 -60.30 -16.43
N GLN H 104 38.22 -60.89 -17.60
CA GLN H 104 37.48 -62.14 -17.74
C GLN H 104 38.03 -63.21 -16.79
N ASP H 105 39.34 -63.20 -16.62
CA ASP H 105 40.02 -64.24 -15.87
C ASP H 105 40.93 -63.55 -14.88
N PRO H 106 40.55 -63.54 -13.58
CA PRO H 106 41.30 -62.79 -12.58
C PRO H 106 42.78 -63.14 -12.51
N GLU H 107 43.13 -64.41 -12.69
CA GLU H 107 44.55 -64.80 -12.70
C GLU H 107 45.31 -64.27 -13.94
N LEU H 108 44.74 -64.42 -15.14
CA LEU H 108 45.34 -63.79 -16.33
C LEU H 108 45.48 -62.25 -16.20
N ALA H 109 44.46 -61.60 -15.63
CA ALA H 109 44.49 -60.13 -15.42
C ALA H 109 45.64 -59.76 -14.50
N ALA H 110 45.77 -60.49 -13.38
CA ALA H 110 46.83 -60.26 -12.40
C ALA H 110 48.22 -60.47 -13.02
N ARG H 111 48.36 -61.56 -13.78
CA ARG H 111 49.63 -61.86 -14.47
C ARG H 111 50.01 -60.75 -15.45
N GLU H 112 49.04 -60.31 -16.26
CA GLU H 112 49.30 -59.28 -17.25
C GLU H 112 49.59 -57.94 -16.59
N LEU H 113 48.88 -57.58 -15.50
CA LEU H 113 49.24 -56.35 -14.77
C LEU H 113 50.68 -56.38 -14.26
N GLU H 114 51.07 -57.49 -13.65
CA GLU H 114 52.45 -57.66 -13.19
C GLU H 114 53.47 -57.47 -14.34
N ARG H 115 53.21 -58.13 -15.47
CA ARG H 115 54.09 -57.98 -16.64
C ARG H 115 54.13 -56.54 -17.09
N CYS H 116 52.97 -55.88 -17.18
CA CYS H 116 52.96 -54.49 -17.60
C CYS H 116 53.73 -53.55 -16.70
N VAL H 117 53.57 -53.68 -15.38
CA VAL H 117 54.22 -52.82 -14.44
C VAL H 117 55.71 -53.16 -14.36
N LYS H 118 56.02 -54.44 -14.15
CA LYS H 118 57.43 -54.82 -13.85
C LYS H 118 58.32 -54.88 -15.10
N GLU H 119 57.77 -55.35 -16.22
CA GLU H 119 58.55 -55.46 -17.47
C GLU H 119 58.36 -54.28 -18.41
N LEU H 120 57.14 -53.77 -18.55
CA LEU H 120 56.87 -52.68 -19.48
C LEU H 120 56.90 -51.24 -18.89
N GLY H 121 56.95 -51.09 -17.58
CA GLY H 121 57.02 -49.78 -16.94
C GLY H 121 55.69 -49.03 -16.91
N PHE H 122 54.58 -49.74 -17.06
CA PHE H 122 53.24 -49.10 -17.01
C PHE H 122 52.98 -48.69 -15.58
N VAL H 123 52.09 -47.72 -15.39
CA VAL H 123 51.94 -47.00 -14.10
C VAL H 123 50.55 -47.22 -13.48
N GLY H 124 49.78 -48.13 -14.07
CA GLY H 124 48.43 -48.47 -13.58
C GLY H 124 47.70 -49.29 -14.61
N ALA H 125 46.39 -49.46 -14.40
CA ALA H 125 45.52 -50.20 -15.29
C ALA H 125 44.29 -49.34 -15.62
N LEU H 126 43.75 -49.49 -16.82
CA LEU H 126 42.47 -48.84 -17.20
C LEU H 126 41.55 -49.90 -17.75
N VAL H 127 40.36 -50.03 -17.16
CA VAL H 127 39.44 -51.08 -17.48
C VAL H 127 38.09 -50.43 -17.69
N ASN H 128 37.43 -50.83 -18.76
CA ASN H 128 36.15 -50.25 -19.19
C ASN H 128 34.96 -50.98 -18.58
N GLY H 129 34.80 -50.79 -17.27
CA GLY H 129 33.69 -51.38 -16.58
C GLY H 129 33.66 -52.90 -16.59
N PHE H 130 32.46 -53.43 -16.48
CA PHE H 130 32.23 -54.88 -16.37
C PHE H 130 32.76 -55.61 -17.60
N SER H 131 33.09 -56.89 -17.41
CA SER H 131 33.53 -57.75 -18.52
C SER H 131 32.45 -58.73 -18.96
N GLN H 132 32.47 -59.06 -20.25
CA GLN H 132 31.61 -60.15 -20.80
C GLN H 132 32.53 -61.35 -20.89
N ASP H 133 32.05 -62.49 -20.44
CA ASP H 133 32.79 -63.77 -20.55
C ASP H 133 31.77 -64.86 -20.92
N ASN H 134 32.02 -65.63 -21.97
N ASN H 134 32.08 -65.63 -21.97
CA ASN H 134 31.05 -66.63 -22.41
CA ASN H 134 31.21 -66.70 -22.47
C ASN H 134 30.87 -67.79 -21.40
C ASN H 134 30.89 -67.76 -21.40
N ARG H 135 31.80 -67.93 -20.45
CA ARG H 135 31.62 -68.88 -19.35
C ARG H 135 30.70 -68.38 -18.22
N SER H 136 30.27 -67.12 -18.26
CA SER H 136 29.44 -66.57 -17.20
C SER H 136 28.12 -66.09 -17.79
N ALA H 137 27.00 -66.49 -17.17
CA ALA H 137 25.70 -66.03 -17.62
C ALA H 137 25.45 -64.54 -17.32
N VAL H 138 26.23 -63.97 -16.40
CA VAL H 138 26.06 -62.56 -15.99
C VAL H 138 27.32 -61.73 -16.30
N PRO H 139 27.16 -60.40 -16.50
CA PRO H 139 28.32 -59.52 -16.57
C PRO H 139 29.18 -59.60 -15.32
N LEU H 140 30.49 -59.49 -15.49
CA LEU H 140 31.42 -59.63 -14.40
C LEU H 140 31.78 -58.24 -13.84
N TYR H 141 31.45 -58.03 -12.58
CA TYR H 141 31.79 -56.82 -11.80
C TYR H 141 32.88 -57.15 -10.80
N TYR H 142 33.76 -56.19 -10.50
CA TYR H 142 35.03 -56.50 -9.78
C TYR H 142 34.94 -56.48 -8.25
N ASP H 143 33.71 -56.35 -7.74
CA ASP H 143 33.48 -56.59 -6.32
C ASP H 143 33.28 -58.09 -6.05
N MET H 144 33.04 -58.89 -7.09
CA MET H 144 32.70 -60.30 -6.92
C MET H 144 33.94 -61.00 -6.34
N ALA H 145 33.70 -62.05 -5.56
CA ALA H 145 34.78 -62.66 -4.70
C ALA H 145 36.04 -63.13 -5.45
N GLN H 146 35.84 -63.61 -6.67
CA GLN H 146 36.95 -64.13 -7.49
C GLN H 146 37.99 -63.07 -7.83
N TYR H 147 37.61 -61.78 -7.74
CA TYR H 147 38.56 -60.69 -8.00
C TYR H 147 39.41 -60.26 -6.82
N TRP H 148 39.12 -60.77 -5.61
CA TRP H 148 39.86 -60.31 -4.46
C TRP H 148 41.37 -60.63 -4.58
N PRO H 149 41.73 -61.82 -5.10
CA PRO H 149 43.16 -62.10 -5.35
C PRO H 149 43.84 -61.16 -6.39
N PHE H 150 43.07 -60.73 -7.38
CA PHE H 150 43.53 -59.69 -8.32
C PHE H 150 43.78 -58.37 -7.60
N TRP H 151 42.84 -57.97 -6.73
CA TRP H 151 43.02 -56.72 -6.01
C TRP H 151 44.22 -56.80 -5.07
N GLU H 152 44.47 -57.96 -4.47
CA GLU H 152 45.66 -58.12 -3.65
C GLU H 152 46.94 -57.81 -4.45
N THR H 153 46.94 -58.26 -5.70
CA THR H 153 48.04 -57.99 -6.64
C THR H 153 48.17 -56.50 -6.98
N VAL H 154 47.04 -55.85 -7.27
CA VAL H 154 47.05 -54.41 -7.48
C VAL H 154 47.64 -53.63 -6.32
N GLN H 155 47.21 -53.97 -5.10
CA GLN H 155 47.71 -53.29 -3.92
C GLN H 155 49.21 -53.56 -3.70
N ALA H 156 49.63 -54.80 -3.97
CA ALA H 156 51.06 -55.15 -3.79
C ALA H 156 51.94 -54.41 -4.79
N LEU H 157 51.51 -54.31 -6.05
CA LEU H 157 52.18 -53.48 -7.08
C LEU H 157 52.12 -51.98 -6.76
N ASP H 158 51.13 -51.60 -5.97
CA ASP H 158 50.92 -50.23 -5.56
C ASP H 158 50.76 -49.32 -6.76
N VAL H 159 49.84 -49.72 -7.66
CA VAL H 159 49.51 -48.88 -8.82
C VAL H 159 48.00 -48.67 -8.85
N PRO H 160 47.56 -47.50 -9.35
CA PRO H 160 46.10 -47.24 -9.43
C PRO H 160 45.37 -48.00 -10.53
N PHE H 161 44.07 -48.16 -10.32
CA PHE H 161 43.18 -48.80 -11.25
C PHE H 161 42.14 -47.76 -11.68
N TYR H 162 42.09 -47.47 -12.97
CA TYR H 162 41.12 -46.49 -13.55
C TYR H 162 39.91 -47.27 -14.02
N LEU H 163 38.76 -47.00 -13.37
CA LEU H 163 37.53 -47.64 -13.68
C LEU H 163 36.78 -46.73 -14.64
N HIS H 164 36.93 -47.02 -15.93
CA HIS H 164 36.42 -46.22 -17.02
C HIS H 164 35.04 -46.72 -17.40
N PRO H 165 34.24 -45.87 -18.06
CA PRO H 165 32.96 -46.37 -18.44
C PRO H 165 32.86 -47.38 -19.61
N ARG H 166 31.73 -48.08 -19.64
CA ARG H 166 31.21 -48.66 -20.88
C ARG H 166 29.68 -48.53 -20.80
N ASN H 167 28.98 -48.85 -21.87
CA ASN H 167 27.52 -48.89 -21.84
C ASN H 167 26.97 -50.17 -21.16
N PRO H 168 25.81 -50.10 -20.49
CA PRO H 168 25.16 -51.35 -20.06
C PRO H 168 24.80 -52.24 -21.26
N LEU H 169 24.68 -53.52 -21.02
CA LEU H 169 24.15 -54.48 -22.02
C LEU H 169 22.71 -54.10 -22.29
N PRO H 170 22.22 -54.37 -23.51
CA PRO H 170 20.85 -53.99 -23.87
C PRO H 170 19.74 -54.49 -22.92
N SER H 171 19.88 -55.70 -22.36
CA SER H 171 18.86 -56.25 -21.44
C SER H 171 18.86 -55.51 -20.09
N ASP H 172 19.98 -54.86 -19.81
CA ASP H 172 20.14 -53.96 -18.63
C ASP H 172 20.01 -52.47 -18.94
N ALA H 173 19.38 -52.15 -20.06
CA ALA H 173 19.33 -50.81 -20.60
C ALA H 173 17.96 -50.47 -21.13
N ARG H 174 16.95 -51.23 -20.73
CA ARG H 174 15.58 -50.95 -21.22
C ARG H 174 15.03 -49.56 -20.90
N ILE H 175 15.48 -48.93 -19.80
CA ILE H 175 15.04 -47.57 -19.49
C ILE H 175 15.39 -46.54 -20.62
N TYR H 176 16.42 -46.86 -21.36
CA TYR H 176 16.89 -46.02 -22.49
C TYR H 176 16.30 -46.43 -23.84
N ASP H 177 15.42 -47.46 -23.86
CA ASP H 177 14.89 -47.96 -25.14
C ASP H 177 14.04 -46.83 -25.74
N GLY H 178 14.30 -46.54 -27.01
CA GLY H 178 13.68 -45.43 -27.72
C GLY H 178 14.33 -44.10 -27.40
N HIS H 179 15.41 -44.12 -26.61
CA HIS H 179 16.10 -42.92 -26.13
C HIS H 179 17.60 -43.20 -26.16
N ALA H 180 18.10 -43.69 -27.30
CA ALA H 180 19.53 -44.01 -27.45
C ALA H 180 20.47 -42.81 -27.25
N TRP H 181 19.93 -41.60 -27.42
CA TRP H 181 20.69 -40.37 -27.15
C TRP H 181 21.21 -40.34 -25.69
N LEU H 182 20.60 -41.11 -24.79
CA LEU H 182 21.03 -41.16 -23.36
C LEU H 182 22.15 -42.14 -23.14
N LEU H 183 22.37 -43.04 -24.09
CA LEU H 183 23.54 -43.94 -23.99
C LEU H 183 24.86 -43.20 -24.15
N GLY H 184 25.94 -43.82 -23.72
CA GLY H 184 27.23 -43.22 -23.84
C GLY H 184 27.49 -42.09 -22.85
N PRO H 185 28.34 -41.14 -23.24
CA PRO H 185 28.74 -40.10 -22.31
C PRO H 185 27.62 -39.21 -21.82
N THR H 186 26.57 -39.08 -22.61
CA THR H 186 25.46 -38.26 -22.21
C THR H 186 24.94 -38.58 -20.78
N TRP H 187 24.86 -39.87 -20.43
CA TRP H 187 24.28 -40.29 -19.16
C TRP H 187 24.64 -41.70 -18.77
N ALA H 188 24.39 -42.65 -19.67
CA ALA H 188 24.46 -44.06 -19.27
C ALA H 188 25.84 -44.47 -18.79
N PHE H 189 26.89 -43.94 -19.41
CA PHE H 189 28.28 -44.22 -18.98
C PHE H 189 28.45 -43.92 -17.46
N GLY H 190 27.88 -42.78 -17.03
CA GLY H 190 28.06 -42.29 -15.67
C GLY H 190 27.33 -43.16 -14.65
N GLN H 191 26.08 -43.51 -14.95
CA GLN H 191 25.29 -44.40 -14.07
C GLN H 191 25.99 -45.74 -13.93
N GLU H 192 26.42 -46.32 -15.05
CA GLU H 192 27.10 -47.62 -15.03
C GLU H 192 28.35 -47.57 -14.17
N THR H 193 29.14 -46.51 -14.31
CA THR H 193 30.43 -46.42 -13.66
C THR H 193 30.26 -46.06 -12.17
N ALA H 194 29.34 -45.15 -11.89
CA ALA H 194 29.03 -44.76 -10.48
C ALA H 194 28.62 -46.02 -9.68
N VAL H 195 27.70 -46.81 -10.24
CA VAL H 195 27.21 -48.02 -9.52
C VAL H 195 28.31 -49.06 -9.38
N HIS H 196 29.09 -49.27 -10.43
CA HIS H 196 30.27 -50.17 -10.27
C HIS H 196 31.21 -49.76 -9.16
N ALA H 197 31.54 -48.47 -9.10
CA ALA H 197 32.38 -47.93 -8.04
C ALA H 197 31.76 -48.17 -6.66
N LEU H 198 30.45 -47.93 -6.57
CA LEU H 198 29.73 -48.09 -5.31
C LEU H 198 29.71 -49.56 -4.88
N ARG H 199 29.59 -50.47 -5.85
CA ARG H 199 29.62 -51.90 -5.55
C ARG H 199 30.95 -52.28 -4.95
N LEU H 200 32.02 -51.74 -5.52
CA LEU H 200 33.39 -51.91 -4.94
C LEU H 200 33.44 -51.43 -3.45
N MET H 201 32.92 -50.22 -3.21
CA MET H 201 32.96 -49.61 -1.89
C MET H 201 32.17 -50.39 -0.84
N GLY H 202 30.95 -50.79 -1.18
CA GLY H 202 30.07 -51.49 -0.30
C GLY H 202 30.52 -52.90 0.05
N SER H 203 31.35 -53.49 -0.81
CA SER H 203 31.69 -54.92 -0.75
C SER H 203 32.62 -55.22 0.37
N GLY H 204 33.29 -54.21 0.90
CA GLY H 204 34.33 -54.41 1.90
C GLY H 204 35.71 -54.57 1.34
N LEU H 205 35.83 -54.46 0.02
CA LEU H 205 37.14 -54.57 -0.62
C LEU H 205 38.19 -53.67 0.00
N PHE H 206 37.79 -52.44 0.33
CA PHE H 206 38.71 -51.48 0.88
C PHE H 206 38.98 -51.64 2.37
N ASP H 207 38.21 -52.48 3.05
CA ASP H 207 38.58 -52.92 4.43
C ASP H 207 39.75 -53.90 4.32
N LYS H 208 39.65 -54.79 3.33
CA LYS H 208 40.66 -55.87 3.15
C LYS H 208 41.94 -55.30 2.54
N TYR H 209 41.81 -54.38 1.58
CA TYR H 209 42.95 -53.80 0.87
C TYR H 209 42.90 -52.27 0.93
N PRO H 210 43.29 -51.70 2.08
CA PRO H 210 43.00 -50.28 2.29
C PRO H 210 43.86 -49.33 1.50
N ALA H 211 44.95 -49.81 0.92
CA ALA H 211 45.86 -48.95 0.16
C ALA H 211 45.51 -48.85 -1.35
N LEU H 212 44.48 -49.56 -1.79
CA LEU H 212 44.05 -49.50 -3.20
C LEU H 212 43.68 -48.05 -3.57
N LYS H 213 43.99 -47.69 -4.81
CA LYS H 213 43.69 -46.39 -5.39
C LYS H 213 42.90 -46.61 -6.67
N ILE H 214 41.67 -46.09 -6.69
CA ILE H 214 40.78 -46.25 -7.82
C ILE H 214 40.56 -44.85 -8.41
N ILE H 215 40.64 -44.73 -9.73
CA ILE H 215 40.47 -43.42 -10.40
C ILE H 215 39.14 -43.46 -11.16
N LEU H 216 38.41 -42.36 -11.10
CA LEU H 216 37.18 -42.22 -11.86
C LEU H 216 37.28 -40.98 -12.71
N GLY H 217 36.84 -41.05 -13.97
CA GLY H 217 36.84 -39.90 -14.85
C GLY H 217 35.57 -39.06 -14.67
N HIS H 218 35.46 -38.01 -15.46
CA HIS H 218 34.18 -37.29 -15.59
C HIS H 218 33.73 -36.71 -14.24
N MET H 219 34.70 -36.27 -13.44
CA MET H 219 34.42 -35.63 -12.17
C MET H 219 33.74 -36.58 -11.19
N GLY H 220 33.98 -37.88 -11.36
CA GLY H 220 33.41 -38.86 -10.45
C GLY H 220 32.04 -39.37 -10.78
N GLU H 221 31.57 -39.15 -12.01
CA GLU H 221 30.33 -39.77 -12.51
C GLU H 221 29.12 -39.47 -11.60
N GLY H 222 29.05 -38.24 -11.10
CA GLY H 222 27.92 -37.80 -10.30
C GLY H 222 28.03 -38.08 -8.81
N LEU H 223 29.03 -38.87 -8.41
CA LEU H 223 29.08 -39.29 -7.06
C LEU H 223 29.18 -38.16 -5.99
N PRO H 224 30.01 -37.11 -6.23
CA PRO H 224 30.12 -36.13 -5.16
C PRO H 224 28.84 -35.43 -4.78
N TYR H 225 27.96 -35.24 -5.75
CA TYR H 225 26.73 -34.48 -5.53
C TYR H 225 25.75 -35.25 -4.65
N SER H 226 25.76 -36.58 -4.79
CA SER H 226 24.84 -37.47 -4.09
C SER H 226 25.47 -38.26 -2.95
N MET H 227 26.74 -38.05 -2.70
CA MET H 227 27.48 -38.88 -1.73
C MET H 227 26.90 -38.74 -0.29
N TRP H 228 26.58 -37.51 0.14
CA TRP H 228 25.90 -37.31 1.44
C TRP H 228 24.65 -38.20 1.54
N ARG H 229 23.75 -38.10 0.57
CA ARG H 229 22.53 -38.90 0.54
C ARG H 229 22.77 -40.44 0.56
N ILE H 230 23.85 -40.90 -0.08
CA ILE H 230 24.15 -42.33 -0.14
C ILE H 230 24.18 -42.92 1.28
N ASP H 231 24.87 -42.24 2.18
CA ASP H 231 25.00 -42.71 3.58
C ASP H 231 23.91 -42.17 4.48
N HIS H 232 23.46 -40.93 4.27
CA HIS H 232 22.66 -40.23 5.28
C HIS H 232 21.15 -40.22 5.01
N ARG H 233 20.71 -40.83 3.92
CA ARG H 233 19.27 -40.95 3.66
C ARG H 233 18.59 -41.65 4.87
N ASN H 234 17.41 -41.21 5.22
CA ASN H 234 16.67 -41.79 6.36
C ASN H 234 17.50 -41.85 7.66
N ALA H 235 18.22 -40.74 7.96
CA ALA H 235 19.17 -40.68 9.07
C ALA H 235 18.56 -41.01 10.44
N TRP H 236 17.26 -40.79 10.58
CA TRP H 236 16.56 -41.10 11.83
C TRP H 236 16.60 -42.57 12.24
N ILE H 237 16.78 -43.44 11.26
CA ILE H 237 16.87 -44.85 11.51
C ILE H 237 18.31 -45.09 11.98
N LYS H 238 18.48 -45.79 13.09
CA LYS H 238 19.82 -46.08 13.62
C LYS H 238 19.99 -47.56 13.38
N THR H 239 20.85 -47.91 12.44
CA THR H 239 20.99 -49.30 12.02
C THR H 239 22.35 -49.46 11.39
N THR H 240 22.81 -50.70 11.25
CA THR H 240 24.02 -50.96 10.49
C THR H 240 23.61 -51.07 9.03
N PRO H 241 24.36 -50.42 8.09
CA PRO H 241 24.01 -50.62 6.69
C PRO H 241 24.15 -52.09 6.24
N LYS H 242 23.33 -52.46 5.27
CA LYS H 242 23.21 -53.87 4.87
C LYS H 242 24.18 -54.26 3.78
N TYR H 243 25.37 -53.70 3.83
CA TYR H 243 26.40 -54.10 2.93
C TYR H 243 27.51 -54.67 3.78
N PRO H 244 28.40 -55.46 3.19
CA PRO H 244 29.49 -56.06 3.99
C PRO H 244 30.59 -55.12 4.48
N ALA H 245 30.86 -53.98 3.84
CA ALA H 245 31.83 -53.04 4.32
C ALA H 245 31.51 -52.53 5.76
N LYS H 246 32.55 -52.23 6.52
CA LYS H 246 32.41 -51.86 7.93
C LYS H 246 32.10 -50.40 8.15
N ARG H 247 32.44 -49.52 7.19
CA ARG H 247 32.35 -48.09 7.40
C ARG H 247 31.31 -47.45 6.45
N LYS H 248 31.20 -46.12 6.49
CA LYS H 248 30.31 -45.42 5.56
C LYS H 248 30.96 -45.43 4.15
N ILE H 249 30.13 -45.40 3.11
CA ILE H 249 30.58 -45.30 1.72
C ILE H 249 31.50 -44.11 1.54
N VAL H 250 31.14 -42.95 2.07
CA VAL H 250 31.97 -41.75 1.95
C VAL H 250 33.38 -41.94 2.48
N ASP H 251 33.56 -42.79 3.49
CA ASP H 251 34.93 -43.02 3.99
C ASP H 251 35.80 -43.63 2.91
N TYR H 252 35.26 -44.61 2.20
CA TYR H 252 36.05 -45.23 1.10
C TYR H 252 36.19 -44.29 -0.07
N PHE H 253 35.16 -43.51 -0.37
CA PHE H 253 35.30 -42.55 -1.44
C PHE H 253 36.46 -41.57 -1.14
N ASN H 254 36.46 -41.01 0.07
CA ASN H 254 37.47 -40.05 0.48
C ASN H 254 38.86 -40.63 0.59
N GLU H 255 38.96 -41.90 0.95
CA GLU H 255 40.29 -42.51 1.22
C GLU H 255 40.91 -43.29 0.04
N ASN H 256 40.08 -43.82 -0.84
CA ASN H 256 40.56 -44.73 -1.88
C ASN H 256 40.34 -44.23 -3.30
N PHE H 257 39.62 -43.12 -3.46
CA PHE H 257 39.29 -42.63 -4.81
C PHE H 257 39.97 -41.33 -5.19
N TYR H 258 40.23 -41.24 -6.51
CA TYR H 258 40.67 -40.03 -7.18
C TYR H 258 39.73 -39.78 -8.35
N LEU H 259 39.50 -38.50 -8.64
CA LEU H 259 38.63 -38.11 -9.72
C LEU H 259 39.43 -37.33 -10.80
N THR H 260 39.14 -37.52 -12.09
CA THR H 260 39.75 -36.65 -13.09
C THR H 260 38.69 -35.72 -13.69
N THR H 261 39.17 -34.69 -14.39
CA THR H 261 38.29 -33.68 -15.03
C THR H 261 37.85 -34.04 -16.47
N SER H 262 38.12 -35.27 -16.94
CA SER H 262 37.82 -35.71 -18.30
C SER H 262 36.39 -35.40 -18.67
N GLY H 263 36.21 -34.76 -19.81
CA GLY H 263 34.87 -34.59 -20.37
C GLY H 263 33.86 -33.96 -19.47
N ASN H 264 34.30 -33.18 -18.49
CA ASN H 264 33.37 -32.53 -17.58
C ASN H 264 33.92 -31.15 -17.15
N PHE H 265 34.05 -30.31 -18.17
CA PHE H 265 34.70 -29.00 -18.12
C PHE H 265 33.70 -27.95 -17.59
N ARG H 266 33.35 -28.09 -16.31
CA ARG H 266 32.29 -27.32 -15.71
C ARG H 266 32.73 -26.87 -14.31
N THR H 267 32.87 -25.56 -14.16
CA THR H 267 33.42 -24.98 -12.94
C THR H 267 32.56 -25.28 -11.73
N GLN H 268 31.24 -25.15 -11.86
CA GLN H 268 30.38 -25.51 -10.70
C GLN H 268 30.61 -26.93 -10.21
N THR H 269 30.70 -27.86 -11.16
CA THR H 269 30.93 -29.28 -10.88
C THR H 269 32.26 -29.50 -10.20
N LEU H 270 33.30 -28.85 -10.71
CA LEU H 270 34.63 -28.90 -10.10
C LEU H 270 34.61 -28.41 -8.65
N ILE H 271 33.98 -27.28 -8.42
CA ILE H 271 33.89 -26.67 -7.06
C ILE H 271 33.13 -27.63 -6.10
N ASP H 272 32.00 -28.19 -6.52
CA ASP H 272 31.29 -29.21 -5.72
CA ASP H 272 31.29 -29.20 -5.73
C ASP H 272 32.22 -30.36 -5.36
N ALA H 273 32.96 -30.87 -6.34
CA ALA H 273 33.94 -31.91 -6.07
C ALA H 273 35.03 -31.48 -5.10
N ILE H 274 35.57 -30.27 -5.26
CA ILE H 274 36.55 -29.76 -4.32
C ILE H 274 36.01 -29.73 -2.88
N LEU H 275 34.79 -29.30 -2.71
CA LEU H 275 34.17 -29.16 -1.38
C LEU H 275 33.59 -30.48 -0.83
N GLU H 276 33.70 -31.58 -1.59
CA GLU H 276 33.28 -32.91 -1.14
C GLU H 276 34.49 -33.84 -0.95
N ILE H 277 35.36 -33.95 -1.94
CA ILE H 277 36.52 -34.88 -1.86
C ILE H 277 37.84 -34.15 -1.70
N GLY H 278 37.89 -32.87 -2.05
CA GLY H 278 39.11 -32.08 -1.90
C GLY H 278 40.01 -32.03 -3.15
N ALA H 279 40.65 -30.89 -3.38
CA ALA H 279 41.49 -30.67 -4.56
C ALA H 279 42.68 -31.61 -4.61
N ASP H 280 43.09 -32.18 -3.47
CA ASP H 280 44.23 -33.15 -3.50
C ASP H 280 43.89 -34.48 -4.24
N ARG H 281 42.60 -34.75 -4.42
CA ARG H 281 42.18 -35.98 -5.09
CA ARG H 281 42.09 -35.98 -5.03
C ARG H 281 41.52 -35.77 -6.43
N ILE H 282 41.72 -34.57 -7.03
CA ILE H 282 41.25 -34.28 -8.36
C ILE H 282 42.44 -34.05 -9.31
N LEU H 283 42.35 -34.67 -10.50
CA LEU H 283 43.41 -34.67 -11.47
C LEU H 283 42.93 -34.14 -12.84
N PHE H 284 43.76 -33.32 -13.48
CA PHE H 284 43.50 -32.93 -14.86
C PHE H 284 43.48 -34.17 -15.78
N SER H 285 42.52 -34.18 -16.69
CA SER H 285 42.46 -35.12 -17.83
C SER H 285 41.55 -34.56 -18.90
N THR H 286 41.71 -35.03 -20.14
CA THR H 286 40.99 -34.46 -21.29
C THR H 286 39.88 -35.32 -21.89
N ASP H 287 40.10 -36.64 -21.94
CA ASP H 287 39.31 -37.59 -22.70
C ASP H 287 39.59 -37.47 -24.22
N TRP H 288 40.70 -36.83 -24.57
CA TRP H 288 41.18 -36.93 -25.99
C TRP H 288 41.13 -38.38 -26.43
N PRO H 289 40.59 -38.65 -27.65
CA PRO H 289 40.18 -37.75 -28.72
C PRO H 289 38.73 -37.53 -28.80
N PHE H 290 37.98 -38.05 -27.81
CA PHE H 290 36.54 -37.87 -27.73
C PHE H 290 36.17 -36.45 -27.34
N GLU H 291 37.10 -35.79 -26.65
CA GLU H 291 37.03 -34.38 -26.38
C GLU H 291 38.29 -33.73 -26.92
N ASN H 292 38.15 -32.50 -27.36
CA ASN H 292 39.35 -31.70 -27.73
C ASN H 292 40.27 -31.32 -26.58
N ILE H 293 41.57 -31.44 -26.83
CA ILE H 293 42.61 -30.95 -25.95
C ILE H 293 42.49 -29.46 -25.69
N ASP H 294 42.17 -28.67 -26.73
CA ASP H 294 42.08 -27.23 -26.52
C ASP H 294 40.92 -26.88 -25.58
N HIS H 295 39.77 -27.55 -25.75
CA HIS H 295 38.57 -27.32 -24.86
C HIS H 295 38.95 -27.59 -23.39
N ALA H 296 39.58 -28.74 -23.17
CA ALA H 296 39.95 -29.16 -21.80
C ALA H 296 40.94 -28.19 -21.16
N ALA H 297 42.03 -27.89 -21.89
CA ALA H 297 43.09 -27.03 -21.40
C ALA H 297 42.69 -25.60 -21.18
N ASP H 298 41.86 -25.06 -22.07
CA ASP H 298 41.42 -23.66 -21.94
C ASP H 298 40.45 -23.47 -20.76
N TRP H 299 39.54 -24.43 -20.58
CA TRP H 299 38.64 -24.40 -19.44
C TRP H 299 39.48 -24.46 -18.17
N PHE H 300 40.39 -25.42 -18.11
CA PHE H 300 41.11 -25.66 -16.90
C PHE H 300 42.01 -24.48 -16.53
N GLU H 301 42.64 -23.84 -17.53
CA GLU H 301 43.47 -22.68 -17.31
C GLU H 301 42.80 -21.55 -16.53
N ASN H 302 41.51 -21.35 -16.79
CA ASN H 302 40.75 -20.26 -16.29
C ASN H 302 39.69 -20.60 -15.22
N THR H 303 39.54 -21.85 -14.82
CA THR H 303 38.51 -22.21 -13.84
C THR H 303 38.78 -21.54 -12.49
N SER H 304 37.71 -21.32 -11.73
CA SER H 304 37.72 -20.38 -10.58
C SER H 304 38.15 -21.06 -9.29
N ILE H 305 39.42 -21.42 -9.26
CA ILE H 305 40.11 -22.03 -8.15
C ILE H 305 41.42 -21.26 -7.83
N SER H 306 42.06 -21.65 -6.72
CA SER H 306 43.32 -21.03 -6.31
C SER H 306 44.41 -21.50 -7.24
N GLU H 307 45.49 -20.73 -7.32
CA GLU H 307 46.61 -21.04 -8.20
C GLU H 307 47.35 -22.24 -7.59
N ALA H 308 47.31 -22.38 -6.26
CA ALA H 308 47.92 -23.59 -5.64
C ALA H 308 47.20 -24.85 -6.08
N ASP H 309 45.90 -24.81 -6.11
CA ASP H 309 45.11 -25.98 -6.51
C ASP H 309 45.15 -26.20 -8.04
N ARG H 310 45.24 -25.12 -8.84
CA ARG H 310 45.46 -25.27 -10.28
C ARG H 310 46.74 -26.06 -10.55
N LYS H 311 47.79 -25.78 -9.80
CA LYS H 311 49.03 -26.59 -9.91
C LYS H 311 48.93 -28.03 -9.45
N LYS H 312 48.25 -28.26 -8.33
CA LYS H 312 48.02 -29.60 -7.84
C LYS H 312 47.16 -30.43 -8.80
N ILE H 313 46.06 -29.86 -9.27
CA ILE H 313 45.17 -30.62 -10.13
C ILE H 313 45.81 -30.79 -11.53
N GLY H 314 46.54 -29.76 -11.99
CA GLY H 314 47.16 -29.76 -13.30
C GLY H 314 48.28 -30.78 -13.39
N TRP H 315 49.07 -30.90 -12.34
CA TRP H 315 50.23 -31.86 -12.32
C TRP H 315 50.70 -32.38 -11.01
N GLY H 316 50.62 -31.59 -9.93
CA GLY H 316 51.23 -32.03 -8.69
C GLY H 316 50.64 -33.30 -8.12
N ASN H 317 49.32 -33.43 -8.16
CA ASN H 317 48.65 -34.61 -7.62
C ASN H 317 49.06 -35.89 -8.38
N ALA H 318 49.07 -35.80 -9.71
CA ALA H 318 49.45 -36.94 -10.57
C ALA H 318 50.94 -37.29 -10.43
N GLN H 319 51.80 -36.30 -10.28
CA GLN H 319 53.23 -36.56 -10.06
C GLN H 319 53.44 -37.35 -8.80
N ASN H 320 52.73 -36.97 -7.74
CA ASN H 320 52.84 -37.70 -6.48
CA ASN H 320 52.80 -37.71 -6.46
C ASN H 320 52.19 -39.09 -6.60
N LEU H 321 51.00 -39.15 -7.18
CA LEU H 321 50.28 -40.42 -7.32
C LEU H 321 51.04 -41.49 -8.09
N PHE H 322 51.58 -41.11 -9.26
CA PHE H 322 52.30 -42.06 -10.14
C PHE H 322 53.80 -42.03 -9.93
N LYS H 323 54.27 -41.34 -8.88
CA LYS H 323 55.69 -41.23 -8.52
C LYS H 323 56.61 -40.86 -9.70
N LEU H 324 56.23 -39.82 -10.43
CA LEU H 324 56.96 -39.42 -11.64
C LEU H 324 58.20 -38.55 -11.38
#